data_8TVR
#
_entry.id   8TVR
#
_cell.length_a   1.00
_cell.length_b   1.00
_cell.length_c   1.00
_cell.angle_alpha   90.00
_cell.angle_beta   90.00
_cell.angle_gamma   90.00
#
_symmetry.space_group_name_H-M   'P 1'
#
loop_
_entity.id
_entity.type
_entity.pdbx_description
1 polymer 'Tail spike protein'
2 polymer 'Packaged DNA stabilization protein gp10'
#
loop_
_entity_poly.entity_id
_entity_poly.type
_entity_poly.pdbx_seq_one_letter_code
_entity_poly.pdbx_strand_id
1 'polypeptide(L)'
;MTDITANVVVSNPRPIFTESRSFKAVANGKIYIGQIDTDPVNPANQIPVYIENEDGSHVQITQPLIINAAGKIVYNGQLV
KIVTVQGHSMAIYDANGSQVDYIANVLKYDPDQYSIEADKKFKYSVKLSDYPTLQDAASAAVDGLLIDRDYNFYGGETVD
FGGKVLTIECKAKFIGDGNLIFTKLGKGSRIAGVFMESTTTPWVIKPWTDDNQWLTDAAAVVATLKQSKTDGYQPTVSDY
VKFPGIETLLPPNAKGQNITSTLEIRECIGVEVHRASGLMAGFLFRGCHFCKMVDANNPSGGKDGIITFENLSGDWGKGN
YVIGGRTSYGSVSSAQFLRNNGGFERDGGVIGFTSYRAGESGVKTWQGTVGSTTSRNYNLQFRDSVVIYPVWDGFDLGAD
TDMNPELDRPGDYPITQYPLHQLPLNHLIDNLLVRGALGVGFGMDGKGMYVSNITVEDCAGSGAYLLTHESVFTNIAIID
TNTKDFQANQIYISGACRVNGLRLIGIRSTDGQGLTIDAPNSTVSGITGMVDPSRINVANLAEEGLGNIRANSFGYDSAA
IKLRIHKLSKTLDSGALYSHINGGAGSGSAYTQLTAISGSTPDAVSLKVNHKDCRGAEIPFVPDIASDDFIKDSSCFLPY
WENNSTSLKALVKKPNGELVRLTLATL
;
A,B,C,D,E,F,H,I,J,L,M,N,P,Q,R,V,W,X
2 'polypeptide(L)'
;MPIQQLPMMKGMGKDFKNADYIDYLPVNMLATPKEILNSSGYLRSFPGITKRYDMNGVSRGVEYNTAQNAVYRVCGGKLY
KGESEVGDVAGSGRVSMAHGRTSQAVGVNGQLVEYRYDGTVKTVSNWPADSGFTQYELGSVRDITRLRGRYAWSKDGTDS
WFITDLEDESHPDRYSAQYRAESQPDGIIGIGTWRDFIVCFGSSTIEYFSLTGATTAGAALYVAQPSLMVQKGIAGTYCK
TPFADSYAFISHPATGAPSVYIIGSGQASPIATASIEKIIRSYTAEEMATGVMETLRFDSHELLIIHLPRHVLVYDASSS
QNGPQWCVLKTGLYDDVYRGVDFMYEGNQITCGDKSEAVVGQLQFDISSQYDKQQEHLLFTPLFKADNARCFDLEVESST
GVAQYADRLFLSATTDGINYGREQMIEQNEPFVYDKRVLWKRVGRIRRLIGFKLRVITKSPVTLSGCQIRLE
;
S,G,K,O,T,Y
#
# COMPACT_ATOMS: atom_id res chain seq x y z
N THR A 5 5.58 34.48 -42.45
CA THR A 5 6.40 35.65 -42.75
C THR A 5 6.57 35.81 -44.25
N ALA A 6 5.44 35.89 -44.95
CA ALA A 6 5.44 35.96 -46.41
C ALA A 6 4.04 36.36 -46.88
N ASN A 7 3.96 36.88 -48.10
CA ASN A 7 2.72 37.45 -48.62
C ASN A 7 2.44 37.01 -50.05
N VAL A 8 2.93 35.84 -50.46
CA VAL A 8 2.63 35.29 -51.79
C VAL A 8 2.96 33.81 -51.76
N VAL A 9 2.12 33.02 -52.43
CA VAL A 9 2.30 31.57 -52.51
C VAL A 9 3.26 31.26 -53.65
N VAL A 10 4.12 30.26 -53.44
CA VAL A 10 5.01 29.80 -54.50
C VAL A 10 4.17 29.09 -55.56
N SER A 11 4.16 29.64 -56.76
CA SER A 11 3.39 29.10 -57.88
C SER A 11 4.30 28.82 -59.05
N ASN A 12 3.72 28.32 -60.14
CA ASN A 12 4.47 28.07 -61.36
C ASN A 12 4.21 29.21 -62.33
N PRO A 13 5.17 30.09 -62.57
CA PRO A 13 4.91 31.26 -63.41
C PRO A 13 4.86 30.94 -64.89
N ARG A 14 5.53 29.86 -65.30
CA ARG A 14 5.62 29.54 -66.72
C ARG A 14 4.29 29.00 -67.23
N PRO A 15 3.71 29.61 -68.26
CA PRO A 15 2.39 29.18 -68.73
C PRO A 15 2.42 27.79 -69.33
N ILE A 16 1.30 27.08 -69.18
CA ILE A 16 1.10 25.76 -69.78
C ILE A 16 -0.26 25.75 -70.48
N PHE A 17 -0.29 25.20 -71.68
CA PHE A 17 -1.48 25.19 -72.51
C PHE A 17 -1.94 23.76 -72.72
N THR A 18 -3.17 23.47 -72.28
CA THR A 18 -3.78 22.16 -72.41
C THR A 18 -5.10 22.28 -73.14
N GLU A 19 -5.59 21.15 -73.63
CA GLU A 19 -6.85 21.14 -74.38
C GLU A 19 -8.02 21.51 -73.47
N SER A 20 -9.01 22.17 -74.07
CA SER A 20 -10.14 22.70 -73.30
C SER A 20 -11.10 21.62 -72.86
N ARG A 21 -11.15 20.48 -73.56
CA ARG A 21 -12.13 19.44 -73.28
C ARG A 21 -11.53 18.16 -72.72
N SER A 22 -10.23 17.95 -72.86
CA SER A 22 -9.59 16.74 -72.34
C SER A 22 -8.31 17.13 -71.62
N PHE A 23 -7.91 16.32 -70.64
CA PHE A 23 -6.71 16.59 -69.85
C PHE A 23 -5.49 16.07 -70.62
N LYS A 24 -5.03 16.88 -71.56
CA LYS A 24 -3.78 16.63 -72.25
C LYS A 24 -3.29 17.96 -72.82
N ALA A 25 -2.00 18.02 -73.08
CA ALA A 25 -1.41 19.26 -73.54
C ALA A 25 -1.74 19.50 -75.01
N VAL A 26 -1.61 20.75 -75.43
CA VAL A 26 -1.78 21.10 -76.84
C VAL A 26 -0.42 20.90 -77.50
N ALA A 27 -0.11 19.67 -77.88
CA ALA A 27 1.19 19.33 -78.43
C ALA A 27 1.26 19.75 -79.89
N ASN A 28 2.35 20.44 -80.25
CA ASN A 28 2.57 20.93 -81.61
C ASN A 28 1.43 21.84 -82.06
N GLY A 29 0.91 22.64 -81.13
CA GLY A 29 -0.13 23.60 -81.42
C GLY A 29 0.45 24.98 -81.73
N LYS A 30 -0.45 25.88 -82.13
CA LYS A 30 -0.09 27.24 -82.51
C LYS A 30 -0.83 28.24 -81.64
N ILE A 31 -0.17 29.37 -81.38
CA ILE A 31 -0.78 30.50 -80.68
C ILE A 31 -0.65 31.73 -81.57
N TYR A 32 -1.78 32.37 -81.84
CA TYR A 32 -1.83 33.57 -82.67
C TYR A 32 -2.17 34.76 -81.79
N ILE A 33 -1.31 35.76 -81.79
CA ILE A 33 -1.45 36.97 -81.00
C ILE A 33 -1.76 38.12 -81.93
N GLY A 34 -2.85 38.83 -81.68
CA GLY A 34 -3.29 39.88 -82.56
C GLY A 34 -3.95 41.06 -81.88
N GLN A 35 -4.66 41.89 -82.65
CA GLN A 35 -5.31 43.07 -82.09
C GLN A 35 -6.49 42.68 -81.21
N ILE A 36 -6.84 43.59 -80.31
CA ILE A 36 -7.92 43.34 -79.36
C ILE A 36 -9.25 43.20 -80.08
N ASP A 37 -10.03 42.19 -79.69
CA ASP A 37 -11.37 41.95 -80.19
C ASP A 37 -11.40 41.66 -81.69
N THR A 38 -10.33 41.08 -82.22
CA THR A 38 -10.24 40.70 -83.62
C THR A 38 -9.93 39.21 -83.72
N ASP A 39 -9.68 38.75 -84.94
CA ASP A 39 -9.27 37.38 -85.19
C ASP A 39 -7.77 37.36 -85.45
N PRO A 40 -6.95 36.88 -84.51
CA PRO A 40 -5.49 37.00 -84.67
C PRO A 40 -4.89 36.06 -85.69
N VAL A 41 -5.66 35.11 -86.23
CA VAL A 41 -5.10 34.21 -87.24
C VAL A 41 -4.77 34.97 -88.51
N ASN A 42 -5.56 35.98 -88.85
CA ASN A 42 -5.30 36.82 -90.01
C ASN A 42 -4.00 37.58 -89.80
N PRO A 43 -3.01 37.46 -90.69
CA PRO A 43 -1.75 38.20 -90.50
C PRO A 43 -1.93 39.71 -90.46
N ALA A 44 -2.97 40.25 -91.09
CA ALA A 44 -3.24 41.68 -90.99
C ALA A 44 -3.59 42.07 -89.55
N ASN A 45 -4.21 41.17 -88.80
CA ASN A 45 -4.57 41.44 -87.42
C ASN A 45 -3.48 41.11 -86.42
N GLN A 46 -2.35 40.55 -86.87
CA GLN A 46 -1.30 40.16 -85.95
C GLN A 46 -0.49 41.38 -85.49
N ILE A 47 0.15 41.23 -84.33
CA ILE A 47 0.98 42.28 -83.77
C ILE A 47 2.34 41.68 -83.46
N PRO A 48 3.39 42.52 -83.39
CA PRO A 48 4.73 42.00 -83.11
C PRO A 48 4.81 41.29 -81.76
N VAL A 49 5.57 40.20 -81.72
CA VAL A 49 5.79 39.41 -80.52
C VAL A 49 7.28 39.26 -80.30
N TYR A 50 7.71 39.38 -79.05
CA TYR A 50 9.12 39.31 -78.70
C TYR A 50 9.32 38.23 -77.65
N ILE A 51 10.54 37.69 -77.61
CA ILE A 51 10.96 36.80 -76.54
C ILE A 51 11.82 37.60 -75.58
N GLU A 52 11.56 37.46 -74.29
CA GLU A 52 12.28 38.15 -73.23
C GLU A 52 13.21 37.17 -72.55
N ASN A 53 14.50 37.49 -72.54
CA ASN A 53 15.51 36.58 -72.06
C ASN A 53 15.70 36.73 -70.54
N GLU A 54 16.59 35.91 -69.98
CA GLU A 54 16.85 35.97 -68.54
C GLU A 54 17.44 37.32 -68.15
N ASP A 55 18.34 37.86 -68.96
CA ASP A 55 18.88 39.18 -68.71
C ASP A 55 17.79 40.25 -68.82
N GLY A 56 16.95 40.15 -69.83
CA GLY A 56 15.88 41.12 -70.03
C GLY A 56 15.83 41.66 -71.44
N SER A 57 16.70 41.15 -72.31
CA SER A 57 16.71 41.58 -73.71
C SER A 57 15.52 40.98 -74.46
N HIS A 58 15.16 41.64 -75.55
CA HIS A 58 14.01 41.25 -76.35
C HIS A 58 14.46 40.89 -77.76
N VAL A 59 13.89 39.81 -78.29
CA VAL A 59 14.16 39.36 -79.66
C VAL A 59 12.82 39.16 -80.35
N GLN A 60 12.53 39.96 -81.37
CA GLN A 60 11.28 39.81 -82.11
C GLN A 60 11.29 38.52 -82.90
N ILE A 61 10.16 37.80 -82.88
CA ILE A 61 10.06 36.51 -83.55
C ILE A 61 8.76 36.48 -84.37
N THR A 62 8.67 35.47 -85.23
CA THR A 62 7.50 35.30 -86.06
C THR A 62 6.28 34.97 -85.21
N GLN A 63 5.11 35.40 -85.69
CA GLN A 63 3.89 35.35 -84.87
C GLN A 63 3.50 33.94 -84.44
N PRO A 64 3.42 32.93 -85.33
CA PRO A 64 2.98 31.61 -84.86
C PRO A 64 3.88 31.05 -83.76
N LEU A 65 3.33 30.94 -82.56
CA LEU A 65 4.08 30.46 -81.41
C LEU A 65 3.97 28.94 -81.33
N ILE A 66 5.12 28.27 -81.30
CA ILE A 66 5.14 26.82 -81.28
C ILE A 66 4.95 26.33 -79.85
N ILE A 67 4.05 25.37 -79.66
CA ILE A 67 3.83 24.71 -78.38
C ILE A 67 4.41 23.31 -78.48
N ASN A 68 5.30 22.96 -77.56
CA ASN A 68 5.97 21.67 -77.60
C ASN A 68 5.07 20.60 -76.99
N ALA A 69 5.60 19.38 -76.85
CA ALA A 69 4.82 18.28 -76.30
C ALA A 69 4.47 18.49 -74.83
N ALA A 70 5.20 19.34 -74.13
CA ALA A 70 4.93 19.63 -72.73
C ALA A 70 3.86 20.69 -72.53
N GLY A 71 3.43 21.37 -73.59
CA GLY A 71 2.47 22.45 -73.47
C GLY A 71 3.07 23.81 -73.25
N LYS A 72 4.38 23.98 -73.49
CA LYS A 72 5.07 25.24 -73.27
C LYS A 72 5.45 25.87 -74.59
N ILE A 73 5.72 27.17 -74.55
CA ILE A 73 6.16 27.91 -75.73
C ILE A 73 7.67 27.73 -75.88
N VAL A 74 8.10 27.32 -77.07
CA VAL A 74 9.51 27.09 -77.38
C VAL A 74 9.82 27.73 -78.72
N TYR A 75 10.91 28.48 -78.79
CA TYR A 75 11.32 29.05 -80.08
C TYR A 75 12.46 28.27 -80.71
N ASN A 76 13.62 28.27 -80.07
CA ASN A 76 14.76 27.48 -80.55
C ASN A 76 14.93 26.22 -79.70
N GLY A 77 13.90 25.38 -79.70
CA GLY A 77 13.92 24.19 -78.87
C GLY A 77 14.12 24.46 -77.39
N GLN A 78 13.86 25.69 -76.94
CA GLN A 78 14.04 26.07 -75.55
C GLN A 78 12.84 26.89 -75.10
N LEU A 79 12.49 26.75 -73.82
CA LEU A 79 11.37 27.50 -73.27
C LEU A 79 11.65 28.99 -73.33
N VAL A 80 10.67 29.76 -73.82
CA VAL A 80 10.82 31.19 -73.98
C VAL A 80 9.62 31.89 -73.36
N LYS A 81 9.82 33.14 -72.95
CA LYS A 81 8.76 33.99 -72.44
C LYS A 81 8.39 35.00 -73.51
N ILE A 82 7.11 35.05 -73.86
CA ILE A 82 6.63 35.88 -74.97
C ILE A 82 5.97 37.12 -74.41
N VAL A 83 6.36 38.28 -74.95
CA VAL A 83 5.85 39.57 -74.52
C VAL A 83 5.41 40.37 -75.75
N THR A 84 4.50 41.30 -75.50
CA THR A 84 4.02 42.27 -76.48
C THR A 84 4.07 43.66 -75.84
N VAL A 85 3.72 44.66 -76.62
CA VAL A 85 3.67 46.04 -76.15
C VAL A 85 2.24 46.49 -75.87
N GLN A 86 1.33 46.23 -76.79
CA GLN A 86 -0.06 46.61 -76.66
C GLN A 86 -0.91 45.41 -76.25
N GLY A 87 -2.09 45.72 -75.71
CA GLY A 87 -3.04 44.67 -75.41
C GLY A 87 -3.42 43.89 -76.67
N HIS A 88 -3.65 42.59 -76.50
CA HIS A 88 -3.78 41.71 -77.63
C HIS A 88 -4.92 40.72 -77.41
N SER A 89 -5.22 39.97 -78.47
CA SER A 89 -6.12 38.83 -78.40
C SER A 89 -5.32 37.58 -78.74
N MET A 90 -5.70 36.46 -78.14
CA MET A 90 -4.93 35.22 -78.25
C MET A 90 -5.84 34.08 -78.70
N ALA A 91 -5.42 33.38 -79.75
CA ALA A 91 -6.12 32.20 -80.23
C ALA A 91 -5.18 31.01 -80.20
N ILE A 92 -5.61 29.94 -79.54
CA ILE A 92 -4.82 28.71 -79.42
C ILE A 92 -5.49 27.64 -80.27
N TYR A 93 -4.73 27.09 -81.21
CA TYR A 93 -5.14 25.98 -82.06
C TYR A 93 -4.25 24.77 -81.78
N ASP A 94 -4.80 23.58 -81.96
CA ASP A 94 -4.00 22.38 -81.76
C ASP A 94 -3.29 21.99 -83.06
N ALA A 95 -2.59 20.86 -83.02
CA ALA A 95 -1.81 20.41 -84.16
C ALA A 95 -2.68 20.08 -85.37
N ASN A 96 -3.95 19.74 -85.16
CA ASN A 96 -4.86 19.39 -86.24
C ASN A 96 -5.58 20.60 -86.82
N GLY A 97 -5.27 21.80 -86.34
CA GLY A 97 -5.86 23.01 -86.86
C GLY A 97 -7.16 23.43 -86.22
N SER A 98 -7.73 22.62 -85.33
CA SER A 98 -8.95 23.00 -84.64
C SER A 98 -8.66 24.03 -83.57
N GLN A 99 -9.59 24.96 -83.37
CA GLN A 99 -9.41 25.97 -82.35
C GLN A 99 -9.59 25.37 -80.97
N VAL A 100 -8.61 25.60 -80.10
CA VAL A 100 -8.66 25.12 -78.72
C VAL A 100 -9.20 26.19 -77.78
N ASP A 101 -8.76 27.44 -77.96
CA ASP A 101 -9.22 28.52 -77.09
C ASP A 101 -9.12 29.85 -77.83
N TYR A 102 -9.88 30.83 -77.34
CA TYR A 102 -9.83 32.17 -77.88
C TYR A 102 -10.20 33.18 -76.80
N ILE A 103 -9.31 34.15 -76.57
CA ILE A 103 -9.55 35.25 -75.66
C ILE A 103 -9.42 36.53 -76.47
N ALA A 104 -10.45 37.37 -76.44
CA ALA A 104 -10.47 38.60 -77.22
C ALA A 104 -9.76 39.75 -76.55
N ASN A 105 -9.54 39.67 -75.23
CA ASN A 105 -8.85 40.74 -74.50
C ASN A 105 -8.23 40.09 -73.27
N VAL A 106 -6.92 39.87 -73.30
CA VAL A 106 -6.26 39.11 -72.23
C VAL A 106 -6.27 39.90 -70.92
N LEU A 107 -6.13 41.22 -70.99
CA LEU A 107 -6.18 42.06 -69.80
C LEU A 107 -7.41 42.95 -69.76
N LYS A 108 -8.31 42.82 -70.74
CA LYS A 108 -9.53 43.61 -70.84
C LYS A 108 -9.26 45.10 -70.95
N TYR A 109 -8.06 45.48 -71.37
CA TYR A 109 -7.71 46.86 -71.67
C TYR A 109 -6.39 46.86 -72.43
N ASP A 110 -6.08 47.98 -73.07
CA ASP A 110 -4.85 48.11 -73.83
C ASP A 110 -3.85 48.93 -73.03
N PRO A 111 -2.82 48.32 -72.45
CA PRO A 111 -1.82 49.11 -71.70
C PRO A 111 -1.09 50.13 -72.54
N ASP A 112 -0.93 49.89 -73.85
CA ASP A 112 -0.19 50.83 -74.69
C ASP A 112 -0.91 52.17 -74.75
N GLN A 113 -2.20 52.17 -75.11
CA GLN A 113 -2.95 53.42 -75.23
C GLN A 113 -3.30 53.98 -73.87
N TYR A 114 -3.66 53.11 -72.92
CA TYR A 114 -3.95 53.58 -71.57
C TYR A 114 -2.73 54.17 -70.89
N SER A 115 -1.53 53.80 -71.32
CA SER A 115 -0.33 54.45 -70.78
C SER A 115 -0.31 55.93 -71.15
N ILE A 116 -0.57 56.25 -72.41
CA ILE A 116 -0.66 57.65 -72.82
C ILE A 116 -1.81 58.34 -72.11
N GLU A 117 -2.95 57.65 -72.02
CA GLU A 117 -4.12 58.24 -71.35
C GLU A 117 -3.82 58.59 -69.91
N ALA A 118 -3.17 57.67 -69.18
CA ALA A 118 -2.85 57.90 -67.77
C ALA A 118 -1.73 58.93 -67.61
N ASP A 119 -0.80 58.99 -68.56
CA ASP A 119 0.19 60.06 -68.54
C ASP A 119 -0.48 61.42 -68.68
N LYS A 120 -1.53 61.48 -69.49
CA LYS A 120 -2.26 62.73 -69.67
C LYS A 120 -3.08 63.08 -68.43
N LYS A 121 -3.78 62.10 -67.85
CA LYS A 121 -4.78 62.39 -66.84
C LYS A 121 -4.32 62.17 -65.41
N PHE A 122 -3.17 61.52 -65.19
CA PHE A 122 -2.70 61.30 -63.82
C PHE A 122 -1.44 62.10 -63.55
N THR B 5 -16.63 44.74 -55.33
CA THR B 5 -15.80 44.35 -56.47
C THR B 5 -15.31 42.91 -56.32
N ALA B 6 -15.49 42.12 -57.36
CA ALA B 6 -15.02 40.73 -57.39
C ALA B 6 -13.61 40.71 -57.94
N ASN B 7 -12.67 41.14 -57.11
CA ASN B 7 -11.27 41.26 -57.49
C ASN B 7 -10.46 40.01 -57.22
N VAL B 8 -11.08 38.97 -56.65
CA VAL B 8 -10.42 37.70 -56.36
C VAL B 8 -10.93 36.67 -57.36
N VAL B 9 -10.00 36.02 -58.05
CA VAL B 9 -10.32 35.03 -59.07
C VAL B 9 -10.20 33.64 -58.46
N VAL B 10 -11.17 32.78 -58.74
CA VAL B 10 -11.15 31.42 -58.23
C VAL B 10 -10.20 30.60 -59.10
N SER B 11 -8.94 30.55 -58.71
CA SER B 11 -7.91 29.83 -59.43
C SER B 11 -7.62 28.51 -58.73
N ASN B 12 -6.61 27.79 -59.21
CA ASN B 12 -6.26 26.49 -58.67
C ASN B 12 -5.17 26.65 -57.63
N PRO B 13 -5.42 26.32 -56.36
CA PRO B 13 -4.33 26.27 -55.38
C PRO B 13 -3.51 25.01 -55.59
N ARG B 14 -2.46 24.81 -54.79
CA ARG B 14 -1.57 23.68 -54.97
C ARG B 14 -0.99 23.71 -56.38
N PRO B 15 -0.08 24.64 -56.66
CA PRO B 15 0.43 24.79 -58.03
C PRO B 15 1.09 23.53 -58.55
N ILE B 16 1.02 23.35 -59.86
CA ILE B 16 1.45 22.14 -60.54
C ILE B 16 2.75 22.42 -61.29
N PHE B 17 3.73 21.53 -61.12
CA PHE B 17 5.02 21.64 -61.80
C PHE B 17 5.14 20.49 -62.78
N THR B 18 5.37 20.82 -64.05
CA THR B 18 5.34 19.87 -65.15
C THR B 18 6.71 19.81 -65.81
N GLU B 19 7.04 18.66 -66.39
CA GLU B 19 8.29 18.49 -67.11
C GLU B 19 8.32 19.40 -68.35
N SER B 20 9.52 19.87 -68.69
CA SER B 20 9.65 20.86 -69.75
C SER B 20 9.61 20.27 -71.15
N ARG B 21 9.80 18.97 -71.30
CA ARG B 21 9.81 18.33 -72.60
C ARG B 21 8.66 17.35 -72.82
N SER B 22 7.84 17.12 -71.80
CA SER B 22 6.72 16.18 -71.94
C SER B 22 5.62 16.58 -70.97
N PHE B 23 4.42 16.06 -71.22
CA PHE B 23 3.27 16.34 -70.37
C PHE B 23 3.28 15.34 -69.21
N LYS B 24 4.20 15.58 -68.28
CA LYS B 24 4.35 14.73 -67.11
C LYS B 24 4.79 15.60 -65.93
N ALA B 25 4.30 15.25 -64.75
CA ALA B 25 4.71 15.96 -63.55
C ALA B 25 6.16 15.67 -63.21
N VAL B 26 6.79 16.59 -62.49
CA VAL B 26 8.17 16.42 -62.05
C VAL B 26 8.11 15.67 -60.73
N ALA B 27 8.00 14.35 -60.82
CA ALA B 27 7.90 13.53 -59.64
C ALA B 27 9.25 13.43 -58.95
N ASN B 28 9.26 13.66 -57.64
CA ASN B 28 10.49 13.70 -56.83
C ASN B 28 11.44 14.79 -57.32
N GLY B 29 10.89 15.87 -57.86
CA GLY B 29 11.69 16.99 -58.30
C GLY B 29 12.00 17.96 -57.17
N LYS B 30 13.08 18.71 -57.34
CA LYS B 30 13.57 19.65 -56.34
C LYS B 30 13.37 21.08 -56.82
N ILE B 31 12.99 21.95 -55.89
CA ILE B 31 12.77 23.36 -56.19
C ILE B 31 13.58 24.21 -55.22
N TYR B 32 14.30 25.19 -55.76
CA TYR B 32 15.07 26.15 -54.99
C TYR B 32 14.51 27.55 -55.23
N ILE B 33 14.27 28.29 -54.14
CA ILE B 33 13.79 29.67 -54.20
C ILE B 33 14.87 30.57 -53.60
N GLY B 34 15.25 31.60 -54.34
CA GLY B 34 16.30 32.50 -53.89
C GLY B 34 16.08 33.94 -54.30
N GLN B 35 17.13 34.76 -54.19
CA GLN B 35 17.03 36.16 -54.57
C GLN B 35 16.82 36.30 -56.07
N ILE B 36 16.31 37.47 -56.48
CA ILE B 36 16.06 37.70 -57.90
C ILE B 36 17.38 37.73 -58.66
N ASP B 37 17.37 37.12 -59.84
CA ASP B 37 18.50 37.13 -60.77
C ASP B 37 19.76 36.56 -60.12
N THR B 38 19.64 35.31 -59.67
CA THR B 38 20.77 34.57 -59.11
C THR B 38 20.46 33.08 -59.21
N ASP B 39 21.42 32.26 -58.81
CA ASP B 39 21.23 30.82 -58.82
C ASP B 39 20.75 30.37 -57.45
N PRO B 40 19.49 29.96 -57.30
CA PRO B 40 18.99 29.58 -55.97
C PRO B 40 19.51 28.24 -55.46
N VAL B 41 20.26 27.50 -56.27
CA VAL B 41 20.85 26.25 -55.79
C VAL B 41 21.91 26.52 -54.74
N ASN B 42 22.67 27.60 -54.92
CA ASN B 42 23.66 28.01 -53.93
C ASN B 42 22.96 28.43 -52.64
N PRO B 43 23.28 27.82 -51.49
CA PRO B 43 22.59 28.20 -50.25
C PRO B 43 22.83 29.62 -49.82
N ALA B 44 23.87 30.29 -50.33
CA ALA B 44 24.10 31.68 -49.99
C ALA B 44 23.05 32.59 -50.62
N ASN B 45 22.48 32.19 -51.75
CA ASN B 45 21.48 32.97 -52.45
C ASN B 45 20.05 32.59 -52.07
N GLN B 46 19.86 31.60 -51.20
CA GLN B 46 18.54 31.12 -50.87
C GLN B 46 17.84 32.05 -49.89
N ILE B 47 16.52 32.05 -49.94
CA ILE B 47 15.69 32.90 -49.09
C ILE B 47 14.70 32.01 -48.35
N PRO B 48 14.20 32.46 -47.21
CA PRO B 48 13.28 31.61 -46.43
C PRO B 48 12.01 31.26 -47.20
N VAL B 49 11.54 30.04 -46.98
CA VAL B 49 10.24 29.58 -47.47
C VAL B 49 9.49 29.00 -46.28
N TYR B 50 8.19 29.30 -46.19
CA TYR B 50 7.40 28.98 -45.02
C TYR B 50 6.20 28.10 -45.38
N ILE B 51 5.97 27.07 -44.58
CA ILE B 51 4.71 26.35 -44.60
C ILE B 51 3.68 27.16 -43.86
N GLU B 52 2.53 27.41 -44.50
CA GLU B 52 1.39 28.07 -43.89
C GLU B 52 0.41 27.00 -43.43
N ASN B 53 0.02 27.06 -42.16
CA ASN B 53 -0.81 26.05 -41.55
C ASN B 53 -2.25 26.54 -41.37
N GLU B 54 -3.11 25.63 -40.94
CA GLU B 54 -4.50 25.95 -40.68
C GLU B 54 -4.66 26.97 -39.56
N ASP B 55 -3.83 26.91 -38.52
CA ASP B 55 -3.93 27.86 -37.42
C ASP B 55 -3.34 29.22 -37.75
N GLY B 56 -2.70 29.36 -38.91
CA GLY B 56 -2.17 30.64 -39.35
C GLY B 56 -0.68 30.83 -39.16
N SER B 57 -0.02 29.91 -38.46
CA SER B 57 1.41 30.04 -38.22
C SER B 57 2.20 29.78 -39.51
N HIS B 58 3.35 30.43 -39.61
CA HIS B 58 4.27 30.24 -40.72
C HIS B 58 5.54 29.61 -40.17
N VAL B 59 5.86 28.41 -40.65
CA VAL B 59 7.01 27.64 -40.16
C VAL B 59 8.03 27.53 -41.29
N GLN B 60 9.21 28.08 -41.08
CA GLN B 60 10.24 28.02 -42.10
C GLN B 60 10.68 26.58 -42.31
N ILE B 61 10.88 26.21 -43.58
CA ILE B 61 11.16 24.83 -43.95
C ILE B 61 12.44 24.79 -44.77
N THR B 62 13.00 23.59 -44.90
CA THR B 62 14.22 23.40 -45.69
C THR B 62 13.99 23.85 -47.12
N GLN B 63 15.00 24.48 -47.70
CA GLN B 63 14.81 25.19 -48.97
C GLN B 63 14.41 24.27 -50.12
N PRO B 64 15.09 23.14 -50.39
CA PRO B 64 14.68 22.35 -51.57
C PRO B 64 13.32 21.71 -51.37
N LEU B 65 12.31 22.26 -52.02
CA LEU B 65 10.96 21.73 -51.95
C LEU B 65 10.85 20.51 -52.86
N ILE B 66 10.07 19.54 -52.42
CA ILE B 66 9.93 18.25 -53.09
C ILE B 66 8.59 18.20 -53.80
N ILE B 67 8.60 17.76 -55.05
CA ILE B 67 7.40 17.66 -55.88
C ILE B 67 7.00 16.19 -55.97
N ASN B 68 5.70 15.91 -55.83
CA ASN B 68 5.24 14.53 -55.83
C ASN B 68 4.86 14.11 -57.25
N ALA B 69 4.21 12.95 -57.36
CA ALA B 69 3.76 12.44 -58.65
C ALA B 69 2.66 13.30 -59.27
N ALA B 70 1.98 14.11 -58.47
CA ALA B 70 0.92 14.99 -58.98
C ALA B 70 1.45 16.34 -59.43
N GLY B 71 2.73 16.63 -59.22
CA GLY B 71 3.29 17.90 -59.58
C GLY B 71 3.14 18.99 -58.55
N LYS B 72 2.94 18.64 -57.28
CA LYS B 72 2.65 19.61 -56.24
C LYS B 72 3.71 19.54 -55.14
N ILE B 73 3.85 20.64 -54.41
CA ILE B 73 4.85 20.72 -53.34
C ILE B 73 4.33 19.94 -52.14
N VAL B 74 5.15 19.04 -51.62
CA VAL B 74 4.82 18.22 -50.47
C VAL B 74 5.90 18.38 -49.42
N TYR B 75 5.53 18.12 -48.16
CA TYR B 75 6.47 18.20 -47.05
C TYR B 75 6.89 16.82 -46.55
N ASN B 76 5.93 15.98 -46.17
CA ASN B 76 6.18 14.62 -45.75
C ASN B 76 5.25 13.66 -46.50
N GLY B 77 5.06 13.91 -47.79
CA GLY B 77 4.02 13.27 -48.54
C GLY B 77 2.68 13.97 -48.45
N GLN B 78 2.62 15.13 -47.81
CA GLN B 78 1.38 15.86 -47.58
C GLN B 78 1.40 17.17 -48.35
N LEU B 79 0.28 17.49 -49.00
CA LEU B 79 0.16 18.74 -49.73
C LEU B 79 0.18 19.91 -48.75
N VAL B 80 1.03 20.90 -49.01
CA VAL B 80 1.21 22.04 -48.12
C VAL B 80 1.17 23.32 -48.93
N LYS B 81 0.94 24.42 -48.23
CA LYS B 81 0.99 25.76 -48.80
C LYS B 81 2.33 26.39 -48.45
N ILE B 82 3.08 26.81 -49.46
CA ILE B 82 4.42 27.35 -49.29
C ILE B 82 4.41 28.81 -49.72
N VAL B 83 4.92 29.69 -48.86
CA VAL B 83 4.89 31.12 -49.07
C VAL B 83 6.29 31.68 -48.91
N THR B 84 6.62 32.69 -49.73
CA THR B 84 7.88 33.40 -49.67
C THR B 84 7.62 34.86 -50.03
N VAL B 85 8.67 35.61 -50.30
CA VAL B 85 8.49 37.00 -50.70
C VAL B 85 8.16 37.07 -52.19
N GLN B 86 7.60 38.22 -52.60
CA GLN B 86 7.14 38.36 -53.98
C GLN B 86 8.30 38.29 -54.97
N GLY B 87 9.44 38.89 -54.62
CA GLY B 87 10.58 38.88 -55.51
C GLY B 87 11.53 37.74 -55.22
N HIS B 88 11.54 36.72 -56.08
CA HIS B 88 12.44 35.61 -55.91
C HIS B 88 12.69 34.95 -57.26
N SER B 89 13.81 34.25 -57.35
CA SER B 89 14.11 33.40 -58.49
C SER B 89 13.88 31.94 -58.10
N MET B 90 13.56 31.13 -59.11
CA MET B 90 13.22 29.73 -58.87
C MET B 90 14.00 28.84 -59.82
N ALA B 91 14.46 27.70 -59.29
CA ALA B 91 15.13 26.68 -60.08
C ALA B 91 14.46 25.34 -59.81
N ILE B 92 14.01 24.67 -60.86
CA ILE B 92 13.35 23.37 -60.76
C ILE B 92 14.26 22.34 -61.42
N TYR B 93 14.64 21.32 -60.67
CA TYR B 93 15.46 20.21 -61.13
C TYR B 93 14.67 18.92 -61.03
N ASP B 94 14.97 17.99 -61.93
CA ASP B 94 14.35 16.67 -61.88
C ASP B 94 15.06 15.79 -60.85
N ALA B 95 14.50 14.61 -60.63
CA ALA B 95 15.07 13.68 -59.65
C ALA B 95 16.43 13.16 -60.07
N ASN B 96 16.77 13.22 -61.36
CA ASN B 96 18.07 12.78 -61.84
C ASN B 96 19.11 13.88 -61.81
N GLY B 97 18.77 15.07 -61.32
CA GLY B 97 19.69 16.18 -61.26
C GLY B 97 19.66 17.10 -62.46
N SER B 98 18.92 16.75 -63.51
CA SER B 98 18.83 17.60 -64.69
C SER B 98 17.96 18.81 -64.42
N GLN B 99 18.34 19.93 -65.01
CA GLN B 99 17.60 21.17 -64.84
C GLN B 99 16.30 21.13 -65.64
N VAL B 100 15.18 21.34 -64.95
CA VAL B 100 13.88 21.41 -65.62
C VAL B 100 13.56 22.85 -66.02
N ASP B 101 13.76 23.80 -65.12
CA ASP B 101 13.40 25.18 -65.42
C ASP B 101 14.19 26.14 -64.54
N TYR B 102 14.35 27.37 -65.03
CA TYR B 102 14.91 28.46 -64.24
C TYR B 102 14.17 29.74 -64.57
N ILE B 103 13.79 30.48 -63.53
CA ILE B 103 13.14 31.78 -63.69
C ILE B 103 13.88 32.76 -62.80
N ALA B 104 14.45 33.80 -63.39
CA ALA B 104 15.26 34.75 -62.64
C ALA B 104 14.42 35.73 -61.83
N ASN B 105 13.14 35.90 -62.19
CA ASN B 105 12.26 36.80 -61.44
C ASN B 105 10.83 36.38 -61.74
N VAL B 106 10.14 35.85 -60.73
CA VAL B 106 8.77 35.40 -60.92
C VAL B 106 7.83 36.58 -61.21
N LEU B 107 8.10 37.73 -60.59
CA LEU B 107 7.23 38.90 -60.75
C LEU B 107 7.19 39.38 -62.20
N LYS B 108 8.20 39.03 -63.00
CA LYS B 108 8.24 39.42 -64.40
C LYS B 108 7.41 38.51 -65.30
N TYR B 109 6.80 37.46 -64.74
CA TYR B 109 5.92 36.59 -65.50
C TYR B 109 4.45 36.93 -65.29
N ASP B 110 4.15 37.98 -64.53
CA ASP B 110 2.77 38.41 -64.37
C ASP B 110 2.21 38.87 -65.72
N PRO B 111 0.94 38.59 -66.02
CA PRO B 111 0.40 38.96 -67.33
C PRO B 111 0.49 40.44 -67.65
N ASP B 112 0.29 41.29 -66.63
CA ASP B 112 0.29 42.76 -66.79
C ASP B 112 1.53 43.36 -66.17
N GLN B 113 2.47 43.79 -67.01
CA GLN B 113 3.68 44.42 -66.51
C GLN B 113 3.59 45.93 -66.43
N TYR B 114 2.50 46.53 -66.91
CA TYR B 114 2.35 47.97 -66.83
C TYR B 114 1.96 48.42 -65.43
N SER B 115 1.40 47.51 -64.63
CA SER B 115 0.93 47.87 -63.30
C SER B 115 2.08 48.30 -62.39
N ILE B 116 3.23 47.63 -62.48
CA ILE B 116 4.34 47.97 -61.59
C ILE B 116 4.78 49.41 -61.81
N GLU B 117 5.02 49.78 -63.07
CA GLU B 117 5.44 51.15 -63.36
C GLU B 117 4.34 52.14 -63.07
N ALA B 118 3.08 51.77 -63.32
CA ALA B 118 1.97 52.68 -63.03
C ALA B 118 1.88 52.99 -61.55
N ASP B 119 2.13 52.00 -60.71
CA ASP B 119 2.06 52.19 -59.24
C ASP B 119 3.29 52.97 -58.79
N LYS B 120 4.44 52.70 -59.42
CA LYS B 120 5.69 53.36 -59.04
C LYS B 120 5.82 54.78 -59.60
N LYS B 121 4.90 55.20 -60.47
CA LYS B 121 5.03 56.51 -61.09
C LYS B 121 3.97 57.49 -60.60
N PHE B 122 2.72 57.05 -60.51
CA PHE B 122 1.66 57.91 -60.01
C PHE B 122 1.44 57.73 -58.50
N THR C 5 8.12 49.30 -74.68
CA THR C 5 8.34 48.48 -73.49
C THR C 5 7.33 47.35 -73.40
N ALA C 6 7.74 46.24 -72.78
CA ALA C 6 6.86 45.09 -72.66
C ALA C 6 5.80 45.34 -71.60
N ASN C 7 4.53 45.30 -72.01
CA ASN C 7 3.42 45.53 -71.09
C ASN C 7 2.57 44.29 -70.83
N VAL C 8 2.56 43.33 -71.75
CA VAL C 8 1.75 42.13 -71.62
C VAL C 8 2.64 40.90 -71.79
N VAL C 9 2.45 39.92 -70.92
CA VAL C 9 3.14 38.64 -70.99
C VAL C 9 2.14 37.58 -71.44
N VAL C 10 2.50 36.81 -72.45
CA VAL C 10 1.60 35.79 -72.98
C VAL C 10 1.49 34.66 -71.96
N SER C 11 0.28 34.40 -71.49
CA SER C 11 0.04 33.43 -70.44
C SER C 11 -1.26 32.68 -70.72
N ASN C 12 -1.59 31.74 -69.84
CA ASN C 12 -2.80 30.94 -69.96
C ASN C 12 -3.80 31.37 -68.92
N PRO C 13 -5.01 31.80 -69.30
CA PRO C 13 -5.98 32.28 -68.32
C PRO C 13 -6.84 31.22 -67.65
N ARG C 14 -6.77 29.96 -68.10
CA ARG C 14 -7.66 28.92 -67.60
C ARG C 14 -6.94 28.13 -66.50
N PRO C 15 -7.43 28.15 -65.27
CA PRO C 15 -6.86 27.27 -64.24
C PRO C 15 -7.20 25.82 -64.51
N ILE C 16 -6.33 24.93 -64.00
CA ILE C 16 -6.48 23.50 -64.17
C ILE C 16 -6.53 22.85 -62.79
N PHE C 17 -7.55 22.04 -62.55
CA PHE C 17 -7.77 21.38 -61.26
C PHE C 17 -7.48 19.89 -61.44
N THR C 18 -6.35 19.44 -60.91
CA THR C 18 -5.92 18.06 -61.00
C THR C 18 -6.08 17.36 -59.66
N GLU C 19 -5.71 16.08 -59.63
CA GLU C 19 -5.82 15.27 -58.43
C GLU C 19 -4.67 15.56 -57.47
N SER C 20 -4.84 15.12 -56.23
CA SER C 20 -3.87 15.41 -55.18
C SER C 20 -2.62 14.54 -55.28
N ARG C 21 -2.78 13.27 -55.67
CA ARG C 21 -1.68 12.32 -55.65
C ARG C 21 -1.18 11.91 -57.03
N SER C 22 -1.95 12.13 -58.09
CA SER C 22 -1.59 11.70 -59.42
C SER C 22 -1.82 12.82 -60.41
N PHE C 23 -1.14 12.73 -61.56
CA PHE C 23 -1.26 13.73 -62.62
C PHE C 23 -2.50 13.41 -63.47
N LYS C 24 -3.65 13.54 -62.82
CA LYS C 24 -4.94 13.35 -63.47
C LYS C 24 -5.84 14.53 -63.10
N ALA C 25 -6.72 14.89 -64.02
CA ALA C 25 -7.67 15.96 -63.74
C ALA C 25 -8.80 15.43 -62.86
N VAL C 26 -9.47 16.36 -62.17
CA VAL C 26 -10.67 16.01 -61.38
C VAL C 26 -11.84 16.12 -62.34
N ALA C 27 -12.06 15.06 -63.11
CA ALA C 27 -13.09 15.07 -64.13
C ALA C 27 -14.46 15.00 -63.48
N ASN C 28 -15.34 15.93 -63.86
CA ASN C 28 -16.71 16.00 -63.35
C ASN C 28 -16.73 16.14 -61.83
N GLY C 29 -15.77 16.90 -61.30
CA GLY C 29 -15.72 17.19 -59.88
C GLY C 29 -16.49 18.46 -59.52
N LYS C 30 -16.53 18.74 -58.22
CA LYS C 30 -17.23 19.90 -57.70
C LYS C 30 -16.29 20.76 -56.88
N ILE C 31 -16.54 22.06 -56.88
CA ILE C 31 -15.77 23.03 -56.11
C ILE C 31 -16.73 23.85 -55.26
N TYR C 32 -16.47 23.91 -53.95
CA TYR C 32 -17.19 24.77 -53.04
C TYR C 32 -16.20 25.78 -52.45
N ILE C 33 -16.56 27.06 -52.51
CA ILE C 33 -15.75 28.09 -51.87
C ILE C 33 -16.62 28.85 -50.88
N GLY C 34 -16.04 29.18 -49.73
CA GLY C 34 -16.78 29.87 -48.69
C GLY C 34 -15.87 30.70 -47.79
N GLN C 35 -16.35 31.02 -46.59
CA GLN C 35 -15.55 31.80 -45.66
C GLN C 35 -14.26 31.04 -45.32
N ILE C 36 -13.20 31.80 -45.04
CA ILE C 36 -11.92 31.18 -44.77
C ILE C 36 -12.00 30.29 -43.55
N ASP C 37 -11.34 29.13 -43.61
CA ASP C 37 -11.14 28.23 -42.48
C ASP C 37 -12.44 27.58 -42.02
N THR C 38 -13.38 27.34 -42.93
CA THR C 38 -14.67 26.74 -42.61
C THR C 38 -14.96 25.60 -43.58
N ASP C 39 -16.13 24.99 -43.41
CA ASP C 39 -16.68 23.98 -44.30
C ASP C 39 -17.44 24.67 -45.43
N PRO C 40 -16.87 24.71 -46.65
CA PRO C 40 -17.56 25.41 -47.74
C PRO C 40 -18.79 24.69 -48.27
N VAL C 41 -19.03 23.44 -47.86
CA VAL C 41 -20.21 22.73 -48.31
C VAL C 41 -21.47 23.19 -47.57
N ASN C 42 -21.33 23.70 -46.36
CA ASN C 42 -22.45 24.29 -45.65
C ASN C 42 -22.83 25.59 -46.34
N PRO C 43 -24.06 25.74 -46.85
CA PRO C 43 -24.41 26.97 -47.59
C PRO C 43 -24.34 28.23 -46.75
N ALA C 44 -24.38 28.12 -45.42
CA ALA C 44 -24.22 29.30 -44.58
C ALA C 44 -22.79 29.83 -44.64
N ASN C 45 -21.81 28.96 -44.90
CA ASN C 45 -20.42 29.37 -45.02
C ASN C 45 -20.06 29.84 -46.42
N GLN C 46 -20.92 29.64 -47.40
CA GLN C 46 -20.61 29.93 -48.79
C GLN C 46 -20.61 31.43 -49.06
N ILE C 47 -19.88 31.82 -50.10
CA ILE C 47 -19.75 33.22 -50.49
C ILE C 47 -20.13 33.31 -51.97
N PRO C 48 -20.59 34.48 -52.42
CA PRO C 48 -21.05 34.61 -53.82
C PRO C 48 -19.94 34.32 -54.83
N VAL C 49 -20.34 33.70 -55.95
CA VAL C 49 -19.45 33.39 -57.04
C VAL C 49 -20.03 33.96 -58.33
N TYR C 50 -19.18 34.61 -59.13
CA TYR C 50 -19.61 35.30 -60.33
C TYR C 50 -18.84 34.77 -61.54
N ILE C 51 -19.53 34.66 -62.67
CA ILE C 51 -18.87 34.48 -63.96
C ILE C 51 -18.47 35.85 -64.49
N GLU C 52 -17.19 36.00 -64.80
CA GLU C 52 -16.66 37.18 -65.46
C GLU C 52 -16.69 36.95 -66.96
N ASN C 53 -17.58 37.66 -67.66
CA ASN C 53 -17.68 37.49 -69.10
C ASN C 53 -16.58 38.27 -69.80
N GLU C 54 -16.54 38.14 -71.13
CA GLU C 54 -15.45 38.71 -71.91
C GLU C 54 -15.38 40.22 -71.77
N ASP C 55 -16.52 40.88 -71.62
CA ASP C 55 -16.55 42.32 -71.39
C ASP C 55 -16.67 42.70 -69.93
N GLY C 56 -16.80 41.73 -69.03
CA GLY C 56 -16.90 42.02 -67.61
C GLY C 56 -18.31 42.19 -67.11
N SER C 57 -19.15 41.18 -67.32
CA SER C 57 -20.58 41.33 -66.95
C SER C 57 -20.83 40.91 -65.50
N HIS C 58 -20.06 39.95 -64.98
CA HIS C 58 -20.14 39.56 -63.56
C HIS C 58 -21.54 39.06 -63.20
N VAL C 59 -21.91 37.93 -63.78
CA VAL C 59 -23.22 37.32 -63.56
C VAL C 59 -23.08 36.23 -62.48
N GLN C 60 -23.83 36.35 -61.40
CA GLN C 60 -23.70 35.42 -60.29
C GLN C 60 -24.25 34.04 -60.66
N ILE C 61 -23.64 33.01 -60.07
CA ILE C 61 -24.03 31.62 -60.34
C ILE C 61 -24.13 30.87 -59.02
N THR C 62 -24.71 29.68 -59.09
CA THR C 62 -24.84 28.82 -57.92
C THR C 62 -23.47 28.31 -57.49
N GLN C 63 -23.34 28.02 -56.19
CA GLN C 63 -22.03 27.79 -55.61
C GLN C 63 -21.27 26.61 -56.20
N PRO C 64 -21.85 25.39 -56.30
CA PRO C 64 -21.02 24.26 -56.75
C PRO C 64 -20.51 24.44 -58.17
N LEU C 65 -19.20 24.64 -58.30
CA LEU C 65 -18.58 24.82 -59.60
C LEU C 65 -18.29 23.45 -60.21
N ILE C 66 -18.67 23.28 -61.47
CA ILE C 66 -18.49 22.01 -62.18
C ILE C 66 -17.15 22.03 -62.88
N ILE C 67 -16.36 20.97 -62.67
CA ILE C 67 -15.05 20.83 -63.28
C ILE C 67 -15.17 19.95 -64.52
N ASN C 68 -14.65 20.43 -65.64
CA ASN C 68 -14.71 19.71 -66.90
C ASN C 68 -13.75 18.52 -66.87
N ALA C 69 -13.90 17.62 -67.84
CA ALA C 69 -13.00 16.49 -67.97
C ALA C 69 -11.56 16.89 -68.25
N ALA C 70 -11.33 18.14 -68.65
CA ALA C 70 -9.97 18.67 -68.79
C ALA C 70 -9.45 19.30 -67.51
N GLY C 71 -10.27 19.38 -66.46
CA GLY C 71 -9.89 20.04 -65.25
C GLY C 71 -10.24 21.51 -65.16
N LYS C 72 -11.10 22.00 -66.04
CA LYS C 72 -11.47 23.40 -66.11
C LYS C 72 -12.91 23.59 -65.62
N ILE C 73 -13.20 24.79 -65.11
CA ILE C 73 -14.52 25.11 -64.63
C ILE C 73 -15.41 25.48 -65.82
N VAL C 74 -16.59 24.86 -65.90
CA VAL C 74 -17.50 25.06 -67.01
C VAL C 74 -18.86 25.45 -66.47
N TYR C 75 -19.62 26.20 -67.27
CA TYR C 75 -21.01 26.54 -66.98
C TYR C 75 -21.76 26.57 -68.28
N ASN C 76 -22.84 25.78 -68.36
CA ASN C 76 -23.61 25.61 -69.60
C ASN C 76 -22.72 25.08 -70.74
N GLY C 77 -21.78 24.20 -70.38
CA GLY C 77 -20.90 23.61 -71.37
C GLY C 77 -19.96 24.59 -72.03
N GLN C 78 -19.52 25.61 -71.30
CA GLN C 78 -18.59 26.60 -71.83
C GLN C 78 -17.56 26.94 -70.76
N LEU C 79 -16.31 27.10 -71.17
CA LEU C 79 -15.27 27.56 -70.25
C LEU C 79 -15.62 28.94 -69.73
N VAL C 80 -15.56 29.09 -68.41
CA VAL C 80 -15.90 30.35 -67.75
C VAL C 80 -14.80 30.71 -66.77
N LYS C 81 -14.72 32.00 -66.46
CA LYS C 81 -13.82 32.52 -65.44
C LYS C 81 -14.63 32.87 -64.20
N ILE C 82 -14.22 32.35 -63.05
CA ILE C 82 -14.98 32.48 -61.81
C ILE C 82 -14.25 33.45 -60.90
N VAL C 83 -14.98 34.43 -60.38
CA VAL C 83 -14.43 35.46 -59.51
C VAL C 83 -15.27 35.53 -58.23
N THR C 84 -14.63 36.03 -57.17
CA THR C 84 -15.27 36.19 -55.88
C THR C 84 -14.75 37.46 -55.23
N VAL C 85 -15.34 37.82 -54.10
CA VAL C 85 -15.11 39.13 -53.49
C VAL C 85 -14.00 39.14 -52.45
N GLN C 86 -13.66 37.99 -51.85
CA GLN C 86 -12.73 37.96 -50.74
C GLN C 86 -11.98 36.64 -50.74
N GLY C 87 -10.90 36.60 -49.95
CA GLY C 87 -10.24 35.34 -49.70
C GLY C 87 -11.18 34.34 -49.07
N HIS C 88 -10.98 33.07 -49.42
CA HIS C 88 -11.99 32.05 -49.17
C HIS C 88 -11.31 30.76 -48.74
N SER C 89 -12.15 29.79 -48.37
CA SER C 89 -11.74 28.41 -48.20
C SER C 89 -12.33 27.58 -49.32
N MET C 90 -11.58 26.59 -49.77
CA MET C 90 -11.95 25.81 -50.95
C MET C 90 -12.05 24.34 -50.58
N ALA C 91 -12.98 23.65 -51.25
CA ALA C 91 -13.18 22.21 -51.08
C ALA C 91 -13.48 21.63 -52.45
N ILE C 92 -12.57 20.80 -52.95
CA ILE C 92 -12.72 20.14 -54.25
C ILE C 92 -13.07 18.68 -53.99
N TYR C 93 -14.16 18.23 -54.60
CA TYR C 93 -14.67 16.86 -54.47
C TYR C 93 -14.62 16.17 -55.83
N ASP C 94 -14.40 14.86 -55.79
CA ASP C 94 -14.31 14.05 -56.99
C ASP C 94 -15.70 13.80 -57.58
N ALA C 95 -15.71 13.19 -58.77
CA ALA C 95 -16.98 12.78 -59.36
C ALA C 95 -17.65 11.70 -58.52
N ASN C 96 -16.85 10.82 -57.90
CA ASN C 96 -17.40 9.83 -56.98
C ASN C 96 -18.00 10.50 -55.75
N GLY C 97 -17.46 11.64 -55.35
CA GLY C 97 -17.90 12.33 -54.15
C GLY C 97 -16.87 12.36 -53.04
N SER C 98 -15.68 11.83 -53.26
CA SER C 98 -14.64 11.84 -52.24
C SER C 98 -13.93 13.18 -52.22
N GLN C 99 -13.46 13.55 -51.03
CA GLN C 99 -12.78 14.83 -50.84
C GLN C 99 -11.43 14.80 -51.52
N VAL C 100 -11.35 15.45 -52.69
CA VAL C 100 -10.06 15.56 -53.37
C VAL C 100 -9.13 16.48 -52.60
N ASP C 101 -9.63 17.62 -52.15
CA ASP C 101 -8.77 18.59 -51.47
C ASP C 101 -9.61 19.52 -50.62
N TYR C 102 -9.02 19.99 -49.52
CA TYR C 102 -9.55 21.11 -48.76
C TYR C 102 -8.42 22.09 -48.47
N ILE C 103 -8.67 23.37 -48.71
CA ILE C 103 -7.72 24.43 -48.43
C ILE C 103 -8.41 25.45 -47.54
N ALA C 104 -7.76 25.80 -46.42
CA ALA C 104 -8.39 26.67 -45.43
C ALA C 104 -8.40 28.14 -45.87
N ASN C 105 -7.39 28.57 -46.61
CA ASN C 105 -7.26 29.98 -46.97
C ASN C 105 -6.57 30.09 -48.32
N VAL C 106 -7.27 30.69 -49.28
CA VAL C 106 -6.71 30.96 -50.61
C VAL C 106 -7.13 32.36 -51.03
N LEU C 107 -6.19 33.10 -51.64
CA LEU C 107 -6.48 34.43 -52.15
C LEU C 107 -5.49 34.71 -53.27
N LYS C 108 -5.96 34.63 -54.51
CA LYS C 108 -5.19 35.03 -55.67
C LYS C 108 -5.93 36.17 -56.38
N TYR C 109 -5.28 37.32 -56.48
CA TYR C 109 -5.93 38.50 -57.02
C TYR C 109 -6.05 38.40 -58.54
N ASP C 110 -7.09 39.05 -59.07
CA ASP C 110 -7.33 39.04 -60.50
C ASP C 110 -6.30 39.93 -61.20
N PRO C 111 -5.55 39.41 -62.17
CA PRO C 111 -4.54 40.23 -62.86
C PRO C 111 -5.05 41.04 -64.04
N ASP C 112 -6.37 41.20 -64.17
CA ASP C 112 -6.97 41.87 -65.30
C ASP C 112 -7.74 43.12 -64.87
N GLN C 113 -8.17 43.90 -65.87
CA GLN C 113 -8.94 45.13 -65.66
C GLN C 113 -8.20 46.11 -64.75
N TYR C 114 -6.91 46.32 -65.04
CA TYR C 114 -6.13 47.26 -64.25
C TYR C 114 -6.50 48.70 -64.53
N SER C 115 -7.09 49.00 -65.69
CA SER C 115 -7.49 50.37 -65.99
C SER C 115 -8.54 50.88 -64.99
N ILE C 116 -9.52 50.03 -64.66
CA ILE C 116 -10.54 50.42 -63.70
C ILE C 116 -9.93 50.65 -62.32
N GLU C 117 -9.03 49.76 -61.90
CA GLU C 117 -8.37 49.92 -60.61
C GLU C 117 -7.55 51.20 -60.56
N ALA C 118 -6.82 51.50 -61.63
CA ALA C 118 -6.03 52.73 -61.68
C ALA C 118 -6.92 53.96 -61.65
N ASP C 119 -8.06 53.91 -62.34
CA ASP C 119 -9.00 55.02 -62.31
C ASP C 119 -9.55 55.24 -60.91
N LYS C 120 -9.90 54.15 -60.22
CA LYS C 120 -10.40 54.25 -58.85
C LYS C 120 -9.31 54.52 -57.82
N LYS C 121 -8.04 54.41 -58.21
CA LYS C 121 -6.92 54.53 -57.29
C LYS C 121 -6.18 55.85 -57.39
N PHE C 122 -5.99 56.37 -58.60
CA PHE C 122 -5.28 57.63 -58.78
C PHE C 122 -6.24 58.77 -59.10
N PRO D 2 -4.88 -4.64 -32.27
CA PRO D 2 -4.70 -4.01 -30.97
C PRO D 2 -5.32 -2.61 -30.90
N ILE D 3 -6.35 -2.46 -30.08
CA ILE D 3 -7.01 -1.17 -29.90
C ILE D 3 -6.30 -0.38 -28.83
N GLN D 4 -5.95 0.86 -29.15
CA GLN D 4 -5.26 1.75 -28.23
C GLN D 4 -6.08 3.02 -28.03
N GLN D 5 -6.31 3.39 -26.78
CA GLN D 5 -7.07 4.59 -26.45
C GLN D 5 -6.14 5.80 -26.46
N LEU D 6 -6.61 6.89 -27.07
CA LEU D 6 -5.83 8.12 -27.19
C LEU D 6 -6.42 9.20 -26.32
N PRO D 7 -5.70 9.67 -25.30
CA PRO D 7 -6.23 10.78 -24.49
C PRO D 7 -6.32 12.06 -25.29
N MET D 8 -7.42 12.78 -25.11
CA MET D 8 -7.65 14.07 -25.77
C MET D 8 -7.68 15.25 -24.81
N MET D 9 -7.68 15.00 -23.50
CA MET D 9 -7.76 16.08 -22.52
C MET D 9 -6.52 16.96 -22.50
N LYS D 10 -5.41 16.51 -23.09
CA LYS D 10 -4.21 17.32 -23.17
C LYS D 10 -3.33 16.78 -24.28
N GLY D 11 -2.84 17.67 -25.14
CA GLY D 11 -1.98 17.30 -26.24
C GLY D 11 -0.51 17.58 -25.95
N MET D 12 0.31 17.35 -26.97
CA MET D 12 1.75 17.57 -26.87
C MET D 12 2.28 17.92 -28.25
N GLY D 13 3.36 18.69 -28.26
CA GLY D 13 3.98 19.08 -29.52
C GLY D 13 5.25 19.86 -29.27
N LYS D 14 5.75 20.47 -30.34
CA LYS D 14 6.98 21.24 -30.29
C LYS D 14 6.72 22.67 -30.72
N ASP D 15 7.42 23.60 -30.08
CA ASP D 15 7.41 25.00 -30.47
C ASP D 15 8.53 25.22 -31.48
N PHE D 16 8.16 25.63 -32.69
CA PHE D 16 9.13 25.79 -33.75
C PHE D 16 10.06 26.98 -33.55
N LYS D 17 9.77 27.84 -32.56
CA LYS D 17 10.64 28.97 -32.30
C LYS D 17 11.93 28.55 -31.60
N ASN D 18 11.84 27.65 -30.62
CA ASN D 18 13.01 27.22 -29.87
C ASN D 18 13.14 25.70 -29.79
N ALA D 19 12.30 24.95 -30.50
CA ALA D 19 12.38 23.49 -30.58
C ALA D 19 12.20 22.84 -29.21
N ASP D 20 11.35 23.41 -28.37
CA ASP D 20 11.05 22.87 -27.06
C ASP D 20 9.72 22.12 -27.07
N TYR D 21 9.55 21.25 -26.08
CA TYR D 21 8.32 20.47 -25.94
C TYR D 21 7.29 21.25 -25.13
N ILE D 22 6.09 21.39 -25.68
CA ILE D 22 5.01 22.13 -25.04
C ILE D 22 3.74 21.30 -25.11
N ASP D 23 2.80 21.63 -24.23
CA ASP D 23 1.50 20.97 -24.22
C ASP D 23 0.53 21.73 -25.11
N TYR D 24 -0.33 20.98 -25.80
CA TYR D 24 -1.37 21.55 -26.64
C TYR D 24 -2.69 21.51 -25.87
N LEU D 25 -3.09 22.67 -25.35
CA LEU D 25 -4.30 22.74 -24.55
C LEU D 25 -5.54 22.69 -25.43
N PRO D 26 -6.60 22.04 -24.97
CA PRO D 26 -7.86 22.07 -25.72
C PRO D 26 -8.43 23.49 -25.77
N VAL D 27 -9.09 23.78 -26.88
CA VAL D 27 -9.66 25.10 -27.14
C VAL D 27 -11.17 24.99 -27.06
N ASN D 28 -11.77 25.80 -26.18
CA ASN D 28 -13.22 25.91 -26.02
C ASN D 28 -13.85 24.59 -25.60
N MET D 29 -13.08 23.72 -24.93
CA MET D 29 -13.61 22.49 -24.38
C MET D 29 -13.08 22.27 -22.97
N LEU D 30 -13.93 21.75 -22.10
CA LEU D 30 -13.60 21.44 -20.72
C LEU D 30 -13.67 19.94 -20.50
N ALA D 31 -12.73 19.42 -19.71
CA ALA D 31 -12.67 18.00 -19.40
C ALA D 31 -13.54 17.70 -18.20
N THR D 32 -14.44 16.73 -18.34
CA THR D 32 -15.32 16.29 -17.26
C THR D 32 -14.98 14.86 -16.89
N PRO D 33 -14.40 14.61 -15.71
CA PRO D 33 -14.13 13.23 -15.29
C PRO D 33 -15.42 12.50 -14.95
N LYS D 34 -15.72 11.46 -15.72
CA LYS D 34 -16.94 10.67 -15.53
C LYS D 34 -16.84 9.38 -16.33
N GLU D 35 -17.11 8.25 -15.68
CA GLU D 35 -17.06 6.95 -16.36
C GLU D 35 -18.23 6.88 -17.33
N ILE D 36 -17.96 7.07 -18.62
CA ILE D 36 -19.02 7.08 -19.62
C ILE D 36 -19.16 5.68 -20.20
N LEU D 37 -18.15 5.24 -20.94
CA LEU D 37 -18.01 3.86 -21.37
C LEU D 37 -16.59 3.65 -21.88
N ASN D 38 -15.81 2.83 -21.18
CA ASN D 38 -14.40 2.59 -21.50
C ASN D 38 -13.58 3.88 -21.56
N SER D 39 -14.09 4.97 -20.99
CA SER D 39 -13.49 6.29 -21.19
C SER D 39 -13.02 6.93 -19.90
N SER D 40 -13.85 6.92 -18.85
CA SER D 40 -13.55 7.59 -17.58
C SER D 40 -13.31 9.08 -17.77
N GLY D 41 -14.24 9.73 -18.47
CA GLY D 41 -14.18 11.17 -18.70
C GLY D 41 -14.48 11.53 -20.14
N TYR D 42 -15.00 12.73 -20.33
CA TYR D 42 -15.31 13.23 -21.67
C TYR D 42 -14.87 14.69 -21.77
N LEU D 43 -15.07 15.27 -22.93
CA LEU D 43 -14.71 16.66 -23.20
C LEU D 43 -15.92 17.35 -23.81
N ARG D 44 -16.41 18.39 -23.13
CA ARG D 44 -17.63 19.08 -23.53
C ARG D 44 -17.30 20.53 -23.85
N SER D 45 -17.88 21.04 -24.93
CA SER D 45 -17.60 22.40 -25.36
C SER D 45 -18.07 23.40 -24.31
N PHE D 46 -17.37 24.52 -24.23
CA PHE D 46 -17.77 25.60 -23.33
C PHE D 46 -19.14 26.14 -23.76
N PRO D 47 -20.01 26.49 -22.81
CA PRO D 47 -21.34 27.00 -23.19
C PRO D 47 -21.23 28.28 -24.00
N GLY D 48 -22.14 28.42 -24.97
CA GLY D 48 -22.17 29.60 -25.80
C GLY D 48 -22.85 30.77 -25.13
N ILE D 49 -22.71 31.94 -25.76
CA ILE D 49 -23.23 33.20 -25.22
C ILE D 49 -24.35 33.69 -26.10
N THR D 50 -25.49 34.00 -25.49
CA THR D 50 -26.61 34.62 -26.18
C THR D 50 -26.91 35.98 -25.55
N LYS D 51 -27.36 36.92 -26.37
CA LYS D 51 -27.54 38.29 -25.92
C LYS D 51 -28.68 38.38 -24.91
N ARG D 52 -28.45 39.17 -23.86
CA ARG D 52 -29.42 39.40 -22.80
C ARG D 52 -29.85 40.86 -22.74
N TYR D 53 -28.89 41.79 -22.61
CA TYR D 53 -29.19 43.21 -22.46
C TYR D 53 -28.35 44.04 -23.42
N ASP D 54 -28.44 45.37 -23.30
CA ASP D 54 -27.62 46.30 -24.06
C ASP D 54 -27.15 47.39 -23.11
N MET D 55 -25.83 47.48 -22.93
CA MET D 55 -25.25 48.38 -21.94
C MET D 55 -24.71 49.64 -22.60
N ASN D 56 -24.05 50.48 -21.81
CA ASN D 56 -23.48 51.73 -22.28
C ASN D 56 -22.06 51.56 -22.83
N GLY D 57 -21.45 50.39 -22.64
CA GLY D 57 -20.10 50.17 -23.09
C GLY D 57 -19.60 48.81 -22.65
N VAL D 58 -18.31 48.60 -22.84
CA VAL D 58 -17.70 47.35 -22.41
C VAL D 58 -17.70 47.27 -20.89
N SER D 59 -17.57 46.04 -20.37
CA SER D 59 -17.66 45.82 -18.94
C SER D 59 -16.35 46.20 -18.26
N ARG D 60 -16.47 46.82 -17.08
CA ARG D 60 -15.33 47.24 -16.29
C ARG D 60 -15.30 46.63 -14.90
N GLY D 61 -16.40 46.02 -14.46
CA GLY D 61 -16.45 45.37 -13.17
C GLY D 61 -17.79 44.70 -12.97
N VAL D 62 -17.84 43.81 -11.98
CA VAL D 62 -19.06 43.11 -11.63
C VAL D 62 -18.93 42.66 -10.18
N GLU D 63 -20.06 42.61 -9.48
CA GLU D 63 -20.10 42.11 -8.12
C GLU D 63 -21.52 41.68 -7.78
N TYR D 64 -21.64 40.68 -6.93
CA TYR D 64 -22.92 40.26 -6.40
C TYR D 64 -23.16 41.00 -5.09
N ASN D 65 -24.17 41.87 -5.06
CA ASN D 65 -24.49 42.65 -3.87
C ASN D 65 -25.30 41.76 -2.93
N THR D 66 -24.63 41.17 -1.94
CA THR D 66 -25.31 40.32 -0.97
C THR D 66 -26.27 41.11 -0.07
N ALA D 67 -26.18 42.44 -0.07
CA ALA D 67 -27.13 43.25 0.67
C ALA D 67 -28.41 43.46 -0.12
N GLN D 68 -28.29 43.84 -1.39
CA GLN D 68 -29.45 44.03 -2.25
C GLN D 68 -29.90 42.75 -2.95
N ASN D 69 -29.13 41.68 -2.85
CA ASN D 69 -29.41 40.41 -3.53
C ASN D 69 -29.56 40.63 -5.04
N ALA D 70 -28.55 41.27 -5.61
CA ALA D 70 -28.56 41.59 -7.03
C ALA D 70 -27.13 41.70 -7.53
N VAL D 71 -26.97 41.68 -8.84
CA VAL D 71 -25.67 41.80 -9.50
C VAL D 71 -25.51 43.25 -9.97
N TYR D 72 -24.43 43.88 -9.54
CA TYR D 72 -24.10 45.24 -9.97
C TYR D 72 -22.99 45.17 -11.00
N ARG D 73 -23.23 45.80 -12.16
CA ARG D 73 -22.28 45.79 -13.26
C ARG D 73 -21.91 47.21 -13.64
N VAL D 74 -20.62 47.46 -13.80
CA VAL D 74 -20.12 48.71 -14.37
C VAL D 74 -19.89 48.46 -15.85
N CYS D 75 -20.58 49.21 -16.71
CA CYS D 75 -20.44 49.06 -18.15
C CYS D 75 -20.40 50.45 -18.77
N GLY D 76 -19.33 50.71 -19.54
CA GLY D 76 -19.16 52.04 -20.09
C GLY D 76 -19.08 53.06 -18.98
N GLY D 77 -19.86 54.13 -19.12
CA GLY D 77 -19.96 55.15 -18.10
C GLY D 77 -21.07 54.93 -17.09
N LYS D 78 -21.74 53.77 -17.11
CA LYS D 78 -22.91 53.55 -16.30
C LYS D 78 -22.68 52.43 -15.29
N LEU D 79 -23.39 52.52 -14.17
CA LEU D 79 -23.45 51.47 -13.16
C LEU D 79 -24.89 51.00 -13.07
N TYR D 80 -25.10 49.70 -13.24
CA TYR D 80 -26.41 49.07 -13.31
C TYR D 80 -26.58 48.13 -12.12
N LYS D 81 -27.78 48.13 -11.55
CA LYS D 81 -28.24 47.09 -10.64
C LYS D 81 -29.14 46.18 -11.46
N GLY D 82 -28.61 45.04 -11.89
CA GLY D 82 -29.35 44.18 -12.78
C GLY D 82 -29.42 44.74 -14.19
N GLU D 83 -30.60 45.21 -14.59
CA GLU D 83 -30.80 45.78 -15.91
C GLU D 83 -30.92 47.30 -15.90
N SER D 84 -31.32 47.90 -14.79
CA SER D 84 -31.57 49.33 -14.72
C SER D 84 -30.33 50.08 -14.28
N GLU D 85 -30.10 51.24 -14.90
CA GLU D 85 -28.99 52.10 -14.52
C GLU D 85 -29.24 52.70 -13.14
N VAL D 86 -28.24 52.62 -12.27
CA VAL D 86 -28.32 53.22 -10.94
C VAL D 86 -27.26 54.27 -10.69
N GLY D 87 -26.35 54.49 -11.63
CA GLY D 87 -25.38 55.56 -11.43
C GLY D 87 -24.54 55.81 -12.66
N ASP D 88 -23.73 56.86 -12.57
CA ASP D 88 -22.76 57.20 -13.60
C ASP D 88 -21.36 57.03 -13.04
N VAL D 89 -20.49 56.36 -13.79
CA VAL D 89 -19.11 56.10 -13.38
C VAL D 89 -18.17 56.64 -14.45
N ALA D 90 -17.22 57.46 -14.02
CA ALA D 90 -16.23 58.03 -14.94
C ALA D 90 -15.06 57.08 -15.12
N GLY D 91 -14.33 57.28 -16.21
CA GLY D 91 -13.16 56.48 -16.52
C GLY D 91 -13.41 55.57 -17.71
N SER D 92 -12.41 54.74 -18.00
CA SER D 92 -12.50 53.83 -19.15
C SER D 92 -12.01 52.41 -18.89
N GLY D 93 -11.29 52.13 -17.79
CA GLY D 93 -10.69 50.84 -17.57
C GLY D 93 -11.37 50.06 -16.46
N ARG D 94 -10.68 49.02 -15.99
CA ARG D 94 -11.21 48.19 -14.92
C ARG D 94 -11.33 48.99 -13.62
N VAL D 95 -12.33 48.62 -12.83
CA VAL D 95 -12.62 49.30 -11.57
C VAL D 95 -12.73 48.26 -10.47
N SER D 96 -12.54 48.72 -9.23
CA SER D 96 -12.76 47.87 -8.07
C SER D 96 -14.19 48.03 -7.57
N MET D 97 -14.71 46.99 -6.92
CA MET D 97 -16.08 47.03 -6.46
C MET D 97 -16.21 46.35 -5.10
N ALA D 98 -16.96 47.00 -4.21
CA ALA D 98 -17.29 46.45 -2.91
C ALA D 98 -18.69 46.93 -2.56
N HIS D 99 -19.23 46.41 -1.46
CA HIS D 99 -20.57 46.82 -1.04
C HIS D 99 -20.73 46.55 0.45
N GLY D 100 -21.73 47.20 1.02
CA GLY D 100 -22.03 47.06 2.44
C GLY D 100 -23.50 47.30 2.69
N ARG D 101 -23.80 47.77 3.91
CA ARG D 101 -25.19 47.92 4.33
C ARG D 101 -25.90 49.03 3.55
N THR D 102 -25.22 50.14 3.30
CA THR D 102 -25.88 51.34 2.81
C THR D 102 -25.48 51.77 1.40
N SER D 103 -24.44 51.18 0.81
CA SER D 103 -23.95 51.68 -0.47
C SER D 103 -23.23 50.59 -1.23
N GLN D 104 -23.09 50.82 -2.54
CA GLN D 104 -22.24 50.03 -3.42
C GLN D 104 -21.07 50.93 -3.81
N ALA D 105 -19.87 50.55 -3.39
CA ALA D 105 -18.68 51.36 -3.59
C ALA D 105 -17.91 50.89 -4.81
N VAL D 106 -17.48 51.85 -5.63
CA VAL D 106 -16.64 51.61 -6.80
C VAL D 106 -15.33 52.36 -6.60
N GLY D 107 -14.22 51.65 -6.74
CA GLY D 107 -12.91 52.27 -6.75
C GLY D 107 -12.49 52.57 -8.18
N VAL D 108 -12.44 53.85 -8.52
CA VAL D 108 -12.17 54.28 -9.89
C VAL D 108 -11.53 55.66 -9.86
N ASN D 109 -10.53 55.85 -10.73
CA ASN D 109 -9.83 57.14 -10.89
C ASN D 109 -9.21 57.62 -9.58
N GLY D 110 -8.77 56.68 -8.74
CA GLY D 110 -8.20 57.05 -7.46
C GLY D 110 -9.21 57.51 -6.45
N GLN D 111 -10.48 57.24 -6.66
CA GLN D 111 -11.56 57.67 -5.77
C GLN D 111 -12.39 56.46 -5.35
N LEU D 112 -12.82 56.46 -4.09
CA LEU D 112 -13.75 55.48 -3.57
C LEU D 112 -15.14 56.11 -3.59
N VAL D 113 -15.86 55.91 -4.69
CA VAL D 113 -17.15 56.55 -4.92
C VAL D 113 -18.24 55.59 -4.46
N GLU D 114 -19.02 56.00 -3.48
CA GLU D 114 -20.06 55.17 -2.90
C GLU D 114 -21.42 55.62 -3.43
N TYR D 115 -22.11 54.72 -4.13
CA TYR D 115 -23.45 54.96 -4.62
C TYR D 115 -24.42 54.36 -3.61
N ARG D 116 -25.05 55.23 -2.82
CA ARG D 116 -25.97 54.77 -1.80
C ARG D 116 -27.30 54.38 -2.42
N TYR D 117 -28.00 53.45 -1.77
CA TYR D 117 -29.23 52.89 -2.32
C TYR D 117 -30.37 53.88 -2.36
N ASP D 118 -30.23 55.04 -1.72
CA ASP D 118 -31.26 56.08 -1.76
C ASP D 118 -31.06 57.06 -2.90
N GLY D 119 -30.07 56.84 -3.77
CA GLY D 119 -29.81 57.72 -4.89
C GLY D 119 -28.74 58.75 -4.67
N THR D 120 -28.16 58.82 -3.47
CA THR D 120 -27.11 59.78 -3.16
C THR D 120 -25.75 59.16 -3.41
N VAL D 121 -24.84 59.94 -4.00
CA VAL D 121 -23.50 59.51 -4.32
C VAL D 121 -22.52 60.33 -3.50
N LYS D 122 -21.66 59.64 -2.74
CA LYS D 122 -20.65 60.28 -1.93
C LYS D 122 -19.26 59.80 -2.33
N THR D 123 -18.24 60.49 -1.81
CA THR D 123 -16.85 60.11 -2.04
C THR D 123 -16.12 60.17 -0.70
N VAL D 124 -15.15 59.27 -0.54
CA VAL D 124 -14.40 59.19 0.70
C VAL D 124 -13.35 60.30 0.72
N SER D 125 -13.47 61.20 1.69
CA SER D 125 -12.52 62.29 1.87
C SER D 125 -12.26 62.46 3.36
N ASN D 126 -11.25 63.28 3.67
CA ASN D 126 -10.91 63.53 5.06
C ASN D 126 -12.07 64.22 5.78
N TRP D 127 -12.08 64.06 7.11
CA TRP D 127 -13.02 64.81 7.92
C TRP D 127 -12.73 66.30 7.79
N PRO D 128 -13.76 67.14 7.84
CA PRO D 128 -13.52 68.58 7.82
C PRO D 128 -12.68 69.01 9.02
N ALA D 129 -11.81 69.99 8.78
CA ALA D 129 -10.90 70.45 9.84
C ALA D 129 -11.65 71.03 11.02
N ASP D 130 -12.92 71.40 10.85
CA ASP D 130 -13.73 71.83 11.98
C ASP D 130 -13.91 70.73 13.00
N SER D 131 -13.84 69.47 12.59
CA SER D 131 -13.85 68.35 13.52
C SER D 131 -12.53 68.27 14.26
N GLY D 132 -12.58 67.64 15.44
CA GLY D 132 -11.38 67.40 16.21
C GLY D 132 -10.73 66.09 15.85
N PHE D 133 -11.11 65.54 14.70
CA PHE D 133 -10.69 64.22 14.27
C PHE D 133 -9.40 64.30 13.46
N THR D 134 -8.75 63.15 13.33
CA THR D 134 -7.44 63.09 12.67
C THR D 134 -7.58 63.31 11.17
N GLN D 135 -6.60 64.00 10.60
CA GLN D 135 -6.49 64.20 9.16
C GLN D 135 -5.37 63.32 8.64
N TYR D 136 -5.64 62.59 7.56
CA TYR D 136 -4.70 61.63 7.01
C TYR D 136 -4.24 62.07 5.62
N GLU D 137 -3.13 61.49 5.18
CA GLU D 137 -2.58 61.77 3.86
C GLU D 137 -3.23 60.86 2.83
N LEU D 138 -4.52 61.12 2.59
CA LEU D 138 -5.29 60.38 1.60
C LEU D 138 -4.81 60.74 0.20
N GLY D 139 -4.03 59.86 -0.43
CA GLY D 139 -3.59 60.08 -1.78
C GLY D 139 -4.56 59.53 -2.80
N SER D 140 -4.09 58.68 -3.70
CA SER D 140 -4.97 58.01 -4.64
C SER D 140 -5.40 56.66 -4.09
N VAL D 141 -6.40 56.07 -4.73
CA VAL D 141 -6.96 54.78 -4.34
C VAL D 141 -6.63 53.77 -5.42
N ARG D 142 -6.09 52.62 -5.02
CA ARG D 142 -5.77 51.55 -5.95
C ARG D 142 -6.79 50.42 -5.91
N ASP D 143 -7.05 49.87 -4.73
CA ASP D 143 -7.97 48.75 -4.58
C ASP D 143 -8.79 48.94 -3.32
N ILE D 144 -10.02 48.43 -3.34
CA ILE D 144 -10.97 48.57 -2.24
C ILE D 144 -11.56 47.21 -1.90
N THR D 145 -12.06 47.10 -0.66
CA THR D 145 -12.72 45.91 -0.17
C THR D 145 -13.57 46.30 1.03
N ARG D 146 -14.38 45.35 1.50
CA ARG D 146 -15.28 45.59 2.63
C ARG D 146 -15.13 44.48 3.65
N LEU D 147 -15.11 44.87 4.94
CA LEU D 147 -15.06 43.89 6.02
C LEU D 147 -15.67 44.50 7.26
N ARG D 148 -16.59 43.75 7.89
CA ARG D 148 -17.19 44.11 9.18
C ARG D 148 -17.68 45.55 9.21
N GLY D 149 -18.37 45.95 8.15
CA GLY D 149 -18.97 47.26 8.09
C GLY D 149 -18.02 48.40 7.78
N ARG D 150 -16.82 48.11 7.30
CA ARG D 150 -15.87 49.16 6.96
C ARG D 150 -15.30 48.91 5.57
N TYR D 151 -15.13 50.00 4.82
CA TYR D 151 -14.38 49.94 3.56
C TYR D 151 -12.90 50.08 3.85
N ALA D 152 -12.11 49.15 3.33
CA ALA D 152 -10.66 49.20 3.43
C ALA D 152 -10.08 49.36 2.04
N TRP D 153 -9.27 50.40 1.85
CA TRP D 153 -8.68 50.68 0.55
C TRP D 153 -7.19 50.94 0.69
N SER D 154 -6.47 50.67 -0.39
CA SER D 154 -5.02 50.81 -0.42
C SER D 154 -4.63 52.08 -1.16
N LYS D 155 -3.73 52.85 -0.56
CA LYS D 155 -3.22 54.07 -1.20
C LYS D 155 -2.24 53.71 -2.29
N ASP D 156 -2.40 54.34 -3.45
CA ASP D 156 -1.66 53.96 -4.66
C ASP D 156 -0.15 54.12 -4.50
N GLY D 157 0.58 53.01 -4.48
CA GLY D 157 2.02 53.05 -4.54
C GLY D 157 2.73 53.50 -3.29
N THR D 158 2.05 53.53 -2.15
CA THR D 158 2.64 54.05 -0.93
C THR D 158 2.53 53.11 0.26
N ASP D 159 2.23 51.83 0.05
CA ASP D 159 2.33 50.78 1.06
C ASP D 159 1.29 50.90 2.18
N SER D 160 0.46 51.92 2.18
CA SER D 160 -0.49 52.17 3.26
C SER D 160 -1.90 51.81 2.84
N TRP D 161 -2.75 51.55 3.84
CA TRP D 161 -4.16 51.31 3.59
C TRP D 161 -4.97 51.91 4.73
N PHE D 162 -6.24 52.19 4.45
CA PHE D 162 -7.11 52.89 5.38
C PHE D 162 -8.46 52.20 5.47
N ILE D 163 -9.12 52.37 6.61
CA ILE D 163 -10.47 51.90 6.83
C ILE D 163 -11.38 53.10 7.04
N THR D 164 -12.67 52.89 6.80
CA THR D 164 -13.66 53.95 6.98
C THR D 164 -14.22 53.90 8.39
N ASP D 165 -14.97 54.93 8.77
CA ASP D 165 -15.60 54.98 10.07
C ASP D 165 -16.80 54.03 10.12
N LEU D 166 -17.14 53.62 11.35
CA LEU D 166 -18.24 52.68 11.52
C LEU D 166 -19.59 53.35 11.28
N GLU D 167 -19.79 54.55 11.82
CA GLU D 167 -21.05 55.26 11.68
C GLU D 167 -21.03 56.28 10.54
N ASP D 168 -19.94 56.36 9.79
CA ASP D 168 -19.87 57.24 8.61
C ASP D 168 -18.87 56.63 7.63
N GLU D 169 -19.39 55.92 6.63
CA GLU D 169 -18.53 55.25 5.67
C GLU D 169 -17.89 56.21 4.67
N SER D 170 -18.32 57.47 4.63
CA SER D 170 -17.80 58.45 3.68
C SER D 170 -16.52 59.11 4.15
N HIS D 171 -16.04 58.77 5.34
CA HIS D 171 -14.83 59.33 5.92
C HIS D 171 -13.98 58.21 6.50
N PRO D 172 -12.67 58.42 6.61
CA PRO D 172 -11.83 57.44 7.32
C PRO D 172 -12.16 57.43 8.81
N ASP D 173 -11.51 56.54 9.57
CA ASP D 173 -11.78 56.46 11.00
C ASP D 173 -11.36 57.75 11.70
N ARG D 174 -12.06 58.07 12.78
CA ARG D 174 -11.81 59.31 13.50
C ARG D 174 -10.39 59.37 14.05
N TYR D 175 -9.91 58.27 14.60
CA TYR D 175 -8.65 58.27 15.33
C TYR D 175 -7.59 57.34 14.74
N SER D 176 -7.98 56.13 14.33
CA SER D 176 -7.01 55.14 13.83
C SER D 176 -7.55 54.55 12.54
N ALA D 177 -7.10 55.10 11.41
CA ALA D 177 -7.48 54.60 10.10
C ALA D 177 -6.31 54.06 9.28
N GLN D 178 -5.12 54.63 9.44
CA GLN D 178 -3.97 54.27 8.61
C GLN D 178 -3.28 53.04 9.17
N TYR D 179 -2.94 52.10 8.27
CA TYR D 179 -2.17 50.92 8.60
C TYR D 179 -1.18 50.66 7.49
N ARG D 180 -0.13 49.92 7.82
CA ARG D 180 0.97 49.71 6.91
C ARG D 180 1.39 48.25 7.01
N ALA D 181 1.69 47.64 5.85
CA ALA D 181 2.13 46.25 5.85
C ALA D 181 3.46 46.10 6.59
N GLU D 182 4.45 46.90 6.20
CA GLU D 182 5.69 47.14 6.93
C GLU D 182 6.67 45.96 6.92
N SER D 183 6.25 44.78 6.47
CA SER D 183 7.20 43.68 6.31
C SER D 183 7.68 43.61 4.87
N GLN D 184 8.04 44.75 4.32
CA GLN D 184 8.39 44.90 2.92
C GLN D 184 8.88 46.33 2.66
N PRO D 185 9.85 46.51 1.78
CA PRO D 185 10.20 47.88 1.38
C PRO D 185 9.05 48.64 0.71
N ASP D 186 8.19 47.95 -0.05
CA ASP D 186 7.07 48.60 -0.70
C ASP D 186 6.17 47.53 -1.33
N GLY D 187 4.97 47.96 -1.74
CA GLY D 187 4.04 47.10 -2.44
C GLY D 187 2.71 46.91 -1.73
N ILE D 188 1.66 47.53 -2.27
CA ILE D 188 0.30 47.36 -1.76
C ILE D 188 -0.66 47.04 -2.90
N ILE D 189 -0.14 46.38 -3.93
CA ILE D 189 -0.77 46.20 -5.25
C ILE D 189 -2.26 45.93 -5.19
N GLY D 190 -2.69 45.05 -4.29
CA GLY D 190 -4.10 44.71 -4.18
C GLY D 190 -4.52 44.54 -2.74
N ILE D 191 -5.83 44.51 -2.52
CA ILE D 191 -6.40 44.34 -1.19
C ILE D 191 -7.65 43.46 -1.31
N GLY D 192 -7.86 42.62 -0.30
CA GLY D 192 -9.00 41.74 -0.27
C GLY D 192 -9.36 41.29 1.14
N THR D 193 -10.31 40.38 1.26
CA THR D 193 -10.70 39.82 2.55
C THR D 193 -10.86 38.31 2.40
N TRP D 194 -10.07 37.53 3.14
CA TRP D 194 -10.11 36.08 2.98
C TRP D 194 -11.24 35.45 3.81
N ARG D 195 -11.10 35.46 5.13
CA ARG D 195 -12.16 34.98 6.00
C ARG D 195 -12.66 36.06 6.95
N ASP D 196 -11.78 36.59 7.80
CA ASP D 196 -12.06 37.73 8.65
C ASP D 196 -10.82 38.63 8.73
N PHE D 197 -9.96 38.53 7.72
CA PHE D 197 -8.71 39.25 7.67
C PHE D 197 -8.72 40.21 6.49
N ILE D 198 -8.11 41.37 6.68
CA ILE D 198 -7.75 42.23 5.55
C ILE D 198 -6.44 41.69 4.99
N VAL D 199 -6.46 41.29 3.72
CA VAL D 199 -5.30 40.74 3.05
C VAL D 199 -4.73 41.80 2.13
N CYS D 200 -3.47 42.14 2.35
CA CYS D 200 -2.75 43.13 1.55
C CYS D 200 -1.78 42.37 0.67
N PHE D 201 -2.04 42.37 -0.63
CA PHE D 201 -1.20 41.68 -1.61
C PHE D 201 -0.23 42.70 -2.18
N GLY D 202 1.02 42.63 -1.76
CA GLY D 202 2.07 43.45 -2.31
C GLY D 202 2.85 42.71 -3.37
N SER D 203 4.06 43.20 -3.63
CA SER D 203 5.04 42.46 -4.42
C SER D 203 6.05 41.86 -3.45
N SER D 204 6.25 40.54 -3.54
CA SER D 204 7.10 39.71 -2.70
C SER D 204 6.49 39.42 -1.34
N THR D 205 5.30 39.95 -1.02
CA THR D 205 4.66 39.65 0.26
C THR D 205 3.15 39.62 0.08
N ILE D 206 2.50 38.81 0.91
CA ILE D 206 1.06 38.87 1.14
C ILE D 206 0.84 38.86 2.64
N GLU D 207 0.19 39.89 3.16
CA GLU D 207 0.05 40.08 4.60
C GLU D 207 -1.41 39.99 5.03
N TYR D 208 -1.62 39.58 6.28
CA TYR D 208 -2.94 39.37 6.85
C TYR D 208 -3.10 40.24 8.09
N PHE D 209 -4.26 40.88 8.23
CA PHE D 209 -4.56 41.73 9.37
C PHE D 209 -5.88 41.31 9.99
N SER D 210 -5.89 41.15 11.30
CA SER D 210 -7.10 40.80 12.04
C SER D 210 -7.47 41.92 12.99
N LEU D 211 -8.76 41.98 13.34
CA LEU D 211 -9.25 43.02 14.24
C LEU D 211 -8.72 42.81 15.65
N THR D 212 -8.23 43.88 16.26
CA THR D 212 -7.69 43.81 17.61
C THR D 212 -8.78 43.73 18.67
N GLY D 213 -9.91 44.40 18.45
CA GLY D 213 -10.92 44.54 19.47
C GLY D 213 -10.67 45.65 20.47
N ALA D 214 -9.69 46.51 20.22
CA ALA D 214 -9.37 47.60 21.13
C ALA D 214 -10.53 48.59 21.20
N THR D 215 -10.65 49.25 22.36
CA THR D 215 -11.72 50.19 22.61
C THR D 215 -11.25 51.62 22.82
N THR D 216 -10.03 51.83 23.32
CA THR D 216 -9.55 53.18 23.55
C THR D 216 -9.31 53.91 22.23
N ALA D 217 -9.54 55.22 22.25
CA ALA D 217 -9.38 56.03 21.06
C ALA D 217 -7.91 56.13 20.66
N GLY D 218 -7.65 56.03 19.37
CA GLY D 218 -6.31 56.12 18.84
C GLY D 218 -5.57 54.80 18.74
N ALA D 219 -6.05 53.75 19.42
CA ALA D 219 -5.40 52.45 19.35
C ALA D 219 -5.67 51.80 18.00
N ALA D 220 -4.74 50.96 17.58
CA ALA D 220 -4.86 50.28 16.29
C ALA D 220 -6.02 49.29 16.32
N LEU D 221 -6.89 49.37 15.32
CA LEU D 221 -8.01 48.45 15.20
C LEU D 221 -7.66 47.18 14.43
N TYR D 222 -6.48 47.13 13.81
CA TYR D 222 -6.03 45.96 13.07
C TYR D 222 -4.58 45.66 13.43
N VAL D 223 -4.26 44.37 13.49
CA VAL D 223 -2.92 43.90 13.80
C VAL D 223 -2.53 42.84 12.78
N ALA D 224 -1.28 42.90 12.32
CA ALA D 224 -0.80 41.95 11.34
C ALA D 224 -0.60 40.58 11.97
N GLN D 225 -0.85 39.53 11.18
CA GLN D 225 -0.64 38.15 11.59
C GLN D 225 0.55 37.61 10.82
N PRO D 226 1.78 37.74 11.35
CA PRO D 226 2.96 37.30 10.59
C PRO D 226 3.02 35.80 10.37
N SER D 227 2.30 35.01 11.16
CA SER D 227 2.32 33.56 10.98
C SER D 227 1.58 33.13 9.72
N LEU D 228 0.68 33.96 9.20
CA LEU D 228 -0.10 33.66 8.01
C LEU D 228 0.46 34.28 6.74
N MET D 229 1.59 34.98 6.83
CA MET D 229 2.09 35.77 5.70
C MET D 229 2.72 34.87 4.65
N VAL D 230 2.49 35.20 3.39
CA VAL D 230 3.03 34.47 2.24
C VAL D 230 4.17 35.29 1.65
N GLN D 231 5.28 34.61 1.36
CA GLN D 231 6.47 35.27 0.79
C GLN D 231 6.42 35.28 -0.73
N LYS D 232 5.36 35.90 -1.25
CA LYS D 232 5.17 36.02 -2.69
C LYS D 232 4.17 37.13 -2.95
N GLY D 233 4.34 37.80 -4.09
CA GLY D 233 3.51 38.92 -4.46
C GLY D 233 2.55 38.60 -5.60
N ILE D 234 1.87 39.65 -6.06
CA ILE D 234 0.94 39.54 -7.18
C ILE D 234 1.37 40.51 -8.27
N ALA D 235 1.11 40.14 -9.52
CA ALA D 235 1.59 40.90 -10.66
C ALA D 235 0.85 42.22 -10.83
N GLY D 236 -0.48 42.17 -10.73
CA GLY D 236 -1.31 43.35 -10.89
C GLY D 236 -2.41 43.39 -9.86
N THR D 237 -3.14 44.50 -9.85
CA THR D 237 -4.18 44.70 -8.85
C THR D 237 -5.33 43.71 -9.01
N TYR D 238 -5.64 43.32 -10.25
CA TYR D 238 -6.74 42.39 -10.52
C TYR D 238 -6.22 41.01 -10.92
N CYS D 239 -5.05 40.63 -10.41
CA CYS D 239 -4.42 39.34 -10.67
C CYS D 239 -4.66 38.37 -9.52
N LYS D 240 -5.83 38.42 -8.91
CA LYS D 240 -6.12 37.65 -7.70
C LYS D 240 -7.62 37.44 -7.58
N THR D 241 -8.02 36.25 -7.14
CA THR D 241 -9.42 35.94 -6.86
C THR D 241 -9.52 34.89 -5.77
N PRO D 242 -10.54 34.95 -4.93
CA PRO D 242 -10.81 33.83 -4.02
C PRO D 242 -11.30 32.61 -4.79
N PHE D 243 -10.50 31.56 -4.87
CA PHE D 243 -10.78 30.45 -5.78
C PHE D 243 -11.56 29.32 -5.11
N ALA D 244 -10.97 28.67 -4.09
CA ALA D 244 -11.63 27.57 -3.42
C ALA D 244 -11.95 27.90 -1.96
N ASP D 245 -10.94 28.19 -1.15
CA ASP D 245 -11.16 28.76 0.16
C ASP D 245 -10.09 29.79 0.50
N SER D 246 -9.21 30.09 -0.44
CA SER D 246 -8.15 31.07 -0.26
C SER D 246 -8.02 31.82 -1.58
N TYR D 247 -6.92 32.56 -1.76
CA TYR D 247 -6.73 33.37 -2.94
C TYR D 247 -5.80 32.67 -3.93
N ALA D 248 -6.24 32.59 -5.19
CA ALA D 248 -5.38 32.25 -6.30
C ALA D 248 -4.90 33.54 -6.96
N PHE D 249 -3.64 33.56 -7.37
CA PHE D 249 -3.04 34.77 -7.89
C PHE D 249 -1.93 34.43 -8.87
N ILE D 250 -1.45 35.46 -9.56
CA ILE D 250 -0.30 35.39 -10.44
C ILE D 250 0.83 36.20 -9.80
N SER D 251 1.99 35.59 -9.66
CA SER D 251 3.08 36.23 -8.93
C SER D 251 3.72 37.33 -9.77
N HIS D 252 4.42 38.22 -9.08
CA HIS D 252 5.16 39.38 -9.54
C HIS D 252 6.56 38.98 -10.02
N PRO D 253 7.13 39.72 -10.97
CA PRO D 253 8.53 39.48 -11.36
C PRO D 253 9.52 39.73 -10.25
N ALA D 254 9.11 40.35 -9.14
CA ALA D 254 10.00 40.59 -8.01
C ALA D 254 10.45 39.31 -7.34
N THR D 255 9.82 38.17 -7.64
CA THR D 255 10.18 36.89 -7.05
C THR D 255 10.58 35.87 -8.11
N GLY D 256 10.85 36.31 -9.32
CA GLY D 256 11.23 35.43 -10.41
C GLY D 256 10.20 35.41 -11.52
N ALA D 257 10.31 34.39 -12.37
CA ALA D 257 9.36 34.23 -13.46
C ALA D 257 7.98 33.93 -12.90
N PRO D 258 6.95 34.65 -13.32
CA PRO D 258 5.62 34.49 -12.72
C PRO D 258 4.98 33.14 -13.07
N SER D 259 4.09 32.71 -12.20
CA SER D 259 3.22 31.57 -12.44
C SER D 259 1.92 31.78 -11.66
N VAL D 260 1.14 30.72 -11.53
CA VAL D 260 -0.18 30.79 -10.87
C VAL D 260 -0.11 29.98 -9.59
N TYR D 261 -0.53 30.59 -8.48
CA TYR D 261 -0.46 29.99 -7.17
C TYR D 261 -1.82 30.05 -6.48
N ILE D 262 -2.03 29.13 -5.55
CA ILE D 262 -3.12 29.20 -4.58
C ILE D 262 -2.51 29.24 -3.19
N ILE D 263 -2.99 30.18 -2.36
CA ILE D 263 -2.45 30.34 -1.01
C ILE D 263 -2.89 29.16 -0.15
N GLY D 264 -1.95 28.56 0.56
CA GLY D 264 -2.26 27.50 1.51
C GLY D 264 -2.35 28.03 2.92
N SER D 265 -1.33 27.73 3.74
CA SER D 265 -1.24 28.25 5.11
C SER D 265 0.17 28.80 5.28
N GLY D 266 0.34 30.08 4.96
CA GLY D 266 1.65 30.69 4.97
C GLY D 266 2.50 30.40 3.76
N GLN D 267 1.99 29.63 2.81
CA GLN D 267 2.73 29.23 1.63
C GLN D 267 1.80 29.28 0.43
N ALA D 268 2.39 29.30 -0.76
CA ALA D 268 1.66 29.30 -2.01
C ALA D 268 2.02 28.04 -2.81
N SER D 269 1.00 27.31 -3.24
CA SER D 269 1.17 26.10 -4.03
C SER D 269 1.02 26.44 -5.51
N PRO D 270 2.00 26.09 -6.34
CA PRO D 270 1.91 26.40 -7.77
C PRO D 270 0.82 25.61 -8.46
N ILE D 271 0.20 26.25 -9.44
CA ILE D 271 -0.85 25.62 -10.23
C ILE D 271 -0.55 25.60 -11.73
N ALA D 272 0.20 26.57 -12.23
CA ALA D 272 0.52 26.62 -13.65
C ALA D 272 1.56 25.56 -14.01
N THR D 273 1.42 24.98 -15.19
CA THR D 273 2.39 24.04 -15.72
C THR D 273 3.47 24.79 -16.49
N ALA D 274 4.41 24.05 -17.06
CA ALA D 274 5.53 24.69 -17.77
C ALA D 274 5.05 25.49 -18.97
N SER D 275 4.06 24.96 -19.70
CA SER D 275 3.53 25.68 -20.85
C SER D 275 2.76 26.92 -20.43
N ILE D 276 2.02 26.86 -19.32
CA ILE D 276 1.33 28.04 -18.82
C ILE D 276 2.33 29.10 -18.39
N GLU D 277 3.42 28.67 -17.75
CA GLU D 277 4.48 29.60 -17.36
C GLU D 277 5.13 30.23 -18.59
N LYS D 278 5.34 29.45 -19.65
CA LYS D 278 5.87 30.02 -20.89
C LYS D 278 4.91 31.05 -21.48
N ILE D 279 3.61 30.75 -21.47
CA ILE D 279 2.62 31.69 -21.98
C ILE D 279 2.66 32.98 -21.18
N ILE D 280 2.75 32.87 -19.86
CA ILE D 280 2.84 34.06 -19.01
C ILE D 280 4.11 34.84 -19.30
N ARG D 281 5.23 34.13 -19.45
CA ARG D 281 6.52 34.76 -19.73
C ARG D 281 6.54 35.44 -21.10
N SER D 282 5.66 35.04 -22.01
CA SER D 282 5.57 35.72 -23.30
C SER D 282 5.10 37.16 -23.17
N TYR D 283 4.55 37.55 -22.02
CA TYR D 283 4.09 38.91 -21.78
C TYR D 283 5.11 39.68 -20.97
N THR D 284 5.22 40.98 -21.25
CA THR D 284 6.10 41.86 -20.50
C THR D 284 5.54 42.05 -19.08
N ALA D 285 6.24 42.87 -18.29
CA ALA D 285 5.70 43.24 -16.97
C ALA D 285 4.38 43.98 -17.13
N GLU D 286 4.32 44.93 -18.06
CA GLU D 286 3.04 45.41 -18.55
C GLU D 286 2.45 44.37 -19.51
N GLU D 287 1.14 44.44 -19.70
CA GLU D 287 0.26 43.44 -20.31
C GLU D 287 0.09 42.23 -19.40
N MET D 288 0.84 42.15 -18.29
CA MET D 288 0.62 41.13 -17.27
C MET D 288 -0.07 41.70 -16.04
N ALA D 289 0.19 42.97 -15.72
CA ALA D 289 -0.56 43.66 -14.68
C ALA D 289 -1.96 44.06 -15.13
N THR D 290 -2.25 43.95 -16.42
CA THR D 290 -3.58 44.22 -16.95
C THR D 290 -4.43 42.96 -17.05
N GLY D 291 -3.89 41.80 -16.66
CA GLY D 291 -4.68 40.59 -16.68
C GLY D 291 -5.73 40.59 -15.59
N VAL D 292 -6.83 39.87 -15.83
CA VAL D 292 -7.97 39.83 -14.94
C VAL D 292 -8.28 38.39 -14.59
N MET D 293 -8.43 38.09 -13.30
CA MET D 293 -8.74 36.75 -12.85
C MET D 293 -10.18 36.68 -12.36
N GLU D 294 -10.82 35.55 -12.61
CA GLU D 294 -12.21 35.34 -12.23
C GLU D 294 -12.40 33.87 -11.86
N THR D 295 -13.54 33.58 -11.24
CA THR D 295 -13.90 32.23 -10.83
C THR D 295 -15.31 31.90 -11.30
N LEU D 296 -15.48 30.68 -11.83
CA LEU D 296 -16.78 30.18 -12.25
C LEU D 296 -17.06 28.84 -11.59
N ARG D 297 -18.36 28.52 -11.47
CA ARG D 297 -18.79 27.31 -10.79
C ARG D 297 -20.08 26.85 -11.47
N PHE D 298 -20.05 25.67 -12.09
CA PHE D 298 -21.27 25.09 -12.63
C PHE D 298 -21.05 23.63 -12.98
N ASP D 299 -22.01 22.78 -12.60
CA ASP D 299 -21.99 21.35 -12.89
C ASP D 299 -20.73 20.69 -12.36
N SER D 300 -20.44 20.92 -11.07
CA SER D 300 -19.25 20.46 -10.39
C SER D 300 -17.96 20.99 -11.03
N HIS D 301 -18.08 21.90 -11.99
CA HIS D 301 -16.93 22.55 -12.62
C HIS D 301 -16.52 23.75 -11.78
N GLU D 302 -15.25 23.78 -11.37
CA GLU D 302 -14.67 24.84 -10.58
C GLU D 302 -13.59 25.50 -11.43
N LEU D 303 -13.98 26.48 -12.23
CA LEU D 303 -13.08 27.08 -13.21
C LEU D 303 -12.41 28.33 -12.66
N LEU D 304 -11.13 28.48 -12.96
CA LEU D 304 -10.36 29.68 -12.67
C LEU D 304 -9.93 30.28 -14.00
N ILE D 305 -10.44 31.46 -14.32
CA ILE D 305 -10.26 32.08 -15.63
C ILE D 305 -9.27 33.22 -15.49
N ILE D 306 -8.33 33.29 -16.43
CA ILE D 306 -7.34 34.36 -16.48
C ILE D 306 -7.40 34.98 -17.85
N HIS D 307 -7.71 36.27 -17.92
CA HIS D 307 -7.77 37.02 -19.15
C HIS D 307 -6.47 37.82 -19.30
N LEU D 308 -5.75 37.53 -20.37
CA LEU D 308 -4.58 38.27 -20.82
C LEU D 308 -4.89 38.94 -22.15
N PRO D 309 -4.07 39.90 -22.58
CA PRO D 309 -4.35 40.58 -23.86
C PRO D 309 -4.38 39.65 -25.06
N ARG D 310 -3.75 38.48 -24.98
CA ARG D 310 -3.76 37.55 -26.10
C ARG D 310 -4.18 36.13 -25.74
N HIS D 311 -4.35 35.81 -24.46
CA HIS D 311 -4.72 34.47 -24.05
C HIS D 311 -5.76 34.54 -22.94
N VAL D 312 -6.79 33.69 -23.05
CA VAL D 312 -7.72 33.44 -21.96
C VAL D 312 -7.52 31.98 -21.54
N LEU D 313 -7.00 31.78 -20.33
CA LEU D 313 -6.63 30.46 -19.85
C LEU D 313 -7.54 30.05 -18.70
N VAL D 314 -8.11 28.85 -18.79
CA VAL D 314 -9.05 28.34 -17.79
C VAL D 314 -8.45 27.10 -17.15
N TYR D 315 -8.39 27.10 -15.82
CA TYR D 315 -7.90 25.97 -15.04
C TYR D 315 -9.08 25.31 -14.33
N ASP D 316 -9.19 23.99 -14.48
CA ASP D 316 -10.26 23.24 -13.85
C ASP D 316 -9.73 22.51 -12.62
N ALA D 317 -10.22 22.89 -11.45
CA ALA D 317 -9.79 22.24 -10.21
C ALA D 317 -10.42 20.88 -10.01
N SER D 318 -11.60 20.65 -10.58
CA SER D 318 -12.33 19.41 -10.41
C SER D 318 -11.93 18.33 -11.40
N SER D 319 -10.98 18.62 -12.29
CA SER D 319 -10.52 17.65 -13.28
C SER D 319 -9.00 17.66 -13.35
N SER D 320 -8.35 17.81 -12.20
CA SER D 320 -6.89 17.93 -12.12
C SER D 320 -6.29 16.74 -11.36
N GLN D 321 -6.78 15.54 -11.67
CA GLN D 321 -6.29 14.33 -11.01
C GLN D 321 -5.03 13.76 -11.66
N ASN D 322 -4.65 14.26 -12.83
CA ASN D 322 -3.42 13.84 -13.51
C ASN D 322 -2.47 15.00 -13.69
N GLY D 323 -2.52 15.97 -12.78
CA GLY D 323 -1.82 17.23 -12.95
C GLY D 323 -2.82 18.33 -13.27
N PRO D 324 -2.35 19.58 -13.29
CA PRO D 324 -3.25 20.70 -13.58
C PRO D 324 -3.89 20.56 -14.96
N GLN D 325 -5.17 20.91 -15.04
CA GLN D 325 -5.94 20.83 -16.27
C GLN D 325 -6.24 22.23 -16.76
N TRP D 326 -5.67 22.59 -17.91
CA TRP D 326 -5.78 23.92 -18.48
C TRP D 326 -6.36 23.84 -19.89
N CYS D 327 -7.13 24.86 -20.25
CA CYS D 327 -7.70 24.97 -21.58
C CYS D 327 -7.69 26.44 -22.00
N VAL D 328 -7.94 26.66 -23.29
CA VAL D 328 -7.91 27.99 -23.89
C VAL D 328 -9.31 28.37 -24.32
N LEU D 329 -9.74 29.58 -23.97
CA LEU D 329 -10.98 30.15 -24.44
C LEU D 329 -10.68 31.21 -25.49
N LYS D 330 -11.46 31.21 -26.58
CA LYS D 330 -11.23 32.16 -27.66
C LYS D 330 -12.53 32.39 -28.42
N THR D 331 -12.54 33.50 -29.17
CA THR D 331 -13.63 33.85 -30.05
C THR D 331 -13.12 33.86 -31.49
N GLY D 332 -13.92 33.32 -32.40
CA GLY D 332 -13.52 33.27 -33.80
C GLY D 332 -12.77 32.00 -34.15
N LEU D 333 -12.10 32.06 -35.30
CA LEU D 333 -11.39 30.91 -35.85
C LEU D 333 -9.89 31.10 -35.94
N TYR D 334 -9.36 32.24 -35.50
CA TYR D 334 -7.95 32.57 -35.67
C TYR D 334 -7.36 33.12 -34.38
N ASP D 335 -7.57 32.39 -33.29
CA ASP D 335 -6.98 32.65 -31.96
C ASP D 335 -7.22 34.08 -31.48
N ASP D 336 -8.31 34.70 -31.91
CA ASP D 336 -8.72 35.97 -31.32
C ASP D 336 -9.16 35.74 -29.88
N VAL D 337 -8.85 36.70 -29.01
CA VAL D 337 -9.06 36.51 -27.58
C VAL D 337 -10.55 36.33 -27.29
N TYR D 338 -10.84 35.62 -26.20
CA TYR D 338 -12.22 35.37 -25.81
C TYR D 338 -12.90 36.66 -25.39
N ARG D 339 -14.14 36.83 -25.84
CA ARG D 339 -14.86 38.08 -25.59
C ARG D 339 -15.62 38.09 -24.27
N GLY D 340 -15.95 36.93 -23.72
CA GLY D 340 -16.65 36.89 -22.45
C GLY D 340 -15.75 37.35 -21.31
N VAL D 341 -16.35 38.05 -20.36
CA VAL D 341 -15.63 38.57 -19.20
C VAL D 341 -16.65 38.93 -18.13
N ASP D 342 -16.20 38.97 -16.87
CA ASP D 342 -17.04 39.37 -15.74
C ASP D 342 -18.24 38.44 -15.59
N PHE D 343 -17.95 37.17 -15.37
CA PHE D 343 -19.00 36.18 -15.14
C PHE D 343 -19.57 36.31 -13.74
N MET D 344 -20.87 36.06 -13.63
CA MET D 344 -21.56 36.15 -12.34
C MET D 344 -22.84 35.34 -12.41
N TYR D 345 -23.06 34.48 -11.41
CA TYR D 345 -24.28 33.70 -11.35
C TYR D 345 -25.36 34.49 -10.62
N GLU D 346 -26.50 34.68 -11.27
CA GLU D 346 -27.65 35.32 -10.65
C GLU D 346 -28.91 34.56 -11.02
N GLY D 347 -29.85 34.48 -10.09
CA GLY D 347 -31.06 33.71 -10.31
C GLY D 347 -30.73 32.24 -10.56
N ASN D 348 -30.89 31.81 -11.82
CA ASN D 348 -30.46 30.48 -12.23
C ASN D 348 -29.61 30.53 -13.51
N GLN D 349 -29.00 31.67 -13.81
CA GLN D 349 -28.25 31.85 -15.04
C GLN D 349 -26.90 32.50 -14.74
N ILE D 350 -25.91 32.13 -15.54
CA ILE D 350 -24.60 32.78 -15.50
C ILE D 350 -24.59 33.88 -16.56
N THR D 351 -24.22 35.09 -16.14
CA THR D 351 -24.28 36.29 -16.96
C THR D 351 -22.88 36.88 -17.07
N CYS D 352 -22.53 37.35 -18.27
CA CYS D 352 -21.20 37.88 -18.53
C CYS D 352 -21.30 39.23 -19.21
N GLY D 353 -20.18 39.97 -19.17
CA GLY D 353 -20.03 41.18 -19.93
C GLY D 353 -19.36 40.92 -21.27
N ASP D 354 -18.88 42.00 -21.89
CA ASP D 354 -18.21 41.89 -23.17
C ASP D 354 -16.97 42.78 -23.17
N LYS D 355 -15.96 42.35 -23.91
CA LYS D 355 -14.71 43.09 -24.04
C LYS D 355 -14.67 44.01 -25.26
N SER D 356 -15.58 43.83 -26.20
CA SER D 356 -15.54 44.58 -27.45
C SER D 356 -16.84 45.30 -27.76
N GLU D 357 -17.98 44.77 -27.32
CA GLU D 357 -19.27 45.36 -27.60
C GLU D 357 -19.95 45.79 -26.31
N ALA D 358 -20.95 46.65 -26.45
CA ALA D 358 -21.71 47.18 -25.32
C ALA D 358 -22.96 46.33 -25.07
N VAL D 359 -22.72 45.05 -24.74
CA VAL D 359 -23.77 44.07 -24.56
C VAL D 359 -23.47 43.21 -23.35
N VAL D 360 -24.43 42.36 -23.01
CA VAL D 360 -24.34 41.41 -21.91
C VAL D 360 -24.88 40.08 -22.41
N GLY D 361 -24.27 38.97 -21.96
CA GLY D 361 -24.72 37.65 -22.33
C GLY D 361 -25.26 36.88 -21.12
N GLN D 362 -25.80 35.69 -21.42
CA GLN D 362 -26.32 34.85 -20.35
C GLN D 362 -25.92 33.38 -20.46
N LEU D 363 -24.97 33.03 -21.32
CA LEU D 363 -24.26 31.75 -21.28
C LEU D 363 -25.22 30.56 -21.39
N GLN D 364 -25.84 30.45 -22.57
CA GLN D 364 -26.72 29.32 -22.85
C GLN D 364 -25.93 28.02 -22.93
N PHE D 365 -26.60 26.91 -22.61
CA PHE D 365 -25.93 25.62 -22.46
C PHE D 365 -26.19 24.64 -23.59
N ASP D 366 -27.24 24.82 -24.39
CA ASP D 366 -27.53 23.93 -25.50
C ASP D 366 -26.99 24.45 -26.82
N ILE D 367 -26.11 25.47 -26.77
CA ILE D 367 -25.44 26.00 -27.95
C ILE D 367 -23.96 26.12 -27.63
N SER D 368 -23.17 26.44 -28.64
CA SER D 368 -21.76 26.76 -28.46
C SER D 368 -21.37 28.03 -29.20
N SER D 369 -22.33 28.71 -29.81
CA SER D 369 -22.05 29.95 -30.52
C SER D 369 -22.06 31.13 -29.55
N GLN D 370 -21.23 32.13 -29.86
CA GLN D 370 -21.17 33.36 -29.08
C GLN D 370 -21.85 34.46 -29.90
N TYR D 371 -23.04 34.87 -29.45
CA TYR D 371 -23.85 35.86 -30.15
C TYR D 371 -24.12 35.43 -31.59
N ASP D 372 -24.61 34.21 -31.74
CA ASP D 372 -25.00 33.62 -33.01
C ASP D 372 -23.85 33.44 -33.99
N LYS D 373 -22.62 33.35 -33.49
CA LYS D 373 -21.44 33.18 -34.32
C LYS D 373 -20.82 31.81 -34.05
N GLN D 374 -20.63 31.03 -35.10
CA GLN D 374 -20.07 29.69 -34.95
C GLN D 374 -18.64 29.75 -34.44
N GLN D 375 -18.30 28.82 -33.56
CA GLN D 375 -17.03 28.84 -32.85
C GLN D 375 -16.22 27.57 -33.14
N GLU D 376 -14.94 27.63 -32.80
CA GLU D 376 -13.97 26.60 -33.12
C GLU D 376 -13.52 25.91 -31.84
N HIS D 377 -13.43 24.58 -31.90
CA HIS D 377 -13.05 23.74 -30.77
C HIS D 377 -11.94 22.79 -31.22
N LEU D 378 -10.91 22.64 -30.39
CA LEU D 378 -9.73 21.85 -30.74
C LEU D 378 -9.48 20.78 -29.68
N LEU D 379 -9.03 19.62 -30.13
CA LEU D 379 -8.71 18.51 -29.23
C LEU D 379 -7.51 17.76 -29.77
N PHE D 380 -6.34 18.02 -29.21
CA PHE D 380 -5.10 17.42 -29.68
C PHE D 380 -4.76 16.18 -28.86
N THR D 381 -4.12 15.21 -29.51
CA THR D 381 -3.61 14.04 -28.82
C THR D 381 -2.09 14.14 -28.69
N PRO D 382 -1.51 13.58 -27.63
CA PRO D 382 -0.06 13.63 -27.47
C PRO D 382 0.66 12.80 -28.52
N LEU D 383 1.90 13.19 -28.79
CA LEU D 383 2.73 12.44 -29.72
C LEU D 383 3.15 11.10 -29.11
N PHE D 384 3.25 10.08 -29.96
CA PHE D 384 3.75 8.80 -29.52
C PHE D 384 4.57 8.17 -30.63
N LYS D 385 5.49 7.29 -30.24
CA LYS D 385 6.41 6.62 -31.17
C LYS D 385 5.81 5.28 -31.57
N ALA D 386 5.48 5.15 -32.85
CA ALA D 386 4.82 3.95 -33.38
C ALA D 386 5.47 3.54 -34.71
N ASP D 387 6.80 3.43 -34.71
CA ASP D 387 7.55 3.10 -35.91
C ASP D 387 6.94 1.90 -36.64
N ASN D 388 6.52 2.12 -37.88
CA ASN D 388 5.95 1.08 -38.75
C ASN D 388 4.70 0.45 -38.12
N ALA D 389 3.71 1.30 -37.84
CA ALA D 389 2.50 0.84 -37.16
C ALA D 389 1.34 0.54 -38.10
N ARG D 390 1.06 1.43 -39.07
CA ARG D 390 -0.03 1.24 -40.02
C ARG D 390 -1.38 1.12 -39.28
N CYS D 391 -1.77 2.24 -38.67
CA CYS D 391 -2.97 2.30 -37.85
C CYS D 391 -4.24 2.34 -38.70
N PHE D 392 -5.33 1.90 -38.10
CA PHE D 392 -6.64 1.89 -38.73
C PHE D 392 -7.70 2.28 -37.72
N ASP D 393 -8.91 2.54 -38.23
CA ASP D 393 -10.13 2.66 -37.43
C ASP D 393 -9.98 3.71 -36.32
N LEU D 394 -9.82 4.96 -36.74
CA LEU D 394 -9.81 6.09 -35.80
C LEU D 394 -11.25 6.44 -35.48
N GLU D 395 -11.71 6.05 -34.29
CA GLU D 395 -13.08 6.24 -33.87
C GLU D 395 -13.12 7.08 -32.59
N VAL D 396 -14.10 7.97 -32.52
CA VAL D 396 -14.37 8.76 -31.33
C VAL D 396 -15.86 8.65 -31.02
N GLU D 397 -16.19 8.81 -29.74
CA GLU D 397 -17.58 8.75 -29.28
C GLU D 397 -18.08 10.18 -29.09
N SER D 398 -19.19 10.50 -29.76
CA SER D 398 -19.82 11.81 -29.64
C SER D 398 -21.30 11.63 -29.31
N SER D 399 -21.83 12.55 -28.50
CA SER D 399 -23.24 12.57 -28.18
C SER D 399 -23.91 13.57 -29.12
N THR D 400 -24.62 13.06 -30.11
CA THR D 400 -25.23 13.86 -31.16
C THR D 400 -26.72 14.07 -30.86
N GLY D 401 -27.37 14.84 -31.71
CA GLY D 401 -28.80 15.03 -31.61
C GLY D 401 -29.25 16.47 -31.45
N VAL D 402 -28.49 17.26 -30.68
CA VAL D 402 -28.83 18.65 -30.43
C VAL D 402 -27.96 19.48 -31.38
N ALA D 403 -28.50 19.75 -32.56
CA ALA D 403 -27.78 20.49 -33.58
C ALA D 403 -28.79 21.10 -34.55
N GLN D 404 -28.35 22.14 -35.25
CA GLN D 404 -29.13 22.75 -36.31
C GLN D 404 -28.59 22.45 -37.69
N TYR D 405 -27.43 21.80 -37.78
CA TYR D 405 -26.84 21.41 -39.05
C TYR D 405 -26.01 20.16 -38.82
N ALA D 406 -25.84 19.37 -39.89
CA ALA D 406 -24.98 18.20 -39.83
C ALA D 406 -23.52 18.66 -39.80
N ASP D 407 -23.11 19.24 -38.69
CA ASP D 407 -21.78 19.83 -38.58
C ASP D 407 -20.71 18.77 -38.66
N ARG D 408 -19.55 19.17 -39.16
CA ARG D 408 -18.49 18.24 -39.51
C ARG D 408 -17.25 18.47 -38.64
N LEU D 409 -16.24 17.65 -38.88
CA LEU D 409 -15.01 17.57 -38.12
C LEU D 409 -13.84 17.56 -39.08
N PHE D 410 -12.83 18.39 -38.81
CA PHE D 410 -11.60 18.38 -39.58
C PHE D 410 -10.58 17.53 -38.82
N LEU D 411 -10.15 16.44 -39.44
CA LEU D 411 -9.24 15.49 -38.82
C LEU D 411 -7.94 15.48 -39.61
N SER D 412 -6.83 15.81 -38.93
CA SER D 412 -5.52 15.83 -39.55
C SER D 412 -4.53 15.13 -38.63
N ALA D 413 -3.35 14.85 -39.16
CA ALA D 413 -2.30 14.19 -38.41
C ALA D 413 -0.98 14.92 -38.62
N THR D 414 -0.19 14.99 -37.55
CA THR D 414 1.15 15.57 -37.62
C THR D 414 2.17 14.46 -37.39
N THR D 415 3.30 14.54 -38.10
CA THR D 415 4.36 13.57 -37.96
C THR D 415 5.64 14.18 -37.40
N ASP D 416 5.69 15.50 -37.23
CA ASP D 416 6.84 16.17 -36.65
C ASP D 416 6.50 16.93 -35.38
N GLY D 417 5.23 17.04 -35.01
CA GLY D 417 4.81 17.76 -33.82
C GLY D 417 4.47 19.22 -34.03
N ILE D 418 4.71 19.76 -35.23
CA ILE D 418 4.48 21.17 -35.49
C ILE D 418 3.49 21.34 -36.63
N ASN D 419 3.81 20.77 -37.79
CA ASN D 419 3.01 20.93 -39.00
C ASN D 419 2.02 19.78 -39.12
N TYR D 420 0.76 20.12 -39.39
CA TYR D 420 -0.28 19.14 -39.63
C TYR D 420 -0.53 19.02 -41.13
N GLY D 421 -0.98 17.84 -41.54
CA GLY D 421 -1.14 17.51 -42.94
C GLY D 421 -2.56 17.66 -43.43
N ARG D 422 -3.00 16.68 -44.22
CA ARG D 422 -4.32 16.72 -44.84
C ARG D 422 -5.43 16.68 -43.80
N GLU D 423 -6.45 17.50 -44.01
CA GLU D 423 -7.65 17.50 -43.17
C GLU D 423 -8.79 16.81 -43.90
N GLN D 424 -9.39 15.83 -43.23
CA GLN D 424 -10.57 15.13 -43.74
C GLN D 424 -11.79 15.57 -42.95
N MET D 425 -12.90 15.78 -43.64
CA MET D 425 -14.13 16.26 -43.03
C MET D 425 -15.08 15.08 -42.81
N ILE D 426 -15.37 14.79 -41.55
CA ILE D 426 -16.25 13.70 -41.15
C ILE D 426 -17.40 14.27 -40.34
N GLU D 427 -18.63 13.90 -40.67
CA GLU D 427 -19.78 14.40 -39.94
C GLU D 427 -19.74 13.89 -38.50
N GLN D 428 -19.73 14.82 -37.54
CA GLN D 428 -19.67 14.48 -36.13
C GLN D 428 -20.98 14.70 -35.39
N ASN D 429 -21.94 15.42 -35.98
CA ASN D 429 -23.22 15.64 -35.34
C ASN D 429 -24.30 15.68 -36.41
N GLU D 430 -25.53 15.35 -35.99
CA GLU D 430 -26.68 15.36 -36.86
C GLU D 430 -27.89 15.77 -36.04
N PRO D 431 -28.70 16.70 -36.54
CA PRO D 431 -29.90 17.10 -35.78
C PRO D 431 -30.87 15.93 -35.60
N PHE D 432 -31.29 15.73 -34.36
CA PHE D 432 -32.29 14.73 -33.98
C PHE D 432 -31.84 13.31 -34.30
N VAL D 433 -30.53 13.07 -34.36
CA VAL D 433 -29.95 11.75 -34.52
C VAL D 433 -29.05 11.49 -33.33
N TYR D 434 -29.34 10.42 -32.59
CA TYR D 434 -28.63 10.11 -31.35
C TYR D 434 -27.79 8.84 -31.47
N ASP D 435 -27.43 8.45 -32.70
CA ASP D 435 -26.62 7.26 -32.92
C ASP D 435 -25.87 7.49 -34.24
N LYS D 436 -24.61 7.91 -34.13
CA LYS D 436 -23.92 8.36 -35.34
C LYS D 436 -22.64 7.60 -35.66
N ARG D 437 -21.84 7.26 -34.65
CA ARG D 437 -20.57 6.54 -34.84
C ARG D 437 -19.61 7.33 -35.73
N VAL D 438 -19.16 8.46 -35.20
CA VAL D 438 -18.11 9.23 -35.86
C VAL D 438 -16.85 8.37 -35.98
N LEU D 439 -16.33 8.27 -37.20
CA LEU D 439 -15.31 7.26 -37.48
C LEU D 439 -14.58 7.58 -38.76
N TRP D 440 -13.30 7.18 -38.81
CA TRP D 440 -12.52 7.20 -40.03
C TRP D 440 -11.77 5.88 -40.14
N LYS D 441 -11.93 5.19 -41.26
CA LYS D 441 -11.44 3.82 -41.37
C LYS D 441 -9.94 3.77 -41.59
N ARG D 442 -9.46 4.32 -42.71
CA ARG D 442 -8.09 4.09 -43.17
C ARG D 442 -7.23 5.30 -42.84
N VAL D 443 -6.63 5.28 -41.65
CA VAL D 443 -5.56 6.20 -41.31
C VAL D 443 -4.27 5.64 -41.88
N GLY D 444 -3.30 6.52 -42.16
CA GLY D 444 -2.10 6.11 -42.85
C GLY D 444 -1.16 5.31 -41.96
N ARG D 445 -0.01 4.99 -42.54
CA ARG D 445 1.06 4.30 -41.84
C ARG D 445 1.92 5.32 -41.09
N ILE D 446 2.35 4.94 -39.89
CA ILE D 446 3.15 5.79 -39.03
C ILE D 446 4.61 5.47 -39.27
N ARG D 447 5.39 6.49 -39.66
CA ARG D 447 6.81 6.28 -39.90
C ARG D 447 7.61 6.33 -38.60
N ARG D 448 7.62 7.50 -37.95
CA ARG D 448 8.23 7.62 -36.63
C ARG D 448 7.24 8.09 -35.56
N LEU D 449 6.55 9.21 -35.78
CA LEU D 449 5.68 9.81 -34.79
C LEU D 449 4.36 10.19 -35.44
N ILE D 450 3.34 10.39 -34.62
CA ILE D 450 2.02 10.76 -35.12
C ILE D 450 1.24 11.44 -34.02
N GLY D 451 0.36 12.36 -34.40
CA GLY D 451 -0.55 13.02 -33.49
C GLY D 451 -1.65 13.70 -34.28
N PHE D 452 -2.80 13.87 -33.63
CA PHE D 452 -4.02 14.30 -34.30
C PHE D 452 -4.54 15.60 -33.71
N LYS D 453 -5.33 16.32 -34.51
CA LYS D 453 -5.77 17.68 -34.18
C LYS D 453 -7.26 17.77 -33.83
N LEU D 454 -8.13 17.15 -34.63
CA LEU D 454 -9.55 16.98 -34.27
C LEU D 454 -10.23 18.34 -34.05
N ARG D 455 -10.33 19.11 -35.12
CA ARG D 455 -10.89 20.46 -35.08
C ARG D 455 -12.36 20.46 -35.52
N VAL D 456 -13.19 21.17 -34.76
CA VAL D 456 -14.63 21.25 -35.01
C VAL D 456 -15.04 22.72 -35.07
N ILE D 457 -15.97 23.04 -35.96
CA ILE D 457 -16.55 24.39 -36.04
C ILE D 457 -18.07 24.25 -36.00
N THR D 458 -18.70 24.80 -34.96
CA THR D 458 -20.11 24.53 -34.70
C THR D 458 -20.80 25.73 -34.08
N LYS D 459 -22.12 25.75 -34.21
CA LYS D 459 -23.01 26.56 -33.38
C LYS D 459 -23.71 25.74 -32.31
N SER D 460 -23.38 24.46 -32.19
CA SER D 460 -24.00 23.51 -31.29
C SER D 460 -22.97 22.95 -30.33
N PRO D 461 -23.39 22.38 -29.20
CA PRO D 461 -22.43 21.82 -28.26
C PRO D 461 -21.67 20.64 -28.84
N VAL D 462 -20.43 20.49 -28.38
CA VAL D 462 -19.54 19.41 -28.81
C VAL D 462 -19.20 18.57 -27.59
N THR D 463 -19.43 17.27 -27.68
CA THR D 463 -19.17 16.34 -26.59
C THR D 463 -18.45 15.13 -27.18
N LEU D 464 -17.17 14.99 -26.86
CA LEU D 464 -16.33 13.95 -27.43
C LEU D 464 -15.62 13.17 -26.34
N SER D 465 -15.54 11.85 -26.51
CA SER D 465 -14.89 10.98 -25.56
C SER D 465 -14.46 9.70 -26.26
N GLY D 466 -13.57 8.96 -25.60
CA GLY D 466 -13.20 7.62 -26.06
C GLY D 466 -12.50 7.56 -27.40
N CYS D 467 -11.54 8.43 -27.64
CA CYS D 467 -10.74 8.33 -28.86
C CYS D 467 -9.93 7.03 -28.84
N GLN D 468 -9.91 6.34 -29.96
CA GLN D 468 -9.24 5.05 -30.04
C GLN D 468 -8.81 4.79 -31.47
N ILE D 469 -7.77 3.95 -31.61
CA ILE D 469 -7.25 3.55 -32.91
C ILE D 469 -6.98 2.06 -32.88
N ARG D 470 -6.88 1.47 -34.06
CA ARG D 470 -6.44 0.09 -34.23
C ARG D 470 -5.05 0.12 -34.85
N LEU D 471 -4.08 -0.49 -34.18
CA LEU D 471 -2.68 -0.39 -34.58
C LEU D 471 -2.17 -1.60 -35.35
N GLU D 472 -2.93 -2.70 -35.37
CA GLU D 472 -2.53 -3.92 -36.07
C GLU D 472 -1.15 -4.41 -35.64
N THR E 5 -49.75 -19.75 12.28
CA THR E 5 -51.06 -19.22 12.60
C THR E 5 -52.14 -20.27 12.32
N ALA E 6 -52.02 -21.41 13.00
CA ALA E 6 -52.94 -22.53 12.79
C ALA E 6 -52.75 -23.53 13.91
N ASN E 7 -53.77 -24.37 14.12
CA ASN E 7 -53.79 -25.27 15.28
C ASN E 7 -54.27 -26.67 14.89
N VAL E 8 -53.97 -27.11 13.67
CA VAL E 8 -54.24 -28.48 13.26
C VAL E 8 -53.44 -28.77 12.01
N VAL E 9 -52.91 -29.99 11.92
CA VAL E 9 -52.13 -30.44 10.78
C VAL E 9 -53.07 -30.92 9.69
N VAL E 10 -52.71 -30.65 8.44
CA VAL E 10 -53.48 -31.13 7.30
C VAL E 10 -53.25 -32.64 7.18
N SER E 11 -54.27 -33.43 7.50
CA SER E 11 -54.20 -34.88 7.46
C SER E 11 -55.09 -35.40 6.34
N ASN E 12 -55.18 -36.73 6.24
CA ASN E 12 -56.05 -37.37 5.27
C ASN E 12 -57.24 -37.95 6.01
N PRO E 13 -58.43 -37.35 5.90
CA PRO E 13 -59.56 -37.78 6.73
C PRO E 13 -60.19 -39.09 6.27
N ARG E 14 -60.12 -39.38 4.98
CA ARG E 14 -60.78 -40.56 4.44
C ARG E 14 -60.07 -41.83 4.89
N PRO E 15 -60.77 -42.76 5.53
CA PRO E 15 -60.10 -43.96 6.06
C PRO E 15 -59.62 -44.87 4.94
N ILE E 16 -58.54 -45.59 5.22
CA ILE E 16 -57.98 -46.58 4.31
C ILE E 16 -57.62 -47.82 5.12
N PHE E 17 -58.00 -48.99 4.60
CA PHE E 17 -57.86 -50.25 5.30
C PHE E 17 -56.85 -51.12 4.56
N THR E 18 -55.73 -51.40 5.21
CA THR E 18 -54.68 -52.24 4.66
C THR E 18 -54.54 -53.52 5.49
N GLU E 19 -53.74 -54.46 4.98
CA GLU E 19 -53.53 -55.71 5.67
C GLU E 19 -52.69 -55.49 6.93
N SER E 20 -53.01 -56.27 7.97
CA SER E 20 -52.36 -56.11 9.26
C SER E 20 -50.97 -56.70 9.32
N ARG E 21 -50.63 -57.62 8.41
CA ARG E 21 -49.34 -58.29 8.44
C ARG E 21 -48.43 -57.94 7.27
N SER E 22 -48.97 -57.37 6.19
CA SER E 22 -48.17 -56.98 5.04
C SER E 22 -48.70 -55.67 4.48
N PHE E 23 -47.84 -54.96 3.75
CA PHE E 23 -48.19 -53.63 3.25
C PHE E 23 -48.90 -53.75 1.90
N LYS E 24 -50.20 -54.05 1.98
CA LYS E 24 -51.08 -53.89 0.84
C LYS E 24 -52.49 -53.65 1.37
N ALA E 25 -53.32 -53.06 0.54
CA ALA E 25 -54.69 -52.77 0.93
C ALA E 25 -55.51 -54.05 1.00
N VAL E 26 -56.62 -53.97 1.72
CA VAL E 26 -57.57 -55.08 1.75
C VAL E 26 -58.47 -54.92 0.54
N ALA E 27 -58.04 -55.46 -0.59
CA ALA E 27 -58.74 -55.27 -1.85
C ALA E 27 -59.93 -56.20 -1.92
N ASN E 28 -61.11 -55.62 -2.21
CA ASN E 28 -62.36 -56.38 -2.30
C ASN E 28 -62.65 -57.13 -1.01
N GLY E 29 -62.34 -56.50 0.12
CA GLY E 29 -62.64 -57.05 1.42
C GLY E 29 -63.98 -56.60 1.94
N LYS E 30 -64.30 -57.02 3.16
CA LYS E 30 -65.56 -56.71 3.80
C LYS E 30 -65.34 -56.12 5.19
N ILE E 31 -66.25 -55.24 5.58
CA ILE E 31 -66.28 -54.66 6.92
C ILE E 31 -67.66 -54.90 7.50
N TYR E 32 -67.70 -55.53 8.67
CA TYR E 32 -68.93 -55.81 9.38
C TYR E 32 -69.01 -54.93 10.62
N ILE E 33 -70.10 -54.19 10.75
CA ILE E 33 -70.33 -53.27 11.86
C ILE E 33 -71.47 -53.82 12.70
N GLY E 34 -71.24 -53.96 14.00
CA GLY E 34 -72.22 -54.55 14.88
C GLY E 34 -72.25 -53.96 16.28
N GLN E 35 -72.88 -54.67 17.21
CA GLN E 35 -72.97 -54.18 18.58
C GLN E 35 -71.62 -54.24 19.28
N ILE E 36 -71.51 -53.46 20.36
CA ILE E 36 -70.25 -53.35 21.09
C ILE E 36 -69.95 -54.67 21.78
N ASP E 37 -68.69 -55.11 21.69
CA ASP E 37 -68.19 -56.32 22.36
C ASP E 37 -68.91 -57.58 21.88
N THR E 38 -69.29 -57.61 20.60
CA THR E 38 -69.91 -58.80 20.02
C THR E 38 -69.18 -59.21 18.75
N ASP E 39 -69.73 -60.18 18.03
CA ASP E 39 -69.20 -60.58 16.73
C ASP E 39 -70.08 -59.97 15.65
N PRO E 40 -69.61 -58.95 14.92
CA PRO E 40 -70.50 -58.24 13.99
C PRO E 40 -70.81 -58.99 12.71
N VAL E 41 -70.15 -60.12 12.44
CA VAL E 41 -70.45 -60.89 11.24
C VAL E 41 -71.87 -61.45 11.30
N ASN E 42 -72.31 -61.84 12.49
CA ASN E 42 -73.66 -62.36 12.67
C ASN E 42 -74.67 -61.27 12.37
N PRO E 43 -75.62 -61.48 11.45
CA PRO E 43 -76.60 -60.43 11.15
C PRO E 43 -77.45 -60.03 12.34
N ALA E 44 -77.60 -60.90 13.34
CA ALA E 44 -78.32 -60.52 14.55
C ALA E 44 -77.59 -59.40 15.28
N ASN E 45 -76.26 -59.46 15.32
CA ASN E 45 -75.46 -58.46 16.00
C ASN E 45 -75.21 -57.21 15.15
N GLN E 46 -75.60 -57.21 13.88
CA GLN E 46 -75.36 -56.06 13.03
C GLN E 46 -76.28 -54.89 13.40
N ILE E 47 -75.82 -53.69 13.08
CA ILE E 47 -76.58 -52.48 13.36
C ILE E 47 -76.70 -51.69 12.06
N PRO E 48 -77.71 -50.82 11.95
CA PRO E 48 -77.88 -50.05 10.71
C PRO E 48 -76.67 -49.16 10.43
N VAL E 49 -76.32 -49.08 9.15
CA VAL E 49 -75.22 -48.25 8.68
C VAL E 49 -75.73 -47.34 7.57
N TYR E 50 -75.32 -46.07 7.62
CA TYR E 50 -75.76 -45.09 6.65
C TYR E 50 -74.55 -44.50 5.94
N ILE E 51 -74.77 -44.00 4.74
CA ILE E 51 -73.79 -43.20 4.02
C ILE E 51 -74.20 -41.74 4.14
N GLU E 52 -73.26 -40.89 4.51
CA GLU E 52 -73.48 -39.46 4.66
C GLU E 52 -72.87 -38.73 3.47
N ASN E 53 -73.70 -37.95 2.77
CA ASN E 53 -73.29 -37.30 1.55
C ASN E 53 -72.62 -35.96 1.84
N GLU E 54 -72.25 -35.25 0.78
CA GLU E 54 -71.60 -33.96 0.94
C GLU E 54 -72.52 -32.94 1.61
N ASP E 55 -73.80 -32.92 1.23
CA ASP E 55 -74.75 -32.04 1.88
C ASP E 55 -74.96 -32.42 3.34
N GLY E 56 -75.06 -33.70 3.64
CA GLY E 56 -75.27 -34.16 4.99
C GLY E 56 -76.43 -35.14 5.11
N SER E 57 -77.01 -35.52 3.98
CA SER E 57 -78.09 -36.48 3.98
C SER E 57 -77.57 -37.89 4.24
N HIS E 58 -78.43 -38.72 4.81
CA HIS E 58 -78.08 -40.09 5.19
C HIS E 58 -78.91 -41.07 4.38
N VAL E 59 -78.24 -42.10 3.85
CA VAL E 59 -78.89 -43.17 3.10
C VAL E 59 -78.48 -44.49 3.74
N GLN E 60 -79.45 -45.21 4.30
CA GLN E 60 -79.16 -46.50 4.90
C GLN E 60 -78.79 -47.52 3.82
N ILE E 61 -77.76 -48.32 4.11
CA ILE E 61 -77.27 -49.29 3.15
C ILE E 61 -77.13 -50.65 3.84
N THR E 62 -76.95 -51.69 3.02
CA THR E 62 -76.74 -53.03 3.54
C THR E 62 -75.43 -53.09 4.31
N GLN E 63 -75.39 -53.95 5.33
CA GLN E 63 -74.30 -53.93 6.30
C GLN E 63 -72.93 -54.20 5.67
N PRO E 64 -72.72 -55.28 4.88
CA PRO E 64 -71.35 -55.53 4.39
C PRO E 64 -70.82 -54.37 3.55
N LEU E 65 -69.81 -53.70 4.09
CA LEU E 65 -69.20 -52.57 3.41
C LEU E 65 -68.14 -53.06 2.44
N ILE E 66 -68.24 -52.63 1.19
CA ILE E 66 -67.33 -53.09 0.14
C ILE E 66 -66.07 -52.23 0.17
N ILE E 67 -64.92 -52.87 0.32
CA ILE E 67 -63.64 -52.22 0.17
C ILE E 67 -63.17 -52.42 -1.26
N ASN E 68 -62.55 -51.41 -1.85
CA ASN E 68 -62.11 -51.48 -3.23
C ASN E 68 -60.61 -51.76 -3.29
N ALA E 69 -60.06 -51.74 -4.51
CA ALA E 69 -58.64 -52.02 -4.68
C ALA E 69 -57.75 -50.97 -4.01
N ALA E 70 -58.29 -49.78 -3.75
CA ALA E 70 -57.55 -48.73 -3.06
C ALA E 70 -57.65 -48.86 -1.54
N GLY E 71 -58.38 -49.83 -1.03
CA GLY E 71 -58.57 -49.96 0.41
C GLY E 71 -59.53 -48.96 0.99
N LYS E 72 -60.58 -48.59 0.26
CA LYS E 72 -61.53 -47.58 0.69
C LYS E 72 -62.94 -48.10 0.53
N ILE E 73 -63.86 -47.51 1.30
CA ILE E 73 -65.26 -47.91 1.27
C ILE E 73 -65.93 -47.28 0.05
N VAL E 74 -66.61 -48.10 -0.75
CA VAL E 74 -67.32 -47.65 -1.94
C VAL E 74 -68.67 -48.34 -1.99
N TYR E 75 -69.74 -47.57 -2.22
CA TYR E 75 -71.05 -48.20 -2.34
C TYR E 75 -71.49 -48.36 -3.79
N ASN E 76 -71.69 -47.25 -4.50
CA ASN E 76 -71.99 -47.30 -5.93
C ASN E 76 -70.76 -46.93 -6.75
N GLY E 77 -69.70 -47.73 -6.59
CA GLY E 77 -68.45 -47.43 -7.27
C GLY E 77 -67.88 -46.06 -6.94
N GLN E 78 -68.32 -45.45 -5.84
CA GLN E 78 -67.87 -44.13 -5.43
C GLN E 78 -67.54 -44.15 -3.95
N LEU E 79 -66.53 -43.37 -3.56
CA LEU E 79 -66.15 -43.30 -2.15
C LEU E 79 -67.30 -42.72 -1.32
N VAL E 80 -67.61 -43.38 -0.21
CA VAL E 80 -68.70 -42.97 0.66
C VAL E 80 -68.19 -42.93 2.10
N LYS E 81 -68.82 -42.10 2.91
CA LYS E 81 -68.53 -42.01 4.34
C LYS E 81 -69.63 -42.74 5.10
N ILE E 82 -69.23 -43.70 5.94
CA ILE E 82 -70.16 -44.54 6.67
C ILE E 82 -70.33 -44.00 8.08
N VAL E 83 -71.58 -43.90 8.52
CA VAL E 83 -71.91 -43.40 9.85
C VAL E 83 -72.90 -44.36 10.51
N THR E 84 -72.88 -44.33 11.84
CA THR E 84 -73.82 -45.08 12.67
C THR E 84 -74.28 -44.18 13.80
N VAL E 85 -75.38 -44.57 14.45
CA VAL E 85 -75.93 -43.80 15.56
C VAL E 85 -75.31 -44.20 16.88
N GLN E 86 -75.20 -45.50 17.13
CA GLN E 86 -74.68 -46.03 18.38
C GLN E 86 -73.25 -46.52 18.22
N GLY E 87 -72.54 -46.61 19.35
CA GLY E 87 -71.22 -47.22 19.32
C GLY E 87 -71.29 -48.64 18.84
N HIS E 88 -70.24 -49.07 18.14
CA HIS E 88 -70.27 -50.31 17.39
C HIS E 88 -68.95 -51.04 17.54
N SER E 89 -68.92 -52.27 17.03
CA SER E 89 -67.71 -53.04 16.85
C SER E 89 -67.50 -53.28 15.36
N MET E 90 -66.23 -53.31 14.94
CA MET E 90 -65.88 -53.37 13.53
C MET E 90 -64.95 -54.55 13.28
N ALA E 91 -65.33 -55.42 12.36
CA ALA E 91 -64.49 -56.55 11.95
C ALA E 91 -64.20 -56.43 10.46
N ILE E 92 -62.93 -56.44 10.11
CA ILE E 92 -62.48 -56.34 8.72
C ILE E 92 -61.94 -57.69 8.29
N TYR E 93 -62.52 -58.26 7.23
CA TYR E 93 -62.08 -59.49 6.61
C TYR E 93 -61.59 -59.20 5.20
N ASP E 94 -60.63 -60.01 4.74
CA ASP E 94 -60.09 -59.82 3.40
C ASP E 94 -60.99 -60.51 2.36
N ALA E 95 -60.59 -60.42 1.10
CA ALA E 95 -61.38 -61.02 0.03
C ALA E 95 -61.43 -62.53 0.12
N ASN E 96 -60.45 -63.16 0.76
CA ASN E 96 -60.42 -64.61 0.90
C ASN E 96 -61.18 -65.09 2.14
N GLY E 97 -61.78 -64.18 2.89
CA GLY E 97 -62.56 -64.55 4.06
C GLY E 97 -61.79 -64.57 5.36
N SER E 98 -60.46 -64.47 5.32
CA SER E 98 -59.67 -64.43 6.54
C SER E 98 -59.86 -63.08 7.24
N GLN E 99 -60.01 -63.13 8.57
CA GLN E 99 -60.18 -61.91 9.32
C GLN E 99 -58.89 -61.10 9.33
N VAL E 100 -58.99 -59.83 8.97
CA VAL E 100 -57.83 -58.95 8.96
C VAL E 100 -57.69 -58.20 10.29
N ASP E 101 -58.81 -57.68 10.81
CA ASP E 101 -58.75 -56.92 12.05
C ASP E 101 -60.09 -57.01 12.76
N TYR E 102 -60.06 -56.76 14.08
CA TYR E 102 -61.27 -56.73 14.87
C TYR E 102 -61.11 -55.73 16.01
N ILE E 103 -62.09 -54.85 16.15
CA ILE E 103 -62.16 -53.89 17.25
C ILE E 103 -63.53 -54.05 17.90
N ALA E 104 -63.54 -54.34 19.20
CA ALA E 104 -64.79 -54.57 19.91
C ALA E 104 -65.45 -53.29 20.39
N ASN E 105 -64.71 -52.17 20.45
CA ASN E 105 -65.27 -50.90 20.87
C ASN E 105 -64.41 -49.80 20.25
N VAL E 106 -64.91 -49.19 19.17
CA VAL E 106 -64.10 -48.24 18.41
C VAL E 106 -63.85 -46.97 19.22
N LEU E 107 -64.84 -46.53 20.00
CA LEU E 107 -64.70 -45.36 20.84
C LEU E 107 -64.63 -45.70 22.33
N LYS E 108 -64.69 -46.99 22.67
CA LYS E 108 -64.69 -47.47 24.05
C LYS E 108 -65.85 -46.93 24.87
N TYR E 109 -66.92 -46.49 24.21
CA TYR E 109 -68.15 -46.08 24.87
C TYR E 109 -69.23 -45.99 23.80
N ASP E 110 -70.48 -45.95 24.26
CA ASP E 110 -71.62 -45.87 23.36
C ASP E 110 -72.17 -44.45 23.37
N PRO E 111 -71.93 -43.65 22.34
CA PRO E 111 -72.49 -42.28 22.33
C PRO E 111 -74.00 -42.23 22.37
N ASP E 112 -74.68 -43.26 21.87
CA ASP E 112 -76.14 -43.24 21.86
C ASP E 112 -76.70 -43.31 23.28
N GLN E 113 -76.23 -44.27 24.08
CA GLN E 113 -76.72 -44.40 25.45
C GLN E 113 -76.11 -43.35 26.36
N TYR E 114 -74.84 -43.02 26.16
CA TYR E 114 -74.23 -41.97 26.96
C TYR E 114 -74.83 -40.61 26.68
N SER E 115 -75.42 -40.40 25.49
CA SER E 115 -76.15 -39.16 25.25
C SER E 115 -77.35 -39.05 26.18
N ILE E 116 -78.11 -40.13 26.32
CA ILE E 116 -79.24 -40.15 27.24
C ILE E 116 -78.75 -39.95 28.68
N GLU E 117 -77.66 -40.64 29.04
CA GLU E 117 -77.14 -40.51 30.40
C GLU E 117 -76.70 -39.08 30.71
N ALA E 118 -75.99 -38.43 29.78
CA ALA E 118 -75.46 -37.10 29.99
C ALA E 118 -76.54 -36.02 29.89
N ASP E 119 -77.60 -36.26 29.12
CA ASP E 119 -78.68 -35.30 29.05
C ASP E 119 -79.38 -35.11 30.39
N LYS E 120 -79.33 -36.14 31.26
CA LYS E 120 -79.90 -36.05 32.60
C LYS E 120 -78.87 -35.78 33.68
N LYS E 121 -77.64 -36.29 33.55
CA LYS E 121 -76.65 -36.11 34.61
C LYS E 121 -75.82 -34.85 34.45
N PHE E 122 -75.95 -34.12 33.35
CA PHE E 122 -75.23 -32.87 33.17
C PHE E 122 -76.19 -31.70 33.02
N THR F 5 -52.90 -38.80 32.64
CA THR F 5 -53.70 -39.26 31.51
C THR F 5 -52.88 -39.34 30.24
N ALA F 6 -53.03 -40.45 29.50
CA ALA F 6 -52.35 -40.66 28.24
C ALA F 6 -53.33 -40.32 27.11
N ASN F 7 -53.55 -39.02 26.92
CA ASN F 7 -54.51 -38.53 25.95
C ASN F 7 -53.92 -38.28 24.58
N VAL F 8 -52.61 -38.49 24.40
CA VAL F 8 -51.93 -38.31 23.13
C VAL F 8 -51.60 -39.69 22.57
N VAL F 9 -52.04 -39.95 21.34
CA VAL F 9 -51.87 -41.25 20.71
C VAL F 9 -50.70 -41.17 19.73
N VAL F 10 -49.83 -42.18 19.76
CA VAL F 10 -48.69 -42.25 18.86
C VAL F 10 -49.25 -42.63 17.48
N SER F 11 -49.42 -41.63 16.62
CA SER F 11 -49.95 -41.82 15.28
C SER F 11 -48.86 -41.49 14.26
N ASN F 12 -49.21 -41.57 12.99
CA ASN F 12 -48.25 -41.34 11.92
C ASN F 12 -48.27 -39.88 11.50
N PRO F 13 -47.18 -39.14 11.69
CA PRO F 13 -47.08 -37.81 11.08
C PRO F 13 -46.80 -37.94 9.59
N ARG F 14 -46.76 -36.78 8.92
CA ARG F 14 -46.58 -36.76 7.48
C ARG F 14 -47.68 -37.58 6.81
N PRO F 15 -48.91 -37.06 6.78
CA PRO F 15 -50.04 -37.84 6.28
C PRO F 15 -49.86 -38.29 4.85
N ILE F 16 -50.46 -39.42 4.53
CA ILE F 16 -50.30 -40.11 3.25
C ILE F 16 -51.57 -39.96 2.44
N PHE F 17 -51.43 -39.56 1.18
CA PHE F 17 -52.55 -39.39 0.27
C PHE F 17 -52.46 -40.44 -0.83
N THR F 18 -53.52 -41.23 -0.97
CA THR F 18 -53.53 -42.42 -1.81
C THR F 18 -54.56 -42.25 -2.93
N GLU F 19 -54.29 -42.88 -4.07
CA GLU F 19 -55.25 -42.89 -5.17
C GLU F 19 -56.53 -43.60 -4.77
N SER F 20 -57.65 -43.14 -5.31
CA SER F 20 -58.96 -43.62 -4.91
C SER F 20 -59.40 -44.90 -5.61
N ARG F 21 -58.66 -45.36 -6.61
CA ARG F 21 -59.02 -46.59 -7.32
C ARG F 21 -57.94 -47.65 -7.26
N SER F 22 -56.80 -47.38 -6.65
CA SER F 22 -55.72 -48.35 -6.54
C SER F 22 -54.87 -48.02 -5.33
N PHE F 23 -54.06 -49.00 -4.91
CA PHE F 23 -53.13 -48.82 -3.79
C PHE F 23 -51.87 -48.16 -4.33
N LYS F 24 -51.98 -46.86 -4.58
CA LYS F 24 -50.88 -46.08 -5.12
C LYS F 24 -50.98 -44.66 -4.58
N ALA F 25 -49.83 -44.05 -4.34
CA ALA F 25 -49.80 -42.67 -3.88
C ALA F 25 -50.12 -41.72 -5.04
N VAL F 26 -50.61 -40.55 -4.69
CA VAL F 26 -50.93 -39.51 -5.69
C VAL F 26 -49.65 -38.73 -5.90
N ALA F 27 -48.79 -39.27 -6.76
CA ALA F 27 -47.51 -38.63 -7.03
C ALA F 27 -47.71 -37.42 -7.92
N ASN F 28 -47.08 -36.30 -7.53
CA ASN F 28 -47.24 -35.02 -8.22
C ASN F 28 -48.69 -34.54 -8.20
N GLY F 29 -49.43 -34.93 -7.17
CA GLY F 29 -50.79 -34.48 -7.02
C GLY F 29 -50.89 -33.15 -6.32
N LYS F 30 -52.02 -32.48 -6.52
CA LYS F 30 -52.27 -31.15 -5.98
C LYS F 30 -53.36 -31.21 -4.92
N ILE F 31 -53.19 -30.42 -3.87
CA ILE F 31 -54.16 -30.35 -2.78
C ILE F 31 -54.55 -28.89 -2.55
N TYR F 32 -55.85 -28.63 -2.48
CA TYR F 32 -56.39 -27.31 -2.21
C TYR F 32 -57.18 -27.34 -0.92
N ILE F 33 -56.88 -26.42 0.00
CA ILE F 33 -57.58 -26.28 1.27
C ILE F 33 -58.32 -24.96 1.27
N GLY F 34 -59.60 -25.00 1.59
CA GLY F 34 -60.42 -23.80 1.58
C GLY F 34 -61.48 -23.79 2.66
N GLN F 35 -62.45 -22.87 2.54
CA GLN F 35 -63.55 -22.81 3.49
C GLN F 35 -64.39 -24.08 3.41
N ILE F 36 -65.14 -24.34 4.47
CA ILE F 36 -65.96 -25.54 4.52
C ILE F 36 -67.10 -25.44 3.52
N ASP F 37 -67.47 -26.58 2.94
CA ASP F 37 -68.61 -26.68 2.03
C ASP F 37 -68.49 -25.71 0.86
N THR F 38 -67.34 -25.74 0.18
CA THR F 38 -67.12 -24.95 -1.01
C THR F 38 -66.02 -25.60 -1.82
N ASP F 39 -65.77 -25.04 -3.00
CA ASP F 39 -64.75 -25.59 -3.90
C ASP F 39 -63.42 -24.90 -3.61
N PRO F 40 -62.43 -25.61 -3.06
CA PRO F 40 -61.15 -24.95 -2.75
C PRO F 40 -60.28 -24.71 -3.96
N VAL F 41 -60.67 -25.17 -5.15
CA VAL F 41 -59.87 -24.92 -6.35
C VAL F 41 -59.94 -23.45 -6.74
N ASN F 42 -61.11 -22.84 -6.61
CA ASN F 42 -61.26 -21.42 -6.90
C ASN F 42 -60.55 -20.61 -5.82
N PRO F 43 -59.59 -19.74 -6.19
CA PRO F 43 -58.77 -19.07 -5.17
C PRO F 43 -59.54 -18.10 -4.28
N ALA F 44 -60.80 -17.78 -4.61
CA ALA F 44 -61.60 -16.94 -3.74
C ALA F 44 -62.07 -17.68 -2.50
N ASN F 45 -62.11 -19.01 -2.54
CA ASN F 45 -62.52 -19.83 -1.41
C ASN F 45 -61.34 -20.39 -0.63
N GLN F 46 -60.10 -20.13 -1.06
CA GLN F 46 -58.93 -20.70 -0.42
C GLN F 46 -58.62 -19.99 0.90
N ILE F 47 -57.98 -20.72 1.80
CA ILE F 47 -57.62 -20.20 3.12
C ILE F 47 -56.12 -20.41 3.30
N PRO F 48 -55.48 -19.63 4.17
CA PRO F 48 -54.03 -19.77 4.36
C PRO F 48 -53.63 -21.15 4.85
N VAL F 49 -52.48 -21.61 4.37
CA VAL F 49 -51.83 -22.83 4.85
C VAL F 49 -50.39 -22.47 5.19
N TYR F 50 -49.90 -23.00 6.31
CA TYR F 50 -48.60 -22.60 6.85
C TYR F 50 -47.68 -23.81 6.99
N ILE F 51 -46.43 -23.63 6.58
CA ILE F 51 -45.37 -24.54 6.96
C ILE F 51 -44.96 -24.25 8.40
N GLU F 52 -44.93 -25.28 9.23
CA GLU F 52 -44.45 -25.18 10.60
C GLU F 52 -43.00 -25.66 10.63
N ASN F 53 -42.10 -24.80 11.06
CA ASN F 53 -40.67 -25.07 11.05
C ASN F 53 -40.18 -25.54 12.41
N GLU F 54 -38.92 -25.96 12.46
CA GLU F 54 -38.33 -26.43 13.70
C GLU F 54 -38.26 -25.32 14.75
N ASP F 55 -37.88 -24.11 14.33
CA ASP F 55 -37.79 -23.00 15.26
C ASP F 55 -39.15 -22.54 15.77
N GLY F 56 -40.24 -23.00 15.17
CA GLY F 56 -41.57 -22.66 15.61
C GLY F 56 -42.28 -21.64 14.76
N SER F 57 -41.59 -21.01 13.83
CA SER F 57 -42.22 -20.02 12.96
C SER F 57 -43.19 -20.69 11.99
N HIS F 58 -44.28 -20.00 11.70
CA HIS F 58 -45.28 -20.45 10.74
C HIS F 58 -45.20 -19.57 9.51
N VAL F 59 -44.88 -20.17 8.36
CA VAL F 59 -44.65 -19.43 7.12
C VAL F 59 -45.76 -19.81 6.15
N GLN F 60 -46.58 -18.83 5.78
CA GLN F 60 -47.65 -19.10 4.82
C GLN F 60 -47.07 -19.48 3.47
N ILE F 61 -47.64 -20.51 2.86
CA ILE F 61 -47.10 -21.08 1.63
C ILE F 61 -48.18 -21.02 0.55
N THR F 62 -47.74 -21.17 -0.70
CA THR F 62 -48.67 -21.16 -1.82
C THR F 62 -49.68 -22.31 -1.69
N GLN F 63 -50.92 -22.03 -2.11
CA GLN F 63 -52.02 -22.91 -1.70
C GLN F 63 -51.92 -24.32 -2.27
N PRO F 64 -51.73 -24.53 -3.59
CA PRO F 64 -51.70 -25.92 -4.08
C PRO F 64 -50.52 -26.67 -3.49
N LEU F 65 -50.81 -27.62 -2.61
CA LEU F 65 -49.77 -28.44 -2.00
C LEU F 65 -49.44 -29.61 -2.90
N ILE F 66 -48.16 -29.92 -3.02
CA ILE F 66 -47.66 -30.93 -3.93
C ILE F 66 -47.40 -32.21 -3.15
N ILE F 67 -47.87 -33.33 -3.71
CA ILE F 67 -47.72 -34.64 -3.09
C ILE F 67 -46.59 -35.39 -3.81
N ASN F 68 -45.72 -36.01 -3.04
CA ASN F 68 -44.56 -36.71 -3.60
C ASN F 68 -44.91 -38.17 -3.89
N ALA F 69 -43.88 -38.96 -4.23
CA ALA F 69 -44.08 -40.36 -4.59
C ALA F 69 -44.54 -41.22 -3.41
N ALA F 70 -44.26 -40.79 -2.18
CA ALA F 70 -44.68 -41.52 -1.00
C ALA F 70 -46.08 -41.15 -0.54
N GLY F 71 -46.72 -40.18 -1.18
CA GLY F 71 -48.04 -39.74 -0.77
C GLY F 71 -48.04 -38.64 0.26
N LYS F 72 -46.93 -37.95 0.46
CA LYS F 72 -46.78 -36.97 1.52
C LYS F 72 -46.54 -35.58 0.92
N ILE F 73 -46.98 -34.57 1.64
CA ILE F 73 -46.87 -33.18 1.18
C ILE F 73 -45.42 -32.74 1.25
N VAL F 74 -44.91 -32.16 0.16
CA VAL F 74 -43.56 -31.65 0.09
C VAL F 74 -43.62 -30.19 -0.36
N TYR F 75 -42.54 -29.46 -0.05
CA TYR F 75 -42.41 -28.06 -0.44
C TYR F 75 -41.44 -27.88 -1.60
N ASN F 76 -40.20 -28.32 -1.45
CA ASN F 76 -39.21 -28.28 -2.51
C ASN F 76 -38.55 -29.63 -2.67
N GLY F 77 -39.36 -30.70 -2.63
CA GLY F 77 -38.85 -32.04 -2.50
C GLY F 77 -38.58 -32.47 -1.07
N GLN F 78 -38.89 -31.63 -0.09
CA GLN F 78 -38.62 -31.89 1.30
C GLN F 78 -39.93 -32.07 2.07
N LEU F 79 -39.97 -33.07 2.94
CA LEU F 79 -41.15 -33.32 3.75
C LEU F 79 -41.35 -32.18 4.75
N VAL F 80 -42.57 -31.63 4.79
CA VAL F 80 -42.88 -30.49 5.64
C VAL F 80 -44.16 -30.76 6.40
N LYS F 81 -44.39 -29.97 7.45
CA LYS F 81 -45.60 -30.03 8.25
C LYS F 81 -46.47 -28.83 7.89
N ILE F 82 -47.71 -29.10 7.48
CA ILE F 82 -48.63 -28.08 6.98
C ILE F 82 -49.78 -27.96 7.96
N VAL F 83 -50.10 -26.72 8.35
CA VAL F 83 -51.13 -26.44 9.33
C VAL F 83 -52.11 -25.41 8.77
N THR F 84 -53.39 -25.58 9.09
CA THR F 84 -54.43 -24.64 8.72
C THR F 84 -55.44 -24.59 9.88
N VAL F 85 -56.63 -24.03 9.62
CA VAL F 85 -57.66 -24.02 10.64
C VAL F 85 -58.40 -25.36 10.65
N GLN F 86 -59.08 -25.63 11.76
CA GLN F 86 -59.72 -26.94 11.94
C GLN F 86 -60.84 -27.15 10.93
N GLY F 87 -61.62 -26.10 10.63
CA GLY F 87 -62.69 -26.22 9.68
C GLY F 87 -62.28 -25.82 8.28
N HIS F 88 -62.10 -26.81 7.40
CA HIS F 88 -61.73 -26.52 6.02
C HIS F 88 -62.20 -27.65 5.13
N SER F 89 -62.33 -27.33 3.85
CA SER F 89 -62.62 -28.31 2.81
C SER F 89 -61.35 -28.60 2.04
N MET F 90 -61.26 -29.81 1.50
CA MET F 90 -60.07 -30.28 0.82
C MET F 90 -60.43 -30.87 -0.53
N ALA F 91 -59.63 -30.54 -1.55
CA ALA F 91 -59.75 -31.14 -2.86
C ALA F 91 -58.40 -31.68 -3.28
N ILE F 92 -58.35 -32.97 -3.62
CA ILE F 92 -57.12 -33.64 -4.03
C ILE F 92 -57.30 -34.03 -5.49
N TYR F 93 -56.38 -33.53 -6.34
CA TYR F 93 -56.38 -33.79 -7.77
C TYR F 93 -55.09 -34.52 -8.15
N ASP F 94 -55.19 -35.37 -9.15
CA ASP F 94 -54.04 -36.10 -9.65
C ASP F 94 -53.18 -35.20 -10.54
N ALA F 95 -52.02 -35.72 -10.93
CA ALA F 95 -51.09 -34.94 -11.76
C ALA F 95 -51.67 -34.66 -13.14
N ASN F 96 -52.57 -35.51 -13.63
CA ASN F 96 -53.18 -35.29 -14.93
C ASN F 96 -54.39 -34.37 -14.87
N GLY F 97 -54.77 -33.91 -13.69
CA GLY F 97 -55.88 -33.00 -13.53
C GLY F 97 -57.19 -33.62 -13.14
N SER F 98 -57.22 -34.92 -12.83
CA SER F 98 -58.44 -35.60 -12.46
C SER F 98 -58.66 -35.53 -10.95
N GLN F 99 -59.92 -35.35 -10.56
CA GLN F 99 -60.25 -35.29 -9.15
C GLN F 99 -60.01 -36.64 -8.48
N VAL F 100 -59.13 -36.65 -7.49
CA VAL F 100 -58.91 -37.85 -6.68
C VAL F 100 -59.88 -37.93 -5.52
N ASP F 101 -60.07 -36.82 -4.81
CA ASP F 101 -60.96 -36.82 -3.66
C ASP F 101 -61.47 -35.42 -3.38
N TYR F 102 -62.60 -35.34 -2.70
CA TYR F 102 -63.14 -34.09 -2.20
C TYR F 102 -63.80 -34.32 -0.86
N ILE F 103 -63.58 -33.39 0.07
CA ILE F 103 -64.18 -33.45 1.40
C ILE F 103 -64.63 -32.04 1.76
N ALA F 104 -65.94 -31.86 1.96
CA ALA F 104 -66.48 -30.53 2.23
C ALA F 104 -66.19 -30.04 3.64
N ASN F 105 -65.91 -30.94 4.57
CA ASN F 105 -65.61 -30.55 5.94
C ASN F 105 -64.83 -31.70 6.58
N VAL F 106 -63.55 -31.46 6.90
CA VAL F 106 -62.71 -32.49 7.47
C VAL F 106 -63.17 -32.85 8.89
N LEU F 107 -63.70 -31.86 9.63
CA LEU F 107 -64.10 -32.10 11.01
C LEU F 107 -65.22 -33.11 11.14
N LYS F 108 -65.96 -33.37 10.05
CA LYS F 108 -67.03 -34.36 10.08
C LYS F 108 -66.51 -35.77 9.86
N TYR F 109 -65.21 -35.96 9.64
CA TYR F 109 -64.63 -37.28 9.52
C TYR F 109 -64.00 -37.78 10.81
N ASP F 110 -64.07 -37.00 11.88
CA ASP F 110 -63.59 -37.47 13.17
C ASP F 110 -64.42 -38.66 13.62
N PRO F 111 -63.80 -39.67 14.24
CA PRO F 111 -64.58 -40.87 14.62
C PRO F 111 -65.74 -40.58 15.56
N ASP F 112 -65.61 -39.60 16.45
CA ASP F 112 -66.62 -39.29 17.46
C ASP F 112 -67.24 -37.95 17.11
N GLN F 113 -68.47 -37.98 16.59
CA GLN F 113 -69.20 -36.76 16.27
C GLN F 113 -70.09 -36.27 17.40
N TYR F 114 -70.26 -37.07 18.46
CA TYR F 114 -71.04 -36.63 19.61
C TYR F 114 -70.29 -35.62 20.46
N SER F 115 -68.96 -35.59 20.35
CA SER F 115 -68.16 -34.69 21.18
C SER F 115 -68.47 -33.23 20.86
N ILE F 116 -68.67 -32.90 19.59
CA ILE F 116 -68.90 -31.51 19.21
C ILE F 116 -70.17 -30.99 19.86
N GLU F 117 -71.27 -31.74 19.72
CA GLU F 117 -72.54 -31.31 20.30
C GLU F 117 -72.47 -31.34 21.83
N ALA F 118 -71.76 -32.31 22.39
CA ALA F 118 -71.63 -32.38 23.85
C ALA F 118 -70.91 -31.15 24.40
N ASP F 119 -69.89 -30.70 23.69
CA ASP F 119 -69.11 -29.52 24.15
C ASP F 119 -69.95 -28.26 23.92
N LYS F 120 -70.76 -28.26 22.87
CA LYS F 120 -71.59 -27.10 22.56
C LYS F 120 -72.91 -27.10 23.33
N LYS F 121 -73.16 -28.12 24.15
CA LYS F 121 -74.41 -28.23 24.88
C LYS F 121 -74.22 -27.95 26.36
N PHE F 122 -73.28 -28.64 27.00
CA PHE F 122 -73.06 -28.49 28.43
C PHE F 122 -71.91 -27.55 28.74
N THR G 5 -79.31 -39.52 15.14
CA THR G 5 -78.23 -38.68 14.61
C THR G 5 -76.93 -39.46 14.52
N ALA G 6 -76.05 -39.04 13.60
CA ALA G 6 -74.80 -39.73 13.38
C ALA G 6 -73.80 -39.35 14.46
N ASN G 7 -73.40 -40.34 15.27
CA ASN G 7 -72.44 -40.13 16.34
C ASN G 7 -71.07 -40.75 16.07
N VAL G 8 -71.00 -41.78 15.24
CA VAL G 8 -69.75 -42.49 14.98
C VAL G 8 -69.52 -42.53 13.48
N VAL G 9 -68.26 -42.33 13.08
CA VAL G 9 -67.84 -42.45 11.68
C VAL G 9 -66.87 -43.62 11.58
N VAL G 10 -67.14 -44.51 10.62
CA VAL G 10 -66.30 -45.70 10.45
C VAL G 10 -64.94 -45.27 9.93
N SER G 11 -63.90 -45.63 10.69
CA SER G 11 -62.53 -45.20 10.39
C SER G 11 -61.57 -46.31 10.75
N ASN G 12 -60.31 -46.13 10.35
CA ASN G 12 -59.25 -47.10 10.61
C ASN G 12 -58.47 -46.67 11.85
N PRO G 13 -58.41 -47.49 12.89
CA PRO G 13 -57.70 -47.06 14.11
C PRO G 13 -56.19 -47.28 14.08
N ARG G 14 -55.67 -48.04 13.11
CA ARG G 14 -54.26 -48.40 13.11
C ARG G 14 -53.47 -47.42 12.26
N PRO G 15 -52.50 -46.70 12.83
CA PRO G 15 -51.62 -45.86 12.03
C PRO G 15 -50.69 -46.69 11.16
N ILE G 16 -50.28 -46.11 10.05
CA ILE G 16 -49.41 -46.76 9.07
C ILE G 16 -48.16 -45.91 8.88
N PHE G 17 -47.00 -46.52 9.02
CA PHE G 17 -45.72 -45.84 8.90
C PHE G 17 -45.01 -46.32 7.63
N THR G 18 -44.81 -45.41 6.69
CA THR G 18 -44.18 -45.73 5.41
C THR G 18 -42.91 -44.90 5.23
N GLU G 19 -42.26 -45.12 4.09
CA GLU G 19 -41.01 -44.44 3.76
C GLU G 19 -41.27 -42.98 3.39
N SER G 20 -40.22 -42.18 3.48
CA SER G 20 -40.35 -40.75 3.22
C SER G 20 -40.43 -40.44 1.73
N ARG G 21 -39.71 -41.18 0.89
CA ARG G 21 -39.61 -40.88 -0.52
C ARG G 21 -40.39 -41.83 -1.42
N SER G 22 -40.80 -42.98 -0.92
CA SER G 22 -41.46 -43.98 -1.74
C SER G 22 -42.59 -44.63 -0.96
N PHE G 23 -43.46 -45.33 -1.69
CA PHE G 23 -44.67 -45.91 -1.09
C PHE G 23 -44.44 -47.36 -0.66
N LYS G 24 -43.57 -47.52 0.33
CA LYS G 24 -43.46 -48.77 1.07
C LYS G 24 -43.38 -48.48 2.56
N ALA G 25 -43.83 -49.44 3.35
CA ALA G 25 -43.80 -49.30 4.80
C ALA G 25 -42.37 -49.39 5.31
N VAL G 26 -42.17 -48.90 6.54
CA VAL G 26 -40.87 -49.02 7.21
C VAL G 26 -40.90 -50.38 7.90
N ALA G 27 -40.55 -51.41 7.13
CA ALA G 27 -40.64 -52.78 7.63
C ALA G 27 -39.54 -53.04 8.66
N ASN G 28 -39.94 -53.55 9.83
CA ASN G 28 -39.02 -53.84 10.92
C ASN G 28 -38.23 -52.61 11.33
N GLY G 29 -38.88 -51.44 11.32
CA GLY G 29 -38.27 -50.21 11.75
C GLY G 29 -38.48 -49.96 13.24
N LYS G 30 -37.94 -48.84 13.69
CA LYS G 30 -38.00 -48.45 15.09
C LYS G 30 -38.52 -47.03 15.21
N ILE G 31 -39.23 -46.77 16.31
CA ILE G 31 -39.75 -45.43 16.61
C ILE G 31 -39.27 -45.02 17.99
N TYR G 32 -38.66 -43.85 18.08
CA TYR G 32 -38.28 -43.23 19.34
C TYR G 32 -39.05 -41.93 19.48
N ILE G 33 -39.81 -41.79 20.57
CA ILE G 33 -40.51 -40.55 20.84
C ILE G 33 -40.04 -39.99 22.18
N GLY G 34 -39.88 -38.67 22.22
CA GLY G 34 -39.34 -38.01 23.39
C GLY G 34 -39.77 -36.57 23.52
N GLN G 35 -38.99 -35.77 24.25
CA GLN G 35 -39.29 -34.36 24.40
C GLN G 35 -39.25 -33.66 23.05
N ILE G 36 -40.10 -32.65 22.89
CA ILE G 36 -40.20 -31.96 21.61
C ILE G 36 -38.90 -31.24 21.31
N ASP G 37 -38.54 -31.18 20.03
CA ASP G 37 -37.37 -30.47 19.54
C ASP G 37 -36.07 -31.05 20.11
N THR G 38 -36.01 -32.36 20.33
CA THR G 38 -34.82 -33.01 20.87
C THR G 38 -34.49 -34.25 20.05
N ASP G 39 -33.47 -34.98 20.49
CA ASP G 39 -33.10 -36.25 19.88
C ASP G 39 -33.72 -37.37 20.72
N PRO G 40 -34.75 -38.06 20.21
CA PRO G 40 -35.48 -39.03 21.05
C PRO G 40 -34.72 -40.33 21.29
N VAL G 41 -33.62 -40.58 20.59
CA VAL G 41 -32.85 -41.80 20.82
C VAL G 41 -32.11 -41.73 22.14
N ASN G 42 -31.85 -40.53 22.64
CA ASN G 42 -31.24 -40.38 23.96
C ASN G 42 -32.25 -40.76 25.03
N PRO G 43 -31.99 -41.75 25.87
CA PRO G 43 -32.99 -42.18 26.86
C PRO G 43 -33.37 -41.10 27.85
N ALA G 44 -32.52 -40.10 28.08
CA ALA G 44 -32.89 -38.99 28.95
C ALA G 44 -33.99 -38.14 28.33
N ASN G 45 -34.04 -38.05 27.00
CA ASN G 45 -35.08 -37.30 26.31
C ASN G 45 -36.35 -38.11 26.12
N GLN G 46 -36.32 -39.43 26.33
CA GLN G 46 -37.47 -40.26 26.10
C GLN G 46 -38.55 -40.02 27.14
N ILE G 47 -39.81 -40.27 26.75
CA ILE G 47 -40.96 -40.07 27.62
C ILE G 47 -41.76 -41.36 27.65
N PRO G 48 -42.54 -41.62 28.70
CA PRO G 48 -43.22 -42.93 28.82
C PRO G 48 -44.20 -43.18 27.68
N VAL G 49 -44.27 -44.45 27.28
CA VAL G 49 -45.18 -44.90 26.23
C VAL G 49 -46.00 -46.06 26.77
N TYR G 50 -47.31 -46.03 26.52
CA TYR G 50 -48.21 -47.03 27.06
C TYR G 50 -48.97 -47.73 25.94
N ILE G 51 -49.30 -48.99 26.15
CA ILE G 51 -50.23 -49.72 25.31
C ILE G 51 -51.63 -49.52 25.90
N GLU G 52 -52.54 -48.99 25.09
CA GLU G 52 -53.94 -48.87 25.46
C GLU G 52 -54.66 -50.13 25.00
N ASN G 53 -55.10 -50.95 25.94
CA ASN G 53 -55.77 -52.21 25.63
C ASN G 53 -57.24 -51.95 25.31
N GLU G 54 -57.92 -53.02 24.89
CA GLU G 54 -59.30 -52.90 24.45
C GLU G 54 -60.23 -52.38 25.53
N ASP G 55 -59.84 -52.50 26.81
CA ASP G 55 -60.63 -51.96 27.90
C ASP G 55 -60.04 -50.72 28.54
N GLY G 56 -58.75 -50.46 28.36
CA GLY G 56 -58.13 -49.29 28.96
C GLY G 56 -57.07 -49.62 29.99
N SER G 57 -56.36 -50.74 29.80
CA SER G 57 -55.38 -51.17 30.79
C SER G 57 -54.21 -50.18 30.90
N HIS G 58 -53.73 -49.67 29.75
CA HIS G 58 -52.66 -48.66 29.72
C HIS G 58 -51.39 -49.17 30.41
N VAL G 59 -50.80 -50.20 29.83
CA VAL G 59 -49.60 -50.83 30.40
C VAL G 59 -48.36 -50.24 29.73
N GLN G 60 -47.41 -49.77 30.54
CA GLN G 60 -46.24 -49.11 30.00
C GLN G 60 -45.30 -50.12 29.34
N ILE G 61 -44.61 -49.66 28.28
CA ILE G 61 -43.68 -50.53 27.56
C ILE G 61 -42.37 -49.79 27.34
N THR G 62 -41.35 -50.55 26.95
CA THR G 62 -40.05 -49.97 26.64
C THR G 62 -40.14 -49.09 25.40
N GLN G 63 -39.29 -48.06 25.37
CA GLN G 63 -39.46 -46.97 24.42
C GLN G 63 -39.41 -47.40 22.96
N PRO G 64 -38.39 -48.14 22.48
CA PRO G 64 -38.31 -48.41 21.03
C PRO G 64 -39.51 -49.21 20.53
N LEU G 65 -40.35 -48.56 19.74
CA LEU G 65 -41.52 -49.21 19.16
C LEU G 65 -41.14 -49.91 17.87
N ILE G 66 -41.63 -51.13 17.71
CA ILE G 66 -41.29 -51.96 16.55
C ILE G 66 -42.40 -51.82 15.51
N ILE G 67 -42.00 -51.56 14.27
CA ILE G 67 -42.93 -51.40 13.15
C ILE G 67 -43.01 -52.71 12.40
N ASN G 68 -44.24 -53.19 12.19
CA ASN G 68 -44.47 -54.45 11.49
C ASN G 68 -44.11 -54.32 10.01
N ALA G 69 -44.13 -55.47 9.32
CA ALA G 69 -43.93 -55.46 7.88
C ALA G 69 -45.06 -54.77 7.13
N ALA G 70 -46.19 -54.54 7.78
CA ALA G 70 -47.29 -53.78 7.21
C ALA G 70 -47.20 -52.28 7.53
N GLY G 71 -46.23 -51.88 8.33
CA GLY G 71 -46.14 -50.49 8.76
C GLY G 71 -46.88 -50.17 10.04
N LYS G 72 -47.20 -51.17 10.85
CA LYS G 72 -47.96 -50.98 12.08
C LYS G 72 -47.11 -51.33 13.29
N ILE G 73 -47.45 -50.73 14.42
CA ILE G 73 -46.71 -50.96 15.66
C ILE G 73 -47.20 -52.25 16.30
N VAL G 74 -46.26 -53.11 16.67
CA VAL G 74 -46.57 -54.42 17.24
C VAL G 74 -45.85 -54.59 18.57
N TYR G 75 -46.44 -55.41 19.44
CA TYR G 75 -45.81 -55.80 20.70
C TYR G 75 -46.18 -57.25 20.96
N ASN G 76 -45.16 -58.11 21.10
CA ASN G 76 -45.36 -59.54 21.28
C ASN G 76 -46.13 -60.15 20.10
N GLY G 77 -45.89 -59.59 18.91
CA GLY G 77 -46.52 -60.09 17.70
C GLY G 77 -47.96 -59.70 17.51
N GLN G 78 -48.49 -58.79 18.33
CA GLN G 78 -49.87 -58.36 18.24
C GLN G 78 -49.93 -56.87 17.93
N LEU G 79 -50.89 -56.48 17.09
CA LEU G 79 -51.12 -55.07 16.84
C LEU G 79 -51.56 -54.38 18.12
N VAL G 80 -50.89 -53.27 18.45
CA VAL G 80 -51.16 -52.55 19.68
C VAL G 80 -51.34 -51.07 19.37
N LYS G 81 -52.06 -50.38 20.25
CA LYS G 81 -52.25 -48.94 20.17
C LYS G 81 -51.38 -48.28 21.24
N ILE G 82 -50.56 -47.32 20.82
CA ILE G 82 -49.57 -46.69 21.70
C ILE G 82 -50.04 -45.28 22.00
N VAL G 83 -49.99 -44.90 23.28
CA VAL G 83 -50.42 -43.60 23.74
C VAL G 83 -49.32 -42.97 24.58
N THR G 84 -49.34 -41.63 24.62
CA THR G 84 -48.37 -40.84 25.35
C THR G 84 -49.10 -39.80 26.18
N VAL G 85 -48.37 -39.16 27.09
CA VAL G 85 -48.98 -38.19 28.00
C VAL G 85 -48.87 -36.76 27.49
N GLN G 86 -48.04 -36.49 26.48
CA GLN G 86 -47.79 -35.13 26.05
C GLN G 86 -47.35 -35.12 24.60
N GLY G 87 -47.37 -33.92 24.00
CA GLY G 87 -46.77 -33.75 22.69
C GLY G 87 -45.28 -34.01 22.73
N HIS G 88 -44.77 -34.57 21.63
CA HIS G 88 -43.46 -35.18 21.65
C HIS G 88 -42.73 -34.89 20.35
N SER G 89 -41.51 -35.38 20.25
CA SER G 89 -40.74 -35.43 19.01
C SER G 89 -40.53 -36.88 18.63
N MET G 90 -40.51 -37.15 17.34
CA MET G 90 -40.48 -38.51 16.82
C MET G 90 -39.26 -38.73 15.95
N ALA G 91 -38.76 -39.96 15.96
CA ALA G 91 -37.63 -40.37 15.14
C ALA G 91 -37.89 -41.80 14.68
N ILE G 92 -38.10 -41.97 13.38
CA ILE G 92 -38.34 -43.28 12.77
C ILE G 92 -37.09 -43.71 12.04
N TYR G 93 -36.61 -44.91 12.37
CA TYR G 93 -35.41 -45.50 11.79
C TYR G 93 -35.79 -46.77 11.04
N ASP G 94 -35.04 -47.04 9.97
CA ASP G 94 -35.26 -48.19 9.12
C ASP G 94 -34.79 -49.47 9.81
N ALA G 95 -35.03 -50.60 9.14
CA ALA G 95 -34.47 -51.87 9.61
C ALA G 95 -32.95 -51.88 9.49
N ASN G 96 -32.42 -51.25 8.44
CA ASN G 96 -30.98 -51.12 8.30
C ASN G 96 -30.39 -50.28 9.44
N GLY G 97 -31.08 -49.21 9.81
CA GLY G 97 -30.60 -48.33 10.87
C GLY G 97 -30.47 -46.89 10.41
N SER G 98 -30.94 -46.61 9.19
CA SER G 98 -30.89 -45.27 8.63
C SER G 98 -32.08 -44.45 9.10
N GLN G 99 -31.86 -43.15 9.25
CA GLN G 99 -32.89 -42.23 9.73
C GLN G 99 -33.95 -42.08 8.64
N VAL G 100 -35.09 -42.76 8.83
CA VAL G 100 -36.20 -42.59 7.88
C VAL G 100 -36.82 -41.22 8.03
N ASP G 101 -37.06 -40.78 9.27
CA ASP G 101 -37.70 -39.49 9.47
C ASP G 101 -37.40 -38.96 10.86
N TYR G 102 -37.35 -37.63 10.97
CA TYR G 102 -37.33 -36.95 12.25
C TYR G 102 -38.36 -35.83 12.23
N ILE G 103 -39.19 -35.77 13.27
CA ILE G 103 -40.21 -34.75 13.43
C ILE G 103 -40.00 -34.07 14.77
N ALA G 104 -39.88 -32.74 14.75
CA ALA G 104 -39.52 -32.02 15.97
C ALA G 104 -40.69 -31.88 16.94
N ASN G 105 -41.93 -31.90 16.44
CA ASN G 105 -43.09 -31.67 17.30
C ASN G 105 -44.30 -32.32 16.68
N VAL G 106 -44.91 -33.27 17.40
CA VAL G 106 -46.15 -33.91 16.98
C VAL G 106 -47.07 -34.02 18.18
N LEU G 107 -48.36 -33.79 17.96
CA LEU G 107 -49.36 -33.95 19.00
C LEU G 107 -50.70 -34.26 18.33
N LYS G 108 -51.13 -35.51 18.42
CA LYS G 108 -52.45 -35.92 17.97
C LYS G 108 -53.22 -36.47 19.16
N TYR G 109 -54.38 -35.89 19.43
CA TYR G 109 -55.18 -36.30 20.57
C TYR G 109 -55.90 -37.61 20.27
N ASP G 110 -56.12 -38.39 21.32
CA ASP G 110 -56.84 -39.64 21.18
C ASP G 110 -58.32 -39.35 20.99
N PRO G 111 -58.94 -39.79 19.89
CA PRO G 111 -60.35 -39.46 19.65
C PRO G 111 -61.31 -40.42 20.33
N ASP G 112 -60.83 -41.19 21.30
CA ASP G 112 -61.60 -42.22 21.97
C ASP G 112 -61.78 -41.91 23.44
N GLN G 113 -62.67 -42.68 24.08
CA GLN G 113 -62.97 -42.55 25.51
C GLN G 113 -63.41 -41.13 25.88
N TYR G 114 -64.37 -40.60 25.12
CA TYR G 114 -64.86 -39.26 25.40
C TYR G 114 -65.77 -39.21 26.62
N SER G 115 -66.39 -40.33 27.00
CA SER G 115 -67.26 -40.33 28.18
C SER G 115 -66.47 -40.02 29.45
N ILE G 116 -65.26 -40.59 29.57
CA ILE G 116 -64.42 -40.31 30.72
C ILE G 116 -64.03 -38.84 30.76
N GLU G 117 -63.67 -38.27 29.61
CA GLU G 117 -63.30 -36.86 29.56
C GLU G 117 -64.48 -35.97 29.92
N ALA G 118 -65.67 -36.32 29.44
CA ALA G 118 -66.86 -35.54 29.77
C ALA G 118 -67.18 -35.63 31.27
N ASP G 119 -67.01 -36.82 31.85
CA ASP G 119 -67.22 -36.96 33.29
C ASP G 119 -66.23 -36.12 34.08
N LYS G 120 -64.96 -36.12 33.67
CA LYS G 120 -63.95 -35.32 34.35
C LYS G 120 -64.07 -33.83 34.03
N LYS G 121 -64.85 -33.46 33.02
CA LYS G 121 -64.94 -32.07 32.56
C LYS G 121 -66.26 -31.40 32.89
N PHE G 122 -67.37 -32.12 32.86
CA PHE G 122 -68.68 -31.54 33.16
C PHE G 122 -69.11 -31.91 34.58
N PRO H 2 -13.69 -29.58 -5.88
CA PRO H 2 -13.24 -28.31 -5.29
C PRO H 2 -13.77 -28.11 -3.88
N ILE H 3 -12.86 -27.95 -2.91
CA ILE H 3 -13.23 -27.74 -1.52
C ILE H 3 -13.47 -26.26 -1.29
N GLN H 4 -14.62 -25.93 -0.71
CA GLN H 4 -15.00 -24.56 -0.40
C GLN H 4 -15.27 -24.44 1.09
N GLN H 5 -14.71 -23.41 1.71
CA GLN H 5 -14.89 -23.16 3.13
C GLN H 5 -16.13 -22.32 3.36
N LEU H 6 -16.95 -22.72 4.33
CA LEU H 6 -18.21 -22.05 4.63
C LEU H 6 -18.10 -21.34 5.97
N PRO H 7 -18.20 -20.01 6.02
CA PRO H 7 -18.20 -19.33 7.32
C PRO H 7 -19.45 -19.64 8.12
N MET H 8 -19.28 -19.75 9.44
CA MET H 8 -20.39 -19.95 10.36
C MET H 8 -20.51 -18.87 11.42
N MET H 9 -19.57 -17.92 11.49
CA MET H 9 -19.64 -16.89 12.50
C MET H 9 -20.84 -15.97 12.30
N LYS H 10 -21.32 -15.85 11.06
CA LYS H 10 -22.51 -15.07 10.78
C LYS H 10 -23.26 -15.71 9.63
N GLY H 11 -24.57 -15.91 9.82
CA GLY H 11 -25.42 -16.48 8.81
C GLY H 11 -26.12 -15.41 7.98
N MET H 12 -27.08 -15.85 7.17
CA MET H 12 -27.78 -14.95 6.29
C MET H 12 -29.07 -15.60 5.81
N GLY H 13 -30.12 -14.80 5.69
CA GLY H 13 -31.39 -15.32 5.23
C GLY H 13 -32.37 -14.21 4.94
N LYS H 14 -33.64 -14.58 4.83
CA LYS H 14 -34.70 -13.63 4.51
C LYS H 14 -35.78 -13.68 5.59
N ASP H 15 -36.31 -12.50 5.91
CA ASP H 15 -37.47 -12.39 6.80
C ASP H 15 -38.73 -12.58 5.96
N PHE H 16 -39.56 -13.54 6.35
CA PHE H 16 -40.76 -13.85 5.59
C PHE H 16 -41.89 -12.86 5.83
N LYS H 17 -41.71 -11.91 6.75
CA LYS H 17 -42.77 -10.94 7.00
C LYS H 17 -42.75 -9.79 6.00
N ASN H 18 -41.55 -9.36 5.59
CA ASN H 18 -41.42 -8.27 4.62
C ASN H 18 -40.48 -8.59 3.48
N ALA H 19 -40.01 -9.84 3.37
CA ALA H 19 -39.15 -10.29 2.27
C ALA H 19 -37.85 -9.49 2.18
N ASP H 20 -37.30 -9.12 3.33
CA ASP H 20 -36.03 -8.40 3.38
C ASP H 20 -34.90 -9.35 3.77
N TYR H 21 -33.68 -8.93 3.49
CA TYR H 21 -32.49 -9.71 3.80
C TYR H 21 -32.02 -9.37 5.21
N ILE H 22 -31.82 -10.40 6.04
CA ILE H 22 -31.40 -10.23 7.43
C ILE H 22 -30.28 -11.22 7.72
N ASP H 23 -29.53 -10.92 8.77
CA ASP H 23 -28.45 -11.78 9.23
C ASP H 23 -28.98 -12.78 10.25
N TYR H 24 -28.41 -13.99 10.22
CA TYR H 24 -28.74 -15.05 11.16
C TYR H 24 -27.61 -15.16 12.16
N LEU H 25 -27.83 -14.62 13.36
CA LEU H 25 -26.79 -14.59 14.38
C LEU H 25 -26.64 -15.97 15.03
N PRO H 26 -25.42 -16.37 15.38
CA PRO H 26 -25.26 -17.63 16.13
C PRO H 26 -25.93 -17.53 17.50
N VAL H 27 -26.50 -18.65 17.94
CA VAL H 27 -27.23 -18.73 19.20
C VAL H 27 -26.37 -19.50 20.19
N ASN H 28 -26.08 -18.88 21.33
CA ASN H 28 -25.29 -19.48 22.41
C ASN H 28 -23.89 -19.88 21.94
N MET H 29 -23.36 -19.16 20.96
CA MET H 29 -22.02 -19.40 20.44
C MET H 29 -21.28 -18.08 20.30
N LEU H 30 -20.00 -18.08 20.66
CA LEU H 30 -19.13 -16.92 20.53
C LEU H 30 -18.00 -17.24 19.56
N ALA H 31 -17.64 -16.26 18.74
CA ALA H 31 -16.60 -16.42 17.74
C ALA H 31 -15.25 -16.01 18.33
N THR H 32 -14.28 -16.92 18.27
CA THR H 32 -12.93 -16.65 18.75
C THR H 32 -11.98 -16.61 17.56
N PRO H 33 -11.43 -15.46 17.20
CA PRO H 33 -10.45 -15.40 16.10
C PRO H 33 -9.13 -16.04 16.53
N LYS H 34 -8.80 -17.16 15.90
CA LYS H 34 -7.60 -17.92 16.25
C LYS H 34 -7.27 -18.91 15.15
N GLU H 35 -6.06 -18.84 14.61
CA GLU H 35 -5.64 -19.74 13.52
C GLU H 35 -5.46 -21.14 14.10
N ILE H 36 -6.45 -22.01 13.88
CA ILE H 36 -6.37 -23.36 14.42
C ILE H 36 -5.77 -24.29 13.36
N LEU H 37 -6.51 -24.48 12.27
CA LEU H 37 -6.00 -25.18 11.10
C LEU H 37 -6.91 -24.89 9.91
N ASN H 38 -6.37 -24.18 8.91
CA ASN H 38 -7.12 -23.77 7.71
C ASN H 38 -8.40 -23.00 8.05
N SER H 39 -8.52 -22.48 9.27
CA SER H 39 -9.76 -21.91 9.76
C SER H 39 -9.64 -20.44 10.14
N SER H 40 -8.59 -20.06 10.87
CA SER H 40 -8.41 -18.69 11.35
C SER H 40 -9.59 -18.23 12.21
N GLY H 41 -9.98 -19.07 13.14
CA GLY H 41 -11.07 -18.76 14.06
C GLY H 41 -11.95 -19.98 14.27
N TYR H 42 -12.61 -20.02 15.43
CA TYR H 42 -13.54 -21.08 15.75
C TYR H 42 -14.74 -20.49 16.48
N LEU H 43 -15.71 -21.34 16.78
CA LEU H 43 -16.93 -20.95 17.49
C LEU H 43 -17.09 -21.85 18.69
N ARG H 44 -17.23 -21.24 19.87
CA ARG H 44 -17.29 -21.97 21.13
C ARG H 44 -18.58 -21.63 21.86
N SER H 45 -19.20 -22.65 22.45
CA SER H 45 -20.45 -22.43 23.16
C SER H 45 -20.25 -21.50 24.35
N PHE H 46 -21.27 -20.70 24.64
CA PHE H 46 -21.24 -19.85 25.81
C PHE H 46 -21.19 -20.73 27.06
N PRO H 47 -20.42 -20.35 28.09
CA PRO H 47 -20.33 -21.19 29.29
C PRO H 47 -21.68 -21.36 29.96
N GLY H 48 -21.90 -22.56 30.51
CA GLY H 48 -23.13 -22.87 31.20
C GLY H 48 -23.16 -22.30 32.60
N ILE H 49 -24.31 -22.46 33.25
CA ILE H 49 -24.56 -21.88 34.56
C ILE H 49 -24.88 -23.01 35.54
N THR H 50 -24.13 -23.05 36.64
CA THR H 50 -24.39 -23.98 37.74
C THR H 50 -24.72 -23.19 39.00
N LYS H 51 -25.58 -23.78 39.84
CA LYS H 51 -26.06 -23.07 41.01
C LYS H 51 -24.95 -22.87 42.03
N ARG H 52 -24.94 -21.69 42.63
CA ARG H 52 -23.96 -21.32 43.66
C ARG H 52 -24.63 -21.06 45.00
N TYR H 53 -25.62 -20.17 45.05
CA TYR H 53 -26.28 -19.76 46.28
C TYR H 53 -27.79 -19.76 46.07
N ASP H 54 -28.52 -19.42 47.13
CA ASP H 54 -29.97 -19.29 47.11
C ASP H 54 -30.33 -17.92 47.68
N MET H 55 -31.01 -17.10 46.90
CA MET H 55 -31.34 -15.73 47.28
C MET H 55 -32.83 -15.56 47.58
N ASN H 56 -33.21 -14.32 47.90
CA ASN H 56 -34.59 -14.00 48.22
C ASN H 56 -35.47 -13.92 46.98
N GLY H 57 -34.91 -13.50 45.85
CA GLY H 57 -35.69 -13.32 44.66
C GLY H 57 -34.82 -13.11 43.45
N VAL H 58 -35.44 -12.61 42.38
CA VAL H 58 -34.68 -12.34 41.16
C VAL H 58 -33.75 -11.15 41.38
N SER H 59 -32.68 -11.12 40.60
CA SER H 59 -31.65 -10.10 40.77
C SER H 59 -32.11 -8.77 40.21
N ARG H 60 -31.84 -7.71 40.97
CA ARG H 60 -32.25 -6.35 40.61
C ARG H 60 -31.06 -5.41 40.45
N GLY H 61 -29.87 -5.81 40.87
CA GLY H 61 -28.68 -5.00 40.71
C GLY H 61 -27.48 -5.77 41.19
N VAL H 62 -26.31 -5.26 40.82
CA VAL H 62 -25.04 -5.87 41.22
C VAL H 62 -23.94 -4.82 41.07
N GLU H 63 -22.94 -4.90 41.92
CA GLU H 63 -21.80 -4.00 41.85
C GLU H 63 -20.62 -4.62 42.58
N TYR H 64 -19.43 -4.31 42.11
CA TYR H 64 -18.20 -4.67 42.83
C TYR H 64 -17.83 -3.52 43.75
N ASN H 65 -17.85 -3.78 45.05
CA ASN H 65 -17.51 -2.76 46.05
C ASN H 65 -15.99 -2.73 46.18
N THR H 66 -15.36 -1.77 45.50
CA THR H 66 -13.91 -1.65 45.58
C THR H 66 -13.44 -1.24 46.96
N ALA H 67 -14.31 -0.64 47.77
CA ALA H 67 -13.94 -0.33 49.15
C ALA H 67 -13.87 -1.59 50.00
N GLN H 68 -14.88 -2.46 49.89
CA GLN H 68 -14.92 -3.70 50.66
C GLN H 68 -14.27 -4.87 49.94
N ASN H 69 -13.90 -4.71 48.67
CA ASN H 69 -13.38 -5.79 47.84
C ASN H 69 -14.33 -6.98 47.82
N ALA H 70 -15.60 -6.69 47.52
CA ALA H 70 -16.64 -7.70 47.50
C ALA H 70 -17.72 -7.29 46.52
N VAL H 71 -18.54 -8.26 46.15
CA VAL H 71 -19.67 -8.05 45.22
C VAL H 71 -20.94 -7.89 46.05
N TYR H 72 -21.67 -6.81 45.79
CA TYR H 72 -22.95 -6.55 46.45
C TYR H 72 -24.06 -6.80 45.45
N ARG H 73 -25.04 -7.61 45.85
CA ARG H 73 -26.16 -7.95 44.98
C ARG H 73 -27.48 -7.66 45.68
N VAL H 74 -28.42 -7.08 44.93
CA VAL H 74 -29.79 -6.93 45.39
C VAL H 74 -30.62 -8.05 44.77
N CYS H 75 -31.23 -8.88 45.60
CA CYS H 75 -32.07 -9.97 45.13
C CYS H 75 -33.36 -9.96 45.94
N GLY H 76 -34.49 -9.86 45.23
CA GLY H 76 -35.76 -9.75 45.93
C GLY H 76 -35.76 -8.53 46.82
N GLY H 77 -36.10 -8.74 48.09
CA GLY H 77 -36.06 -7.68 49.07
C GLY H 77 -34.80 -7.61 49.90
N LYS H 78 -33.74 -8.30 49.51
CA LYS H 78 -32.52 -8.38 50.30
C LYS H 78 -31.33 -7.82 49.55
N LEU H 79 -30.38 -7.28 50.30
CA LEU H 79 -29.09 -6.86 49.80
C LEU H 79 -28.01 -7.69 50.47
N TYR H 80 -27.18 -8.35 49.65
CA TYR H 80 -26.16 -9.27 50.10
C TYR H 80 -24.78 -8.74 49.77
N LYS H 81 -23.85 -8.91 50.71
CA LYS H 81 -22.43 -8.74 50.47
C LYS H 81 -21.83 -10.13 50.34
N GLY H 82 -21.65 -10.59 49.11
CA GLY H 82 -21.24 -11.96 48.88
C GLY H 82 -22.39 -12.93 49.05
N GLU H 83 -22.35 -13.73 50.12
CA GLU H 83 -23.40 -14.71 50.39
C GLU H 83 -24.33 -14.29 51.52
N SER H 84 -23.89 -13.41 52.41
CA SER H 84 -24.66 -13.04 53.59
C SER H 84 -25.47 -11.79 53.33
N GLU H 85 -26.72 -11.79 53.81
CA GLU H 85 -27.56 -10.61 53.71
C GLU H 85 -27.02 -9.49 54.59
N VAL H 86 -26.95 -8.28 54.04
CA VAL H 86 -26.50 -7.11 54.78
C VAL H 86 -27.56 -6.01 54.82
N GLY H 87 -28.68 -6.16 54.13
CA GLY H 87 -29.70 -5.14 54.23
C GLY H 87 -31.01 -5.59 53.62
N ASP H 88 -32.02 -4.75 53.83
CA ASP H 88 -33.35 -4.93 53.24
C ASP H 88 -33.61 -3.82 52.24
N VAL H 89 -34.06 -4.17 51.04
CA VAL H 89 -34.33 -3.22 49.97
C VAL H 89 -35.77 -3.38 49.52
N ALA H 90 -36.52 -2.28 49.50
CA ALA H 90 -37.90 -2.29 49.06
C ALA H 90 -37.99 -2.15 47.53
N GLY H 91 -39.14 -2.51 46.99
CA GLY H 91 -39.40 -2.40 45.57
C GLY H 91 -39.39 -3.77 44.89
N SER H 92 -39.51 -3.72 43.56
CA SER H 92 -39.54 -4.96 42.78
C SER H 92 -38.70 -4.95 41.51
N GLY H 93 -38.24 -3.79 41.03
CA GLY H 93 -37.55 -3.70 39.76
C GLY H 93 -36.07 -3.39 39.90
N ARG H 94 -35.47 -3.04 38.77
CA ARG H 94 -34.04 -2.75 38.73
C ARG H 94 -33.72 -1.53 39.59
N VAL H 95 -32.55 -1.57 40.22
CA VAL H 95 -32.11 -0.53 41.14
C VAL H 95 -30.74 -0.03 40.70
N SER H 96 -30.42 1.20 41.09
CA SER H 96 -29.10 1.75 40.83
C SER H 96 -28.17 1.41 41.98
N MET H 97 -26.88 1.32 41.69
CA MET H 97 -25.89 0.94 42.68
C MET H 97 -24.69 1.87 42.64
N ALA H 98 -24.21 2.26 43.81
CA ALA H 98 -22.96 3.01 43.95
C ALA H 98 -22.35 2.66 45.30
N HIS H 99 -21.11 3.08 45.51
CA HIS H 99 -20.48 2.82 46.79
C HIS H 99 -19.37 3.83 47.02
N GLY H 100 -18.94 3.93 48.26
CA GLY H 100 -17.91 4.88 48.65
C GLY H 100 -17.15 4.37 49.85
N ARG H 101 -16.60 5.31 50.63
CA ARG H 101 -15.74 4.95 51.74
C ARG H 101 -16.49 4.22 52.85
N THR H 102 -17.70 4.68 53.17
CA THR H 102 -18.39 4.20 54.37
C THR H 102 -19.79 3.65 54.11
N SER H 103 -20.21 3.52 52.85
CA SER H 103 -21.57 3.06 52.60
C SER H 103 -21.67 2.42 51.22
N GLN H 104 -22.71 1.60 51.06
CA GLN H 104 -23.15 1.09 49.77
C GLN H 104 -24.51 1.69 49.49
N ALA H 105 -24.58 2.54 48.46
CA ALA H 105 -25.80 3.25 48.15
C ALA H 105 -26.60 2.52 47.07
N VAL H 106 -27.91 2.42 47.29
CA VAL H 106 -28.85 1.85 46.34
C VAL H 106 -29.87 2.91 46.00
N GLY H 107 -30.04 3.15 44.70
CA GLY H 107 -31.09 4.04 44.22
C GLY H 107 -32.33 3.25 43.88
N VAL H 108 -33.36 3.40 44.71
CA VAL H 108 -34.58 2.59 44.58
C VAL H 108 -35.75 3.38 45.13
N ASN H 109 -36.90 3.28 44.43
CA ASN H 109 -38.16 3.88 44.87
C ASN H 109 -38.05 5.39 45.02
N GLY H 110 -37.25 6.02 44.17
CA GLY H 110 -37.06 7.46 44.28
C GLY H 110 -36.24 7.88 45.48
N GLN H 111 -35.49 6.96 46.07
CA GLN H 111 -34.68 7.26 47.25
C GLN H 111 -33.25 6.78 47.02
N LEU H 112 -32.32 7.47 47.68
CA LEU H 112 -30.91 7.09 47.69
C LEU H 112 -30.64 6.51 49.08
N VAL H 113 -30.86 5.21 49.22
CA VAL H 113 -30.76 4.53 50.52
C VAL H 113 -29.33 4.02 50.69
N GLU H 114 -28.66 4.48 51.74
CA GLU H 114 -27.25 4.18 51.96
C GLU H 114 -27.13 3.19 53.11
N TYR H 115 -26.63 1.99 52.82
CA TYR H 115 -26.39 0.98 53.83
C TYR H 115 -24.94 1.08 54.27
N ARG H 116 -24.72 1.55 55.50
CA ARG H 116 -23.38 1.75 55.99
C ARG H 116 -22.81 0.45 56.53
N TYR H 117 -21.48 0.32 56.45
CA TYR H 117 -20.80 -0.91 56.85
C TYR H 117 -20.89 -1.16 58.35
N ASP H 118 -21.29 -0.18 59.14
CA ASP H 118 -21.48 -0.35 60.58
C ASP H 118 -22.86 -0.90 60.92
N GLY H 119 -23.72 -1.13 59.93
CA GLY H 119 -25.01 -1.73 60.14
C GLY H 119 -26.19 -0.78 60.13
N THR H 120 -25.95 0.54 60.12
CA THR H 120 -27.02 1.51 60.10
C THR H 120 -27.33 1.94 58.67
N VAL H 121 -28.59 2.31 58.44
CA VAL H 121 -29.09 2.66 57.11
C VAL H 121 -29.60 4.09 57.15
N LYS H 122 -29.16 4.89 56.19
CA LYS H 122 -29.57 6.29 56.09
C LYS H 122 -30.22 6.54 54.73
N THR H 123 -30.81 7.72 54.60
CA THR H 123 -31.45 8.14 53.36
C THR H 123 -31.14 9.61 53.12
N VAL H 124 -30.86 9.97 51.87
CA VAL H 124 -30.52 11.35 51.54
C VAL H 124 -31.75 12.23 51.68
N SER H 125 -31.60 13.32 52.43
CA SER H 125 -32.68 14.28 52.60
C SER H 125 -32.05 15.64 52.86
N ASN H 126 -32.89 16.68 52.76
CA ASN H 126 -32.42 18.03 52.98
C ASN H 126 -31.88 18.20 54.40
N TRP H 127 -30.97 19.16 54.55
CA TRP H 127 -30.50 19.51 55.89
C TRP H 127 -31.67 20.00 56.74
N PRO H 128 -31.64 19.74 58.04
CA PRO H 128 -32.70 20.28 58.91
C PRO H 128 -32.71 21.80 58.85
N ALA H 129 -33.92 22.37 58.90
CA ALA H 129 -34.08 23.81 58.76
C ALA H 129 -33.37 24.57 59.87
N ASP H 130 -33.07 23.91 61.00
CA ASP H 130 -32.29 24.56 62.05
C ASP H 130 -30.88 24.89 61.59
N SER H 131 -30.38 24.20 60.57
CA SER H 131 -29.09 24.55 59.98
C SER H 131 -29.21 25.82 59.15
N GLY H 132 -28.08 26.49 58.96
CA GLY H 132 -28.03 27.68 58.13
C GLY H 132 -27.70 27.35 56.70
N PHE H 133 -27.89 26.08 56.33
CA PHE H 133 -27.50 25.56 55.03
C PHE H 133 -28.66 25.63 54.05
N THR H 134 -28.32 25.57 52.76
CA THR H 134 -29.31 25.70 51.70
C THR H 134 -30.24 24.51 51.66
N GLN H 135 -31.48 24.77 51.28
CA GLN H 135 -32.50 23.74 51.06
C GLN H 135 -32.81 23.65 49.57
N TYR H 136 -32.97 22.43 49.08
CA TYR H 136 -33.20 22.19 47.65
C TYR H 136 -34.47 21.40 47.47
N GLU H 137 -35.00 21.46 46.24
CA GLU H 137 -36.22 20.73 45.88
C GLU H 137 -35.83 19.30 45.50
N LEU H 138 -35.57 18.50 46.53
CA LEU H 138 -35.23 17.09 46.36
C LEU H 138 -36.50 16.31 46.06
N GLY H 139 -36.72 15.98 44.79
CA GLY H 139 -37.86 15.20 44.39
C GLY H 139 -37.59 13.71 44.43
N SER H 140 -37.77 13.04 43.31
CA SER H 140 -37.46 11.62 43.21
C SER H 140 -36.03 11.42 42.72
N VAL H 141 -35.54 10.20 42.87
CA VAL H 141 -34.21 9.81 42.43
C VAL H 141 -34.34 8.86 41.25
N ARG H 142 -33.68 9.19 40.14
CA ARG H 142 -33.68 8.34 38.97
C ARG H 142 -32.45 7.45 38.88
N ASP H 143 -31.25 8.04 38.96
CA ASP H 143 -30.02 7.28 38.87
C ASP H 143 -28.97 7.91 39.77
N ILE H 144 -28.06 7.08 40.27
CA ILE H 144 -27.03 7.50 41.22
C ILE H 144 -25.67 7.04 40.73
N THR H 145 -24.63 7.73 41.21
CA THR H 145 -23.25 7.39 40.91
C THR H 145 -22.37 8.02 41.98
N ARG H 146 -21.10 7.61 42.02
CA ARG H 146 -20.15 8.13 42.98
C ARG H 146 -18.93 8.71 42.26
N LEU H 147 -18.47 9.87 42.74
CA LEU H 147 -17.24 10.46 42.23
C LEU H 147 -16.59 11.29 43.31
N ARG H 148 -15.31 11.04 43.55
CA ARG H 148 -14.45 11.86 44.41
C ARG H 148 -15.09 12.14 45.76
N GLY H 149 -15.60 11.09 46.38
CA GLY H 149 -16.13 11.17 47.71
C GLY H 149 -17.56 11.70 47.81
N ARG H 150 -18.24 11.88 46.69
CA ARG H 150 -19.60 12.39 46.72
C ARG H 150 -20.52 11.47 45.91
N TYR H 151 -21.78 11.43 46.32
CA TYR H 151 -22.83 10.79 45.53
C TYR H 151 -23.50 11.84 44.65
N ALA H 152 -23.55 11.56 43.35
CA ALA H 152 -24.25 12.41 42.39
C ALA H 152 -25.46 11.64 41.87
N TRP H 153 -26.64 12.22 42.00
CA TRP H 153 -27.87 11.57 41.58
C TRP H 153 -28.73 12.54 40.80
N SER H 154 -29.56 11.99 39.92
CA SER H 154 -30.38 12.78 39.01
C SER H 154 -31.82 12.81 39.49
N LYS H 155 -32.41 14.00 39.54
CA LYS H 155 -33.82 14.15 39.88
C LYS H 155 -34.69 13.66 38.74
N ASP H 156 -35.77 12.95 39.07
CA ASP H 156 -36.57 12.26 38.08
C ASP H 156 -37.33 13.25 37.22
N GLY H 157 -36.96 13.35 35.94
CA GLY H 157 -37.73 14.09 34.97
C GLY H 157 -37.62 15.59 35.01
N THR H 158 -36.67 16.14 35.78
CA THR H 158 -36.58 17.58 35.95
C THR H 158 -35.24 18.17 35.54
N ASP H 159 -34.39 17.41 34.85
CA ASP H 159 -33.15 17.87 34.23
C ASP H 159 -32.07 18.24 35.24
N SER H 160 -32.35 18.15 36.54
CA SER H 160 -31.39 18.56 37.56
C SER H 160 -30.69 17.35 38.17
N TRP H 161 -29.50 17.59 38.71
CA TRP H 161 -28.78 16.58 39.47
C TRP H 161 -28.11 17.23 40.66
N PHE H 162 -27.86 16.42 41.68
CA PHE H 162 -27.35 16.90 42.96
C PHE H 162 -26.16 16.06 43.40
N ILE H 163 -25.31 16.67 44.22
CA ILE H 163 -24.19 15.99 44.84
C ILE H 163 -24.39 16.03 46.35
N THR H 164 -23.77 15.08 47.03
CA THR H 164 -23.84 15.03 48.48
C THR H 164 -22.72 15.85 49.11
N ASP H 165 -22.82 16.04 50.41
CA ASP H 165 -21.80 16.80 51.14
C ASP H 165 -20.55 15.95 51.33
N LEU H 166 -19.42 16.62 51.54
CA LEU H 166 -18.15 15.91 51.65
C LEU H 166 -18.03 15.18 52.99
N GLU H 167 -18.43 15.82 54.08
CA GLU H 167 -18.34 15.22 55.41
C GLU H 167 -19.66 14.66 55.89
N ASP H 168 -20.69 14.65 55.04
CA ASP H 168 -21.97 14.02 55.38
C ASP H 168 -22.64 13.60 54.08
N GLU H 169 -22.51 12.31 53.74
CA GLU H 169 -23.08 11.80 52.51
C GLU H 169 -24.59 11.63 52.57
N SER H 170 -25.19 11.80 53.74
CA SER H 170 -26.64 11.66 53.90
C SER H 170 -27.41 12.93 53.57
N HIS H 171 -26.72 13.99 53.19
CA HIS H 171 -27.33 15.27 52.86
C HIS H 171 -26.71 15.80 51.58
N PRO H 172 -27.42 16.66 50.86
CA PRO H 172 -26.78 17.37 49.75
C PRO H 172 -25.75 18.36 50.26
N ASP H 173 -25.04 18.99 49.33
CA ASP H 173 -24.02 19.96 49.71
C ASP H 173 -24.64 21.14 50.42
N ARG H 174 -23.89 21.70 51.39
CA ARG H 174 -24.41 22.78 52.21
C ARG H 174 -24.78 24.00 51.38
N TYR H 175 -23.93 24.36 50.41
CA TYR H 175 -24.06 25.60 49.67
C TYR H 175 -24.42 25.41 48.21
N SER H 176 -23.70 24.54 47.50
CA SER H 176 -23.89 24.36 46.06
C SER H 176 -24.00 22.86 45.76
N ALA H 177 -25.23 22.37 45.68
CA ALA H 177 -25.48 20.97 45.36
C ALA H 177 -26.19 20.76 44.03
N GLN H 178 -26.99 21.71 43.58
CA GLN H 178 -27.81 21.54 42.39
C GLN H 178 -27.05 21.98 41.14
N TYR H 179 -27.15 21.16 40.09
CA TYR H 179 -26.57 21.47 38.79
C TYR H 179 -27.54 21.03 37.71
N ARG H 180 -27.41 21.63 36.54
CA ARG H 180 -28.30 21.37 35.42
C ARG H 180 -27.48 21.11 34.17
N ALA H 181 -27.96 20.17 33.35
CA ALA H 181 -27.35 19.96 32.04
C ALA H 181 -27.48 21.22 31.19
N GLU H 182 -28.71 21.64 30.92
CA GLU H 182 -29.04 22.97 30.41
C GLU H 182 -28.70 23.18 28.95
N SER H 183 -28.00 22.26 28.31
CA SER H 183 -27.85 22.34 26.87
C SER H 183 -28.88 21.49 26.16
N GLN H 184 -30.15 21.63 26.59
CA GLN H 184 -31.23 20.77 26.16
C GLN H 184 -32.55 21.27 26.75
N PRO H 185 -33.69 21.10 26.05
CA PRO H 185 -34.96 21.46 26.65
C PRO H 185 -35.38 20.46 27.74
N ASP H 186 -34.76 19.29 27.85
CA ASP H 186 -35.04 18.37 28.96
C ASP H 186 -34.23 17.08 28.73
N GLY H 187 -34.22 16.23 29.76
CA GLY H 187 -33.58 14.93 29.67
C GLY H 187 -32.43 14.71 30.61
N ILE H 188 -32.64 13.93 31.66
CA ILE H 188 -31.60 13.56 32.63
C ILE H 188 -31.61 12.05 32.86
N ILE H 189 -32.01 11.29 31.84
CA ILE H 189 -32.34 9.88 31.92
C ILE H 189 -31.39 9.05 32.78
N GLY H 190 -30.08 9.27 32.63
CA GLY H 190 -29.10 8.48 33.36
C GLY H 190 -27.92 9.32 33.79
N ILE H 191 -27.13 8.76 34.70
CA ILE H 191 -25.96 9.43 35.24
C ILE H 191 -24.84 8.41 35.41
N GLY H 192 -23.60 8.85 35.22
CA GLY H 192 -22.45 7.98 35.37
C GLY H 192 -21.20 8.79 35.59
N THR H 193 -20.07 8.08 35.66
CA THR H 193 -18.76 8.71 35.78
C THR H 193 -17.80 8.03 34.81
N TRP H 194 -17.24 8.80 33.88
CA TRP H 194 -16.37 8.22 32.84
C TRP H 194 -14.93 8.07 33.32
N ARG H 195 -14.23 9.20 33.49
CA ARG H 195 -12.87 9.17 34.04
C ARG H 195 -12.76 9.97 35.32
N ASP H 196 -13.05 11.28 35.26
CA ASP H 196 -13.16 12.15 36.42
C ASP H 196 -14.29 13.14 36.20
N PHE H 197 -15.26 12.75 35.38
CA PHE H 197 -16.38 13.60 35.01
C PHE H 197 -17.68 12.96 35.49
N ILE H 198 -18.64 13.81 35.82
CA ILE H 198 -20.03 13.39 35.95
C ILE H 198 -20.64 13.48 34.55
N VAL H 199 -21.09 12.33 34.03
CA VAL H 199 -21.69 12.25 32.71
C VAL H 199 -23.19 12.15 32.88
N CYS H 200 -23.91 13.11 32.30
CA CYS H 200 -25.37 13.18 32.36
C CYS H 200 -25.90 12.77 31.01
N PHE H 201 -26.50 11.58 30.94
CA PHE H 201 -27.04 11.04 29.71
C PHE H 201 -28.51 11.42 29.65
N GLY H 202 -28.84 12.42 28.84
CA GLY H 202 -30.21 12.80 28.59
C GLY H 202 -30.74 12.13 27.34
N SER H 203 -31.79 12.72 26.79
CA SER H 203 -32.27 12.40 25.46
C SER H 203 -31.82 13.50 24.51
N SER H 204 -31.15 13.12 23.43
CA SER H 204 -30.55 13.96 22.40
C SER H 204 -29.26 14.63 22.87
N THR H 205 -28.84 14.46 24.13
CA THR H 205 -27.58 15.02 24.60
C THR H 205 -26.93 14.08 25.60
N ILE H 206 -25.60 14.10 25.63
CA ILE H 206 -24.80 13.53 26.71
C ILE H 206 -23.80 14.59 27.13
N GLU H 207 -23.87 15.02 28.38
CA GLU H 207 -23.07 16.14 28.86
C GLU H 207 -22.04 15.67 29.87
N TYR H 208 -20.95 16.43 29.97
CA TYR H 208 -19.82 16.11 30.84
C TYR H 208 -19.59 17.28 31.80
N PHE H 209 -19.33 16.95 33.07
CA PHE H 209 -19.11 17.94 34.11
C PHE H 209 -17.83 17.60 34.86
N SER H 210 -16.96 18.58 35.07
CA SER H 210 -15.71 18.39 35.79
C SER H 210 -15.66 19.32 37.00
N LEU H 211 -14.86 18.93 37.98
CA LEU H 211 -14.73 19.71 39.20
C LEU H 211 -14.01 21.03 38.90
N THR H 212 -14.56 22.13 39.42
CA THR H 212 -13.97 23.44 39.21
C THR H 212 -12.75 23.68 40.09
N GLY H 213 -12.75 23.14 41.30
CA GLY H 213 -11.73 23.47 42.28
C GLY H 213 -12.00 24.71 43.07
N ALA H 214 -13.19 25.29 42.96
CA ALA H 214 -13.52 26.51 43.70
C ALA H 214 -13.56 26.25 45.19
N THR H 215 -13.26 27.31 45.96
CA THR H 215 -13.21 27.22 47.42
C THR H 215 -14.23 28.11 48.12
N THR H 216 -14.71 29.17 47.48
CA THR H 216 -15.67 30.07 48.12
C THR H 216 -17.01 29.37 48.30
N ALA H 217 -17.69 29.73 49.38
CA ALA H 217 -19.01 29.16 49.66
C ALA H 217 -20.02 29.64 48.64
N GLY H 218 -20.84 28.70 48.16
CA GLY H 218 -21.88 28.99 47.19
C GLY H 218 -21.44 28.88 45.74
N ALA H 219 -20.14 28.86 45.48
CA ALA H 219 -19.64 28.73 44.12
C ALA H 219 -19.90 27.33 43.59
N ALA H 220 -20.02 27.23 42.26
CA ALA H 220 -20.28 25.95 41.62
C ALA H 220 -19.05 25.06 41.71
N LEU H 221 -19.25 23.83 42.20
CA LEU H 221 -18.18 22.86 42.29
C LEU H 221 -18.00 22.06 41.00
N TYR H 222 -18.96 22.11 40.09
CA TYR H 222 -18.89 21.40 38.82
C TYR H 222 -19.22 22.34 37.68
N VAL H 223 -18.52 22.18 36.57
CA VAL H 223 -18.73 22.99 35.37
C VAL H 223 -18.82 22.06 34.18
N ALA H 224 -19.73 22.37 33.25
CA ALA H 224 -19.93 21.55 32.08
C ALA H 224 -18.80 21.74 31.07
N GLN H 225 -18.42 20.66 30.41
CA GLN H 225 -17.43 20.71 29.34
C GLN H 225 -18.12 20.56 27.99
N PRO H 226 -18.46 21.67 27.33
CA PRO H 226 -19.18 21.58 26.05
C PRO H 226 -18.36 20.92 24.95
N SER H 227 -17.04 20.89 25.05
CA SER H 227 -16.21 20.27 24.02
C SER H 227 -16.34 18.77 23.99
N LEU H 228 -16.72 18.15 25.11
CA LEU H 228 -16.86 16.70 25.21
C LEU H 228 -18.29 16.22 25.00
N MET H 229 -19.23 17.12 24.72
CA MET H 229 -20.63 16.77 24.64
C MET H 229 -20.92 15.91 23.42
N VAL H 230 -21.87 14.99 23.57
CA VAL H 230 -22.31 14.11 22.49
C VAL H 230 -23.75 14.45 22.15
N GLN H 231 -24.03 14.65 20.87
CA GLN H 231 -25.36 15.02 20.40
C GLN H 231 -26.23 13.78 20.17
N LYS H 232 -26.43 13.03 21.25
CA LYS H 232 -27.25 11.83 21.20
C LYS H 232 -27.64 11.46 22.63
N GLY H 233 -28.79 10.79 22.76
CA GLY H 233 -29.31 10.41 24.05
C GLY H 233 -29.28 8.91 24.28
N ILE H 234 -29.86 8.51 25.41
CA ILE H 234 -29.97 7.10 25.78
C ILE H 234 -31.45 6.76 25.95
N ALA H 235 -31.78 5.50 25.67
CA ALA H 235 -33.18 5.08 25.66
C ALA H 235 -33.76 5.00 27.06
N GLY H 236 -33.03 4.41 28.00
CA GLY H 236 -33.50 4.24 29.36
C GLY H 236 -32.38 4.44 30.35
N THR H 237 -32.75 4.42 31.63
CA THR H 237 -31.78 4.69 32.69
C THR H 237 -30.72 3.60 32.77
N TYR H 238 -31.02 2.39 32.31
CA TYR H 238 -30.08 1.28 32.32
C TYR H 238 -29.67 0.84 30.92
N CYS H 239 -29.79 1.73 29.94
CA CYS H 239 -29.39 1.46 28.56
C CYS H 239 -27.99 1.97 28.27
N LYS H 240 -27.11 1.92 29.27
CA LYS H 240 -25.75 2.43 29.15
C LYS H 240 -24.84 1.60 30.05
N THR H 241 -23.58 1.48 29.65
CA THR H 241 -22.59 0.78 30.46
C THR H 241 -21.20 1.18 30.00
N PRO H 242 -20.23 1.27 30.92
CA PRO H 242 -18.84 1.49 30.49
C PRO H 242 -18.28 0.25 29.82
N PHE H 243 -18.02 0.32 28.51
CA PHE H 243 -17.67 -0.87 27.74
C PHE H 243 -16.17 -1.10 27.64
N ALA H 244 -15.45 -0.21 26.96
CA ALA H 244 -14.02 -0.40 26.73
C ALA H 244 -13.20 0.68 27.43
N ASP H 245 -13.43 1.95 27.11
CA ASP H 245 -12.86 3.05 27.88
C ASP H 245 -13.83 4.22 27.96
N SER H 246 -15.02 4.07 27.38
CA SER H 246 -16.06 5.09 27.42
C SER H 246 -17.38 4.36 27.61
N TYR H 247 -18.49 5.03 27.36
CA TYR H 247 -19.81 4.45 27.56
C TYR H 247 -20.37 3.96 26.23
N ALA H 248 -20.89 2.73 26.25
CA ALA H 248 -21.72 2.20 25.18
C ALA H 248 -23.18 2.31 25.62
N PHE H 249 -24.04 2.72 24.68
CA PHE H 249 -25.42 2.99 25.02
C PHE H 249 -26.32 2.67 23.83
N ILE H 250 -27.63 2.69 24.10
CA ILE H 250 -28.67 2.57 23.08
C ILE H 250 -29.37 3.92 22.99
N SER H 251 -29.49 4.45 21.78
CA SER H 251 -30.00 5.80 21.62
C SER H 251 -31.52 5.85 21.77
N HIS H 252 -32.02 7.04 22.04
CA HIS H 252 -33.39 7.44 22.26
C HIS H 252 -34.11 7.66 20.93
N PRO H 253 -35.43 7.43 20.88
CA PRO H 253 -36.19 7.79 19.68
C PRO H 253 -36.19 9.28 19.37
N ALA H 254 -35.76 10.13 20.29
CA ALA H 254 -35.68 11.56 20.06
C ALA H 254 -34.68 11.93 18.98
N THR H 255 -33.78 11.01 18.61
CA THR H 255 -32.77 11.27 17.58
C THR H 255 -32.89 10.31 16.40
N GLY H 256 -34.06 9.72 16.19
CA GLY H 256 -34.28 8.78 15.11
C GLY H 256 -34.44 7.37 15.63
N ALA H 257 -34.38 6.42 14.69
CA ALA H 257 -34.49 5.02 15.04
C ALA H 257 -33.30 4.61 15.90
N PRO H 258 -33.52 3.94 17.03
CA PRO H 258 -32.41 3.64 17.95
C PRO H 258 -31.44 2.62 17.38
N SER H 259 -30.21 2.69 17.90
CA SER H 259 -29.18 1.70 17.62
C SER H 259 -28.19 1.74 18.78
N VAL H 260 -27.07 1.02 18.62
CA VAL H 260 -26.07 0.88 19.66
C VAL H 260 -24.86 1.72 19.29
N TYR H 261 -24.39 2.53 20.22
CA TYR H 261 -23.28 3.45 20.01
C TYR H 261 -22.25 3.30 21.11
N ILE H 262 -21.01 3.66 20.78
CA ILE H 262 -19.94 3.83 21.76
C ILE H 262 -19.43 5.25 21.65
N ILE H 263 -19.28 5.92 22.79
CA ILE H 263 -18.87 7.31 22.81
C ILE H 263 -17.39 7.42 22.47
N GLY H 264 -17.05 8.28 21.52
CA GLY H 264 -15.67 8.56 21.19
C GLY H 264 -15.18 9.82 21.87
N SER H 265 -14.87 10.85 21.08
CA SER H 265 -14.48 12.16 21.60
C SER H 265 -15.46 13.18 21.02
N GLY H 266 -16.54 13.44 21.75
CA GLY H 266 -17.58 14.34 21.29
C GLY H 266 -18.54 13.73 20.30
N GLN H 267 -18.29 12.50 19.85
CA GLN H 267 -19.13 11.82 18.87
C GLN H 267 -19.42 10.42 19.35
N ALA H 268 -20.44 9.80 18.74
CA ALA H 268 -20.79 8.42 19.01
C ALA H 268 -20.62 7.61 17.73
N SER H 269 -20.00 6.44 17.87
CA SER H 269 -19.75 5.54 16.74
C SER H 269 -20.74 4.39 16.80
N PRO H 270 -21.42 4.08 15.70
CA PRO H 270 -22.41 3.01 15.72
C PRO H 270 -21.76 1.64 15.83
N ILE H 271 -22.38 0.77 16.63
CA ILE H 271 -21.91 -0.58 16.80
C ILE H 271 -22.89 -1.62 16.26
N ALA H 272 -24.18 -1.34 16.28
CA ALA H 272 -25.18 -2.29 15.79
C ALA H 272 -25.18 -2.33 14.27
N THR H 273 -25.61 -3.47 13.73
CA THR H 273 -25.80 -3.63 12.30
C THR H 273 -27.28 -3.44 11.96
N ALA H 274 -27.63 -3.60 10.68
CA ALA H 274 -29.01 -3.40 10.25
C ALA H 274 -29.96 -4.39 10.90
N SER H 275 -29.51 -5.64 11.09
CA SER H 275 -30.35 -6.64 11.74
C SER H 275 -30.58 -6.29 13.22
N ILE H 276 -29.53 -5.84 13.91
CA ILE H 276 -29.69 -5.44 15.30
C ILE H 276 -30.59 -4.22 15.42
N GLU H 277 -30.47 -3.29 14.47
CA GLU H 277 -31.36 -2.13 14.46
C GLU H 277 -32.79 -2.55 14.22
N LYS H 278 -33.02 -3.54 13.35
CA LYS H 278 -34.38 -4.04 13.14
C LYS H 278 -34.93 -4.71 14.40
N ILE H 279 -34.09 -5.48 15.10
CA ILE H 279 -34.51 -6.11 16.35
C ILE H 279 -34.90 -5.05 17.36
N ILE H 280 -34.09 -4.00 17.50
CA ILE H 280 -34.41 -2.92 18.41
C ILE H 280 -35.71 -2.23 17.99
N ARG H 281 -35.88 -1.98 16.69
CA ARG H 281 -37.07 -1.32 16.18
C ARG H 281 -38.33 -2.15 16.38
N SER H 282 -38.19 -3.47 16.56
CA SER H 282 -39.36 -4.31 16.84
C SER H 282 -39.95 -4.03 18.22
N TYR H 283 -39.25 -3.29 19.07
CA TYR H 283 -39.74 -2.94 20.40
C TYR H 283 -40.29 -1.52 20.40
N THR H 284 -41.35 -1.32 21.18
CA THR H 284 -41.91 0.02 21.35
C THR H 284 -40.94 0.88 22.16
N ALA H 285 -41.33 2.15 22.40
CA ALA H 285 -40.55 3.00 23.28
C ALA H 285 -40.45 2.39 24.67
N GLU H 286 -41.57 1.90 25.20
CA GLU H 286 -41.53 0.97 26.31
C GLU H 286 -41.15 -0.42 25.79
N GLU H 287 -40.58 -1.22 26.69
CA GLU H 287 -39.85 -2.46 26.44
C GLU H 287 -38.46 -2.16 25.87
N MET H 288 -38.15 -0.91 25.55
CA MET H 288 -36.82 -0.48 25.17
C MET H 288 -36.13 0.34 26.24
N ALA H 289 -36.91 1.05 27.06
CA ALA H 289 -36.36 1.70 28.24
C ALA H 289 -36.17 0.73 29.39
N THR H 290 -36.74 -0.47 29.29
CA THR H 290 -36.55 -1.52 30.28
C THR H 290 -35.37 -2.43 29.97
N GLY H 291 -34.66 -2.18 28.86
CA GLY H 291 -33.50 -2.98 28.55
C GLY H 291 -32.34 -2.69 29.49
N VAL H 292 -31.45 -3.67 29.62
CA VAL H 292 -30.31 -3.58 30.52
C VAL H 292 -29.04 -3.83 29.71
N MET H 293 -27.96 -3.16 30.08
CA MET H 293 -26.69 -3.33 29.39
C MET H 293 -25.59 -3.62 30.39
N GLU H 294 -24.78 -4.64 30.10
CA GLU H 294 -23.70 -5.07 30.97
C GLU H 294 -22.47 -5.41 30.13
N THR H 295 -21.35 -5.63 30.82
CA THR H 295 -20.08 -5.94 30.20
C THR H 295 -19.48 -7.19 30.84
N LEU H 296 -18.95 -8.08 30.01
CA LEU H 296 -18.24 -9.26 30.46
C LEU H 296 -16.85 -9.29 29.83
N ARG H 297 -15.95 -10.01 30.49
CA ARG H 297 -14.54 -10.05 30.08
C ARG H 297 -13.98 -11.40 30.50
N PHE H 298 -13.62 -12.24 29.53
CA PHE H 298 -12.95 -13.50 29.86
C PHE H 298 -12.32 -14.10 28.60
N ASP H 299 -11.09 -14.59 28.76
CA ASP H 299 -10.36 -15.27 27.68
C ASP H 299 -10.25 -14.39 26.44
N SER H 300 -9.88 -13.12 26.66
CA SER H 300 -9.77 -12.08 25.63
C SER H 300 -11.11 -11.70 25.03
N HIS H 301 -12.20 -12.36 25.43
CA HIS H 301 -13.54 -11.95 25.02
C HIS H 301 -13.95 -10.71 25.78
N GLU H 302 -14.37 -9.68 25.05
CA GLU H 302 -14.87 -8.42 25.59
C GLU H 302 -16.32 -8.29 25.14
N LEU H 303 -17.23 -8.81 25.94
CA LEU H 303 -18.63 -8.95 25.55
C LEU H 303 -19.45 -7.78 26.08
N LEU H 304 -20.30 -7.23 25.22
CA LEU H 304 -21.30 -6.24 25.59
C LEU H 304 -22.66 -6.92 25.50
N ILE H 305 -23.32 -7.11 26.64
CA ILE H 305 -24.56 -7.85 26.71
C ILE H 305 -25.71 -6.87 26.86
N ILE H 306 -26.77 -7.09 26.07
CA ILE H 306 -27.97 -6.26 26.12
C ILE H 306 -29.16 -7.18 26.33
N HIS H 307 -29.86 -6.99 27.43
CA HIS H 307 -31.06 -7.75 27.75
C HIS H 307 -32.29 -6.94 27.38
N LEU H 308 -33.16 -7.55 26.59
CA LEU H 308 -34.46 -7.03 26.18
C LEU H 308 -35.53 -8.04 26.59
N PRO H 309 -36.80 -7.64 26.62
CA PRO H 309 -37.84 -8.58 27.05
C PRO H 309 -37.93 -9.84 26.19
N ARG H 310 -37.45 -9.80 24.95
CA ARG H 310 -37.51 -10.98 24.09
C ARG H 310 -36.17 -11.38 23.49
N HIS H 311 -35.12 -10.56 23.59
CA HIS H 311 -33.82 -10.89 23.03
C HIS H 311 -32.72 -10.56 24.02
N VAL H 312 -31.70 -11.40 24.08
CA VAL H 312 -30.44 -11.08 24.75
C VAL H 312 -29.35 -11.12 23.67
N LEU H 313 -28.79 -9.96 23.38
CA LEU H 313 -27.85 -9.79 22.28
C LEU H 313 -26.47 -9.46 22.83
N VAL H 314 -25.47 -10.23 22.39
CA VAL H 314 -24.09 -10.07 22.85
C VAL H 314 -23.23 -9.63 21.68
N TYR H 315 -22.52 -8.52 21.86
CA TYR H 315 -21.58 -7.99 20.87
C TYR H 315 -20.16 -8.28 21.34
N ASP H 316 -19.35 -8.86 20.47
CA ASP H 316 -17.96 -9.17 20.78
C ASP H 316 -17.06 -8.12 20.14
N ALA H 317 -16.35 -7.37 20.98
CA ALA H 317 -15.44 -6.34 20.48
C ALA H 317 -14.13 -6.94 19.95
N SER H 318 -13.72 -8.09 20.49
CA SER H 318 -12.45 -8.70 20.13
C SER H 318 -12.53 -9.59 18.90
N SER H 319 -13.72 -9.77 18.32
CA SER H 319 -13.90 -10.59 17.14
C SER H 319 -14.68 -9.84 16.08
N SER H 320 -14.43 -8.54 15.96
CA SER H 320 -15.17 -7.66 15.06
C SER H 320 -14.27 -7.11 13.95
N GLN H 321 -13.42 -7.97 13.39
CA GLN H 321 -12.51 -7.57 12.31
C GLN H 321 -13.15 -7.60 10.94
N ASN H 322 -14.33 -8.21 10.80
CA ASN H 322 -15.08 -8.24 9.55
C ASN H 322 -16.40 -7.49 9.66
N GLY H 323 -16.45 -6.50 10.55
CA GLY H 323 -17.69 -5.86 10.91
C GLY H 323 -18.10 -6.28 12.30
N PRO H 324 -19.14 -5.64 12.85
CA PRO H 324 -19.58 -5.99 14.20
C PRO H 324 -19.99 -7.45 14.30
N GLN H 325 -19.61 -8.08 15.40
CA GLN H 325 -19.88 -9.49 15.64
C GLN H 325 -20.93 -9.61 16.75
N TRP H 326 -22.08 -10.16 16.41
CA TRP H 326 -23.21 -10.26 17.32
C TRP H 326 -23.68 -11.70 17.43
N CYS H 327 -24.26 -12.04 18.58
CA CYS H 327 -24.83 -13.34 18.80
C CYS H 327 -26.01 -13.21 19.75
N VAL H 328 -26.77 -14.29 19.88
CA VAL H 328 -27.97 -14.33 20.71
C VAL H 328 -27.78 -15.34 21.83
N LEU H 329 -28.16 -14.96 23.04
CA LEU H 329 -28.20 -15.87 24.18
C LEU H 329 -29.65 -16.17 24.52
N LYS H 330 -29.92 -17.43 24.87
CA LYS H 330 -31.29 -17.83 25.15
C LYS H 330 -31.28 -19.06 26.05
N THR H 331 -32.44 -19.32 26.67
CA THR H 331 -32.65 -20.48 27.51
C THR H 331 -33.72 -21.37 26.89
N GLY H 332 -33.51 -22.67 26.94
CA GLY H 332 -34.47 -23.60 26.37
C GLY H 332 -34.22 -23.84 24.89
N LEU H 333 -35.28 -24.34 24.23
CA LEU H 333 -35.18 -24.73 22.83
C LEU H 333 -36.11 -23.94 21.90
N TYR H 334 -36.85 -22.96 22.42
CA TYR H 334 -37.86 -22.24 21.64
C TYR H 334 -37.74 -20.75 21.85
N ASP H 335 -36.53 -20.22 21.70
CA ASP H 335 -36.22 -18.78 21.74
C ASP H 335 -36.80 -18.09 22.97
N ASP H 336 -36.75 -18.78 24.10
CA ASP H 336 -37.04 -18.14 25.38
C ASP H 336 -35.84 -17.31 25.82
N VAL H 337 -36.10 -16.17 26.45
CA VAL H 337 -35.03 -15.21 26.73
C VAL H 337 -34.02 -15.81 27.69
N TYR H 338 -32.78 -15.34 27.59
CA TYR H 338 -31.69 -15.87 28.41
C TYR H 338 -31.91 -15.49 29.87
N ARG H 339 -31.80 -16.47 30.76
CA ARG H 339 -32.12 -16.27 32.17
C ARG H 339 -30.98 -15.61 32.95
N GLY H 340 -29.75 -15.65 32.42
CA GLY H 340 -28.63 -15.05 33.12
C GLY H 340 -28.64 -13.53 33.02
N VAL H 341 -28.25 -12.89 34.12
CA VAL H 341 -28.23 -11.44 34.20
C VAL H 341 -27.34 -11.05 35.37
N ASP H 342 -26.84 -9.81 35.35
CA ASP H 342 -26.02 -9.26 36.43
C ASP H 342 -24.75 -10.07 36.64
N PHE H 343 -23.95 -10.16 35.58
CA PHE H 343 -22.67 -10.84 35.66
C PHE H 343 -21.66 -9.97 36.39
N MET H 344 -20.78 -10.63 37.16
CA MET H 344 -19.73 -9.92 37.89
C MET H 344 -18.62 -10.90 38.21
N TYR H 345 -17.38 -10.50 37.97
CA TYR H 345 -16.23 -11.34 38.25
C TYR H 345 -15.76 -11.08 39.67
N GLU H 346 -15.71 -12.14 40.49
CA GLU H 346 -15.17 -12.07 41.84
C GLU H 346 -14.29 -13.27 42.10
N GLY H 347 -13.21 -13.06 42.84
CA GLY H 347 -12.25 -14.12 43.08
C GLY H 347 -11.63 -14.60 41.80
N ASN H 348 -12.02 -15.80 41.36
CA ASN H 348 -11.62 -16.31 40.05
C ASN H 348 -12.83 -16.90 39.31
N GLN H 349 -14.02 -16.39 39.60
CA GLN H 349 -15.24 -16.92 39.02
C GLN H 349 -16.17 -15.78 38.61
N ILE H 350 -16.89 -15.99 37.51
CA ILE H 350 -17.94 -15.06 37.08
C ILE H 350 -19.25 -15.54 37.64
N THR H 351 -19.97 -14.65 38.32
CA THR H 351 -21.21 -14.97 39.02
C THR H 351 -22.35 -14.15 38.44
N CYS H 352 -23.51 -14.78 38.29
CA CYS H 352 -24.66 -14.12 37.69
C CYS H 352 -25.89 -14.29 38.59
N GLY H 353 -26.84 -13.40 38.40
CA GLY H 353 -28.16 -13.53 38.98
C GLY H 353 -29.09 -14.31 38.06
N ASP H 354 -30.38 -14.31 38.42
CA ASP H 354 -31.38 -14.99 37.64
C ASP H 354 -32.58 -14.08 37.42
N LYS H 355 -33.22 -14.26 36.26
CA LYS H 355 -34.37 -13.44 35.88
C LYS H 355 -35.69 -14.05 36.29
N SER H 356 -35.74 -15.36 36.56
CA SER H 356 -36.98 -16.04 36.85
C SER H 356 -36.98 -16.82 38.17
N GLU H 357 -35.81 -17.09 38.74
CA GLU H 357 -35.71 -17.85 39.98
C GLU H 357 -34.86 -17.10 40.98
N ALA H 358 -35.00 -17.49 42.26
CA ALA H 358 -34.29 -16.84 43.36
C ALA H 358 -32.97 -17.56 43.64
N VAL H 359 -32.09 -17.56 42.65
CA VAL H 359 -30.82 -18.28 42.71
C VAL H 359 -29.71 -17.42 42.14
N VAL H 360 -28.49 -17.92 42.26
CA VAL H 360 -27.28 -17.29 41.74
C VAL H 360 -26.44 -18.38 41.08
N GLY H 361 -25.77 -18.04 39.98
CA GLY H 361 -24.91 -18.96 39.29
C GLY H 361 -23.44 -18.60 39.42
N GLN H 362 -22.60 -19.45 38.81
CA GLN H 362 -21.16 -19.18 38.80
C GLN H 362 -20.49 -19.48 37.46
N LEU H 363 -21.25 -19.75 36.39
CA LEU H 363 -20.75 -19.73 35.02
C LEU H 363 -19.59 -20.71 34.82
N GLN H 364 -19.90 -21.99 34.95
CA GLN H 364 -18.93 -23.05 34.74
C GLN H 364 -18.52 -23.11 33.27
N PHE H 365 -17.26 -23.50 33.02
CA PHE H 365 -16.68 -23.42 31.69
C PHE H 365 -16.52 -24.76 30.98
N ASP H 366 -16.64 -25.88 31.69
CA ASP H 366 -16.55 -27.19 31.05
C ASP H 366 -17.91 -27.80 30.79
N ILE H 367 -18.98 -27.02 30.90
CA ILE H 367 -20.32 -27.45 30.57
C ILE H 367 -20.96 -26.39 29.67
N SER H 368 -22.18 -26.68 29.21
CA SER H 368 -22.95 -25.68 28.49
C SER H 368 -24.40 -25.66 28.94
N SER H 369 -24.76 -26.41 29.98
CA SER H 369 -26.11 -26.44 30.50
C SER H 369 -26.31 -25.33 31.53
N GLN H 370 -27.53 -24.82 31.60
CA GLN H 370 -27.91 -23.80 32.57
C GLN H 370 -28.73 -24.47 33.66
N TYR H 371 -28.13 -24.59 34.85
CA TYR H 371 -28.76 -25.24 36.00
C TYR H 371 -29.18 -26.67 35.67
N ASP H 372 -28.23 -27.44 35.15
CA ASP H 372 -28.36 -28.87 34.86
C ASP H 372 -29.34 -29.18 33.75
N LYS H 373 -29.72 -28.20 32.94
CA LYS H 373 -30.68 -28.40 31.86
C LYS H 373 -30.00 -28.15 30.52
N GLN H 374 -30.18 -29.09 29.58
CA GLN H 374 -29.50 -29.02 28.31
C GLN H 374 -29.96 -27.81 27.50
N GLN H 375 -29.03 -27.23 26.74
CA GLN H 375 -29.26 -26.02 25.99
C GLN H 375 -29.01 -26.24 24.50
N GLU H 376 -29.49 -25.29 23.70
CA GLU H 376 -29.49 -25.37 22.25
C GLU H 376 -28.56 -24.33 21.66
N HIS H 377 -27.81 -24.73 20.63
CA HIS H 377 -26.83 -23.89 19.97
C HIS H 377 -27.07 -23.95 18.46
N LEU H 378 -26.96 -22.80 17.80
CA LEU H 378 -27.25 -22.69 16.37
C LEU H 378 -26.06 -22.06 15.66
N LEU H 379 -25.85 -22.47 14.40
CA LEU H 379 -24.73 -21.98 13.61
C LEU H 379 -25.13 -22.00 12.14
N PHE H 380 -25.43 -20.84 11.58
CA PHE H 380 -25.93 -20.72 10.22
C PHE H 380 -24.81 -20.30 9.27
N THR H 381 -24.96 -20.68 8.00
CA THR H 381 -24.07 -20.26 6.93
C THR H 381 -24.79 -19.27 6.02
N PRO H 382 -24.05 -18.35 5.40
CA PRO H 382 -24.69 -17.43 4.45
C PRO H 382 -25.20 -18.14 3.21
N LEU H 383 -26.24 -17.57 2.61
CA LEU H 383 -26.76 -18.09 1.34
C LEU H 383 -25.80 -17.79 0.20
N PHE H 384 -25.74 -18.70 -0.76
CA PHE H 384 -24.92 -18.49 -1.94
C PHE H 384 -25.56 -19.18 -3.13
N LYS H 385 -25.20 -18.70 -4.32
CA LYS H 385 -25.75 -19.18 -5.58
C LYS H 385 -24.80 -20.21 -6.18
N ALA H 386 -25.24 -21.46 -6.27
CA ALA H 386 -24.42 -22.58 -6.73
C ALA H 386 -25.23 -23.45 -7.70
N ASP H 387 -25.84 -22.81 -8.70
CA ASP H 387 -26.73 -23.51 -9.62
C ASP H 387 -26.07 -24.76 -10.19
N ASN H 388 -26.74 -25.91 -9.99
CA ASN H 388 -26.28 -27.20 -10.51
C ASN H 388 -24.89 -27.56 -9.96
N ALA H 389 -24.78 -27.61 -8.64
CA ALA H 389 -23.50 -27.86 -7.99
C ALA H 389 -23.31 -29.31 -7.55
N ARG H 390 -24.30 -29.92 -6.90
CA ARG H 390 -24.20 -31.30 -6.43
C ARG H 390 -23.03 -31.44 -5.45
N CYS H 391 -23.20 -30.80 -4.30
CA CYS H 391 -22.17 -30.75 -3.27
C CYS H 391 -22.03 -32.09 -2.54
N PHE H 392 -20.85 -32.30 -1.96
CA PHE H 392 -20.52 -33.51 -1.22
C PHE H 392 -19.66 -33.15 -0.02
N ASP H 393 -19.52 -34.13 0.88
CA ASP H 393 -18.54 -34.12 1.96
C ASP H 393 -18.63 -32.85 2.81
N LEU H 394 -19.76 -32.71 3.50
CA LEU H 394 -19.94 -31.62 4.45
C LEU H 394 -19.18 -31.96 5.73
N GLU H 395 -18.06 -31.28 5.95
CA GLU H 395 -17.20 -31.52 7.11
C GLU H 395 -17.25 -30.33 8.05
N VAL H 396 -17.01 -30.61 9.32
CA VAL H 396 -16.80 -29.58 10.34
C VAL H 396 -15.82 -30.14 11.36
N GLU H 397 -14.99 -29.26 11.90
CA GLU H 397 -14.03 -29.65 12.92
C GLU H 397 -14.60 -29.36 14.30
N SER H 398 -14.69 -30.40 15.13
CA SER H 398 -15.24 -30.27 16.47
C SER H 398 -14.24 -30.80 17.49
N SER H 399 -14.09 -30.06 18.58
CA SER H 399 -13.21 -30.45 19.67
C SER H 399 -14.01 -31.31 20.63
N THR H 400 -13.76 -32.62 20.61
CA THR H 400 -14.53 -33.59 21.37
C THR H 400 -13.75 -34.05 22.60
N GLY H 401 -14.41 -34.85 23.42
CA GLY H 401 -13.77 -35.46 24.57
C GLY H 401 -14.44 -35.15 25.90
N VAL H 402 -14.88 -33.92 26.07
CA VAL H 402 -15.51 -33.48 27.32
C VAL H 402 -17.01 -33.52 27.07
N ALA H 403 -17.61 -34.67 27.38
CA ALA H 403 -19.04 -34.87 27.19
C ALA H 403 -19.50 -35.99 28.11
N GLN H 404 -20.79 -35.95 28.46
CA GLN H 404 -21.41 -37.03 29.21
C GLN H 404 -22.23 -37.97 28.34
N TYR H 405 -22.59 -37.53 27.13
CA TYR H 405 -23.32 -38.35 26.19
C TYR H 405 -22.77 -38.12 24.79
N ALA H 406 -22.99 -39.09 23.90
CA ALA H 406 -22.64 -38.95 22.50
C ALA H 406 -23.69 -38.07 21.81
N ASP H 407 -23.67 -36.80 22.20
CA ASP H 407 -24.67 -35.85 21.72
C ASP H 407 -24.53 -35.64 20.21
N ARG H 408 -25.63 -35.29 19.58
CA ARG H 408 -25.71 -35.28 18.13
C ARG H 408 -25.98 -33.87 17.61
N LEU H 409 -25.96 -33.77 16.29
CA LEU H 409 -26.09 -32.53 15.52
C LEU H 409 -27.22 -32.70 14.53
N PHE H 410 -28.12 -31.72 14.50
CA PHE H 410 -29.19 -31.67 13.51
C PHE H 410 -28.68 -30.83 12.34
N LEU H 411 -28.46 -31.47 11.20
CA LEU H 411 -27.96 -30.81 10.00
C LEU H 411 -29.07 -30.74 8.97
N SER H 412 -29.46 -29.53 8.59
CA SER H 412 -30.49 -29.30 7.59
C SER H 412 -30.01 -28.25 6.61
N ALA H 413 -30.74 -28.11 5.51
CA ALA H 413 -30.40 -27.16 4.47
C ALA H 413 -31.65 -26.42 4.03
N THR H 414 -31.48 -25.15 3.68
CA THR H 414 -32.54 -24.32 3.13
C THR H 414 -32.19 -23.92 1.70
N THR H 415 -33.19 -23.92 0.83
CA THR H 415 -33.01 -23.54 -0.56
C THR H 415 -33.73 -22.24 -0.90
N ASP H 416 -34.42 -21.63 0.05
CA ASP H 416 -35.08 -20.35 -0.18
C ASP H 416 -34.68 -19.28 0.83
N GLY H 417 -34.03 -19.65 1.94
CA GLY H 417 -33.59 -18.69 2.92
C GLY H 417 -34.48 -18.59 4.15
N ILE H 418 -35.65 -19.22 4.14
CA ILE H 418 -36.61 -19.14 5.24
C ILE H 418 -36.91 -20.53 5.80
N ASN H 419 -37.27 -21.47 4.95
CA ASN H 419 -37.69 -22.80 5.37
C ASN H 419 -36.55 -23.79 5.21
N TYR H 420 -36.33 -24.61 6.23
CA TYR H 420 -35.29 -25.63 6.22
C TYR H 420 -35.92 -27.00 6.01
N GLY H 421 -35.18 -27.88 5.36
CA GLY H 421 -35.65 -29.20 5.01
C GLY H 421 -35.47 -30.22 6.11
N ARG H 422 -35.21 -31.46 5.71
CA ARG H 422 -35.03 -32.55 6.66
C ARG H 422 -33.77 -32.35 7.49
N GLU H 423 -33.82 -32.81 8.73
CA GLU H 423 -32.68 -32.74 9.64
C GLU H 423 -32.07 -34.12 9.80
N GLN H 424 -30.75 -34.20 9.60
CA GLN H 424 -30.01 -35.44 9.78
C GLN H 424 -29.22 -35.38 11.07
N MET H 425 -29.19 -36.49 11.80
CA MET H 425 -28.52 -36.58 13.09
C MET H 425 -27.12 -37.13 12.90
N ILE H 426 -26.11 -36.35 13.28
CA ILE H 426 -24.71 -36.75 13.17
C ILE H 426 -24.04 -36.57 14.52
N GLU H 427 -23.41 -37.62 15.03
CA GLU H 427 -22.72 -37.52 16.31
C GLU H 427 -21.55 -36.55 16.21
N GLN H 428 -21.63 -35.45 16.95
CA GLN H 428 -20.59 -34.42 16.94
C GLN H 428 -19.67 -34.47 18.15
N ASN H 429 -20.00 -35.27 19.15
CA ASN H 429 -19.15 -35.38 20.34
C ASN H 429 -19.30 -36.77 20.93
N GLU H 430 -18.28 -37.18 21.68
CA GLU H 430 -18.26 -38.48 22.34
C GLU H 430 -17.44 -38.37 23.60
N PRO H 431 -17.89 -38.93 24.72
CA PRO H 431 -17.11 -38.86 25.96
C PRO H 431 -15.77 -39.56 25.82
N PHE H 432 -14.70 -38.84 26.18
CA PHE H 432 -13.35 -39.37 26.23
C PHE H 432 -12.86 -39.85 24.86
N VAL H 433 -13.36 -39.22 23.80
CA VAL H 433 -12.88 -39.46 22.44
C VAL H 433 -12.43 -38.13 21.87
N TYR H 434 -11.19 -38.07 21.39
CA TYR H 434 -10.60 -36.82 20.90
C TYR H 434 -10.31 -36.87 19.41
N ASP H 435 -10.90 -37.79 18.68
CA ASP H 435 -10.78 -37.89 17.23
C ASP H 435 -12.13 -38.38 16.70
N LYS H 436 -12.93 -37.47 16.16
CA LYS H 436 -14.31 -37.78 15.83
C LYS H 436 -14.63 -37.70 14.34
N ARG H 437 -14.18 -36.63 13.67
CA ARG H 437 -14.47 -36.40 12.25
C ARG H 437 -15.98 -36.32 11.99
N VAL H 438 -16.59 -35.28 12.54
CA VAL H 438 -17.98 -34.95 12.23
C VAL H 438 -18.10 -34.65 10.73
N LEU H 439 -19.01 -35.34 10.06
CA LEU H 439 -19.04 -35.31 8.61
C LEU H 439 -20.34 -35.91 8.09
N TRP H 440 -20.84 -35.38 6.98
CA TRP H 440 -21.94 -35.96 6.23
C TRP H 440 -21.50 -36.09 4.78
N LYS H 441 -21.57 -37.31 4.24
CA LYS H 441 -20.97 -37.59 2.93
C LYS H 441 -21.76 -36.94 1.81
N ARG H 442 -23.01 -37.34 1.62
CA ARG H 442 -23.77 -37.02 0.42
C ARG H 442 -24.83 -35.97 0.72
N VAL H 443 -24.52 -34.73 0.38
CA VAL H 443 -25.51 -33.66 0.34
C VAL H 443 -26.08 -33.60 -1.07
N GLY H 444 -27.31 -33.09 -1.19
CA GLY H 444 -28.00 -33.13 -2.45
C GLY H 444 -27.46 -32.12 -3.45
N ARG H 445 -28.10 -32.10 -4.61
CA ARG H 445 -27.78 -31.13 -5.65
C ARG H 445 -28.37 -29.77 -5.29
N ILE H 446 -27.65 -28.71 -5.60
CA ILE H 446 -28.10 -27.35 -5.36
C ILE H 446 -28.76 -26.83 -6.63
N ARG H 447 -30.04 -26.46 -6.52
CA ARG H 447 -30.76 -25.95 -7.68
C ARG H 447 -30.42 -24.49 -7.95
N ARG H 448 -30.79 -23.60 -7.02
CA ARG H 448 -30.39 -22.20 -7.09
C ARG H 448 -29.55 -21.78 -5.89
N LEU H 449 -30.05 -21.97 -4.67
CA LEU H 449 -29.42 -21.47 -3.46
C LEU H 449 -29.41 -22.56 -2.41
N ILE H 450 -28.53 -22.41 -1.41
CA ILE H 450 -28.43 -23.38 -0.34
C ILE H 450 -27.83 -22.70 0.88
N GLY H 451 -28.16 -23.22 2.06
CA GLY H 451 -27.65 -22.73 3.32
C GLY H 451 -27.99 -23.69 4.44
N PHE H 452 -27.10 -23.82 5.42
CA PHE H 452 -27.23 -24.84 6.45
C PHE H 452 -27.45 -24.22 7.82
N LYS H 453 -27.97 -25.02 8.75
CA LYS H 453 -28.43 -24.55 10.05
C LYS H 453 -27.61 -25.05 11.22
N LEU H 454 -27.20 -26.33 11.23
CA LEU H 454 -26.19 -26.84 12.17
C LEU H 454 -26.61 -26.63 13.63
N ARG H 455 -27.68 -27.31 14.02
CA ARG H 455 -28.24 -27.20 15.35
C ARG H 455 -27.71 -28.28 16.28
N VAL H 456 -27.36 -27.89 17.51
CA VAL H 456 -26.83 -28.80 18.52
C VAL H 456 -27.65 -28.61 19.79
N ILE H 457 -27.83 -29.69 20.56
CA ILE H 457 -28.47 -29.64 21.87
C ILE H 457 -27.62 -30.46 22.83
N THR H 458 -27.04 -29.80 23.82
CA THR H 458 -26.01 -30.43 24.66
C THR H 458 -26.07 -29.90 26.08
N LYS H 459 -25.46 -30.68 26.97
CA LYS H 459 -25.06 -30.21 28.30
C LYS H 459 -23.56 -30.00 28.40
N SER H 460 -22.83 -30.14 27.29
CA SER H 460 -21.38 -30.08 27.23
C SER H 460 -20.95 -28.97 26.29
N PRO H 461 -19.72 -28.47 26.41
CA PRO H 461 -19.27 -27.39 25.53
C PRO H 461 -19.24 -27.81 24.07
N VAL H 462 -19.56 -26.86 23.20
CA VAL H 462 -19.56 -27.05 21.76
C VAL H 462 -18.46 -26.19 21.17
N THR H 463 -17.54 -26.82 20.44
CA THR H 463 -16.44 -26.12 19.78
C THR H 463 -16.44 -26.55 18.31
N LEU H 464 -16.81 -25.65 17.42
CA LEU H 464 -16.96 -25.97 16.01
C LEU H 464 -16.18 -24.98 15.15
N SER H 465 -15.53 -25.50 14.11
CA SER H 465 -14.76 -24.68 13.19
C SER H 465 -14.54 -25.46 11.90
N GLY H 466 -14.03 -24.76 10.90
CA GLY H 466 -13.62 -25.39 9.65
C GLY H 466 -14.72 -26.05 8.86
N CYS H 467 -15.85 -25.37 8.70
CA CYS H 467 -16.91 -25.89 7.85
C CYS H 467 -16.47 -25.85 6.38
N GLN H 468 -16.66 -26.97 5.69
CA GLN H 468 -16.19 -27.09 4.31
C GLN H 468 -17.06 -28.08 3.57
N ILE H 469 -17.17 -27.88 2.26
CA ILE H 469 -17.91 -28.75 1.38
C ILE H 469 -17.08 -29.03 0.14
N ARG H 470 -17.44 -30.09 -0.58
CA ARG H 470 -16.88 -30.39 -1.89
C ARG H 470 -17.96 -30.18 -2.93
N LEU H 471 -17.69 -29.30 -3.90
CA LEU H 471 -18.70 -28.90 -4.86
C LEU H 471 -18.64 -29.69 -6.18
N GLU H 472 -17.63 -30.54 -6.34
CA GLU H 472 -17.47 -31.33 -7.57
C GLU H 472 -17.50 -30.47 -8.83
N THR I 5 -44.46 17.19 -27.37
CA THR I 5 -44.81 18.50 -27.92
C THR I 5 -45.74 18.32 -29.11
N ALA I 6 -46.79 17.51 -28.92
CA ALA I 6 -47.74 17.20 -29.98
C ALA I 6 -48.98 16.59 -29.36
N ASN I 7 -50.08 16.60 -30.12
CA ASN I 7 -51.38 16.21 -29.59
C ASN I 7 -52.15 15.30 -30.55
N VAL I 8 -51.44 14.56 -31.40
CA VAL I 8 -52.09 13.57 -32.27
C VAL I 8 -51.03 12.61 -32.78
N VAL I 9 -51.39 11.33 -32.83
CA VAL I 9 -50.50 10.28 -33.31
C VAL I 9 -50.52 10.26 -34.82
N VAL I 10 -49.36 10.01 -35.43
CA VAL I 10 -49.26 9.87 -36.88
C VAL I 10 -49.93 8.55 -37.25
N SER I 11 -51.03 8.63 -37.98
CA SER I 11 -51.80 7.45 -38.38
C SER I 11 -51.85 7.35 -39.90
N ASN I 12 -52.57 6.36 -40.40
CA ASN I 12 -52.77 6.19 -41.83
C ASN I 12 -54.19 6.60 -42.18
N PRO I 13 -54.41 7.77 -42.79
CA PRO I 13 -55.78 8.24 -43.02
C PRO I 13 -56.47 7.57 -44.19
N ARG I 14 -55.74 7.02 -45.15
CA ARG I 14 -56.36 6.40 -46.31
C ARG I 14 -57.03 5.09 -45.91
N PRO I 15 -58.33 4.93 -46.14
CA PRO I 15 -59.01 3.70 -45.71
C PRO I 15 -58.56 2.49 -46.51
N ILE I 16 -58.53 1.34 -45.84
CA ILE I 16 -58.24 0.06 -46.46
C ILE I 16 -59.31 -0.94 -46.02
N PHE I 17 -59.84 -1.69 -46.97
CA PHE I 17 -60.93 -2.61 -46.72
C PHE I 17 -60.43 -4.04 -46.89
N THR I 18 -60.57 -4.84 -45.84
CA THR I 18 -60.12 -6.22 -45.81
C THR I 18 -61.30 -7.13 -45.47
N GLU I 19 -61.12 -8.42 -45.72
CA GLU I 19 -62.15 -9.39 -45.43
C GLU I 19 -62.42 -9.47 -43.93
N SER I 20 -63.68 -9.72 -43.58
CA SER I 20 -64.10 -9.71 -42.19
C SER I 20 -63.78 -11.00 -41.45
N ARG I 21 -63.44 -12.07 -42.17
CA ARG I 21 -63.14 -13.35 -41.54
C ARG I 21 -61.72 -13.86 -41.80
N SER I 22 -61.01 -13.28 -42.76
CA SER I 22 -59.64 -13.68 -43.06
C SER I 22 -58.79 -12.44 -43.27
N PHE I 23 -57.49 -12.58 -43.01
CA PHE I 23 -56.55 -11.47 -43.17
C PHE I 23 -56.16 -11.36 -44.63
N LYS I 24 -57.05 -10.76 -45.42
CA LYS I 24 -56.77 -10.44 -46.81
C LYS I 24 -57.65 -9.27 -47.21
N ALA I 25 -57.18 -8.50 -48.18
CA ALA I 25 -57.94 -7.37 -48.65
C ALA I 25 -59.13 -7.85 -49.48
N VAL I 26 -60.11 -6.96 -49.64
CA VAL I 26 -61.23 -7.24 -50.54
C VAL I 26 -60.76 -6.87 -51.93
N ALA I 27 -60.12 -7.81 -52.61
CA ALA I 27 -59.48 -7.55 -53.89
C ALA I 27 -60.55 -7.42 -54.98
N ASN I 28 -60.56 -6.28 -55.66
CA ASN I 28 -61.51 -6.00 -56.73
C ASN I 28 -62.95 -6.15 -56.24
N GLY I 29 -63.22 -5.56 -55.08
CA GLY I 29 -64.54 -5.62 -54.48
C GLY I 29 -65.37 -4.38 -54.77
N LYS I 30 -66.60 -4.40 -54.28
CA LYS I 30 -67.57 -3.35 -54.54
C LYS I 30 -67.99 -2.70 -53.23
N ILE I 31 -68.11 -1.37 -53.23
CA ILE I 31 -68.68 -0.63 -52.12
C ILE I 31 -69.90 0.13 -52.61
N TYR I 32 -71.02 -0.06 -51.93
CA TYR I 32 -72.28 0.59 -52.25
C TYR I 32 -72.64 1.57 -51.14
N ILE I 33 -72.87 2.82 -51.51
CA ILE I 33 -73.20 3.89 -50.57
C ILE I 33 -74.65 4.31 -50.83
N GLY I 34 -75.44 4.36 -49.76
CA GLY I 34 -76.85 4.66 -49.91
C GLY I 34 -77.50 5.35 -48.73
N GLN I 35 -78.83 5.29 -48.68
CA GLN I 35 -79.59 5.95 -47.63
C GLN I 35 -79.33 5.29 -46.28
N ILE I 36 -79.47 6.09 -45.22
CA ILE I 36 -79.26 5.59 -43.86
C ILE I 36 -80.33 4.57 -43.52
N ASP I 37 -79.89 3.46 -42.89
CA ASP I 37 -80.78 2.40 -42.41
C ASP I 37 -81.53 1.72 -43.56
N THR I 38 -80.91 1.66 -44.73
CA THR I 38 -81.52 0.98 -45.88
C THR I 38 -80.55 -0.03 -46.47
N ASP I 39 -80.88 -0.57 -47.63
CA ASP I 39 -79.99 -1.47 -48.36
C ASP I 39 -79.41 -0.71 -49.55
N PRO I 40 -78.14 -0.33 -49.52
CA PRO I 40 -77.59 0.55 -50.55
C PRO I 40 -77.30 -0.13 -51.88
N VAL I 41 -77.47 -1.45 -51.98
CA VAL I 41 -77.26 -2.12 -53.27
C VAL I 41 -78.32 -1.69 -54.27
N ASN I 42 -79.54 -1.46 -53.80
CA ASN I 42 -80.60 -0.98 -54.67
C ASN I 42 -80.28 0.42 -55.16
N PRO I 43 -80.28 0.68 -56.47
CA PRO I 43 -79.99 2.03 -56.96
C PRO I 43 -80.95 3.09 -56.45
N ALA I 44 -82.19 2.71 -56.13
CA ALA I 44 -83.14 3.68 -55.60
C ALA I 44 -82.71 4.20 -54.23
N ASN I 45 -81.99 3.38 -53.46
CA ASN I 45 -81.53 3.78 -52.13
C ASN I 45 -80.19 4.48 -52.16
N GLN I 46 -79.51 4.54 -53.31
CA GLN I 46 -78.18 5.10 -53.39
C GLN I 46 -78.21 6.62 -53.35
N ILE I 47 -77.06 7.21 -53.03
CA ILE I 47 -76.90 8.66 -52.97
C ILE I 47 -75.69 9.03 -53.81
N PRO I 48 -75.63 10.29 -54.28
CA PRO I 48 -74.47 10.71 -55.08
C PRO I 48 -73.18 10.61 -54.28
N VAL I 49 -72.11 10.20 -54.97
CA VAL I 49 -70.79 10.06 -54.39
C VAL I 49 -69.80 10.84 -55.25
N TYR I 50 -68.90 11.56 -54.58
CA TYR I 50 -67.93 12.39 -55.27
C TYR I 50 -66.52 11.96 -54.85
N ILE I 51 -65.54 12.27 -55.69
CA ILE I 51 -64.14 12.13 -55.36
C ILE I 51 -63.58 13.53 -55.11
N GLU I 52 -62.87 13.68 -54.00
CA GLU I 52 -62.26 14.95 -53.60
C GLU I 52 -60.77 14.89 -53.90
N ASN I 53 -60.29 15.86 -54.66
CA ASN I 53 -58.92 15.84 -55.15
C ASN I 53 -57.99 16.53 -54.14
N GLU I 54 -56.71 16.59 -54.49
CA GLU I 54 -55.73 17.22 -53.61
C GLU I 54 -56.02 18.71 -53.43
N ASP I 55 -56.39 19.39 -54.51
CA ASP I 55 -56.76 20.80 -54.42
C ASP I 55 -58.02 20.98 -53.59
N GLY I 56 -59.02 20.13 -53.80
CA GLY I 56 -60.27 20.23 -53.06
C GLY I 56 -61.49 20.18 -53.95
N SER I 57 -61.27 20.00 -55.25
CA SER I 57 -62.38 19.91 -56.20
C SER I 57 -63.08 18.57 -56.07
N HIS I 58 -64.36 18.55 -56.45
CA HIS I 58 -65.19 17.37 -56.35
C HIS I 58 -65.63 16.92 -57.75
N VAL I 59 -65.57 15.61 -57.97
CA VAL I 59 -66.00 15.01 -59.23
C VAL I 59 -66.98 13.88 -58.89
N GLN I 60 -68.24 14.04 -59.28
CA GLN I 60 -69.22 13.00 -59.04
C GLN I 60 -68.94 11.79 -59.91
N ILE I 61 -69.05 10.59 -59.31
CA ILE I 61 -68.76 9.35 -60.01
C ILE I 61 -69.90 8.36 -59.78
N THR I 62 -69.85 7.27 -60.55
CA THR I 62 -70.86 6.22 -60.41
C THR I 62 -70.75 5.55 -59.06
N GLN I 63 -71.90 5.05 -58.57
CA GLN I 63 -71.99 4.62 -57.18
C GLN I 63 -71.06 3.47 -56.83
N PRO I 64 -71.02 2.34 -57.57
CA PRO I 64 -70.19 1.21 -57.11
C PRO I 64 -68.72 1.58 -57.07
N LEU I 65 -68.17 1.68 -55.85
CA LEU I 65 -66.78 2.04 -55.68
C LEU I 65 -65.91 0.79 -55.79
N ILE I 66 -64.86 0.88 -56.60
CA ILE I 66 -63.98 -0.25 -56.88
C ILE I 66 -62.93 -0.36 -55.80
N ILE I 67 -62.72 -1.57 -55.30
CA ILE I 67 -61.64 -1.86 -54.36
C ILE I 67 -60.62 -2.71 -55.10
N ASN I 68 -59.38 -2.21 -55.17
CA ASN I 68 -58.33 -2.86 -55.94
C ASN I 68 -57.68 -3.97 -55.11
N ALA I 69 -56.58 -4.52 -55.62
CA ALA I 69 -55.89 -5.62 -54.93
C ALA I 69 -55.28 -5.18 -53.61
N ALA I 70 -55.01 -3.89 -53.43
CA ALA I 70 -54.46 -3.39 -52.18
C ALA I 70 -55.51 -3.12 -51.12
N GLY I 71 -56.79 -3.22 -51.48
CA GLY I 71 -57.85 -2.91 -50.55
C GLY I 71 -58.25 -1.45 -50.49
N LYS I 72 -57.95 -0.68 -51.52
CA LYS I 72 -58.18 0.76 -51.52
C LYS I 72 -59.11 1.15 -52.66
N ILE I 73 -59.77 2.29 -52.50
CA ILE I 73 -60.70 2.79 -53.51
C ILE I 73 -59.91 3.44 -54.63
N VAL I 74 -60.17 3.01 -55.86
CA VAL I 74 -59.52 3.55 -57.05
C VAL I 74 -60.59 3.82 -58.10
N TYR I 75 -60.55 5.01 -58.70
CA TYR I 75 -61.50 5.30 -59.77
C TYR I 75 -60.89 5.16 -61.15
N ASN I 76 -59.91 5.99 -61.49
CA ASN I 76 -59.16 5.86 -62.73
C ASN I 76 -57.79 5.24 -62.49
N GLY I 77 -57.80 4.01 -61.95
CA GLY I 77 -56.56 3.36 -61.61
C GLY I 77 -55.71 4.11 -60.61
N GLN I 78 -56.27 5.08 -59.91
CA GLN I 78 -55.55 5.88 -58.93
C GLN I 78 -56.37 6.00 -57.66
N LEU I 79 -55.68 6.10 -56.53
CA LEU I 79 -56.36 6.21 -55.24
C LEU I 79 -57.18 7.50 -55.18
N VAL I 80 -58.43 7.37 -54.73
CA VAL I 80 -59.34 8.51 -54.65
C VAL I 80 -59.96 8.53 -53.26
N LYS I 81 -60.32 9.73 -52.81
CA LYS I 81 -61.04 9.93 -51.56
C LYS I 81 -62.50 10.19 -51.87
N ILE I 82 -63.39 9.39 -51.30
CA ILE I 82 -64.81 9.43 -51.60
C ILE I 82 -65.52 10.25 -50.53
N VAL I 83 -66.37 11.18 -50.95
CA VAL I 83 -67.13 12.04 -50.06
C VAL I 83 -68.59 12.05 -50.49
N THR I 84 -69.44 12.33 -49.50
CA THR I 84 -70.88 12.50 -49.71
C THR I 84 -71.33 13.73 -48.92
N VAL I 85 -72.54 14.18 -49.22
CA VAL I 85 -73.11 15.33 -48.52
C VAL I 85 -73.90 14.90 -47.30
N GLN I 86 -74.80 13.94 -47.48
CA GLN I 86 -75.67 13.46 -46.40
C GLN I 86 -75.10 12.19 -45.78
N GLY I 87 -75.50 11.94 -44.54
CA GLY I 87 -75.13 10.68 -43.90
C GLY I 87 -75.66 9.49 -44.69
N HIS I 88 -74.87 8.42 -44.71
CA HIS I 88 -75.12 7.31 -45.61
C HIS I 88 -74.97 5.98 -44.88
N SER I 89 -75.36 4.93 -45.58
CA SER I 89 -75.08 3.56 -45.17
C SER I 89 -74.16 2.92 -46.21
N MET I 90 -73.32 2.00 -45.74
CA MET I 90 -72.26 1.44 -46.57
C MET I 90 -72.35 -0.07 -46.57
N ALA I 91 -72.17 -0.67 -47.75
CA ALA I 91 -72.13 -2.12 -47.88
C ALA I 91 -70.94 -2.52 -48.73
N ILE I 92 -70.09 -3.40 -48.19
CA ILE I 92 -68.90 -3.88 -48.87
C ILE I 92 -69.14 -5.33 -49.26
N TYR I 93 -69.07 -5.61 -50.55
CA TYR I 93 -69.16 -6.95 -51.11
C TYR I 93 -67.82 -7.31 -51.75
N ASP I 94 -67.46 -8.59 -51.70
CA ASP I 94 -66.20 -9.01 -52.28
C ASP I 94 -66.38 -9.27 -53.78
N ALA I 95 -65.30 -9.71 -54.43
CA ALA I 95 -65.33 -9.92 -55.87
C ALA I 95 -66.30 -11.02 -56.29
N ASN I 96 -66.60 -11.97 -55.40
CA ASN I 96 -67.51 -13.06 -55.72
C ASN I 96 -68.96 -12.71 -55.42
N GLY I 97 -69.25 -11.49 -54.98
CA GLY I 97 -70.61 -11.07 -54.73
C GLY I 97 -71.12 -11.31 -53.32
N SER I 98 -70.37 -12.03 -52.49
CA SER I 98 -70.77 -12.23 -51.11
C SER I 98 -70.55 -10.96 -50.30
N GLN I 99 -71.49 -10.65 -49.41
CA GLN I 99 -71.37 -9.44 -48.62
C GLN I 99 -70.28 -9.60 -47.57
N VAL I 100 -69.37 -8.62 -47.52
CA VAL I 100 -68.30 -8.64 -46.53
C VAL I 100 -68.68 -7.85 -45.29
N ASP I 101 -69.28 -6.67 -45.46
CA ASP I 101 -69.61 -5.84 -44.32
C ASP I 101 -70.82 -4.97 -44.65
N TYR I 102 -71.51 -4.54 -43.59
CA TYR I 102 -72.62 -3.61 -43.74
C TYR I 102 -72.70 -2.71 -42.51
N ILE I 103 -72.73 -1.41 -42.74
CA ILE I 103 -72.93 -0.42 -41.68
C ILE I 103 -74.15 0.41 -42.07
N ALA I 104 -75.15 0.44 -41.20
CA ALA I 104 -76.38 1.16 -41.48
C ALA I 104 -76.29 2.65 -41.22
N ASN I 105 -75.32 3.09 -40.41
CA ASN I 105 -75.15 4.51 -40.12
C ASN I 105 -73.69 4.72 -39.74
N VAL I 106 -72.90 5.25 -40.67
CA VAL I 106 -71.46 5.35 -40.48
C VAL I 106 -71.13 6.37 -39.38
N LEU I 107 -71.88 7.46 -39.30
CA LEU I 107 -71.70 8.45 -38.26
C LEU I 107 -72.81 8.44 -37.23
N LYS I 108 -73.78 7.55 -37.36
CA LYS I 108 -74.91 7.41 -36.45
C LYS I 108 -75.77 8.68 -36.40
N TYR I 109 -75.66 9.53 -37.41
CA TYR I 109 -76.50 10.70 -37.57
C TYR I 109 -76.30 11.24 -38.98
N ASP I 110 -77.23 12.09 -39.41
CA ASP I 110 -77.17 12.66 -40.74
C ASP I 110 -76.69 14.11 -40.63
N PRO I 111 -75.46 14.41 -41.03
CA PRO I 111 -75.00 15.80 -40.96
C PRO I 111 -75.77 16.75 -41.86
N ASP I 112 -76.37 16.26 -42.94
CA ASP I 112 -77.09 17.13 -43.86
C ASP I 112 -78.29 17.78 -43.19
N GLN I 113 -79.16 16.95 -42.58
CA GLN I 113 -80.34 17.49 -41.92
C GLN I 113 -80.00 18.12 -40.58
N TYR I 114 -79.03 17.55 -39.86
CA TYR I 114 -78.59 18.16 -38.61
C TYR I 114 -77.94 19.51 -38.84
N SER I 115 -77.45 19.80 -40.05
CA SER I 115 -76.95 21.13 -40.35
C SER I 115 -78.07 22.16 -40.25
N ILE I 116 -79.21 21.89 -40.89
CA ILE I 116 -80.35 22.78 -40.78
C ILE I 116 -80.85 22.82 -39.34
N GLU I 117 -80.88 21.66 -38.68
CA GLU I 117 -81.33 21.61 -37.28
C GLU I 117 -80.49 22.53 -36.40
N ALA I 118 -79.16 22.43 -36.51
CA ALA I 118 -78.26 23.24 -35.69
C ALA I 118 -78.29 24.70 -36.09
N ASP I 119 -78.46 24.99 -37.38
CA ASP I 119 -78.61 26.38 -37.79
C ASP I 119 -79.87 26.99 -37.17
N LYS I 120 -80.92 26.20 -37.05
CA LYS I 120 -82.15 26.70 -36.42
C LYS I 120 -81.99 26.86 -34.91
N LYS I 121 -81.39 25.88 -34.24
CA LYS I 121 -81.43 25.83 -32.79
C LYS I 121 -80.16 26.34 -32.11
N PHE I 122 -79.03 26.39 -32.80
CA PHE I 122 -77.80 26.87 -32.18
C PHE I 122 -77.45 28.27 -32.67
N THR J 5 -69.89 8.52 -20.29
CA THR J 5 -69.71 8.71 -21.72
C THR J 5 -68.51 7.90 -22.24
N ALA J 6 -68.79 6.98 -23.16
CA ALA J 6 -67.76 6.15 -23.78
C ALA J 6 -67.34 6.77 -25.11
N ASN J 7 -66.57 7.87 -25.00
CA ASN J 7 -66.15 8.64 -26.17
C ASN J 7 -64.80 8.20 -26.71
N VAL J 8 -64.19 7.18 -26.13
CA VAL J 8 -62.91 6.65 -26.58
C VAL J 8 -63.15 5.29 -27.23
N VAL J 9 -62.62 5.10 -28.42
CA VAL J 9 -62.83 3.88 -29.19
C VAL J 9 -61.58 3.01 -29.07
N VAL J 10 -61.77 1.71 -28.84
CA VAL J 10 -60.67 0.77 -28.77
C VAL J 10 -60.23 0.51 -30.22
N SER J 11 -59.20 1.21 -30.65
CA SER J 11 -58.68 1.10 -32.01
C SER J 11 -57.28 0.50 -31.97
N ASN J 12 -56.66 0.42 -33.14
CA ASN J 12 -55.35 -0.21 -33.26
C ASN J 12 -54.25 0.84 -33.16
N PRO J 13 -53.41 0.79 -32.12
CA PRO J 13 -52.21 1.64 -32.13
C PRO J 13 -51.18 1.08 -33.10
N ARG J 14 -50.06 1.77 -33.28
CA ARG J 14 -49.06 1.35 -34.25
C ARG J 14 -49.70 1.26 -35.63
N PRO J 15 -50.02 2.41 -36.25
CA PRO J 15 -50.73 2.38 -37.53
C PRO J 15 -49.95 1.63 -38.61
N ILE J 16 -50.70 1.03 -39.52
CA ILE J 16 -50.15 0.13 -40.54
C ILE J 16 -50.17 0.84 -41.88
N PHE J 17 -49.04 0.81 -42.57
CA PHE J 17 -48.89 1.43 -43.88
C PHE J 17 -48.74 0.33 -44.92
N THR J 18 -49.59 0.35 -45.94
CA THR J 18 -49.71 -0.72 -46.92
C THR J 18 -49.39 -0.18 -48.31
N GLU J 19 -48.83 -1.05 -49.16
CA GLU J 19 -48.58 -0.68 -50.54
C GLU J 19 -49.89 -0.39 -51.26
N SER J 20 -49.86 0.60 -52.16
CA SER J 20 -51.07 1.09 -52.80
C SER J 20 -51.54 0.23 -53.97
N ARG J 21 -50.75 -0.75 -54.39
CA ARG J 21 -51.12 -1.61 -55.51
C ARG J 21 -51.30 -3.07 -55.12
N SER J 22 -50.83 -3.49 -53.95
CA SER J 22 -50.97 -4.87 -53.51
C SER J 22 -51.13 -4.89 -51.99
N PHE J 23 -51.67 -6.00 -51.49
CA PHE J 23 -51.87 -6.17 -50.06
C PHE J 23 -50.53 -6.58 -49.44
N LYS J 24 -49.68 -5.57 -49.25
CA LYS J 24 -48.34 -5.78 -48.72
C LYS J 24 -47.91 -4.53 -47.98
N ALA J 25 -47.16 -4.74 -46.89
CA ALA J 25 -46.64 -3.63 -46.12
C ALA J 25 -45.53 -2.93 -46.89
N VAL J 26 -45.32 -1.65 -46.58
CA VAL J 26 -44.25 -0.87 -47.21
C VAL J 26 -43.01 -1.10 -46.36
N ALA J 27 -42.32 -2.20 -46.63
CA ALA J 27 -41.13 -2.54 -45.86
C ALA J 27 -39.98 -1.63 -46.26
N ASN J 28 -39.29 -1.07 -45.27
CA ASN J 28 -38.21 -0.11 -45.47
C ASN J 28 -38.68 1.13 -46.22
N GLY J 29 -39.95 1.50 -46.03
CA GLY J 29 -40.48 2.70 -46.64
C GLY J 29 -40.22 3.94 -45.81
N LYS J 30 -40.27 5.08 -46.48
CA LYS J 30 -39.97 6.37 -45.87
C LYS J 30 -41.23 7.23 -45.81
N ILE J 31 -41.41 7.92 -44.69
CA ILE J 31 -42.56 8.80 -44.50
C ILE J 31 -42.06 10.19 -44.12
N TYR J 32 -42.58 11.20 -44.81
CA TYR J 32 -42.29 12.60 -44.52
C TYR J 32 -43.56 13.30 -44.08
N ILE J 33 -43.47 14.05 -42.99
CA ILE J 33 -44.59 14.82 -42.44
C ILE J 33 -44.21 16.30 -42.51
N GLY J 34 -45.10 17.11 -43.09
CA GLY J 34 -44.84 18.53 -43.24
C GLY J 34 -46.08 19.39 -43.09
N GLN J 35 -46.00 20.64 -43.52
CA GLN J 35 -47.14 21.54 -43.44
C GLN J 35 -48.25 21.07 -44.37
N ILE J 36 -49.47 21.58 -44.14
CA ILE J 36 -50.60 21.19 -44.95
C ILE J 36 -50.43 21.70 -46.37
N ASP J 37 -50.76 20.85 -47.35
CA ASP J 37 -50.74 21.21 -48.77
C ASP J 37 -49.35 21.69 -49.20
N THR J 38 -48.38 20.79 -49.07
CA THR J 38 -47.01 21.09 -49.47
C THR J 38 -46.31 19.76 -49.75
N ASP J 39 -45.06 19.85 -50.21
CA ASP J 39 -44.25 18.67 -50.47
C ASP J 39 -43.39 18.38 -49.23
N PRO J 40 -43.75 17.39 -48.41
CA PRO J 40 -42.98 17.14 -47.18
C PRO J 40 -41.59 16.57 -47.42
N VAL J 41 -41.27 16.15 -48.65
CA VAL J 41 -39.92 15.67 -48.92
C VAL J 41 -38.91 16.79 -48.81
N ASN J 42 -39.29 17.99 -49.20
CA ASN J 42 -38.42 19.16 -49.06
C ASN J 42 -38.25 19.48 -47.58
N PRO J 43 -37.03 19.51 -47.06
CA PRO J 43 -36.85 19.78 -45.63
C PRO J 43 -37.32 21.16 -45.19
N ALA J 44 -37.48 22.11 -46.11
CA ALA J 44 -38.00 23.41 -45.76
C ALA J 44 -39.46 23.35 -45.33
N ASN J 45 -40.22 22.38 -45.85
CA ASN J 45 -41.63 22.24 -45.55
C ASN J 45 -41.89 21.25 -44.42
N GLN J 46 -40.86 20.63 -43.86
CA GLN J 46 -41.05 19.61 -42.84
C GLN J 46 -41.37 20.23 -41.49
N ILE J 47 -42.06 19.46 -40.65
CA ILE J 47 -42.46 19.90 -39.32
C ILE J 47 -41.95 18.85 -38.33
N PRO J 48 -41.75 19.25 -37.06
CA PRO J 48 -41.21 18.31 -36.08
C PRO J 48 -42.10 17.09 -35.87
N VAL J 49 -41.46 15.94 -35.69
CA VAL J 49 -42.11 14.70 -35.31
C VAL J 49 -41.44 14.19 -34.05
N TYR J 50 -42.23 13.70 -33.09
CA TYR J 50 -41.74 13.37 -31.76
C TYR J 50 -42.02 11.92 -31.43
N ILE J 51 -41.01 11.23 -30.89
CA ILE J 51 -41.22 9.96 -30.23
C ILE J 51 -41.78 10.23 -28.83
N GLU J 52 -42.91 9.61 -28.52
CA GLU J 52 -43.50 9.65 -27.20
C GLU J 52 -43.06 8.41 -26.42
N ASN J 53 -42.48 8.62 -25.25
CA ASN J 53 -41.87 7.55 -24.48
C ASN J 53 -42.76 7.13 -23.32
N GLU J 54 -42.37 6.03 -22.67
CA GLU J 54 -43.04 5.57 -21.47
C GLU J 54 -43.00 6.62 -20.37
N ASP J 55 -41.83 7.22 -20.12
CA ASP J 55 -41.71 8.22 -19.07
C ASP J 55 -42.50 9.48 -19.37
N GLY J 56 -42.98 9.67 -20.59
CA GLY J 56 -43.78 10.80 -20.96
C GLY J 56 -43.06 11.88 -21.73
N SER J 57 -41.73 11.81 -21.81
CA SER J 57 -40.98 12.79 -22.57
C SER J 57 -41.24 12.64 -24.06
N HIS J 58 -41.19 13.76 -24.77
CA HIS J 58 -41.31 13.79 -26.22
C HIS J 58 -39.97 14.18 -26.81
N VAL J 59 -39.40 13.31 -27.64
CA VAL J 59 -38.08 13.52 -28.20
C VAL J 59 -38.22 13.70 -29.71
N GLN J 60 -37.82 14.86 -30.22
CA GLN J 60 -37.91 15.09 -31.65
C GLN J 60 -36.93 14.17 -32.39
N ILE J 61 -37.40 13.62 -33.50
CA ILE J 61 -36.65 12.61 -34.23
C ILE J 61 -36.48 13.08 -35.66
N THR J 62 -35.50 12.48 -36.36
CA THR J 62 -35.25 12.84 -37.74
C THR J 62 -36.48 12.55 -38.59
N GLN J 63 -36.72 13.42 -39.57
CA GLN J 63 -38.03 13.46 -40.21
C GLN J 63 -38.39 12.19 -40.97
N PRO J 64 -37.53 11.62 -41.84
CA PRO J 64 -37.96 10.41 -42.56
C PRO J 64 -38.19 9.24 -41.61
N LEU J 65 -39.46 8.86 -41.46
CA LEU J 65 -39.82 7.74 -40.61
C LEU J 65 -39.72 6.45 -41.40
N ILE J 66 -39.17 5.43 -40.78
CA ILE J 66 -38.88 4.15 -41.43
C ILE J 66 -39.99 3.17 -41.09
N ILE J 67 -40.46 2.45 -42.11
CA ILE J 67 -41.54 1.48 -41.97
C ILE J 67 -40.93 0.08 -42.05
N ASN J 68 -41.32 -0.81 -41.15
CA ASN J 68 -40.73 -2.14 -41.09
C ASN J 68 -41.53 -3.10 -41.96
N ALA J 69 -41.27 -4.40 -41.81
CA ALA J 69 -41.96 -5.43 -42.58
C ALA J 69 -43.43 -5.55 -42.18
N ALA J 70 -43.80 -5.05 -41.01
CA ALA J 70 -45.19 -5.11 -40.54
C ALA J 70 -46.00 -3.89 -40.94
N GLY J 71 -45.39 -2.91 -41.58
CA GLY J 71 -46.09 -1.70 -41.96
C GLY J 71 -46.15 -0.63 -40.89
N LYS J 72 -45.23 -0.65 -39.93
CA LYS J 72 -45.30 0.23 -38.76
C LYS J 72 -44.04 1.09 -38.67
N ILE J 73 -44.16 2.20 -37.96
CA ILE J 73 -43.03 3.12 -37.78
C ILE J 73 -42.09 2.55 -36.74
N VAL J 74 -40.81 2.45 -37.09
CA VAL J 74 -39.78 1.98 -36.18
C VAL J 74 -38.68 3.04 -36.10
N TYR J 75 -37.94 3.01 -35.00
CA TYR J 75 -36.83 3.93 -34.78
C TYR J 75 -35.48 3.25 -34.97
N ASN J 76 -35.21 2.19 -34.23
CA ASN J 76 -34.00 1.40 -34.37
C ASN J 76 -34.35 -0.08 -34.52
N GLY J 77 -35.40 -0.35 -35.31
CA GLY J 77 -36.02 -1.65 -35.32
C GLY J 77 -37.04 -1.87 -34.23
N GLN J 78 -37.41 -0.81 -33.52
CA GLN J 78 -38.31 -0.89 -32.37
C GLN J 78 -39.58 -0.10 -32.66
N LEU J 79 -40.72 -0.71 -32.37
CA LEU J 79 -42.00 -0.02 -32.54
C LEU J 79 -42.10 1.16 -31.59
N VAL J 80 -42.44 2.33 -32.13
CA VAL J 80 -42.49 3.56 -31.36
C VAL J 80 -43.79 4.29 -31.67
N LYS J 81 -44.13 5.23 -30.78
CA LYS J 81 -45.29 6.10 -30.95
C LYS J 81 -44.80 7.46 -31.45
N ILE J 82 -45.30 7.90 -32.60
CA ILE J 82 -44.87 9.13 -33.24
C ILE J 82 -46.03 10.11 -33.24
N VAL J 83 -45.76 11.34 -32.80
CA VAL J 83 -46.78 12.37 -32.68
C VAL J 83 -46.31 13.63 -33.39
N THR J 84 -47.28 14.44 -33.83
CA THR J 84 -47.04 15.69 -34.51
C THR J 84 -48.26 16.58 -34.29
N VAL J 85 -48.36 17.66 -35.06
CA VAL J 85 -49.53 18.53 -34.97
C VAL J 85 -50.67 17.95 -35.82
N GLN J 86 -51.88 18.39 -35.52
CA GLN J 86 -53.06 17.83 -36.19
C GLN J 86 -53.07 18.16 -37.68
N GLY J 87 -52.61 19.35 -38.04
CA GLY J 87 -52.58 19.73 -39.43
C GLY J 87 -51.23 19.48 -40.08
N HIS J 88 -51.14 18.43 -40.90
CA HIS J 88 -49.90 18.12 -41.58
C HIS J 88 -50.21 17.37 -42.87
N SER J 89 -49.25 17.40 -43.78
CA SER J 89 -49.28 16.60 -45.00
C SER J 89 -48.30 15.45 -44.87
N MET J 90 -48.63 14.35 -45.51
CA MET J 90 -47.83 13.13 -45.42
C MET J 90 -47.48 12.62 -46.79
N ALA J 91 -46.24 12.14 -46.92
CA ALA J 91 -45.76 11.51 -48.15
C ALA J 91 -45.12 10.17 -47.78
N ILE J 92 -45.57 9.10 -48.42
CA ILE J 92 -45.05 7.77 -48.20
C ILE J 92 -44.41 7.29 -49.49
N TYR J 93 -43.12 6.95 -49.40
CA TYR J 93 -42.33 6.43 -50.52
C TYR J 93 -41.88 5.02 -50.19
N ASP J 94 -41.77 4.20 -51.22
CA ASP J 94 -41.26 2.84 -51.06
C ASP J 94 -39.73 2.86 -50.94
N ALA J 95 -39.18 1.69 -50.64
CA ALA J 95 -37.73 1.57 -50.49
C ALA J 95 -36.97 1.81 -51.78
N ASN J 96 -37.65 1.71 -52.93
CA ASN J 96 -37.02 1.96 -54.22
C ASN J 96 -37.16 3.40 -54.67
N GLY J 97 -37.74 4.27 -53.84
CA GLY J 97 -37.90 5.67 -54.17
C GLY J 97 -39.21 6.03 -54.84
N SER J 98 -40.03 5.04 -55.17
CA SER J 98 -41.32 5.31 -55.82
C SER J 98 -42.33 5.84 -54.81
N GLN J 99 -43.15 6.78 -55.26
CA GLN J 99 -44.20 7.34 -54.42
C GLN J 99 -45.26 6.28 -54.15
N VAL J 100 -45.55 6.05 -52.87
CA VAL J 100 -46.64 5.16 -52.49
C VAL J 100 -47.92 5.94 -52.26
N ASP J 101 -47.84 7.04 -51.54
CA ASP J 101 -49.04 7.82 -51.25
C ASP J 101 -48.66 9.27 -50.92
N TYR J 102 -49.60 10.17 -51.15
CA TYR J 102 -49.47 11.56 -50.72
C TYR J 102 -50.82 12.07 -50.24
N ILE J 103 -50.83 12.69 -49.07
CA ILE J 103 -52.04 13.28 -48.49
C ILE J 103 -51.70 14.71 -48.13
N ALA J 104 -52.42 15.66 -48.74
CA ALA J 104 -52.12 17.07 -48.52
C ALA J 104 -52.59 17.57 -47.16
N ASN J 105 -53.64 16.98 -46.61
CA ASN J 105 -54.14 17.37 -45.29
C ASN J 105 -54.80 16.14 -44.68
N VAL J 106 -54.21 15.62 -43.61
CA VAL J 106 -54.76 14.43 -42.95
C VAL J 106 -56.12 14.74 -42.32
N LEU J 107 -56.30 15.95 -41.81
CA LEU J 107 -57.53 16.30 -41.11
C LEU J 107 -58.76 16.24 -42.01
N LYS J 108 -58.57 16.26 -43.32
CA LYS J 108 -59.68 16.16 -44.26
C LYS J 108 -60.07 14.73 -44.56
N TYR J 109 -59.42 13.74 -43.94
CA TYR J 109 -59.81 12.35 -44.08
C TYR J 109 -60.64 11.85 -42.91
N ASP J 110 -60.94 12.71 -41.94
CA ASP J 110 -61.81 12.31 -40.84
C ASP J 110 -63.19 11.99 -41.37
N PRO J 111 -63.86 10.94 -40.84
CA PRO J 111 -65.18 10.58 -41.36
C PRO J 111 -66.20 11.71 -41.31
N ASP J 112 -66.12 12.52 -40.25
CA ASP J 112 -67.10 13.61 -40.03
C ASP J 112 -66.44 14.96 -40.30
N GLN J 113 -66.73 15.54 -41.44
CA GLN J 113 -66.20 16.85 -41.77
C GLN J 113 -67.11 18.00 -41.34
N TYR J 114 -68.31 17.69 -40.83
CA TYR J 114 -69.21 18.72 -40.31
C TYR J 114 -68.77 19.21 -38.94
N SER J 115 -67.96 18.42 -38.23
CA SER J 115 -67.57 18.78 -36.87
C SER J 115 -66.74 20.06 -36.86
N ILE J 116 -65.83 20.23 -37.83
CA ILE J 116 -64.95 21.39 -37.83
C ILE J 116 -65.76 22.67 -38.02
N GLU J 117 -66.63 22.69 -39.02
CA GLU J 117 -67.44 23.88 -39.27
C GLU J 117 -68.41 24.13 -38.12
N ALA J 118 -68.99 23.07 -37.56
CA ALA J 118 -69.89 23.25 -36.43
C ALA J 118 -69.17 23.83 -35.22
N ASP J 119 -67.93 23.40 -34.99
CA ASP J 119 -67.15 23.93 -33.88
C ASP J 119 -66.76 25.39 -34.13
N LYS J 120 -66.41 25.72 -35.35
CA LYS J 120 -66.01 27.08 -35.70
C LYS J 120 -67.19 28.02 -35.90
N LYS J 121 -68.42 27.50 -35.88
CA LYS J 121 -69.60 28.31 -36.11
C LYS J 121 -70.33 28.68 -34.83
N PHE J 122 -70.59 27.72 -33.96
CA PHE J 122 -71.36 27.98 -32.74
C PHE J 122 -70.45 28.03 -31.51
N THR K 5 -71.69 20.86 -49.92
CA THR K 5 -70.47 20.69 -49.15
C THR K 5 -70.33 19.25 -48.67
N ALA K 6 -69.08 18.77 -48.60
CA ALA K 6 -68.81 17.40 -48.20
C ALA K 6 -68.81 17.31 -46.68
N ASN K 7 -69.66 16.42 -46.14
CA ASN K 7 -69.75 16.22 -44.71
C ASN K 7 -69.25 14.86 -44.24
N VAL K 8 -69.29 13.84 -45.10
CA VAL K 8 -68.91 12.49 -44.74
C VAL K 8 -67.83 12.00 -45.69
N VAL K 9 -66.81 11.34 -45.14
CA VAL K 9 -65.75 10.72 -45.91
C VAL K 9 -65.88 9.21 -45.79
N VAL K 10 -65.92 8.52 -46.92
CA VAL K 10 -66.06 7.07 -46.93
C VAL K 10 -64.79 6.45 -46.34
N SER K 11 -64.96 5.67 -45.27
CA SER K 11 -63.83 5.11 -44.56
C SER K 11 -64.23 3.79 -43.92
N ASN K 12 -63.22 2.96 -43.63
CA ASN K 12 -63.41 1.66 -43.00
C ASN K 12 -63.51 1.81 -41.49
N PRO K 13 -64.57 1.32 -40.86
CA PRO K 13 -64.74 1.52 -39.41
C PRO K 13 -64.02 0.49 -38.56
N ARG K 14 -63.73 -0.68 -39.11
CA ARG K 14 -63.20 -1.79 -38.33
C ARG K 14 -61.69 -1.64 -38.14
N PRO K 15 -61.19 -1.57 -36.92
CA PRO K 15 -59.74 -1.62 -36.69
C PRO K 15 -59.19 -3.02 -36.97
N ILE K 16 -57.90 -3.06 -37.31
CA ILE K 16 -57.21 -4.30 -37.65
C ILE K 16 -56.02 -4.45 -36.70
N PHE K 17 -55.81 -5.66 -36.19
CA PHE K 17 -54.76 -5.95 -35.24
C PHE K 17 -53.82 -6.99 -35.85
N THR K 18 -52.61 -6.58 -36.17
CA THR K 18 -51.63 -7.43 -36.85
C THR K 18 -50.39 -7.61 -35.98
N GLU K 19 -49.48 -8.45 -36.46
CA GLU K 19 -48.25 -8.76 -35.74
C GLU K 19 -47.32 -7.56 -35.71
N SER K 20 -46.45 -7.54 -34.68
CA SER K 20 -45.54 -6.42 -34.51
C SER K 20 -44.40 -6.44 -35.51
N ARG K 21 -43.87 -7.62 -35.82
CA ARG K 21 -42.71 -7.74 -36.69
C ARG K 21 -43.05 -8.15 -38.11
N SER K 22 -44.24 -8.71 -38.35
CA SER K 22 -44.58 -9.25 -39.65
C SER K 22 -45.99 -8.84 -40.03
N PHE K 23 -46.29 -8.96 -41.32
CA PHE K 23 -47.58 -8.53 -41.87
C PHE K 23 -48.58 -9.68 -41.85
N LYS K 24 -48.92 -10.12 -40.65
CA LYS K 24 -50.04 -11.03 -40.44
C LYS K 24 -50.82 -10.58 -39.21
N ALA K 25 -52.11 -10.91 -39.20
CA ALA K 25 -52.97 -10.54 -38.09
C ALA K 25 -52.67 -11.37 -36.86
N VAL K 26 -53.13 -10.88 -35.71
CA VAL K 26 -53.01 -11.63 -34.45
C VAL K 26 -54.24 -12.52 -34.39
N ALA K 27 -54.15 -13.67 -35.04
CA ALA K 27 -55.27 -14.58 -35.12
C ALA K 27 -55.55 -15.21 -33.77
N ASN K 28 -56.80 -15.10 -33.30
CA ASN K 28 -57.23 -15.65 -32.01
C ASN K 28 -56.39 -15.09 -30.87
N GLY K 29 -56.05 -13.80 -30.96
CA GLY K 29 -55.33 -13.13 -29.90
C GLY K 29 -56.25 -12.57 -28.84
N LYS K 30 -55.64 -11.91 -27.85
CA LYS K 30 -56.39 -11.30 -26.76
C LYS K 30 -55.92 -9.86 -26.56
N ILE K 31 -56.84 -9.01 -26.11
CA ILE K 31 -56.56 -7.61 -25.83
C ILE K 31 -56.98 -7.29 -24.41
N TYR K 32 -56.06 -6.71 -23.64
CA TYR K 32 -56.36 -6.20 -22.31
C TYR K 32 -56.11 -4.69 -22.32
N ILE K 33 -57.11 -3.91 -21.91
CA ILE K 33 -56.95 -2.48 -21.77
C ILE K 33 -57.27 -2.08 -20.34
N GLY K 34 -56.46 -1.17 -19.80
CA GLY K 34 -56.61 -0.74 -18.43
C GLY K 34 -56.09 0.66 -18.16
N GLN K 35 -55.76 0.95 -16.92
CA GLN K 35 -55.21 2.27 -16.59
C GLN K 35 -53.91 2.51 -17.33
N ILE K 36 -53.67 3.77 -17.70
CA ILE K 36 -52.50 4.09 -18.50
C ILE K 36 -51.23 3.78 -17.71
N ASP K 37 -50.22 3.29 -18.42
CA ASP K 37 -48.88 3.03 -17.88
C ASP K 37 -48.89 1.91 -16.84
N THR K 38 -49.77 0.92 -17.00
CA THR K 38 -49.87 -0.20 -16.07
C THR K 38 -49.93 -1.51 -16.85
N ASP K 39 -49.88 -2.61 -16.11
CA ASP K 39 -50.08 -3.94 -16.64
C ASP K 39 -51.58 -4.23 -16.71
N PRO K 40 -52.18 -4.23 -17.90
CA PRO K 40 -53.64 -4.34 -17.99
C PRO K 40 -54.18 -5.74 -17.77
N VAL K 41 -53.31 -6.75 -17.62
CA VAL K 41 -53.79 -8.10 -17.35
C VAL K 41 -54.25 -8.25 -15.90
N ASN K 42 -53.74 -7.42 -15.00
CA ASN K 42 -54.23 -7.41 -13.63
C ASN K 42 -55.64 -6.82 -13.61
N PRO K 43 -56.65 -7.56 -13.14
CA PRO K 43 -58.03 -7.03 -13.19
C PRO K 43 -58.22 -5.78 -12.34
N ALA K 44 -57.34 -5.50 -11.40
CA ALA K 44 -57.42 -4.24 -10.65
C ALA K 44 -57.10 -3.05 -11.54
N ASN K 45 -56.23 -3.23 -12.54
CA ASN K 45 -55.87 -2.17 -13.46
C ASN K 45 -56.84 -2.02 -14.61
N GLN K 46 -57.77 -2.96 -14.80
CA GLN K 46 -58.65 -2.96 -15.95
C GLN K 46 -59.75 -1.91 -15.80
N ILE K 47 -60.23 -1.44 -16.95
CA ILE K 47 -61.28 -0.42 -17.00
C ILE K 47 -62.42 -0.94 -17.87
N PRO K 48 -63.66 -0.46 -17.68
CA PRO K 48 -64.79 -1.05 -18.40
C PRO K 48 -64.68 -0.91 -19.92
N VAL K 49 -65.20 -1.91 -20.62
CA VAL K 49 -65.23 -1.93 -22.08
C VAL K 49 -66.66 -2.20 -22.52
N TYR K 50 -67.14 -1.45 -23.51
CA TYR K 50 -68.52 -1.56 -23.96
C TYR K 50 -68.59 -1.87 -25.45
N ILE K 51 -69.50 -2.76 -25.81
CA ILE K 51 -69.88 -2.93 -27.21
C ILE K 51 -70.83 -1.80 -27.57
N GLU K 52 -70.47 -1.02 -28.59
CA GLU K 52 -71.33 0.00 -29.16
C GLU K 52 -72.11 -0.62 -30.30
N ASN K 53 -73.42 -0.80 -30.10
CA ASN K 53 -74.25 -1.39 -31.14
C ASN K 53 -74.63 -0.34 -32.16
N GLU K 54 -75.28 -0.79 -33.24
CA GLU K 54 -75.63 0.10 -34.33
C GLU K 54 -76.57 1.21 -33.86
N ASP K 55 -77.50 0.87 -32.97
CA ASP K 55 -78.36 1.90 -32.38
C ASP K 55 -77.63 2.72 -31.34
N GLY K 56 -76.63 2.14 -30.67
CA GLY K 56 -75.91 2.82 -29.62
C GLY K 56 -76.29 2.33 -28.24
N SER K 57 -76.43 1.02 -28.08
CA SER K 57 -76.90 0.46 -26.80
C SER K 57 -75.81 0.50 -25.72
N HIS K 58 -74.55 0.32 -26.10
CA HIS K 58 -73.42 0.43 -25.17
C HIS K 58 -73.54 -0.61 -24.04
N VAL K 59 -73.44 -1.88 -24.42
CA VAL K 59 -73.55 -2.98 -23.47
C VAL K 59 -72.15 -3.43 -23.04
N GLN K 60 -71.91 -3.45 -21.73
CA GLN K 60 -70.58 -3.75 -21.21
C GLN K 60 -70.24 -5.23 -21.39
N ILE K 61 -68.95 -5.51 -21.57
CA ILE K 61 -68.48 -6.87 -21.78
C ILE K 61 -67.32 -7.16 -20.83
N THR K 62 -66.95 -8.44 -20.75
CA THR K 62 -65.78 -8.84 -20.00
C THR K 62 -64.51 -8.35 -20.71
N GLN K 63 -63.47 -8.12 -19.91
CA GLN K 63 -62.30 -7.37 -20.41
C GLN K 63 -61.60 -8.02 -21.58
N PRO K 64 -61.20 -9.31 -21.54
CA PRO K 64 -60.37 -9.84 -22.64
C PRO K 64 -61.12 -9.85 -23.96
N LEU K 65 -60.69 -8.99 -24.88
CA LEU K 65 -61.29 -8.91 -26.20
C LEU K 65 -60.66 -9.94 -27.13
N ILE K 66 -61.50 -10.65 -27.88
CA ILE K 66 -61.05 -11.72 -28.75
C ILE K 66 -60.82 -11.16 -30.15
N ILE K 67 -59.65 -11.45 -30.71
CA ILE K 67 -59.28 -10.99 -32.04
C ILE K 67 -59.58 -12.09 -33.04
N ASN K 68 -60.27 -11.74 -34.13
CA ASN K 68 -60.67 -12.70 -35.14
C ASN K 68 -59.45 -13.16 -35.95
N ALA K 69 -59.68 -14.14 -36.82
CA ALA K 69 -58.65 -14.58 -37.75
C ALA K 69 -58.28 -13.52 -38.77
N ALA K 70 -59.10 -12.48 -38.92
CA ALA K 70 -58.79 -11.35 -39.78
C ALA K 70 -58.12 -10.21 -39.01
N GLY K 71 -57.95 -10.35 -37.71
CA GLY K 71 -57.41 -9.28 -36.90
C GLY K 71 -58.42 -8.31 -36.35
N LYS K 72 -59.68 -8.71 -36.23
CA LYS K 72 -60.76 -7.84 -35.80
C LYS K 72 -61.36 -8.37 -34.50
N ILE K 73 -61.85 -7.45 -33.67
CA ILE K 73 -62.46 -7.82 -32.40
C ILE K 73 -63.86 -8.38 -32.65
N VAL K 74 -64.14 -9.53 -32.05
CA VAL K 74 -65.42 -10.22 -32.23
C VAL K 74 -66.01 -10.52 -30.87
N TYR K 75 -67.34 -10.64 -30.83
CA TYR K 75 -68.06 -11.07 -29.64
C TYR K 75 -69.28 -11.84 -30.09
N ASN K 76 -69.42 -13.08 -29.59
CA ASN K 76 -70.47 -14.00 -30.01
C ASN K 76 -70.40 -14.28 -31.51
N GLY K 77 -69.19 -14.29 -32.06
CA GLY K 77 -69.01 -14.58 -33.47
C GLY K 77 -69.42 -13.48 -34.41
N GLN K 78 -69.53 -12.24 -33.92
CA GLN K 78 -69.94 -11.11 -34.73
C GLN K 78 -68.96 -9.96 -34.55
N LEU K 79 -68.69 -9.26 -35.64
CA LEU K 79 -67.86 -8.06 -35.57
C LEU K 79 -68.52 -7.03 -34.66
N VAL K 80 -67.77 -6.51 -33.69
CA VAL K 80 -68.27 -5.55 -32.74
C VAL K 80 -67.32 -4.37 -32.66
N LYS K 81 -67.84 -3.23 -32.22
CA LYS K 81 -67.06 -2.03 -31.97
C LYS K 81 -66.95 -1.83 -30.46
N ILE K 82 -65.73 -1.62 -29.98
CA ILE K 82 -65.45 -1.53 -28.56
C ILE K 82 -65.13 -0.09 -28.21
N VAL K 83 -65.70 0.39 -27.10
CA VAL K 83 -65.51 1.76 -26.65
C VAL K 83 -65.15 1.76 -25.17
N THR K 84 -64.47 2.83 -24.76
CA THR K 84 -64.00 2.99 -23.40
C THR K 84 -64.30 4.42 -22.95
N VAL K 85 -64.18 4.64 -21.64
CA VAL K 85 -64.51 5.94 -21.05
C VAL K 85 -63.32 6.88 -20.95
N GLN K 86 -62.10 6.40 -21.18
CA GLN K 86 -60.92 7.21 -20.94
C GLN K 86 -59.75 6.62 -21.73
N GLY K 87 -58.67 7.39 -21.77
CA GLY K 87 -57.42 6.86 -22.30
C GLY K 87 -56.87 5.74 -21.43
N HIS K 88 -56.22 4.78 -22.07
CA HIS K 88 -55.91 3.51 -21.43
C HIS K 88 -54.51 3.06 -21.81
N SER K 89 -54.10 1.94 -21.25
CA SER K 89 -52.94 1.20 -21.69
C SER K 89 -53.40 -0.14 -22.26
N MET K 90 -52.70 -0.62 -23.28
CA MET K 90 -53.15 -1.77 -24.05
C MET K 90 -52.08 -2.85 -24.05
N ALA K 91 -52.54 -4.10 -24.10
CA ALA K 91 -51.66 -5.26 -24.16
C ALA K 91 -52.29 -6.29 -25.07
N ILE K 92 -51.63 -6.59 -26.19
CA ILE K 92 -52.10 -7.57 -27.16
C ILE K 92 -51.25 -8.82 -27.00
N TYR K 93 -51.92 -9.96 -26.82
CA TYR K 93 -51.30 -11.26 -26.63
C TYR K 93 -51.67 -12.17 -27.80
N ASP K 94 -50.75 -13.06 -28.15
CA ASP K 94 -50.91 -13.99 -29.25
C ASP K 94 -51.84 -15.14 -28.84
N ALA K 95 -52.21 -15.95 -29.84
CA ALA K 95 -52.96 -17.17 -29.56
C ALA K 95 -52.13 -18.14 -28.75
N ASN K 96 -50.82 -18.19 -29.00
CA ASN K 96 -49.91 -18.97 -28.18
C ASN K 96 -49.91 -18.47 -26.74
N GLY K 97 -49.93 -17.16 -26.56
CA GLY K 97 -49.84 -16.56 -25.24
C GLY K 97 -48.67 -15.61 -25.08
N SER K 98 -47.89 -15.37 -26.14
CA SER K 98 -46.77 -14.46 -26.07
C SER K 98 -47.24 -13.01 -26.21
N GLN K 99 -46.49 -12.10 -25.60
CA GLN K 99 -46.81 -10.68 -25.62
C GLN K 99 -46.55 -10.13 -27.01
N VAL K 100 -47.62 -9.94 -27.79
CA VAL K 100 -47.46 -9.35 -29.11
C VAL K 100 -47.07 -7.88 -28.99
N ASP K 101 -47.77 -7.14 -28.14
CA ASP K 101 -47.46 -5.72 -28.00
C ASP K 101 -47.94 -5.22 -26.64
N TYR K 102 -47.27 -4.18 -26.15
CA TYR K 102 -47.72 -3.42 -24.99
C TYR K 102 -47.55 -1.93 -25.29
N ILE K 103 -48.59 -1.15 -25.03
CA ILE K 103 -48.57 0.29 -25.24
C ILE K 103 -49.01 0.95 -23.95
N ALA K 104 -48.19 1.88 -23.45
CA ALA K 104 -48.45 2.46 -22.13
C ALA K 104 -49.59 3.47 -22.16
N ASN K 105 -49.85 4.10 -23.31
CA ASN K 105 -50.83 5.18 -23.37
C ASN K 105 -51.36 5.30 -24.79
N VAL K 106 -52.67 5.10 -24.95
CA VAL K 106 -53.35 5.35 -26.22
C VAL K 106 -54.68 6.04 -25.94
N LEU K 107 -55.08 6.90 -26.87
CA LEU K 107 -56.36 7.59 -26.76
C LEU K 107 -56.80 8.02 -28.14
N LYS K 108 -57.81 7.35 -28.69
CA LYS K 108 -58.46 7.77 -29.92
C LYS K 108 -59.94 8.02 -29.64
N TYR K 109 -60.41 9.22 -29.94
CA TYR K 109 -61.79 9.57 -29.69
C TYR K 109 -62.71 8.94 -30.74
N ASP K 110 -63.93 8.65 -30.32
CA ASP K 110 -64.91 8.06 -31.23
C ASP K 110 -65.39 9.13 -32.20
N PRO K 111 -65.25 8.92 -33.52
CA PRO K 111 -65.64 9.96 -34.49
C PRO K 111 -67.09 9.94 -34.92
N ASP K 112 -67.97 9.23 -34.22
CA ASP K 112 -69.38 9.18 -34.56
C ASP K 112 -70.22 9.84 -33.47
N GLN K 113 -71.52 9.94 -33.74
CA GLN K 113 -72.49 10.52 -32.81
C GLN K 113 -72.11 11.95 -32.42
N TYR K 114 -71.77 12.75 -33.42
CA TYR K 114 -71.42 14.14 -33.15
C TYR K 114 -72.65 14.99 -32.83
N SER K 115 -73.84 14.58 -33.26
CA SER K 115 -75.04 15.33 -32.93
C SER K 115 -75.28 15.36 -31.43
N ILE K 116 -75.09 14.22 -30.76
CA ILE K 116 -75.25 14.16 -29.31
C ILE K 116 -74.25 15.06 -28.62
N GLU K 117 -72.99 15.02 -29.06
CA GLU K 117 -71.95 15.86 -28.47
C GLU K 117 -72.27 17.34 -28.67
N ALA K 118 -72.72 17.72 -29.86
CA ALA K 118 -73.08 19.10 -30.13
C ALA K 118 -74.26 19.55 -29.26
N ASP K 119 -75.25 18.67 -29.09
CA ASP K 119 -76.39 18.99 -28.24
C ASP K 119 -75.95 19.19 -26.79
N LYS K 120 -75.06 18.32 -26.30
CA LYS K 120 -74.57 18.44 -24.93
C LYS K 120 -73.55 19.57 -24.76
N LYS K 121 -73.03 20.12 -25.87
CA LYS K 121 -71.97 21.11 -25.82
C LYS K 121 -72.44 22.51 -26.21
N PHE K 122 -73.30 22.63 -27.20
CA PHE K 122 -73.80 23.93 -27.64
C PHE K 122 -75.16 24.23 -27.00
N PRO L 2 -19.58 -15.67 -21.41
CA PRO L 2 -19.07 -14.93 -20.25
C PRO L 2 -20.16 -14.12 -19.54
N ILE L 3 -20.32 -14.34 -18.25
CA ILE L 3 -21.33 -13.66 -17.45
C ILE L 3 -20.77 -12.31 -16.99
N GLN L 4 -21.53 -11.25 -17.20
CA GLN L 4 -21.16 -9.90 -16.82
C GLN L 4 -22.21 -9.35 -15.86
N GLN L 5 -21.73 -8.75 -14.77
CA GLN L 5 -22.62 -8.15 -13.77
C GLN L 5 -22.91 -6.70 -14.13
N LEU L 6 -24.18 -6.32 -14.07
CA LEU L 6 -24.60 -4.96 -14.41
C LEU L 6 -25.01 -4.22 -13.14
N PRO L 7 -24.32 -3.15 -12.76
CA PRO L 7 -24.76 -2.38 -11.59
C PRO L 7 -26.12 -1.73 -11.83
N MET L 8 -26.92 -1.67 -10.77
CA MET L 8 -28.24 -1.06 -10.83
C MET L 8 -28.43 0.10 -9.86
N MET L 9 -27.46 0.35 -8.98
CA MET L 9 -27.60 1.42 -7.99
C MET L 9 -27.49 2.81 -8.61
N LYS L 10 -26.96 2.93 -9.82
CA LYS L 10 -26.91 4.19 -10.53
C LYS L 10 -26.87 3.93 -12.02
N GLY L 11 -27.73 4.62 -12.76
CA GLY L 11 -27.82 4.49 -14.18
C GLY L 11 -27.04 5.56 -14.92
N MET L 12 -27.26 5.62 -16.23
CA MET L 12 -26.53 6.57 -17.07
C MET L 12 -27.28 6.77 -18.38
N GLY L 13 -27.29 8.00 -18.87
CA GLY L 13 -27.90 8.28 -20.14
C GLY L 13 -27.54 9.66 -20.64
N LYS L 14 -28.27 10.10 -21.66
CA LYS L 14 -28.06 11.42 -22.25
C LYS L 14 -29.33 12.26 -22.14
N ASP L 15 -29.13 13.56 -21.97
CA ASP L 15 -30.22 14.53 -21.96
C ASP L 15 -30.44 15.03 -23.38
N PHE L 16 -31.62 14.76 -23.93
CA PHE L 16 -31.91 15.14 -25.30
C PHE L 16 -32.07 16.64 -25.50
N LYS L 17 -32.11 17.42 -24.43
CA LYS L 17 -32.19 18.88 -24.57
C LYS L 17 -30.85 19.48 -24.99
N ASN L 18 -29.75 19.01 -24.41
CA ASN L 18 -28.43 19.57 -24.70
C ASN L 18 -27.39 18.51 -25.05
N ALA L 19 -27.79 17.24 -25.18
CA ALA L 19 -26.91 16.15 -25.59
C ALA L 19 -25.75 15.94 -24.61
N ASP L 20 -25.98 16.20 -23.33
CA ASP L 20 -24.99 15.98 -22.30
C ASP L 20 -25.23 14.65 -21.59
N TYR L 21 -24.21 14.18 -20.90
CA TYR L 21 -24.28 12.92 -20.17
C TYR L 21 -24.77 13.17 -18.75
N ILE L 22 -25.80 12.43 -18.33
CA ILE L 22 -26.39 12.58 -17.01
C ILE L 22 -26.56 11.19 -16.39
N ASP L 23 -26.74 11.18 -15.07
CA ASP L 23 -26.98 9.95 -14.35
C ASP L 23 -28.47 9.70 -14.22
N TYR L 24 -28.84 8.41 -14.24
CA TYR L 24 -30.23 7.98 -14.09
C TYR L 24 -30.38 7.42 -12.67
N LEU L 25 -30.89 8.25 -11.78
CA LEU L 25 -31.04 7.85 -10.38
C LEU L 25 -32.22 6.88 -10.23
N PRO L 26 -32.09 5.91 -9.33
CA PRO L 26 -33.22 5.01 -9.05
C PRO L 26 -34.40 5.77 -8.46
N VAL L 27 -35.59 5.30 -8.78
CA VAL L 27 -36.84 5.91 -8.32
C VAL L 27 -37.48 4.97 -7.32
N ASN L 28 -37.76 5.48 -6.12
CA ASN L 28 -38.38 4.72 -5.03
C ASN L 28 -37.55 3.52 -4.63
N MET L 29 -36.23 3.62 -4.77
CA MET L 29 -35.29 2.57 -4.40
C MET L 29 -34.16 3.16 -3.57
N LEU L 30 -33.79 2.45 -2.51
CA LEU L 30 -32.61 2.75 -1.71
C LEU L 30 -31.61 1.62 -1.83
N ALA L 31 -30.35 1.98 -1.98
CA ALA L 31 -29.27 1.01 -2.11
C ALA L 31 -28.76 0.62 -0.73
N THR L 32 -28.66 -0.68 -0.48
CA THR L 32 -28.18 -1.21 0.80
C THR L 32 -26.91 -2.01 0.55
N PRO L 33 -25.74 -1.52 0.97
CA PRO L 33 -24.51 -2.32 0.82
C PRO L 33 -24.51 -3.52 1.75
N LYS L 34 -24.64 -4.72 1.18
CA LYS L 34 -24.67 -5.94 1.96
C LYS L 34 -24.39 -7.10 1.03
N GLU L 35 -23.36 -7.89 1.33
CA GLU L 35 -23.01 -9.05 0.51
C GLU L 35 -24.11 -10.09 0.66
N ILE L 36 -24.94 -10.24 -0.37
CA ILE L 36 -26.02 -11.22 -0.33
C ILE L 36 -25.52 -12.52 -0.95
N LEU L 37 -25.25 -12.47 -2.25
CA LEU L 37 -24.60 -13.56 -2.97
C LEU L 37 -24.11 -13.04 -4.31
N ASN L 38 -22.80 -13.01 -4.51
CA ASN L 38 -22.17 -12.50 -5.73
C ASN L 38 -22.58 -11.07 -6.03
N SER L 39 -23.11 -10.34 -5.06
CA SER L 39 -23.72 -9.04 -5.29
C SER L 39 -23.04 -7.90 -4.56
N SER L 40 -22.77 -8.07 -3.26
CA SER L 40 -22.20 -7.00 -2.42
C SER L 40 -23.10 -5.77 -2.39
N GLY L 41 -24.39 -6.00 -2.19
CA GLY L 41 -25.36 -4.91 -2.08
C GLY L 41 -26.63 -5.25 -2.83
N TYR L 42 -27.74 -4.68 -2.37
CA TYR L 42 -29.03 -4.87 -3.03
C TYR L 42 -29.76 -3.53 -3.08
N LEU L 43 -30.94 -3.54 -3.70
CA LEU L 43 -31.77 -2.35 -3.82
C LEU L 43 -33.16 -2.70 -3.31
N ARG L 44 -33.66 -1.90 -2.37
CA ARG L 44 -34.93 -2.16 -1.71
C ARG L 44 -35.85 -0.97 -1.88
N SER L 45 -37.13 -1.23 -2.13
CA SER L 45 -38.08 -0.15 -2.33
C SER L 45 -38.24 0.67 -1.06
N PHE L 46 -38.48 1.97 -1.23
CA PHE L 46 -38.77 2.82 -0.10
C PHE L 46 -40.06 2.37 0.57
N PRO L 47 -40.14 2.40 1.91
CA PRO L 47 -41.35 1.93 2.57
C PRO L 47 -42.57 2.75 2.18
N GLY L 48 -43.72 2.06 2.08
CA GLY L 48 -44.96 2.71 1.74
C GLY L 48 -45.57 3.44 2.92
N ILE L 49 -46.64 4.17 2.64
CA ILE L 49 -47.31 5.00 3.63
C ILE L 49 -48.73 4.49 3.83
N THR L 50 -49.11 4.26 5.09
CA THR L 50 -50.47 3.91 5.47
C THR L 50 -51.03 4.99 6.39
N LYS L 51 -52.33 5.23 6.26
CA LYS L 51 -52.97 6.31 7.00
C LYS L 51 -52.96 6.03 8.50
N ARG L 52 -52.68 7.07 9.27
CA ARG L 52 -52.65 7.02 10.73
C ARG L 52 -53.72 7.92 11.34
N TYR L 53 -53.71 9.21 11.02
CA TYR L 53 -54.60 10.20 11.59
C TYR L 53 -55.19 11.07 10.49
N ASP L 54 -56.20 11.86 10.87
CA ASP L 54 -56.79 12.87 10.01
C ASP L 54 -56.58 14.22 10.67
N MET L 55 -56.06 15.18 9.92
CA MET L 55 -55.66 16.48 10.48
C MET L 55 -56.46 17.60 9.82
N ASN L 56 -56.10 18.83 10.16
CA ASN L 56 -56.79 20.03 9.67
C ASN L 56 -56.31 20.48 8.30
N GLY L 57 -55.21 19.95 7.81
CA GLY L 57 -54.68 20.38 6.53
C GLY L 57 -53.31 19.77 6.29
N VAL L 58 -52.65 20.27 5.25
CA VAL L 58 -51.32 19.81 4.92
C VAL L 58 -50.33 20.21 6.02
N SER L 59 -49.26 19.45 6.13
CA SER L 59 -48.28 19.68 7.18
C SER L 59 -47.44 20.92 6.87
N ARG L 60 -47.12 21.68 7.92
CA ARG L 60 -46.35 22.90 7.80
C ARG L 60 -45.12 22.91 8.69
N GLY L 61 -44.99 21.97 9.62
CA GLY L 61 -43.84 21.86 10.49
C GLY L 61 -43.95 20.63 11.34
N VAL L 62 -42.82 20.25 11.94
CA VAL L 62 -42.77 19.07 12.81
C VAL L 62 -41.54 19.19 13.68
N GLU L 63 -41.64 18.69 14.91
CA GLU L 63 -40.51 18.64 15.82
C GLU L 63 -40.78 17.61 16.91
N TYR L 64 -39.71 16.99 17.39
CA TYR L 64 -39.79 16.11 18.54
C TYR L 64 -39.56 16.94 19.80
N ASN L 65 -40.58 17.03 20.65
CA ASN L 65 -40.49 17.80 21.89
C ASN L 65 -39.81 16.93 22.93
N THR L 66 -38.51 17.12 23.12
CA THR L 66 -37.76 16.34 24.11
C THR L 66 -38.16 16.69 25.54
N ALA L 67 -38.90 17.77 25.75
CA ALA L 67 -39.42 18.08 27.08
C ALA L 67 -40.67 17.28 27.39
N GLN L 68 -41.62 17.25 26.46
CA GLN L 68 -42.84 16.48 26.61
C GLN L 68 -42.72 15.05 26.13
N ASN L 69 -41.60 14.69 25.48
CA ASN L 69 -41.40 13.37 24.89
C ASN L 69 -42.53 13.02 23.92
N ALA L 70 -42.73 13.92 22.96
CA ALA L 70 -43.80 13.76 21.98
C ALA L 70 -43.44 14.55 20.73
N VAL L 71 -44.13 14.22 19.65
CA VAL L 71 -43.98 14.92 18.37
C VAL L 71 -45.06 15.96 18.25
N TYR L 72 -44.67 17.20 17.95
CA TYR L 72 -45.61 18.28 17.71
C TYR L 72 -45.67 18.56 16.22
N ARG L 73 -46.88 18.56 15.67
CA ARG L 73 -47.08 18.77 14.24
C ARG L 73 -48.01 19.97 14.02
N VAL L 74 -47.61 20.86 13.12
CA VAL L 74 -48.47 21.93 12.64
C VAL L 74 -49.12 21.44 11.35
N CYS L 75 -50.45 21.39 11.33
CA CYS L 75 -51.18 20.95 10.14
C CYS L 75 -52.35 21.88 9.92
N GLY L 76 -52.41 22.50 8.75
CA GLY L 76 -53.45 23.47 8.48
C GLY L 76 -53.36 24.60 9.50
N GLY L 77 -54.49 24.89 10.13
CA GLY L 77 -54.55 25.89 11.17
C GLY L 77 -54.40 25.35 12.58
N LYS L 78 -53.99 24.11 12.74
CA LYS L 78 -53.94 23.49 14.06
C LYS L 78 -52.52 23.06 14.41
N LEU L 79 -52.26 22.98 15.71
CA LEU L 79 -51.03 22.44 16.27
C LEU L 79 -51.39 21.29 17.18
N TYR L 80 -50.82 20.12 16.92
CA TYR L 80 -51.14 18.87 17.59
C TYR L 80 -49.93 18.38 18.38
N LYS L 81 -50.19 17.88 19.59
CA LYS L 81 -49.21 17.10 20.35
C LYS L 81 -49.63 15.63 20.19
N GLY L 82 -49.02 14.96 19.21
CA GLY L 82 -49.44 13.62 18.87
C GLY L 82 -50.69 13.61 18.03
N GLU L 83 -51.81 13.18 18.61
CA GLU L 83 -53.07 13.12 17.91
C GLU L 83 -54.06 14.21 18.33
N SER L 84 -53.84 14.84 19.48
CA SER L 84 -54.77 15.83 20.02
C SER L 84 -54.32 17.24 19.69
N GLU L 85 -55.26 18.08 19.28
CA GLU L 85 -54.97 19.48 19.00
C GLU L 85 -54.63 20.20 20.30
N VAL L 86 -53.52 20.95 20.27
CA VAL L 86 -53.10 21.74 21.43
C VAL L 86 -53.01 23.22 21.11
N GLY L 87 -53.27 23.63 19.87
CA GLY L 87 -53.27 25.06 19.61
C GLY L 87 -53.77 25.38 18.22
N ASP L 88 -53.90 26.69 17.97
CA ASP L 88 -54.28 27.22 16.67
C ASP L 88 -53.13 28.04 16.11
N VAL L 89 -52.78 27.80 14.85
CA VAL L 89 -51.69 28.49 14.18
C VAL L 89 -52.23 29.14 12.91
N ALA L 90 -51.97 30.43 12.73
CA ALA L 90 -52.42 31.16 11.56
C ALA L 90 -51.39 31.06 10.44
N GLY L 91 -51.86 31.25 9.21
CA GLY L 91 -51.01 31.22 8.04
C GLY L 91 -51.29 30.00 7.17
N SER L 92 -50.46 29.86 6.13
CA SER L 92 -50.65 28.78 5.17
C SER L 92 -49.38 28.04 4.76
N GLY L 93 -48.19 28.56 5.05
CA GLY L 93 -46.95 27.96 4.60
C GLY L 93 -46.16 27.30 5.70
N ARG L 94 -44.90 27.00 5.39
CA ARG L 94 -44.01 26.36 6.35
C ARG L 94 -43.76 27.27 7.54
N VAL L 95 -43.57 26.66 8.71
CA VAL L 95 -43.36 27.39 9.96
C VAL L 95 -42.09 26.86 10.62
N SER L 96 -41.48 27.70 11.45
CA SER L 96 -40.35 27.29 12.25
C SER L 96 -40.84 26.67 13.54
N MET L 97 -40.08 25.72 14.08
CA MET L 97 -40.52 24.97 15.24
C MET L 97 -39.37 24.86 16.23
N ALA L 98 -39.62 25.20 17.49
CA ALA L 98 -38.65 25.07 18.56
C ALA L 98 -39.39 24.77 19.85
N HIS L 99 -38.66 24.42 20.90
CA HIS L 99 -39.32 24.11 22.16
C HIS L 99 -38.34 24.26 23.31
N GLY L 100 -38.90 24.36 24.51
CA GLY L 100 -38.12 24.49 25.71
C GLY L 100 -38.81 23.88 26.92
N ARG L 101 -38.46 24.34 28.11
CA ARG L 101 -39.03 23.77 29.34
C ARG L 101 -40.50 24.12 29.49
N THR L 102 -40.90 25.34 29.12
CA THR L 102 -42.23 25.83 29.45
C THR L 102 -43.18 25.91 28.26
N SER L 103 -42.68 25.91 27.02
CA SER L 103 -43.55 26.18 25.89
C SER L 103 -43.00 25.53 24.63
N GLN L 104 -43.87 25.39 23.64
CA GLN L 104 -43.51 25.00 22.28
C GLN L 104 -43.67 26.24 21.40
N ALA L 105 -42.58 26.70 20.82
CA ALA L 105 -42.58 27.93 20.05
C ALA L 105 -42.69 27.63 18.56
N VAL L 106 -43.54 28.41 17.87
CA VAL L 106 -43.73 28.33 16.44
C VAL L 106 -43.40 29.70 15.86
N GLY L 107 -42.51 29.73 14.87
CA GLY L 107 -42.21 30.94 14.14
C GLY L 107 -43.06 31.02 12.90
N VAL L 108 -44.03 31.94 12.91
CA VAL L 108 -45.01 32.04 11.83
C VAL L 108 -45.51 33.47 11.74
N ASN L 109 -45.71 33.94 10.51
CA ASN L 109 -46.28 35.27 10.24
C ASN L 109 -45.44 36.38 10.85
N GLY L 110 -44.13 36.17 10.90
CA GLY L 110 -43.25 37.16 11.49
C GLY L 110 -43.32 37.23 13.00
N GLN L 111 -43.92 36.23 13.64
CA GLN L 111 -44.08 36.21 15.09
C GLN L 111 -43.50 34.93 15.66
N LEU L 112 -43.10 35.00 16.92
CA LEU L 112 -42.63 33.86 17.70
C LEU L 112 -43.73 33.54 18.71
N VAL L 113 -44.68 32.70 18.30
CA VAL L 113 -45.84 32.38 19.12
C VAL L 113 -45.52 31.18 19.99
N GLU L 114 -45.64 31.36 21.29
CA GLU L 114 -45.26 30.34 22.27
C GLU L 114 -46.52 29.73 22.86
N TYR L 115 -46.72 28.44 22.63
CA TYR L 115 -47.86 27.71 23.19
C TYR L 115 -47.36 26.99 24.44
N ARG L 116 -47.76 27.50 25.60
CA ARG L 116 -47.31 26.93 26.86
C ARG L 116 -48.13 25.69 27.22
N TYR L 117 -47.49 24.78 27.94
CA TYR L 117 -48.13 23.50 28.27
C TYR L 117 -49.31 23.67 29.22
N ASP L 118 -49.37 24.77 29.97
CA ASP L 118 -50.52 25.03 30.84
C ASP L 118 -51.75 25.45 30.06
N GLY L 119 -51.62 25.75 28.76
CA GLY L 119 -52.75 26.08 27.91
C GLY L 119 -52.81 27.50 27.42
N THR L 120 -51.96 28.39 27.91
CA THR L 120 -51.94 29.77 27.48
C THR L 120 -51.01 29.96 26.29
N VAL L 121 -51.25 31.01 25.52
CA VAL L 121 -50.48 31.34 24.34
C VAL L 121 -49.94 32.75 24.48
N LYS L 122 -48.63 32.91 24.30
CA LYS L 122 -47.98 34.20 24.39
C LYS L 122 -47.25 34.50 23.08
N THR L 123 -46.83 35.75 22.94
CA THR L 123 -46.08 36.18 21.77
C THR L 123 -44.92 37.06 22.23
N VAL L 124 -43.74 36.85 21.63
CA VAL L 124 -42.57 37.63 22.02
C VAL L 124 -42.76 39.08 21.63
N SER L 125 -42.58 39.97 22.59
CA SER L 125 -42.72 41.40 22.36
C SER L 125 -41.80 42.14 23.31
N ASN L 126 -41.56 43.42 23.02
CA ASN L 126 -40.71 44.24 23.86
C ASN L 126 -41.25 44.34 25.27
N TRP L 127 -40.35 44.56 26.22
CA TRP L 127 -40.77 44.84 27.59
C TRP L 127 -41.61 46.10 27.61
N PRO L 128 -42.61 46.18 28.47
CA PRO L 128 -43.40 47.41 28.59
C PRO L 128 -42.52 48.58 28.97
N ALA L 129 -42.84 49.76 28.42
CA ALA L 129 -42.03 50.95 28.67
C ALA L 129 -42.00 51.33 30.14
N ASP L 130 -42.96 50.86 30.93
CA ASP L 130 -42.92 51.06 32.37
C ASP L 130 -41.70 50.41 33.01
N SER L 131 -41.16 49.36 32.39
CA SER L 131 -39.92 48.77 32.84
C SER L 131 -38.74 49.67 32.48
N GLY L 132 -37.65 49.50 33.23
CA GLY L 132 -36.44 50.26 32.97
C GLY L 132 -35.51 49.52 32.05
N PHE L 133 -36.06 48.57 31.29
CA PHE L 133 -35.29 47.66 30.46
C PHE L 133 -35.21 48.15 29.03
N THR L 134 -34.23 47.63 28.30
CA THR L 134 -33.95 48.09 26.95
C THR L 134 -35.08 47.71 26.00
N GLN L 135 -35.39 48.62 25.08
CA GLN L 135 -36.34 48.37 24.01
C GLN L 135 -35.58 48.21 22.69
N TYR L 136 -35.94 47.18 21.93
CA TYR L 136 -35.23 46.84 20.71
C TYR L 136 -36.14 46.99 19.50
N GLU L 137 -35.52 47.04 18.32
CA GLU L 137 -36.26 47.14 17.06
C GLU L 137 -36.68 45.74 16.61
N LEU L 138 -37.67 45.21 17.31
CA LEU L 138 -38.25 43.90 16.99
C LEU L 138 -39.14 44.04 15.75
N GLY L 139 -38.60 43.66 14.59
CA GLY L 139 -39.37 43.71 13.37
C GLY L 139 -40.11 42.42 13.11
N SER L 140 -39.85 41.78 11.97
CA SER L 140 -40.44 40.49 11.67
C SER L 140 -39.50 39.37 12.12
N VAL L 141 -40.06 38.16 12.19
CA VAL L 141 -39.33 36.96 12.59
C VAL L 141 -39.23 36.05 11.37
N ARG L 142 -38.02 35.58 11.09
CA ARG L 142 -37.80 34.66 9.97
C ARG L 142 -37.57 33.23 10.44
N ASP L 143 -36.60 33.02 11.33
CA ASP L 143 -36.29 31.69 11.82
C ASP L 143 -36.02 31.75 13.32
N ILE L 144 -36.35 30.65 14.01
CA ILE L 144 -36.21 30.56 15.45
C ILE L 144 -35.47 29.28 15.82
N THR L 145 -34.87 29.29 17.01
CA THR L 145 -34.18 28.13 17.55
C THR L 145 -34.10 28.30 19.06
N ARG L 146 -33.69 27.22 19.74
CA ARG L 146 -33.59 27.23 21.20
C ARG L 146 -32.21 26.77 21.63
N LEU L 147 -31.65 27.43 22.64
CA LEU L 147 -30.37 27.02 23.21
C LEU L 147 -30.29 27.50 24.64
N ARG L 148 -29.97 26.58 25.55
CA ARG L 148 -29.69 26.88 26.96
C ARG L 148 -30.79 27.74 27.58
N GLY L 149 -32.03 27.38 27.33
CA GLY L 149 -33.15 28.08 27.94
C GLY L 149 -33.50 29.40 27.31
N ARG L 150 -33.00 29.69 26.12
CA ARG L 150 -33.31 30.94 25.45
C ARG L 150 -33.73 30.68 24.01
N TYR L 151 -34.72 31.44 23.54
CA TYR L 151 -35.11 31.43 22.15
C TYR L 151 -34.27 32.46 21.39
N ALA L 152 -33.55 32.00 20.38
CA ALA L 152 -32.78 32.87 19.50
C ALA L 152 -33.46 32.90 18.14
N TRP L 153 -33.84 34.09 17.70
CA TRP L 153 -34.55 34.24 16.43
C TRP L 153 -33.93 35.36 15.61
N SER L 154 -34.06 35.25 14.30
CA SER L 154 -33.46 36.20 13.37
C SER L 154 -34.50 37.18 12.84
N LYS L 155 -34.17 38.46 12.85
CA LYS L 155 -35.02 39.49 12.27
C LYS L 155 -34.95 39.41 10.75
N ASP L 156 -36.11 39.59 10.11
CA ASP L 156 -36.25 39.32 8.68
C ASP L 156 -35.47 40.35 7.87
N GLY L 157 -34.39 39.91 7.23
CA GLY L 157 -33.69 40.72 6.26
C GLY L 157 -32.86 41.85 6.82
N THR L 158 -32.47 41.81 8.09
CA THR L 158 -31.72 42.89 8.71
C THR L 158 -30.47 42.44 9.44
N ASP L 159 -30.01 41.21 9.23
CA ASP L 159 -28.74 40.69 9.72
C ASP L 159 -28.67 40.57 11.23
N SER L 160 -29.73 40.89 11.96
CA SER L 160 -29.73 40.87 13.41
C SER L 160 -30.48 39.67 13.95
N TRP L 161 -30.10 39.23 15.15
CA TRP L 161 -30.81 38.17 15.85
C TRP L 161 -30.87 38.49 17.34
N PHE L 162 -31.91 37.98 17.99
CA PHE L 162 -32.21 38.30 19.37
C PHE L 162 -32.38 37.02 20.18
N ILE L 163 -32.16 37.15 21.48
CA ILE L 163 -32.40 36.08 22.43
C ILE L 163 -33.45 36.55 23.44
N THR L 164 -34.07 35.59 24.12
CA THR L 164 -35.08 35.88 25.12
C THR L 164 -34.46 35.95 26.51
N ASP L 165 -35.24 36.49 27.45
CA ASP L 165 -34.78 36.56 28.83
C ASP L 165 -34.81 35.18 29.47
N LEU L 166 -33.96 35.00 30.49
CA LEU L 166 -33.84 33.70 31.13
C LEU L 166 -35.07 33.37 31.98
N GLU L 167 -35.54 34.33 32.76
CA GLU L 167 -36.70 34.11 33.64
C GLU L 167 -38.01 34.51 32.98
N ASP L 168 -37.98 34.97 31.73
CA ASP L 168 -39.22 35.26 31.00
C ASP L 168 -38.91 35.14 29.51
N GLU L 169 -39.40 34.06 28.90
CA GLU L 169 -39.13 33.81 27.49
C GLU L 169 -40.06 34.57 26.56
N SER L 170 -41.03 35.31 27.08
CA SER L 170 -41.96 36.07 26.27
C SER L 170 -41.43 37.45 25.89
N HIS L 171 -40.24 37.80 26.35
CA HIS L 171 -39.61 39.09 26.07
C HIS L 171 -38.16 38.85 25.70
N PRO L 172 -37.55 39.79 24.96
CA PRO L 172 -36.10 39.71 24.74
C PRO L 172 -35.33 39.94 26.03
N ASP L 173 -34.01 39.85 25.97
CA ASP L 173 -33.21 40.05 27.17
C ASP L 173 -33.34 41.47 27.68
N ARG L 174 -33.22 41.62 29.00
CA ARG L 174 -33.43 42.93 29.63
C ARG L 174 -32.40 43.94 29.18
N TYR L 175 -31.15 43.52 29.03
CA TYR L 175 -30.04 44.44 28.78
C TYR L 175 -29.33 44.21 27.46
N SER L 176 -29.06 42.95 27.09
CA SER L 176 -28.30 42.64 25.88
C SER L 176 -28.98 41.49 25.15
N ALA L 177 -29.84 41.83 24.19
CA ALA L 177 -30.54 40.84 23.38
C ALA L 177 -30.13 40.83 21.92
N GLN L 178 -29.71 41.96 21.37
CA GLN L 178 -29.43 42.07 19.94
C GLN L 178 -27.99 41.67 19.64
N TYR L 179 -27.81 40.93 18.54
CA TYR L 179 -26.50 40.55 18.04
C TYR L 179 -26.54 40.58 16.53
N ARG L 180 -25.35 40.75 15.94
CA ARG L 180 -25.20 40.83 14.49
C ARG L 180 -24.15 39.84 14.04
N ALA L 181 -24.38 39.22 12.88
CA ALA L 181 -23.34 38.39 12.28
C ALA L 181 -22.13 39.23 11.91
N GLU L 182 -22.36 40.30 11.16
CA GLU L 182 -21.43 41.43 11.01
C GLU L 182 -20.20 41.11 10.18
N SER L 183 -19.97 39.86 9.84
CA SER L 183 -18.90 39.53 8.89
C SER L 183 -19.45 39.38 7.49
N GLN L 184 -20.28 40.34 7.08
CA GLN L 184 -21.04 40.26 5.85
C GLN L 184 -21.80 41.56 5.62
N PRO L 185 -22.02 41.95 4.36
CA PRO L 185 -22.94 43.08 4.12
C PRO L 185 -24.36 42.80 4.54
N ASP L 186 -24.85 41.56 4.44
CA ASP L 186 -26.20 41.22 4.81
C ASP L 186 -26.37 39.69 4.73
N GLY L 187 -27.49 39.21 5.27
CA GLY L 187 -27.85 37.81 5.20
C GLY L 187 -27.99 37.13 6.55
N ILE L 188 -29.23 36.86 6.96
CA ILE L 188 -29.51 36.13 8.20
C ILE L 188 -30.52 35.02 7.94
N ILE L 189 -30.51 34.49 6.72
CA ILE L 189 -31.55 33.61 6.17
C ILE L 189 -32.09 32.58 7.15
N GLY L 190 -31.20 31.89 7.86
CA GLY L 190 -31.63 30.85 8.78
C GLY L 190 -30.85 30.91 10.08
N ILE L 191 -31.38 30.21 11.08
CA ILE L 191 -30.74 30.14 12.40
C ILE L 191 -30.87 28.71 12.92
N GLY L 192 -29.83 28.27 13.64
CA GLY L 192 -29.82 26.93 14.19
C GLY L 192 -28.89 26.84 15.38
N THR L 193 -28.77 25.63 15.92
CA THR L 193 -27.85 25.36 17.02
C THR L 193 -27.13 24.06 16.73
N TRP L 194 -25.81 24.12 16.57
CA TRP L 194 -25.05 22.92 16.19
C TRP L 194 -24.71 22.05 17.39
N ARG L 195 -23.82 22.52 18.26
CA ARG L 195 -23.51 21.80 19.49
C ARG L 195 -23.82 22.62 20.73
N ASP L 196 -23.20 23.78 20.88
CA ASP L 196 -23.55 24.75 21.91
C ASP L 196 -23.45 26.16 21.34
N PHE L 197 -23.42 26.29 20.02
CA PHE L 197 -23.30 27.55 19.33
C PHE L 197 -24.63 27.93 18.70
N ILE L 198 -24.86 29.23 18.57
CA ILE L 198 -25.89 29.74 17.70
C ILE L 198 -25.28 29.91 16.32
N VAL L 199 -25.85 29.24 15.32
CA VAL L 199 -25.36 29.28 13.95
C VAL L 199 -26.29 30.16 13.14
N CYS L 200 -25.73 31.19 12.54
CA CYS L 200 -26.47 32.11 11.69
C CYS L 200 -26.08 31.83 10.25
N PHE L 201 -27.02 31.29 9.48
CA PHE L 201 -26.79 30.96 8.08
C PHE L 201 -27.27 32.15 7.24
N GLY L 202 -26.34 32.93 6.73
CA GLY L 202 -26.64 33.99 5.81
C GLY L 202 -26.50 33.54 4.38
N SER L 203 -26.32 34.52 3.49
CA SER L 203 -25.88 34.26 2.13
C SER L 203 -24.42 34.67 2.02
N SER L 204 -23.58 33.73 1.59
CA SER L 204 -22.13 33.82 1.45
C SER L 204 -21.41 33.67 2.79
N THR L 205 -22.11 33.50 3.92
CA THR L 205 -21.46 33.29 5.20
C THR L 205 -22.31 32.37 6.07
N ILE L 206 -21.64 31.59 6.92
CA ILE L 206 -22.26 30.85 8.01
C ILE L 206 -21.44 31.14 9.26
N GLU L 207 -22.07 31.74 10.27
CA GLU L 207 -21.34 32.23 11.43
C GLU L 207 -21.75 31.47 12.69
N TYR L 208 -20.81 31.38 13.64
CA TYR L 208 -20.98 30.65 14.87
C TYR L 208 -20.82 31.59 16.06
N PHE L 209 -21.65 31.38 17.08
CA PHE L 209 -21.64 32.21 18.28
C PHE L 209 -21.64 31.33 19.51
N SER L 210 -20.79 31.66 20.48
CA SER L 210 -20.74 30.93 21.75
C SER L 210 -21.10 31.87 22.89
N LEU L 211 -21.41 31.29 24.04
CA LEU L 211 -21.74 32.07 25.23
C LEU L 211 -20.47 32.64 25.86
N THR L 212 -20.51 33.94 26.17
CA THR L 212 -19.36 34.59 26.78
C THR L 212 -19.22 34.25 28.26
N GLY L 213 -20.32 34.03 28.96
CA GLY L 213 -20.27 33.84 30.39
C GLY L 213 -20.22 35.13 31.19
N ALA L 214 -20.54 36.26 30.57
CA ALA L 214 -20.50 37.54 31.25
C ALA L 214 -21.60 37.64 32.31
N THR L 215 -21.41 38.57 33.25
CA THR L 215 -22.34 38.73 34.35
C THR L 215 -22.81 40.17 34.46
N THR L 216 -21.99 41.12 34.04
CA THR L 216 -22.34 42.52 34.14
C THR L 216 -23.50 42.86 33.20
N ALA L 217 -24.37 43.75 33.66
CA ALA L 217 -25.52 44.14 32.86
C ALA L 217 -25.08 44.90 31.61
N GLY L 218 -25.70 44.57 30.48
CA GLY L 218 -25.38 45.19 29.22
C GLY L 218 -24.24 44.54 28.46
N ALA L 219 -23.48 43.65 29.10
CA ALA L 219 -22.39 42.98 28.42
C ALA L 219 -22.92 41.95 27.42
N ALA L 220 -22.13 41.70 26.38
CA ALA L 220 -22.54 40.75 25.36
C ALA L 220 -22.53 39.34 25.92
N LEU L 221 -23.65 38.64 25.75
CA LEU L 221 -23.77 37.25 26.19
C LEU L 221 -23.30 36.26 25.14
N TYR L 222 -23.12 36.70 23.89
CA TYR L 222 -22.66 35.85 22.81
C TYR L 222 -21.54 36.53 22.05
N VAL L 223 -20.57 35.72 21.64
CA VAL L 223 -19.40 36.20 20.90
C VAL L 223 -19.19 35.29 19.69
N ALA L 224 -18.88 35.90 18.54
CA ALA L 224 -18.70 35.15 17.32
C ALA L 224 -17.37 34.40 17.34
N GLN L 225 -17.36 33.21 16.71
CA GLN L 225 -16.15 32.44 16.54
C GLN L 225 -15.70 32.54 15.09
N PRO L 226 -14.81 33.47 14.76
CA PRO L 226 -14.37 33.62 13.36
C PRO L 226 -13.62 32.42 12.83
N SER L 227 -13.05 31.58 13.70
CA SER L 227 -12.30 30.41 13.25
C SER L 227 -13.19 29.28 12.79
N LEU L 228 -14.49 29.32 13.08
CA LEU L 228 -15.41 28.26 12.71
C LEU L 228 -16.34 28.66 11.56
N MET L 229 -16.20 29.87 11.02
CA MET L 229 -17.16 30.38 10.07
C MET L 229 -16.92 29.78 8.68
N VAL L 230 -18.01 29.46 7.98
CA VAL L 230 -17.97 28.87 6.65
C VAL L 230 -18.24 29.97 5.63
N GLN L 231 -17.42 30.01 4.58
CA GLN L 231 -17.55 31.03 3.53
C GLN L 231 -18.56 30.58 2.47
N LYS L 232 -19.78 30.33 2.92
CA LYS L 232 -20.85 29.91 2.03
C LYS L 232 -22.17 30.15 2.73
N GLY L 233 -23.23 30.32 1.93
CA GLY L 233 -24.54 30.62 2.48
C GLY L 233 -25.58 29.56 2.20
N ILE L 234 -26.84 29.86 2.49
CA ILE L 234 -27.95 28.94 2.23
C ILE L 234 -28.97 29.64 1.35
N ALA L 235 -29.66 28.84 0.52
CA ALA L 235 -30.60 29.40 -0.44
C ALA L 235 -31.88 29.87 0.21
N GLY L 236 -32.43 29.10 1.15
CA GLY L 236 -33.67 29.46 1.80
C GLY L 236 -33.62 29.16 3.28
N THR L 237 -34.62 29.66 3.99
CA THR L 237 -34.65 29.52 5.44
C THR L 237 -34.76 28.06 5.88
N TYR L 238 -35.35 27.21 5.05
CA TYR L 238 -35.52 25.80 5.36
C TYR L 238 -34.68 24.90 4.46
N CYS L 239 -33.53 25.42 4.01
CA CYS L 239 -32.61 24.68 3.15
C CYS L 239 -31.41 24.16 3.93
N LYS L 240 -31.64 23.71 5.15
CA LYS L 240 -30.58 23.29 6.05
C LYS L 240 -31.14 22.30 7.06
N THR L 241 -30.32 21.33 7.47
CA THR L 241 -30.72 20.39 8.51
C THR L 241 -29.47 19.80 9.17
N PRO L 242 -29.54 19.49 10.46
CA PRO L 242 -28.45 18.73 11.09
C PRO L 242 -28.45 17.30 10.59
N PHE L 243 -27.45 16.92 9.79
CA PHE L 243 -27.49 15.64 9.08
C PHE L 243 -26.77 14.53 9.83
N ALA L 244 -25.47 14.65 10.04
CA ALA L 244 -24.70 13.61 10.71
C ALA L 244 -24.13 14.08 12.05
N ASP L 245 -23.32 15.12 12.05
CA ASP L 245 -22.93 15.80 13.27
C ASP L 245 -22.83 17.30 13.05
N SER L 246 -23.14 17.79 11.85
CA SER L 246 -23.11 19.20 11.52
C SER L 246 -24.31 19.46 10.61
N TYR L 247 -24.30 20.60 9.95
CA TYR L 247 -25.41 21.00 9.09
C TYR L 247 -25.11 20.70 7.62
N ALA L 248 -26.09 20.08 6.96
CA ALA L 248 -26.11 19.97 5.52
C ALA L 248 -27.07 21.01 4.96
N PHE L 249 -26.66 21.67 3.88
CA PHE L 249 -27.43 22.79 3.34
C PHE L 249 -27.28 22.85 1.84
N ILE L 250 -28.07 23.73 1.23
CA ILE L 250 -27.98 24.07 -0.19
C ILE L 250 -27.52 25.51 -0.29
N SER L 251 -26.49 25.75 -1.10
CA SER L 251 -25.83 27.05 -1.11
C SER L 251 -26.66 28.07 -1.89
N HIS L 252 -26.41 29.34 -1.58
CA HIS L 252 -27.06 30.48 -2.20
C HIS L 252 -26.43 30.79 -3.56
N PRO L 253 -27.20 31.36 -4.48
CA PRO L 253 -26.61 31.85 -5.74
C PRO L 253 -25.58 32.96 -5.55
N ALA L 254 -25.47 33.51 -4.34
CA ALA L 254 -24.48 34.55 -4.07
C ALA L 254 -23.04 34.06 -4.16
N THR L 255 -22.83 32.74 -4.19
CA THR L 255 -21.49 32.18 -4.26
C THR L 255 -21.31 31.27 -5.48
N GLY L 256 -22.17 31.41 -6.48
CA GLY L 256 -22.10 30.59 -7.68
C GLY L 256 -23.30 29.67 -7.79
N ALA L 257 -23.18 28.72 -8.72
CA ALA L 257 -24.24 27.75 -8.93
C ALA L 257 -24.42 26.90 -7.69
N PRO L 258 -25.65 26.76 -7.18
CA PRO L 258 -25.85 26.05 -5.91
C PRO L 258 -25.60 24.55 -6.03
N SER L 259 -25.28 23.96 -4.88
CA SER L 259 -25.20 22.51 -4.74
C SER L 259 -25.46 22.18 -3.27
N VAL L 260 -25.20 20.92 -2.90
CA VAL L 260 -25.47 20.43 -1.55
C VAL L 260 -24.15 20.26 -0.82
N TYR L 261 -24.04 20.85 0.36
CA TYR L 261 -22.81 20.85 1.14
C TYR L 261 -23.07 20.33 2.54
N ILE L 262 -22.02 19.79 3.16
CA ILE L 262 -22.02 19.42 4.56
C ILE L 262 -20.89 20.19 5.25
N ILE L 263 -21.21 20.82 6.38
CA ILE L 263 -20.23 21.63 7.08
C ILE L 263 -19.23 20.72 7.79
N GLY L 264 -17.94 21.00 7.60
CA GLY L 264 -16.89 20.28 8.30
C GLY L 264 -16.36 21.06 9.47
N SER L 265 -15.18 21.66 9.31
CA SER L 265 -14.56 22.52 10.33
C SER L 265 -14.07 23.77 9.61
N GLY L 266 -14.91 24.79 9.55
CA GLY L 266 -14.59 26.00 8.81
C GLY L 266 -14.74 25.88 7.31
N GLN L 267 -15.09 24.71 6.80
CA GLN L 267 -15.23 24.48 5.37
C GLN L 267 -16.47 23.65 5.12
N ALA L 268 -16.92 23.64 3.87
CA ALA L 268 -18.05 22.84 3.43
C ALA L 268 -17.59 21.87 2.36
N SER L 269 -18.02 20.62 2.48
CA SER L 269 -17.71 19.57 1.53
C SER L 269 -18.90 19.30 0.64
N PRO L 270 -18.71 19.27 -0.69
CA PRO L 270 -19.84 19.02 -1.58
C PRO L 270 -20.36 17.60 -1.45
N ILE L 271 -21.68 17.46 -1.62
CA ILE L 271 -22.36 16.18 -1.49
C ILE L 271 -23.07 15.87 -2.80
N ALA L 272 -23.47 16.91 -3.52
CA ALA L 272 -24.20 16.74 -4.75
C ALA L 272 -23.27 16.39 -5.91
N THR L 273 -23.77 15.58 -6.84
CA THR L 273 -23.05 15.26 -8.06
C THR L 273 -23.46 16.25 -9.16
N ALA L 274 -22.85 16.10 -10.34
CA ALA L 274 -23.15 17.00 -11.44
C ALA L 274 -24.61 16.94 -11.85
N SER L 275 -25.21 15.75 -11.81
CA SER L 275 -26.64 15.63 -12.13
C SER L 275 -27.50 16.33 -11.09
N ILE L 276 -27.14 16.21 -9.82
CA ILE L 276 -27.90 16.90 -8.77
C ILE L 276 -27.76 18.41 -8.93
N GLU L 277 -26.56 18.88 -9.28
CA GLU L 277 -26.35 20.30 -9.51
C GLU L 277 -27.17 20.79 -10.69
N LYS L 278 -27.26 19.98 -11.76
CA LYS L 278 -28.09 20.36 -12.90
C LYS L 278 -29.56 20.42 -12.51
N ILE L 279 -30.03 19.46 -11.72
CA ILE L 279 -31.42 19.45 -11.27
C ILE L 279 -31.70 20.70 -10.45
N ILE L 280 -30.79 21.06 -9.54
CA ILE L 280 -30.95 22.27 -8.74
C ILE L 280 -30.96 23.50 -9.64
N ARG L 281 -30.05 23.55 -10.61
CA ARG L 281 -29.96 24.68 -11.52
C ARG L 281 -31.18 24.82 -12.41
N SER L 282 -31.96 23.75 -12.59
CA SER L 282 -33.20 23.86 -13.35
C SER L 282 -34.24 24.71 -12.66
N TYR L 283 -34.05 25.06 -11.39
CA TYR L 283 -34.96 25.90 -10.63
C TYR L 283 -34.45 27.33 -10.57
N THR L 284 -35.38 28.28 -10.55
CA THR L 284 -35.03 29.68 -10.41
C THR L 284 -34.53 29.94 -8.98
N ALA L 285 -34.22 31.20 -8.69
CA ALA L 285 -33.88 31.57 -7.32
C ALA L 285 -35.04 31.28 -6.38
N GLU L 286 -36.25 31.63 -6.80
CA GLU L 286 -37.45 31.08 -6.18
C GLU L 286 -37.69 29.67 -6.71
N GLU L 287 -38.52 28.91 -5.97
CA GLU L 287 -38.70 27.48 -6.14
C GLU L 287 -37.47 26.74 -5.62
N MET L 288 -36.44 27.49 -5.25
CA MET L 288 -35.24 26.96 -4.62
C MET L 288 -35.09 27.44 -3.18
N ALA L 289 -35.60 28.62 -2.86
CA ALA L 289 -35.73 29.05 -1.48
C ALA L 289 -36.92 28.41 -0.77
N THR L 290 -37.81 27.78 -1.52
CA THR L 290 -38.94 27.05 -0.95
C THR L 290 -38.64 25.57 -0.73
N GLY L 291 -37.43 25.11 -1.07
CA GLY L 291 -37.07 23.74 -0.81
C GLY L 291 -36.97 23.45 0.68
N VAL L 292 -37.32 22.22 1.05
CA VAL L 292 -37.36 21.80 2.45
C VAL L 292 -36.44 20.61 2.62
N MET L 293 -35.53 20.70 3.58
CA MET L 293 -34.58 19.63 3.83
C MET L 293 -34.89 18.97 5.17
N GLU L 294 -34.68 17.65 5.23
CA GLU L 294 -34.90 16.90 6.45
C GLU L 294 -34.01 15.65 6.42
N THR L 295 -34.02 14.91 7.52
CA THR L 295 -33.20 13.72 7.66
C THR L 295 -34.05 12.56 8.15
N LEU L 296 -33.66 11.35 7.73
CA LEU L 296 -34.30 10.12 8.16
C LEU L 296 -33.24 9.11 8.55
N ARG L 297 -33.63 8.17 9.41
CA ARG L 297 -32.69 7.19 9.95
C ARG L 297 -33.45 5.91 10.21
N PHE L 298 -33.10 4.83 9.49
CA PHE L 298 -33.68 3.53 9.79
C PHE L 298 -32.86 2.44 9.11
N ASP L 299 -32.60 1.36 9.84
CA ASP L 299 -31.90 0.17 9.34
C ASP L 299 -30.53 0.55 8.77
N SER L 300 -29.76 1.31 9.55
CA SER L 300 -28.46 1.84 9.18
C SER L 300 -28.52 2.79 7.99
N HIS L 301 -29.72 3.07 7.48
CA HIS L 301 -29.91 4.06 6.43
C HIS L 301 -29.93 5.45 7.05
N GLU L 302 -29.08 6.33 6.54
CA GLU L 302 -28.97 7.71 6.98
C GLU L 302 -29.31 8.60 5.77
N LEU L 303 -30.58 8.90 5.61
CA LEU L 303 -31.08 9.59 4.43
C LEU L 303 -31.18 11.09 4.66
N LEU L 304 -30.84 11.85 3.63
CA LEU L 304 -31.02 13.30 3.59
C LEU L 304 -32.01 13.59 2.48
N ILE L 305 -33.19 14.08 2.84
CA ILE L 305 -34.31 14.25 1.92
C ILE L 305 -34.47 15.74 1.63
N ILE L 306 -34.53 16.07 0.33
CA ILE L 306 -34.71 17.44 -0.12
C ILE L 306 -35.95 17.49 -1.00
N HIS L 307 -36.95 18.23 -0.54
CA HIS L 307 -38.18 18.43 -1.29
C HIS L 307 -38.09 19.73 -2.07
N LEU L 308 -38.30 19.62 -3.38
CA LEU L 308 -38.39 20.73 -4.32
C LEU L 308 -39.77 20.69 -4.97
N PRO L 309 -40.19 21.79 -5.61
CA PRO L 309 -41.54 21.79 -6.21
C PRO L 309 -41.75 20.71 -7.26
N ARG L 310 -40.69 20.22 -7.90
CA ARG L 310 -40.82 19.16 -8.89
C ARG L 310 -39.99 17.91 -8.61
N HIS L 311 -39.07 17.96 -7.65
CA HIS L 311 -38.22 16.82 -7.33
C HIS L 311 -38.18 16.59 -5.82
N VAL L 312 -38.06 15.32 -5.44
CA VAL L 312 -37.72 14.94 -4.08
C VAL L 312 -36.49 14.04 -4.17
N LEU L 313 -35.37 14.52 -3.68
CA LEU L 313 -34.08 13.86 -3.85
C LEU L 313 -33.58 13.36 -2.50
N VAL L 314 -33.23 12.09 -2.43
CA VAL L 314 -32.76 11.46 -1.20
C VAL L 314 -31.31 11.05 -1.40
N TYR L 315 -30.43 11.51 -0.51
CA TYR L 315 -29.02 11.16 -0.51
C TYR L 315 -28.77 10.18 0.63
N ASP L 316 -28.10 9.08 0.33
CA ASP L 316 -27.78 8.06 1.33
C ASP L 316 -26.30 8.16 1.67
N ALA L 317 -26.00 8.53 2.91
CA ALA L 317 -24.62 8.64 3.36
C ALA L 317 -24.01 7.29 3.73
N SER L 318 -24.84 6.30 4.06
CA SER L 318 -24.37 4.98 4.44
C SER L 318 -24.12 4.08 3.24
N SER L 319 -24.43 4.54 2.02
CA SER L 319 -24.22 3.76 0.81
C SER L 319 -23.49 4.59 -0.24
N SER L 320 -22.56 5.44 0.18
CA SER L 320 -21.86 6.35 -0.70
C SER L 320 -20.36 6.02 -0.78
N GLN L 321 -20.04 4.73 -0.87
CA GLN L 321 -18.65 4.28 -0.95
C GLN L 321 -18.07 4.38 -2.35
N ASN L 322 -18.92 4.53 -3.38
CA ASN L 322 -18.46 4.69 -4.75
C ASN L 322 -18.77 6.10 -5.28
N GLY L 323 -18.90 7.07 -4.38
CA GLY L 323 -19.39 8.38 -4.73
C GLY L 323 -20.76 8.59 -4.11
N PRO L 324 -21.26 9.82 -4.15
CA PRO L 324 -22.57 10.10 -3.54
C PRO L 324 -23.68 9.26 -4.16
N GLN L 325 -24.56 8.76 -3.30
CA GLN L 325 -25.67 7.90 -3.72
C GLN L 325 -26.97 8.69 -3.59
N TRP L 326 -27.62 8.93 -4.73
CA TRP L 326 -28.84 9.72 -4.78
C TRP L 326 -29.96 8.90 -5.42
N CYS L 327 -31.19 9.21 -5.02
CA CYS L 327 -32.36 8.57 -5.58
C CYS L 327 -33.51 9.56 -5.57
N VAL L 328 -34.55 9.23 -6.34
CA VAL L 328 -35.72 10.10 -6.52
C VAL L 328 -36.91 9.44 -5.83
N LEU L 329 -37.63 10.22 -5.03
CA LEU L 329 -38.89 9.80 -4.45
C LEU L 329 -40.03 10.48 -5.18
N LYS L 330 -41.09 9.72 -5.48
CA LYS L 330 -42.20 10.28 -6.23
C LYS L 330 -43.47 9.52 -5.91
N THR L 331 -44.60 10.16 -6.18
CA THR L 331 -45.92 9.56 -6.03
C THR L 331 -46.56 9.43 -7.41
N GLY L 332 -47.18 8.29 -7.67
CA GLY L 332 -47.82 8.06 -8.94
C GLY L 332 -46.90 7.39 -9.95
N LEU L 333 -47.34 7.46 -11.21
CA LEU L 333 -46.65 6.78 -12.30
C LEU L 333 -46.05 7.73 -13.33
N TYR L 334 -46.26 9.03 -13.19
CA TYR L 334 -45.89 10.00 -14.23
C TYR L 334 -45.15 11.18 -13.61
N ASP L 335 -44.12 10.87 -12.82
CA ASP L 335 -43.16 11.83 -12.26
C ASP L 335 -43.81 12.95 -11.44
N ASP L 336 -44.97 12.65 -10.85
CA ASP L 336 -45.54 13.56 -9.87
C ASP L 336 -44.70 13.56 -8.61
N VAL L 337 -44.66 14.70 -7.92
CA VAL L 337 -43.75 14.85 -6.79
C VAL L 337 -44.18 13.94 -5.64
N TYR L 338 -43.23 13.59 -4.79
CA TYR L 338 -43.51 12.74 -3.64
C TYR L 338 -44.38 13.49 -2.64
N ARG L 339 -45.35 12.79 -2.07
CA ARG L 339 -46.31 13.41 -1.17
C ARG L 339 -45.88 13.40 0.29
N GLY L 340 -44.99 12.49 0.68
CA GLY L 340 -44.55 12.43 2.06
C GLY L 340 -43.62 13.58 2.41
N VAL L 341 -43.78 14.11 3.61
CA VAL L 341 -42.99 15.24 4.08
C VAL L 341 -43.06 15.25 5.60
N ASP L 342 -42.10 15.92 6.24
CA ASP L 342 -42.04 16.09 7.69
C ASP L 342 -42.01 14.73 8.40
N PHE L 343 -40.93 13.99 8.15
CA PHE L 343 -40.74 12.70 8.78
C PHE L 343 -40.21 12.87 10.20
N MET L 344 -40.66 11.99 11.09
CA MET L 344 -40.22 12.03 12.48
C MET L 344 -40.44 10.66 13.10
N TYR L 345 -39.43 10.16 13.81
CA TYR L 345 -39.53 8.86 14.47
C TYR L 345 -40.08 9.06 15.89
N GLU L 346 -41.19 8.40 16.19
CA GLU L 346 -41.78 8.43 17.51
C GLU L 346 -42.20 7.02 17.89
N GLY L 347 -42.06 6.70 19.18
CA GLY L 347 -42.36 5.36 19.64
C GLY L 347 -41.45 4.35 18.98
N ASN L 348 -42.00 3.56 18.06
CA ASN L 348 -41.22 2.65 17.22
C ASN L 348 -41.63 2.76 15.76
N GLN L 349 -42.17 3.91 15.36
CA GLN L 349 -42.66 4.11 14.01
C GLN L 349 -42.20 5.46 13.47
N ILE L 350 -42.03 5.54 12.16
CA ILE L 350 -41.72 6.77 11.46
C ILE L 350 -43.02 7.36 10.92
N THR L 351 -43.34 8.58 11.33
CA THR L 351 -44.60 9.23 11.02
C THR L 351 -44.32 10.43 10.13
N CYS L 352 -45.21 10.67 9.17
CA CYS L 352 -45.02 11.75 8.20
C CYS L 352 -46.32 12.50 7.98
N GLY L 353 -46.18 13.73 7.49
CA GLY L 353 -47.30 14.52 7.04
C GLY L 353 -47.56 14.31 5.56
N ASP L 354 -48.44 15.15 5.01
CA ASP L 354 -48.78 15.06 3.60
C ASP L 354 -48.71 16.45 2.97
N LYS L 355 -48.34 16.48 1.69
CA LYS L 355 -48.21 17.72 0.95
C LYS L 355 -49.49 18.14 0.25
N SER L 356 -50.47 17.25 0.12
CA SER L 356 -51.69 17.54 -0.62
C SER L 356 -52.98 17.18 0.09
N GLU L 357 -52.94 16.39 1.16
CA GLU L 357 -54.15 16.00 1.87
C GLU L 357 -53.98 16.24 3.36
N ALA L 358 -55.11 16.35 4.04
CA ALA L 358 -55.14 16.59 5.48
C ALA L 358 -55.05 15.27 6.25
N VAL L 359 -53.94 14.57 6.01
CA VAL L 359 -53.73 13.23 6.57
C VAL L 359 -52.30 13.12 7.09
N VAL L 360 -52.07 12.04 7.84
CA VAL L 360 -50.77 11.68 8.39
C VAL L 360 -50.55 10.20 8.13
N GLY L 361 -49.31 9.83 7.82
CA GLY L 361 -48.96 8.44 7.60
C GLY L 361 -48.05 7.89 8.69
N GLN L 362 -47.72 6.61 8.54
CA GLN L 362 -46.84 5.96 9.51
C GLN L 362 -45.79 5.05 8.87
N LEU L 363 -45.63 5.07 7.55
CA LEU L 363 -44.48 4.50 6.85
C LEU L 363 -44.32 3.01 7.15
N GLN L 364 -45.29 2.23 6.68
CA GLN L 364 -45.26 0.78 6.83
C GLN L 364 -44.13 0.18 5.98
N PHE L 365 -43.60 -0.96 6.44
CA PHE L 365 -42.40 -1.53 5.84
C PHE L 365 -42.64 -2.80 5.04
N ASP L 366 -43.80 -3.44 5.17
CA ASP L 366 -44.10 -4.63 4.38
C ASP L 366 -44.96 -4.32 3.17
N ILE L 367 -45.09 -3.04 2.82
CA ILE L 367 -45.79 -2.61 1.61
C ILE L 367 -44.93 -1.57 0.91
N SER L 368 -45.38 -1.16 -0.28
CA SER L 368 -44.75 -0.05 -0.98
C SER L 368 -45.76 0.94 -1.53
N SER L 369 -47.05 0.74 -1.26
CA SER L 369 -48.08 1.65 -1.73
C SER L 369 -48.20 2.83 -0.78
N GLN L 370 -48.43 4.02 -1.34
CA GLN L 370 -48.66 5.23 -0.56
C GLN L 370 -50.17 5.46 -0.47
N TYR L 371 -50.71 5.26 0.73
CA TYR L 371 -52.15 5.39 0.98
C TYR L 371 -52.96 4.49 0.04
N ASP L 372 -52.56 3.22 -0.03
CA ASP L 372 -53.22 2.16 -0.78
C ASP L 372 -53.11 2.31 -2.29
N LYS L 373 -52.26 3.21 -2.78
CA LYS L 373 -52.09 3.43 -4.20
C LYS L 373 -50.79 2.80 -4.68
N GLN L 374 -50.88 1.94 -5.69
CA GLN L 374 -49.70 1.25 -6.19
C GLN L 374 -48.69 2.25 -6.76
N GLN L 375 -47.41 1.99 -6.47
CA GLN L 375 -46.35 2.92 -6.81
C GLN L 375 -45.41 2.32 -7.84
N GLU L 376 -44.61 3.19 -8.46
CA GLU L 376 -43.71 2.85 -9.54
C GLU L 376 -42.26 2.96 -9.10
N HIS L 377 -41.44 2.01 -9.54
CA HIS L 377 -40.05 1.91 -9.17
C HIS L 377 -39.20 1.70 -10.42
N LEU L 378 -38.05 2.37 -10.46
CA LEU L 378 -37.17 2.33 -11.63
C LEU L 378 -35.76 1.95 -11.20
N LEU L 379 -35.08 1.19 -12.06
CA LEU L 379 -33.70 0.77 -11.78
C LEU L 379 -32.96 0.68 -13.11
N PHE L 380 -32.22 1.73 -13.44
CA PHE L 380 -31.49 1.80 -14.70
C PHE L 380 -30.09 1.21 -14.57
N THR L 381 -29.55 0.75 -15.70
CA THR L 381 -28.17 0.33 -15.77
C THR L 381 -27.36 1.30 -16.61
N PRO L 382 -26.07 1.47 -16.32
CA PRO L 382 -25.25 2.38 -17.13
C PRO L 382 -25.08 1.88 -18.55
N LEU L 383 -24.93 2.82 -19.48
CA LEU L 383 -24.62 2.47 -20.86
C LEU L 383 -23.24 1.86 -20.96
N PHE L 384 -23.10 0.88 -21.85
CA PHE L 384 -21.79 0.30 -22.11
C PHE L 384 -21.69 -0.10 -23.58
N LYS L 385 -20.46 -0.14 -24.08
CA LYS L 385 -20.17 -0.39 -25.49
C LYS L 385 -19.89 -1.87 -25.69
N ALA L 386 -20.76 -2.55 -26.43
CA ALA L 386 -20.70 -3.99 -26.63
C ALA L 386 -20.97 -4.34 -28.09
N ASP L 387 -20.26 -3.68 -29.00
CA ASP L 387 -20.47 -3.88 -30.45
C ASP L 387 -20.42 -5.36 -30.81
N ASN L 388 -21.50 -5.83 -31.47
CA ASN L 388 -21.62 -7.21 -31.94
C ASN L 388 -21.52 -8.20 -30.79
N ALA L 389 -22.39 -8.03 -29.79
CA ALA L 389 -22.32 -8.87 -28.60
C ALA L 389 -23.32 -10.00 -28.60
N ARG L 390 -24.60 -9.70 -28.89
CA ARG L 390 -25.67 -10.71 -28.89
C ARG L 390 -25.78 -11.37 -27.51
N CYS L 391 -26.22 -10.55 -26.55
CA CYS L 391 -26.31 -10.95 -25.16
C CYS L 391 -27.49 -11.89 -24.91
N PHE L 392 -27.41 -12.63 -23.80
CA PHE L 392 -28.41 -13.60 -23.42
C PHE L 392 -28.57 -13.59 -21.90
N ASP L 393 -29.65 -14.23 -21.44
CA ASP L 393 -29.84 -14.60 -20.03
C ASP L 393 -29.75 -13.37 -19.11
N LEU L 394 -30.73 -12.48 -19.25
CA LEU L 394 -30.86 -11.35 -18.33
C LEU L 394 -31.47 -11.86 -17.04
N GLU L 395 -30.63 -12.02 -16.02
CA GLU L 395 -31.05 -12.54 -14.72
C GLU L 395 -30.98 -11.43 -13.67
N VAL L 396 -31.91 -11.48 -12.73
CA VAL L 396 -31.88 -10.61 -11.55
C VAL L 396 -32.37 -11.42 -10.35
N GLU L 397 -31.79 -11.14 -9.20
CA GLU L 397 -32.18 -11.80 -7.96
C GLU L 397 -33.20 -10.92 -7.23
N SER L 398 -34.38 -11.48 -6.97
CA SER L 398 -35.44 -10.75 -6.30
C SER L 398 -35.93 -11.54 -5.09
N SER L 399 -36.24 -10.82 -4.02
CA SER L 399 -36.75 -11.41 -2.79
C SER L 399 -38.28 -11.43 -2.86
N THR L 400 -38.85 -12.60 -3.11
CA THR L 400 -40.28 -12.75 -3.33
C THR L 400 -40.96 -13.34 -2.09
N GLY L 401 -42.29 -13.35 -2.13
CA GLY L 401 -43.07 -13.97 -1.09
C GLY L 401 -44.07 -13.07 -0.40
N VAL L 402 -43.68 -11.83 -0.14
CA VAL L 402 -44.55 -10.84 0.51
C VAL L 402 -45.16 -10.02 -0.61
N ALA L 403 -46.30 -10.47 -1.11
CA ALA L 403 -47.00 -9.80 -2.19
C ALA L 403 -48.47 -10.15 -2.14
N GLN L 404 -49.31 -9.25 -2.66
CA GLN L 404 -50.73 -9.51 -2.78
C GLN L 404 -51.14 -9.93 -4.19
N TYR L 405 -50.31 -9.65 -5.18
CA TYR L 405 -50.55 -10.05 -6.56
C TYR L 405 -49.23 -10.49 -7.18
N ALA L 406 -49.33 -11.32 -8.22
CA ALA L 406 -48.15 -11.73 -8.99
C ALA L 406 -47.72 -10.57 -9.88
N ASP L 407 -47.20 -9.52 -9.23
CA ASP L 407 -46.84 -8.30 -9.92
C ASP L 407 -45.67 -8.54 -10.86
N ARG L 408 -45.59 -7.72 -11.90
CA ARG L 408 -44.66 -7.95 -13.00
C ARG L 408 -43.65 -6.81 -13.11
N LEU L 409 -42.78 -6.95 -14.11
CA LEU L 409 -41.65 -6.08 -14.36
C LEU L 409 -41.64 -5.73 -15.83
N PHE L 410 -41.51 -4.44 -16.13
CA PHE L 410 -41.38 -3.97 -17.51
C PHE L 410 -39.89 -3.84 -17.81
N LEU L 411 -39.38 -4.73 -18.66
CA LEU L 411 -37.99 -4.74 -19.04
C LEU L 411 -37.87 -4.22 -20.47
N SER L 412 -37.10 -3.15 -20.64
CA SER L 412 -36.86 -2.56 -21.95
C SER L 412 -35.37 -2.25 -22.08
N ALA L 413 -34.95 -1.91 -23.29
CA ALA L 413 -33.56 -1.61 -23.58
C ALA L 413 -33.49 -0.36 -24.44
N THR L 414 -32.45 0.45 -24.19
CA THR L 414 -32.16 1.61 -25.01
C THR L 414 -30.83 1.39 -25.74
N THR L 415 -30.74 1.88 -26.97
CA THR L 415 -29.52 1.78 -27.75
C THR L 415 -28.93 3.15 -28.09
N ASP L 416 -29.61 4.23 -27.73
CA ASP L 416 -29.10 5.58 -27.95
C ASP L 416 -28.95 6.38 -26.66
N GLY L 417 -29.36 5.82 -25.52
CA GLY L 417 -29.24 6.50 -24.24
C GLY L 417 -30.42 7.36 -23.84
N ILE L 418 -31.39 7.56 -24.73
CA ILE L 418 -32.52 8.43 -24.45
C ILE L 418 -33.83 7.66 -24.59
N ASN L 419 -34.07 7.11 -25.78
CA ASN L 419 -35.32 6.43 -26.08
C ASN L 419 -35.19 4.94 -25.77
N TYR L 420 -36.14 4.40 -25.04
CA TYR L 420 -36.21 2.98 -24.76
C TYR L 420 -37.19 2.31 -25.72
N GLY L 421 -37.00 1.01 -25.90
CA GLY L 421 -37.73 0.26 -26.90
C GLY L 421 -38.83 -0.59 -26.32
N ARG L 422 -38.94 -1.81 -26.82
CA ARG L 422 -40.02 -2.72 -26.44
C ARG L 422 -39.92 -3.09 -24.95
N GLU L 423 -41.07 -3.09 -24.28
CA GLU L 423 -41.16 -3.50 -22.89
C GLU L 423 -41.78 -4.89 -22.80
N GLN L 424 -41.08 -5.79 -22.10
CA GLN L 424 -41.57 -7.14 -21.83
C GLN L 424 -41.96 -7.24 -20.37
N MET L 425 -43.11 -7.85 -20.10
CA MET L 425 -43.61 -8.02 -18.75
C MET L 425 -43.22 -9.40 -18.23
N ILE L 426 -42.39 -9.43 -17.19
CA ILE L 426 -41.90 -10.66 -16.59
C ILE L 426 -42.28 -10.63 -15.11
N GLU L 427 -42.85 -11.72 -14.61
CA GLU L 427 -43.23 -11.77 -13.21
C GLU L 427 -42.00 -11.70 -12.32
N GLN L 428 -42.01 -10.75 -11.37
CA GLN L 428 -40.90 -10.55 -10.45
C GLN L 428 -41.26 -10.88 -9.00
N ASN L 429 -42.53 -11.12 -8.71
CA ASN L 429 -42.95 -11.48 -7.36
C ASN L 429 -44.17 -12.38 -7.44
N GLU L 430 -44.40 -13.13 -6.37
CA GLU L 430 -45.53 -14.03 -6.27
C GLU L 430 -45.91 -14.15 -4.81
N PRO L 431 -47.20 -14.11 -4.48
CA PRO L 431 -47.61 -14.25 -3.08
C PRO L 431 -47.27 -15.63 -2.54
N PHE L 432 -46.55 -15.65 -1.41
CA PHE L 432 -46.22 -16.87 -0.68
C PHE L 432 -45.34 -17.82 -1.48
N VAL L 433 -44.57 -17.27 -2.41
CA VAL L 433 -43.57 -18.02 -3.17
C VAL L 433 -42.22 -17.36 -2.92
N TYR L 434 -41.25 -18.14 -2.43
CA TYR L 434 -39.95 -17.62 -2.03
C TYR L 434 -38.82 -18.14 -2.92
N ASP L 435 -39.15 -18.60 -4.14
CA ASP L 435 -38.15 -19.12 -5.05
C ASP L 435 -38.72 -18.92 -6.46
N LYS L 436 -38.28 -17.87 -7.15
CA LYS L 436 -38.95 -17.47 -8.38
C LYS L 436 -38.05 -17.43 -9.60
N ARG L 437 -36.80 -16.97 -9.46
CA ARG L 437 -35.89 -16.86 -10.60
C ARG L 437 -36.43 -15.94 -11.69
N VAL L 438 -36.52 -14.64 -11.39
CA VAL L 438 -36.85 -13.65 -12.42
C VAL L 438 -35.76 -13.64 -13.49
N LEU L 439 -36.17 -13.74 -14.75
CA LEU L 439 -35.20 -13.98 -15.82
C LEU L 439 -35.87 -13.75 -17.18
N TRP L 440 -35.06 -13.30 -18.14
CA TRP L 440 -35.45 -13.22 -19.55
C TRP L 440 -34.34 -13.86 -20.37
N LYS L 441 -34.70 -14.89 -21.15
CA LYS L 441 -33.68 -15.71 -21.81
C LYS L 441 -33.01 -14.95 -22.95
N ARG L 442 -33.77 -14.57 -23.97
CA ARG L 442 -33.20 -14.09 -25.24
C ARG L 442 -33.34 -12.57 -25.30
N VAL L 443 -32.29 -11.88 -24.86
CA VAL L 443 -32.14 -10.46 -25.16
C VAL L 443 -31.52 -10.32 -26.54
N GLY L 444 -31.77 -9.20 -27.20
CA GLY L 444 -31.35 -9.04 -28.58
C GLY L 444 -29.85 -8.86 -28.72
N ARG L 445 -29.45 -8.54 -29.94
CA ARG L 445 -28.06 -8.26 -30.28
C ARG L 445 -27.75 -6.79 -30.08
N ILE L 446 -26.54 -6.51 -29.61
CA ILE L 446 -26.10 -5.16 -29.32
C ILE L 446 -25.30 -4.63 -30.51
N ARG L 447 -25.76 -3.52 -31.08
CA ARG L 447 -25.09 -2.94 -32.23
C ARG L 447 -23.90 -2.08 -31.81
N ARG L 448 -24.16 -0.99 -31.09
CA ARG L 448 -23.11 -0.18 -30.50
C ARG L 448 -23.22 -0.10 -28.98
N LEU L 449 -24.36 0.34 -28.45
CA LEU L 449 -24.54 0.57 -27.02
C LEU L 449 -25.85 -0.06 -26.57
N ILE L 450 -26.01 -0.19 -25.26
CA ILE L 450 -27.20 -0.84 -24.70
C ILE L 450 -27.33 -0.44 -23.24
N GLY L 451 -28.56 -0.37 -22.76
CA GLY L 451 -28.88 -0.09 -21.37
C GLY L 451 -30.32 -0.47 -21.07
N PHE L 452 -30.61 -0.81 -19.81
CA PHE L 452 -31.90 -1.37 -19.44
C PHE L 452 -32.59 -0.50 -18.38
N LYS L 453 -33.92 -0.56 -18.35
CA LYS L 453 -34.75 0.33 -17.56
C LYS L 453 -35.33 -0.33 -16.31
N LEU L 454 -35.90 -1.52 -16.43
CA LEU L 454 -36.31 -2.34 -15.28
C LEU L 454 -37.33 -1.61 -14.39
N ARG L 455 -38.52 -1.41 -14.95
CA ARG L 455 -39.60 -0.70 -14.28
C ARG L 455 -40.57 -1.68 -13.62
N VAL L 456 -40.96 -1.37 -12.38
CA VAL L 456 -41.89 -2.18 -11.60
C VAL L 456 -43.03 -1.27 -11.13
N ILE L 457 -44.22 -1.85 -10.98
CA ILE L 457 -45.38 -1.14 -10.41
C ILE L 457 -46.05 -2.09 -9.41
N THR L 458 -45.98 -1.75 -8.12
CA THR L 458 -46.39 -2.68 -7.08
C THR L 458 -47.02 -1.94 -5.91
N LYS L 459 -47.81 -2.69 -5.14
CA LYS L 459 -48.22 -2.31 -3.79
C LYS L 459 -47.38 -3.02 -2.73
N SER L 460 -46.44 -3.86 -3.14
CA SER L 460 -45.62 -4.69 -2.27
C SER L 460 -44.17 -4.27 -2.32
N PRO L 461 -43.37 -4.62 -1.32
CA PRO L 461 -41.95 -4.25 -1.34
C PRO L 461 -41.23 -4.91 -2.50
N VAL L 462 -40.24 -4.19 -3.04
CA VAL L 462 -39.43 -4.65 -4.16
C VAL L 462 -37.98 -4.72 -3.68
N THR L 463 -37.37 -5.90 -3.85
CA THR L 463 -35.97 -6.12 -3.47
C THR L 463 -35.29 -6.76 -4.66
N LEU L 464 -34.33 -6.04 -5.27
CA LEU L 464 -33.66 -6.50 -6.48
C LEU L 464 -32.16 -6.39 -6.31
N SER L 465 -31.44 -7.41 -6.77
CA SER L 465 -29.98 -7.42 -6.70
C SER L 465 -29.44 -8.39 -7.73
N GLY L 466 -28.14 -8.28 -7.99
CA GLY L 466 -27.44 -9.24 -8.82
C GLY L 466 -27.86 -9.29 -10.27
N CYS L 467 -28.03 -8.13 -10.91
CA CYS L 467 -28.34 -8.11 -12.34
C CYS L 467 -27.14 -8.62 -13.13
N GLN L 468 -27.38 -9.55 -14.05
CA GLN L 468 -26.30 -10.16 -14.81
C GLN L 468 -26.81 -10.55 -16.19
N ILE L 469 -25.88 -10.62 -17.14
CA ILE L 469 -26.17 -11.02 -18.51
C ILE L 469 -25.11 -12.00 -18.96
N ARG L 470 -25.43 -12.75 -20.01
CA ARG L 470 -24.47 -13.61 -20.70
C ARG L 470 -24.19 -13.00 -22.06
N LEU L 471 -22.91 -12.70 -22.33
CA LEU L 471 -22.54 -11.95 -23.52
C LEU L 471 -22.05 -12.82 -24.66
N GLU L 472 -21.72 -14.09 -24.40
CA GLU L 472 -21.22 -15.00 -25.42
C GLU L 472 -19.98 -14.43 -26.12
N THR M 5 44.70 -22.63 22.53
CA THR M 5 45.09 -22.94 23.89
C THR M 5 46.13 -24.06 23.87
N ALA M 6 47.23 -23.83 23.15
CA ALA M 6 48.27 -24.83 22.98
C ALA M 6 49.51 -24.15 22.43
N ASN M 7 50.66 -24.83 22.56
CA ASN M 7 51.94 -24.24 22.21
C ASN M 7 52.84 -25.19 21.44
N VAL M 8 52.26 -26.16 20.72
CA VAL M 8 53.03 -27.06 19.87
C VAL M 8 52.08 -27.71 18.88
N VAL M 9 52.54 -27.84 17.64
CA VAL M 9 51.76 -28.47 16.57
C VAL M 9 51.89 -29.98 16.69
N VAL M 10 50.79 -30.69 16.41
CA VAL M 10 50.81 -32.15 16.39
C VAL M 10 51.60 -32.58 15.15
N SER M 11 52.74 -33.22 15.37
CA SER M 11 53.62 -33.65 14.29
C SER M 11 53.78 -35.17 14.32
N ASN M 12 54.61 -35.69 13.42
CA ASN M 12 54.92 -37.12 13.40
C ASN M 12 56.33 -37.31 13.93
N PRO M 13 56.48 -37.81 15.17
CA PRO M 13 57.83 -37.91 15.75
C PRO M 13 58.66 -39.06 15.23
N ARG M 14 58.04 -40.12 14.72
CA ARG M 14 58.79 -41.28 14.24
C ARG M 14 59.52 -40.93 12.96
N PRO M 15 60.84 -41.08 12.90
CA PRO M 15 61.58 -40.69 11.69
C PRO M 15 61.27 -41.63 10.52
N ILE M 16 61.28 -41.05 9.33
CA ILE M 16 61.14 -41.79 8.09
C ILE M 16 62.24 -41.36 7.13
N PHE M 17 62.89 -42.33 6.50
CA PHE M 17 64.04 -42.06 5.64
C PHE M 17 63.66 -42.39 4.21
N THR M 18 63.77 -41.40 3.33
CA THR M 18 63.41 -41.52 1.93
C THR M 18 64.61 -41.17 1.06
N GLU M 19 64.49 -41.49 -0.23
CA GLU M 19 65.57 -41.23 -1.18
C GLU M 19 65.78 -39.72 -1.32
N SER M 20 67.05 -39.34 -1.51
CA SER M 20 67.41 -37.93 -1.59
C SER M 20 67.16 -37.31 -2.95
N ARG M 21 66.93 -38.13 -3.98
CA ARG M 21 66.68 -37.61 -5.33
C ARG M 21 65.33 -38.02 -5.91
N SER M 22 64.64 -38.98 -5.30
CA SER M 22 63.33 -39.41 -5.77
C SER M 22 62.40 -39.58 -4.58
N PHE M 23 61.10 -39.44 -4.84
CA PHE M 23 60.10 -39.58 -3.78
C PHE M 23 59.81 -41.07 -3.57
N LYS M 24 60.71 -41.72 -2.86
CA LYS M 24 60.51 -43.10 -2.43
C LYS M 24 61.33 -43.34 -1.18
N ALA M 25 60.84 -44.26 -0.35
CA ALA M 25 61.56 -44.59 0.87
C ALA M 25 62.83 -45.38 0.54
N VAL M 26 63.75 -45.38 1.51
CA VAL M 26 64.95 -46.21 1.38
C VAL M 26 64.55 -47.60 1.84
N ALA M 27 64.03 -48.40 0.91
CA ALA M 27 63.47 -49.70 1.25
C ALA M 27 64.59 -50.69 1.54
N ASN M 28 64.56 -51.28 2.73
CA ASN M 28 65.56 -52.25 3.17
C ASN M 28 66.97 -51.66 3.07
N GLY M 29 67.13 -50.44 3.58
CA GLY M 29 68.38 -49.75 3.56
C GLY M 29 69.14 -49.88 4.88
N LYS M 30 70.34 -49.30 4.89
CA LYS M 30 71.24 -49.39 6.04
C LYS M 30 71.51 -48.01 6.59
N ILE M 31 71.55 -47.91 7.92
CA ILE M 31 71.97 -46.69 8.61
C ILE M 31 73.16 -47.03 9.49
N TYR M 32 74.25 -46.28 9.32
CA TYR M 32 75.47 -46.46 10.08
C TYR M 32 75.68 -45.25 10.97
N ILE M 33 75.84 -45.49 12.27
CA ILE M 33 76.02 -44.45 13.27
C ILE M 33 77.44 -44.55 13.81
N GLY M 34 78.17 -43.44 13.81
CA GLY M 34 79.55 -43.46 14.23
C GLY M 34 80.06 -42.18 14.86
N GLN M 35 81.39 -42.03 14.89
CA GLN M 35 82.02 -40.87 15.51
C GLN M 35 81.71 -39.61 14.72
N ILE M 36 81.72 -38.48 15.43
CA ILE M 36 81.46 -37.18 14.80
C ILE M 36 82.57 -36.85 13.82
N ASP M 37 82.18 -36.35 12.65
CA ASP M 37 83.11 -35.89 11.61
C ASP M 37 83.98 -37.03 11.09
N THR M 38 83.45 -38.25 11.08
CA THR M 38 84.18 -39.40 10.56
C THR M 38 83.34 -40.14 9.53
N ASP M 39 83.80 -41.31 9.10
CA ASP M 39 83.03 -42.17 8.21
C ASP M 39 82.48 -43.33 9.03
N PRO M 40 81.18 -43.37 9.32
CA PRO M 40 80.64 -44.37 10.25
C PRO M 40 80.49 -45.76 9.67
N VAL M 41 80.77 -45.96 8.38
CA VAL M 41 80.70 -47.30 7.81
C VAL M 41 81.78 -48.19 8.40
N ASN M 42 82.95 -47.61 8.67
CA ASN M 42 84.04 -48.35 9.29
C ASN M 42 83.64 -48.76 10.71
N PRO M 43 83.71 -50.05 11.06
CA PRO M 43 83.35 -50.45 12.43
C PRO M 43 84.20 -49.78 13.51
N ALA M 44 85.44 -49.40 13.19
CA ALA M 44 86.28 -48.72 14.18
C ALA M 44 85.72 -47.36 14.54
N ASN M 45 85.01 -46.71 13.62
CA ASN M 45 84.44 -45.39 13.86
C ASN M 45 83.04 -45.45 14.47
N GLN M 46 82.46 -46.63 14.60
CA GLN M 46 81.08 -46.77 15.07
C GLN M 46 81.00 -46.60 16.58
N ILE M 47 79.79 -46.33 17.05
CA ILE M 47 79.51 -46.17 18.48
C ILE M 47 78.34 -47.06 18.84
N PRO M 48 78.21 -47.44 20.11
CA PRO M 48 77.09 -48.28 20.53
C PRO M 48 75.75 -47.60 20.26
N VAL M 49 74.77 -48.40 19.84
CA VAL M 49 73.43 -47.93 19.56
C VAL M 49 72.44 -48.80 20.34
N TYR M 50 71.44 -48.14 20.95
CA TYR M 50 70.46 -48.83 21.75
C TYR M 50 69.07 -48.55 21.20
N ILE M 51 68.14 -49.45 21.51
CA ILE M 51 66.72 -49.22 21.25
C ILE M 51 66.05 -48.90 22.57
N GLU M 52 65.24 -47.85 22.57
CA GLU M 52 64.51 -47.41 23.75
C GLU M 52 63.05 -47.82 23.62
N ASN M 53 62.55 -48.52 24.63
CA ASN M 53 61.22 -49.11 24.56
C ASN M 53 60.18 -48.12 25.10
N GLU M 54 58.91 -48.56 25.10
CA GLU M 54 57.83 -47.70 25.58
C GLU M 54 58.00 -47.39 27.06
N ASP M 55 58.40 -48.39 27.86
CA ASP M 55 58.66 -48.15 29.28
C ASP M 55 59.84 -47.21 29.47
N GLY M 56 60.91 -47.42 28.70
CA GLY M 56 62.10 -46.58 28.82
C GLY M 56 63.38 -47.38 28.94
N SER M 57 63.27 -48.71 28.86
CA SER M 57 64.45 -49.56 28.93
C SER M 57 65.24 -49.49 27.64
N HIS M 58 66.54 -49.76 27.75
CA HIS M 58 67.46 -49.70 26.62
C HIS M 58 68.01 -51.09 26.32
N VAL M 59 68.07 -51.42 25.04
CA VAL M 59 68.62 -52.69 24.57
C VAL M 59 69.65 -52.38 23.49
N GLN M 60 70.93 -52.65 23.77
CA GLN M 60 71.96 -52.42 22.78
C GLN M 60 71.84 -53.41 21.63
N ILE M 61 71.99 -52.90 20.40
CA ILE M 61 71.84 -53.73 19.21
C ILE M 61 73.03 -53.49 18.29
N THR M 62 73.12 -54.34 17.26
CA THR M 62 74.19 -54.22 16.27
C THR M 62 74.05 -52.93 15.48
N GLN M 63 75.20 -52.41 15.03
CA GLN M 63 75.22 -51.05 14.49
C GLN M 63 74.37 -50.87 13.24
N PRO M 64 74.45 -51.70 12.18
CA PRO M 64 73.67 -51.39 10.98
C PRO M 64 72.18 -51.43 11.23
N LEU M 65 71.55 -50.26 11.19
CA LEU M 65 70.12 -50.16 11.43
C LEU M 65 69.36 -50.43 10.14
N ILE M 66 68.36 -51.30 10.23
CA ILE M 66 67.61 -51.75 9.06
C ILE M 66 66.49 -50.76 8.79
N ILE M 67 66.33 -50.37 7.53
CA ILE M 67 65.22 -49.55 7.08
C ILE M 67 64.31 -50.43 6.23
N ASN M 68 63.05 -50.55 6.64
CA ASN M 68 62.11 -51.45 6.00
C ASN M 68 61.48 -50.76 4.77
N ALA M 69 60.46 -51.39 4.20
CA ALA M 69 59.82 -50.86 3.01
C ALA M 69 59.09 -49.55 3.28
N ALA M 70 58.71 -49.29 4.53
CA ALA M 70 58.03 -48.05 4.88
C ALA M 70 58.99 -46.89 5.13
N GLY M 71 60.29 -47.16 5.15
CA GLY M 71 61.27 -46.12 5.45
C GLY M 71 61.55 -45.92 6.92
N LYS M 72 61.26 -46.90 7.76
CA LYS M 72 61.38 -46.77 9.20
C LYS M 72 62.36 -47.81 9.75
N ILE M 73 62.91 -47.50 10.92
CA ILE M 73 63.87 -48.39 11.57
C ILE M 73 63.11 -49.52 12.26
N VAL M 74 63.49 -50.76 11.95
CA VAL M 74 62.88 -51.94 12.54
C VAL M 74 64.00 -52.88 12.98
N TYR M 75 63.91 -53.39 14.21
CA TYR M 75 64.92 -54.35 14.65
C TYR M 75 64.41 -55.79 14.59
N ASN M 76 63.40 -56.12 15.38
CA ASN M 76 62.75 -57.43 15.30
C ASN M 76 61.42 -57.33 14.56
N GLY M 77 61.48 -56.90 13.31
CA GLY M 77 60.26 -56.71 12.54
C GLY M 77 59.29 -55.73 13.15
N GLN M 78 59.74 -54.90 14.09
CA GLN M 78 58.89 -53.93 14.75
C GLN M 78 59.61 -52.59 14.81
N LEU M 79 58.84 -51.51 14.78
CA LEU M 79 59.42 -50.17 14.81
C LEU M 79 60.13 -49.94 16.14
N VAL M 80 61.35 -49.41 16.06
CA VAL M 80 62.17 -49.16 17.24
C VAL M 80 62.69 -47.74 17.20
N LYS M 81 62.92 -47.17 18.37
CA LYS M 81 63.53 -45.85 18.51
C LYS M 81 64.99 -46.04 18.90
N ILE M 82 65.89 -45.46 18.12
CA ILE M 82 67.33 -45.66 18.29
C ILE M 82 67.89 -44.47 19.05
N VAL M 83 68.71 -44.75 20.07
CA VAL M 83 69.32 -43.74 20.90
C VAL M 83 70.81 -44.04 21.04
N THR M 84 71.57 -42.99 21.30
CA THR M 84 73.00 -43.07 21.58
C THR M 84 73.31 -42.17 22.77
N VAL M 85 74.50 -42.33 23.33
CA VAL M 85 74.92 -41.49 24.45
C VAL M 85 75.66 -40.25 23.96
N GLN M 86 76.64 -40.43 23.08
CA GLN M 86 77.46 -39.34 22.58
C GLN M 86 76.95 -38.86 21.23
N GLY M 87 77.31 -37.63 20.88
CA GLY M 87 76.99 -37.13 19.55
C GLY M 87 77.65 -37.98 18.47
N HIS M 88 76.95 -38.13 17.35
CA HIS M 88 77.34 -39.10 16.35
C HIS M 88 77.24 -38.50 14.96
N SER M 89 77.75 -39.25 13.98
CA SER M 89 77.55 -38.99 12.57
C SER M 89 76.75 -40.13 11.97
N MET M 90 75.92 -39.81 10.98
CA MET M 90 74.95 -40.76 10.44
C MET M 90 75.11 -40.85 8.93
N ALA M 91 75.19 -42.08 8.43
CA ALA M 91 75.27 -42.33 6.99
C ALA M 91 74.15 -43.29 6.60
N ILE M 92 73.35 -42.89 5.62
CA ILE M 92 72.25 -43.70 5.12
C ILE M 92 72.60 -44.18 3.73
N TYR M 93 72.63 -45.50 3.55
CA TYR M 93 72.85 -46.17 2.28
C TYR M 93 71.59 -46.92 1.88
N ASP M 94 71.33 -47.00 0.58
CA ASP M 94 70.15 -47.72 0.12
C ASP M 94 70.46 -49.21 0.00
N ALA M 95 69.46 -49.97 -0.46
CA ALA M 95 69.60 -51.42 -0.54
C ALA M 95 70.67 -51.86 -1.52
N ASN M 96 70.99 -51.03 -2.51
CA ASN M 96 72.00 -51.36 -3.52
C ASN M 96 73.40 -50.92 -3.10
N GLY M 97 73.56 -50.36 -1.91
CA GLY M 97 74.87 -49.97 -1.41
C GLY M 97 75.29 -48.56 -1.74
N SER M 98 74.54 -47.85 -2.59
CA SER M 98 74.87 -46.46 -2.89
C SER M 98 74.49 -45.57 -1.71
N GLN M 99 75.37 -44.62 -1.39
CA GLN M 99 75.11 -43.72 -0.27
C GLN M 99 73.96 -42.79 -0.59
N VAL M 100 73.00 -42.69 0.33
CA VAL M 100 71.85 -41.82 0.15
C VAL M 100 72.07 -40.48 0.86
N ASP M 101 72.59 -40.51 2.08
CA ASP M 101 72.77 -39.28 2.83
C ASP M 101 73.92 -39.44 3.80
N TYR M 102 74.50 -38.30 4.19
CA TYR M 102 75.56 -38.28 5.20
C TYR M 102 75.48 -37.00 5.99
N ILE M 103 75.43 -37.12 7.32
CA ILE M 103 75.50 -35.99 8.23
C ILE M 103 76.68 -36.23 9.17
N ALA M 104 77.61 -35.29 9.21
CA ALA M 104 78.80 -35.44 10.04
C ALA M 104 78.57 -35.03 11.49
N ASN M 105 77.51 -34.28 11.77
CA ASN M 105 77.21 -33.87 13.14
C ASN M 105 75.71 -33.59 13.21
N VAL M 106 74.95 -34.53 13.76
CA VAL M 106 73.50 -34.43 13.74
C VAL M 106 73.02 -33.29 14.62
N LEU M 107 73.67 -33.07 15.76
CA LEU M 107 73.34 -31.96 16.65
C LEU M 107 74.37 -30.85 16.62
N LYS M 108 75.41 -30.97 15.80
CA LYS M 108 76.49 -30.00 15.67
C LYS M 108 77.24 -29.79 16.99
N TYR M 109 77.13 -30.73 17.91
CA TYR M 109 77.89 -30.73 19.15
C TYR M 109 77.75 -32.10 19.79
N ASP M 110 78.65 -32.39 20.74
CA ASP M 110 78.63 -33.67 21.42
C ASP M 110 78.03 -33.48 22.81
N PRO M 111 76.81 -33.95 23.06
CA PRO M 111 76.25 -33.80 24.41
C PRO M 111 77.01 -34.56 25.48
N ASP M 112 77.72 -35.63 25.12
CA ASP M 112 78.43 -36.42 26.12
C ASP M 112 79.54 -35.60 26.78
N GLN M 113 80.41 -35.00 25.98
CA GLN M 113 81.51 -34.22 26.54
C GLN M 113 81.02 -32.86 27.02
N TYR M 114 80.05 -32.27 26.33
CA TYR M 114 79.49 -31.01 26.80
C TYR M 114 78.75 -31.17 28.12
N SER M 115 78.33 -32.39 28.46
CA SER M 115 77.75 -32.62 29.78
C SER M 115 78.77 -32.35 30.88
N ILE M 116 79.98 -32.92 30.74
CA ILE M 116 81.05 -32.65 31.69
C ILE M 116 81.43 -31.18 31.64
N GLU M 117 81.50 -30.61 30.43
CA GLU M 117 81.85 -29.19 30.30
C GLU M 117 80.88 -28.31 31.08
N ALA M 118 79.58 -28.53 30.90
CA ALA M 118 78.57 -27.72 31.57
C ALA M 118 78.52 -27.99 33.06
N ASP M 119 78.75 -29.24 33.47
CA ASP M 119 78.83 -29.53 34.90
C ASP M 119 79.99 -28.77 35.54
N LYS M 120 81.10 -28.62 34.81
CA LYS M 120 82.24 -27.87 35.34
C LYS M 120 81.96 -26.37 35.36
N LYS M 121 81.39 -25.83 34.28
CA LYS M 121 81.33 -24.38 34.11
C LYS M 121 79.99 -23.76 34.47
N PHE M 122 78.91 -24.53 34.51
CA PHE M 122 77.60 -23.97 34.85
C PHE M 122 77.18 -24.37 36.26
N THR N 5 70.24 -14.21 15.10
CA THR N 5 70.16 -15.65 15.35
C THR N 5 69.08 -16.32 14.50
N ALA N 6 69.50 -17.29 13.70
CA ALA N 6 68.58 -18.05 12.85
C ALA N 6 68.22 -19.35 13.55
N ASN N 7 67.36 -19.21 14.57
CA ASN N 7 66.97 -20.34 15.41
C ASN N 7 65.69 -21.02 14.92
N VAL N 8 65.12 -20.57 13.81
CA VAL N 8 63.91 -21.16 13.24
C VAL N 8 64.31 -21.88 11.96
N VAL N 9 63.87 -23.14 11.84
CA VAL N 9 64.23 -23.98 10.71
C VAL N 9 63.04 -24.03 9.74
N VAL N 10 63.32 -23.88 8.44
CA VAL N 10 62.28 -23.99 7.42
C VAL N 10 61.98 -25.46 7.25
N SER N 11 60.92 -25.92 7.91
CA SER N 11 60.51 -27.32 7.89
C SER N 11 59.16 -27.43 7.19
N ASN N 12 58.63 -28.64 7.18
CA ASN N 12 57.37 -28.91 6.47
C ASN N 12 56.21 -28.81 7.44
N PRO N 13 55.28 -27.87 7.23
CA PRO N 13 54.03 -27.89 8.01
C PRO N 13 53.12 -28.97 7.46
N ARG N 14 51.96 -29.18 8.08
CA ARG N 14 51.07 -30.25 7.67
C ARG N 14 51.81 -31.58 7.75
N PRO N 15 52.08 -32.08 8.96
CA PRO N 15 52.87 -33.31 9.10
C PRO N 15 52.23 -34.48 8.38
N ILE N 16 53.08 -35.39 7.91
CA ILE N 16 52.68 -36.51 7.08
C ILE N 16 52.74 -37.78 7.90
N PHE N 17 51.66 -38.56 7.85
CA PHE N 17 51.56 -39.83 8.57
C PHE N 17 51.56 -40.97 7.55
N THR N 18 52.48 -41.91 7.72
CA THR N 18 52.75 -42.95 6.75
C THR N 18 52.49 -44.32 7.39
N GLU N 19 52.05 -45.28 6.56
CA GLU N 19 51.87 -46.64 7.02
C GLU N 19 53.19 -47.23 7.47
N SER N 20 53.16 -48.04 8.53
CA SER N 20 54.37 -48.55 9.15
C SER N 20 54.98 -49.74 8.44
N ARG N 21 54.29 -50.30 7.43
CA ARG N 21 54.80 -51.45 6.70
C ARG N 21 55.07 -51.18 5.23
N SER N 22 54.55 -50.08 4.69
CA SER N 22 54.77 -49.74 3.29
C SER N 22 54.81 -48.23 3.14
N PHE N 23 55.41 -47.78 2.03
CA PHE N 23 55.53 -46.35 1.74
C PHE N 23 54.18 -45.88 1.20
N LYS N 24 53.24 -45.67 2.13
CA LYS N 24 51.89 -45.26 1.78
C LYS N 24 51.30 -44.45 2.92
N ALA N 25 50.51 -43.45 2.57
CA ALA N 25 49.85 -42.63 3.58
C ALA N 25 48.75 -43.42 4.26
N VAL N 26 48.43 -43.02 5.49
CA VAL N 26 47.34 -43.66 6.25
C VAL N 26 46.07 -42.93 5.87
N ALA N 27 45.49 -43.34 4.74
CA ALA N 27 44.27 -42.70 4.26
C ALA N 27 43.09 -43.11 5.12
N ASN N 28 42.30 -42.12 5.54
CA ASN N 28 41.16 -42.33 6.43
C ASN N 28 41.59 -42.94 7.77
N GLY N 29 42.81 -42.62 8.21
CA GLY N 29 43.28 -43.10 9.48
C GLY N 29 42.87 -42.20 10.64
N LYS N 30 42.89 -42.76 11.83
CA LYS N 30 42.45 -42.08 13.03
C LYS N 30 43.63 -41.85 13.97
N ILE N 31 43.69 -40.67 14.57
CA ILE N 31 44.75 -40.32 15.51
C ILE N 31 44.13 -39.87 16.82
N TYR N 32 44.61 -40.44 17.92
CA TYR N 32 44.20 -40.06 19.27
C TYR N 32 45.38 -39.46 20.01
N ILE N 33 45.16 -38.32 20.66
CA ILE N 33 46.16 -37.64 21.46
C ILE N 33 45.70 -37.63 22.91
N GLY N 34 46.56 -38.07 23.82
CA GLY N 34 46.21 -38.12 25.22
C GLY N 34 47.37 -37.80 26.15
N GLN N 35 47.23 -38.15 27.43
CA GLN N 35 48.29 -37.89 28.39
C GLN N 35 49.50 -38.77 28.09
N ILE N 36 50.65 -38.40 28.66
CA ILE N 36 51.87 -39.16 28.43
C ILE N 36 51.75 -40.55 29.04
N ASP N 37 52.22 -41.56 28.31
CA ASP N 37 52.26 -42.94 28.77
C ASP N 37 50.87 -43.43 29.19
N THR N 38 49.96 -43.44 28.22
CA THR N 38 48.60 -43.92 28.45
C THR N 38 48.02 -44.37 27.11
N ASP N 39 46.80 -44.91 27.16
CA ASP N 39 46.10 -45.33 25.95
C ASP N 39 45.18 -44.20 25.50
N PRO N 40 45.55 -43.43 24.47
CA PRO N 40 44.72 -42.28 24.06
C PRO N 40 43.40 -42.68 23.42
N VAL N 41 43.20 -43.95 23.08
CA VAL N 41 41.92 -44.37 22.51
C VAL N 41 40.81 -44.25 23.54
N ASN N 42 41.13 -44.52 24.80
CA ASN N 42 40.17 -44.36 25.89
C ASN N 42 39.89 -42.87 26.10
N PRO N 43 38.64 -42.41 25.99
CA PRO N 43 38.36 -40.98 26.13
C PRO N 43 38.67 -40.41 27.50
N ALA N 44 38.85 -41.26 28.53
CA ALA N 44 39.22 -40.75 29.84
C ALA N 44 40.63 -40.18 29.85
N ASN N 45 41.52 -40.72 29.03
CA ASN N 45 42.91 -40.26 28.96
C ASN N 45 43.16 -39.24 27.87
N GLN N 46 42.13 -38.85 27.12
CA GLN N 46 42.32 -37.91 26.02
C GLN N 46 42.49 -36.49 26.54
N ILE N 47 43.18 -35.68 25.75
CA ILE N 47 43.46 -34.29 26.09
C ILE N 47 42.96 -33.43 24.94
N PRO N 48 42.65 -32.16 25.20
CA PRO N 48 42.11 -31.29 24.14
C PRO N 48 43.08 -31.12 22.98
N VAL N 49 42.52 -31.07 21.78
CA VAL N 49 43.24 -30.74 20.56
C VAL N 49 42.51 -29.58 19.89
N TYR N 50 43.27 -28.61 19.39
CA TYR N 50 42.70 -27.37 18.90
C TYR N 50 43.08 -27.13 17.45
N ILE N 51 42.10 -26.71 16.67
CA ILE N 51 42.35 -26.13 15.35
C ILE N 51 42.79 -24.69 15.53
N GLU N 52 43.95 -24.36 14.96
CA GLU N 52 44.44 -22.98 14.93
C GLU N 52 44.03 -22.35 13.61
N ASN N 53 43.36 -21.21 13.68
CA ASN N 53 42.78 -20.57 12.51
C ASN N 53 43.62 -19.39 12.06
N GLU N 54 43.27 -18.87 10.88
CA GLU N 54 43.89 -17.66 10.36
C GLU N 54 43.70 -16.48 11.31
N ASP N 55 42.46 -16.28 11.79
CA ASP N 55 42.19 -15.17 12.69
C ASP N 55 42.90 -15.29 14.03
N GLY N 56 43.45 -16.47 14.35
CA GLY N 56 44.19 -16.67 15.57
C GLY N 56 43.43 -17.41 16.64
N SER N 57 42.12 -17.59 16.50
CA SER N 57 41.35 -18.32 17.49
C SER N 57 41.72 -19.79 17.47
N HIS N 58 41.65 -20.42 18.65
CA HIS N 58 41.88 -21.84 18.81
C HIS N 58 40.55 -22.49 19.16
N VAL N 59 40.11 -23.43 18.33
CA VAL N 59 38.81 -24.08 18.49
C VAL N 59 39.05 -25.55 18.81
N GLN N 60 38.59 -25.99 19.98
CA GLN N 60 38.76 -27.39 20.34
C GLN N 60 37.91 -28.26 19.43
N ILE N 61 38.49 -29.38 19.00
CA ILE N 61 37.88 -30.25 18.00
C ILE N 61 37.77 -31.65 18.59
N THR N 62 36.89 -32.45 17.99
CA THR N 62 36.71 -33.83 18.44
C THR N 62 38.02 -34.59 18.32
N GLN N 63 38.26 -35.48 19.27
CA GLN N 63 39.60 -36.02 19.46
C GLN N 63 40.10 -36.85 18.28
N PRO N 64 39.35 -37.83 17.74
CA PRO N 64 39.92 -38.61 16.63
C PRO N 64 40.17 -37.74 15.41
N LEU N 65 41.45 -37.52 15.10
CA LEU N 65 41.84 -36.75 13.94
C LEU N 65 41.89 -37.65 12.71
N ILE N 66 41.37 -37.15 11.60
CA ILE N 66 41.22 -37.92 10.37
C ILE N 66 42.38 -37.58 9.44
N ILE N 67 42.98 -38.62 8.85
CA ILE N 67 44.11 -38.48 7.94
C ILE N 67 43.61 -38.71 6.52
N ASN N 68 44.01 -37.86 5.59
CA ASN N 68 43.51 -37.95 4.22
C ASN N 68 44.45 -38.83 3.40
N ALA N 69 44.27 -38.81 2.07
CA ALA N 69 45.09 -39.61 1.17
C ALA N 69 46.54 -39.11 1.09
N ALA N 70 46.79 -37.88 1.53
CA ALA N 70 48.13 -37.32 1.53
C ALA N 70 48.88 -37.55 2.83
N GLY N 71 48.25 -38.16 3.82
CA GLY N 71 48.88 -38.38 5.11
C GLY N 71 48.78 -37.23 6.08
N LYS N 72 47.81 -36.33 5.90
CA LYS N 72 47.73 -35.10 6.69
C LYS N 72 46.41 -35.03 7.44
N ILE N 73 46.39 -34.24 8.50
CA ILE N 73 45.19 -34.08 9.32
C ILE N 73 44.22 -33.15 8.61
N VAL N 74 42.98 -33.60 8.44
CA VAL N 74 41.92 -32.81 7.83
C VAL N 74 40.75 -32.73 8.79
N TYR N 75 39.93 -31.69 8.62
CA TYR N 75 38.75 -31.48 9.44
C TYR N 75 37.47 -31.83 8.69
N ASN N 76 37.24 -31.19 7.55
CA ASN N 76 36.09 -31.49 6.69
C ASN N 76 36.57 -31.74 5.26
N GLY N 77 37.67 -32.46 5.13
CA GLY N 77 38.38 -32.52 3.88
C GLY N 77 39.35 -31.39 3.65
N GLN N 78 39.59 -30.57 4.66
CA GLN N 78 40.41 -29.36 4.54
C GLN N 78 41.64 -29.49 5.44
N LEU N 79 42.80 -29.17 4.89
CA LEU N 79 44.03 -29.19 5.68
C LEU N 79 43.98 -28.14 6.78
N VAL N 80 44.26 -28.57 8.01
CA VAL N 80 44.17 -27.69 9.18
C VAL N 80 45.43 -27.84 10.01
N LYS N 81 45.64 -26.86 10.88
CA LYS N 81 46.73 -26.87 11.85
C LYS N 81 46.18 -27.29 13.21
N ILE N 82 46.72 -28.36 13.77
CA ILE N 82 46.24 -28.93 15.03
C ILE N 82 47.33 -28.76 16.08
N VAL N 83 46.94 -28.25 17.24
CA VAL N 83 47.87 -27.98 18.33
C VAL N 83 47.35 -28.61 19.62
N THR N 84 48.29 -28.90 20.52
CA THR N 84 47.99 -29.49 21.82
C THR N 84 49.13 -29.11 22.77
N VAL N 85 49.20 -29.78 23.92
CA VAL N 85 50.29 -29.54 24.85
C VAL N 85 51.52 -30.34 24.42
N GLN N 86 52.69 -29.92 24.92
CA GLN N 86 53.94 -30.55 24.50
C GLN N 86 54.02 -32.00 24.94
N GLY N 87 53.50 -32.30 26.14
CA GLY N 87 53.54 -33.65 26.63
C GLY N 87 52.27 -34.41 26.34
N HIS N 88 52.31 -35.32 25.37
CA HIS N 88 51.15 -36.12 25.04
C HIS N 88 51.60 -37.44 24.42
N SER N 89 50.71 -38.42 24.46
CA SER N 89 50.89 -39.68 23.77
C SER N 89 49.99 -39.71 22.54
N MET N 90 50.43 -40.44 21.53
CA MET N 90 49.73 -40.49 20.25
C MET N 90 49.50 -41.94 19.83
N ALA N 91 48.32 -42.19 19.30
CA ALA N 91 47.97 -43.49 18.74
C ALA N 91 47.42 -43.28 17.34
N ILE N 92 48.00 -43.98 16.36
CA ILE N 92 47.56 -43.89 14.98
C ILE N 92 47.05 -45.26 14.57
N TYR N 93 45.79 -45.31 14.14
CA TYR N 93 45.13 -46.50 13.65
C TYR N 93 44.75 -46.33 12.20
N ASP N 94 44.78 -47.44 11.45
CA ASP N 94 44.35 -47.41 10.06
C ASP N 94 42.83 -47.42 9.96
N ALA N 95 42.34 -47.25 8.74
CA ALA N 95 40.90 -47.21 8.50
C ALA N 95 40.22 -48.55 8.80
N ASN N 96 40.98 -49.64 8.85
CA ASN N 96 40.43 -50.95 9.17
C ASN N 96 40.48 -51.27 10.65
N GLY N 97 40.94 -50.33 11.48
CA GLY N 97 41.02 -50.54 12.91
C GLY N 97 42.34 -51.08 13.42
N SER N 98 43.27 -51.43 12.52
CA SER N 98 44.56 -51.94 12.93
C SER N 98 45.45 -50.82 13.44
N GLN N 99 46.23 -51.14 14.47
CA GLN N 99 47.17 -50.18 15.02
C GLN N 99 48.30 -49.91 14.02
N VAL N 100 48.51 -48.64 13.70
CA VAL N 100 49.63 -48.25 12.86
C VAL N 100 50.84 -47.86 13.70
N ASP N 101 50.62 -47.06 14.73
CA ASP N 101 51.74 -46.62 15.57
C ASP N 101 51.22 -46.21 16.95
N TYR N 102 52.12 -46.29 17.93
CA TYR N 102 51.85 -45.76 19.26
C TYR N 102 53.12 -45.14 19.81
N ILE N 103 53.00 -43.93 20.34
CA ILE N 103 54.12 -43.22 20.95
C ILE N 103 53.65 -42.76 22.33
N ALA N 104 54.34 -43.24 23.38
CA ALA N 104 53.92 -42.93 24.74
C ALA N 104 54.25 -41.51 25.15
N ASN N 105 55.31 -40.93 24.59
CA ASN N 105 55.68 -39.55 24.89
C ASN N 105 56.39 -38.98 23.67
N VAL N 106 55.77 -38.01 23.01
CA VAL N 106 56.36 -37.41 21.82
C VAL N 106 57.64 -36.65 22.16
N LEU N 107 57.70 -36.03 23.33
CA LEU N 107 58.85 -35.22 23.71
C LEU N 107 60.14 -36.02 23.81
N LYS N 108 60.04 -37.34 23.93
CA LYS N 108 61.21 -38.20 23.99
C LYS N 108 61.73 -38.60 22.61
N TYR N 109 61.11 -38.11 21.55
CA TYR N 109 61.61 -38.32 20.19
C TYR N 109 62.39 -37.14 19.65
N ASP N 110 62.57 -36.08 20.45
CA ASP N 110 63.37 -34.96 20.02
C ASP N 110 64.82 -35.40 19.83
N PRO N 111 65.51 -34.91 18.81
CA PRO N 111 66.90 -35.36 18.58
C PRO N 111 67.82 -35.13 19.77
N ASP N 112 67.61 -34.03 20.48
CA ASP N 112 68.49 -33.65 21.62
C ASP N 112 67.73 -33.84 22.92
N GLN N 113 68.06 -34.91 23.62
CA GLN N 113 67.45 -35.17 24.93
C GLN N 113 68.25 -34.58 26.07
N TYR N 114 69.43 -34.02 25.81
CA TYR N 114 70.22 -33.36 26.85
C TYR N 114 69.66 -31.99 27.19
N SER N 115 68.87 -31.40 26.28
CA SER N 115 68.36 -30.06 26.51
C SER N 115 67.43 -30.01 27.71
N ILE N 116 66.59 -31.03 27.89
CA ILE N 116 65.63 -31.02 28.99
C ILE N 116 66.34 -31.02 30.33
N GLU N 117 67.29 -31.94 30.51
CA GLU N 117 68.01 -32.03 31.77
C GLU N 117 68.88 -30.79 31.99
N ALA N 118 69.50 -30.28 30.93
CA ALA N 118 70.31 -29.07 31.05
C ALA N 118 69.47 -27.88 31.48
N ASP N 119 68.25 -27.76 30.92
CA ASP N 119 67.36 -26.67 31.31
C ASP N 119 66.89 -26.82 32.74
N LYS N 120 66.59 -28.06 33.16
CA LYS N 120 66.10 -28.31 34.50
C LYS N 120 67.20 -28.32 35.55
N LYS N 121 68.46 -28.28 35.14
CA LYS N 121 69.60 -28.36 36.05
C LYS N 121 70.21 -27.00 36.36
N PHE N 122 70.50 -26.19 35.34
CA PHE N 122 71.15 -24.91 35.56
C PHE N 122 70.17 -23.75 35.43
N THR O 5 73.20 -42.55 29.98
CA THR O 5 71.94 -41.88 29.65
C THR O 5 71.88 -41.53 28.17
N ALA O 6 70.67 -41.60 27.61
CA ALA O 6 70.47 -41.33 26.19
C ALA O 6 70.38 -39.83 25.97
N ASN O 7 71.25 -39.30 25.10
CA ASN O 7 71.26 -37.89 24.78
C ASN O 7 70.83 -37.57 23.35
N VAL O 8 71.00 -38.50 22.42
CA VAL O 8 70.70 -38.29 21.02
C VAL O 8 69.73 -39.35 20.54
N VAL O 9 68.73 -38.93 19.76
CA VAL O 9 67.77 -39.83 19.14
C VAL O 9 68.01 -39.82 17.64
N VAL O 10 68.17 -41.00 17.06
CA VAL O 10 68.41 -41.11 15.61
C VAL O 10 67.17 -40.67 14.87
N SER O 11 67.32 -39.65 14.02
CA SER O 11 66.18 -39.08 13.31
C SER O 11 66.64 -38.51 11.98
N ASN O 12 65.68 -38.37 11.06
CA ASN O 12 65.92 -37.83 9.73
C ASN O 12 65.91 -36.31 9.76
N PRO O 13 66.96 -35.64 9.28
CA PRO O 13 67.01 -34.18 9.37
C PRO O 13 66.31 -33.47 8.22
N ARG O 14 66.15 -34.14 7.09
CA ARG O 14 65.65 -33.49 5.88
C ARG O 14 64.12 -33.41 5.91
N PRO O 15 63.54 -32.21 5.84
CA PRO O 15 62.08 -32.11 5.67
C PRO O 15 61.66 -32.54 4.27
N ILE O 16 60.41 -32.98 4.17
CA ILE O 16 59.84 -33.46 2.92
C ILE O 16 58.60 -32.62 2.61
N PHE O 17 58.45 -32.24 1.34
CA PHE O 17 57.35 -31.39 0.90
C PHE O 17 56.54 -32.15 -0.15
N THR O 18 55.32 -32.53 0.22
CA THR O 18 54.47 -33.33 -0.64
C THR O 18 53.18 -32.59 -0.99
N GLU O 19 52.37 -33.21 -1.84
CA GLU O 19 51.14 -32.61 -2.30
C GLU O 19 50.11 -32.55 -1.17
N SER O 20 49.18 -31.60 -1.31
CA SER O 20 48.18 -31.39 -0.27
C SER O 20 47.11 -32.47 -0.28
N ARG O 21 46.69 -32.92 -1.47
CA ARG O 21 45.61 -33.88 -1.60
C ARG O 21 46.07 -35.31 -1.87
N SER O 22 47.32 -35.50 -2.28
CA SER O 22 47.79 -36.82 -2.70
C SER O 22 49.19 -37.05 -2.16
N PHE O 23 49.60 -38.32 -2.15
CA PHE O 23 50.87 -38.74 -1.59
C PHE O 23 51.95 -38.74 -2.67
N LYS O 24 52.23 -37.55 -3.18
CA LYS O 24 53.40 -37.32 -4.03
C LYS O 24 54.05 -36.01 -3.64
N ALA O 25 55.36 -35.93 -3.88
CA ALA O 25 56.11 -34.74 -3.53
C ALA O 25 55.79 -33.60 -4.50
N VAL O 26 56.13 -32.37 -4.07
CA VAL O 26 55.99 -31.20 -4.94
C VAL O 26 57.27 -31.10 -5.74
N ALA O 27 57.31 -31.86 -6.84
CA ALA O 27 58.52 -31.92 -7.64
C ALA O 27 58.74 -30.60 -8.38
N ASN O 28 59.95 -30.05 -8.22
CA ASN O 28 60.32 -28.78 -8.85
C ASN O 28 59.37 -27.66 -8.45
N GLY O 29 58.94 -27.67 -7.19
CA GLY O 29 58.10 -26.62 -6.66
C GLY O 29 58.90 -25.45 -6.12
N LYS O 30 58.18 -24.46 -5.60
CA LYS O 30 58.79 -23.27 -5.04
C LYS O 30 58.21 -23.00 -3.65
N ILE O 31 59.03 -22.40 -2.79
CA ILE O 31 58.62 -22.04 -1.43
C ILE O 31 58.92 -20.57 -1.21
N TYR O 32 57.91 -19.83 -0.76
CA TYR O 32 58.07 -18.44 -0.35
C TYR O 32 57.71 -18.34 1.13
N ILE O 33 58.62 -17.80 1.94
CA ILE O 33 58.34 -17.56 3.35
C ILE O 33 58.53 -16.08 3.64
N GLY O 34 57.63 -15.53 4.44
CA GLY O 34 57.64 -14.12 4.76
C GLY O 34 57.01 -13.79 6.09
N GLN O 35 56.56 -12.55 6.25
CA GLN O 35 55.90 -12.16 7.49
C GLN O 35 54.64 -12.98 7.71
N ILE O 36 54.33 -13.25 8.98
CA ILE O 36 53.20 -14.11 9.28
C ILE O 36 51.91 -13.46 8.81
N ASP O 37 50.98 -14.28 8.32
CA ASP O 37 49.64 -13.85 7.93
C ASP O 37 49.66 -12.91 6.73
N THR O 38 50.62 -13.08 5.82
CA THR O 38 50.73 -12.25 4.64
C THR O 38 50.94 -13.12 3.40
N ASP O 39 50.93 -12.47 2.24
CA ASP O 39 51.26 -13.11 0.97
C ASP O 39 52.78 -13.07 0.79
N PRO O 40 53.46 -14.21 0.94
CA PRO O 40 54.93 -14.20 0.93
C PRO O 40 55.55 -14.07 -0.45
N VAL O 41 54.76 -14.05 -1.51
CA VAL O 41 55.31 -13.85 -2.84
C VAL O 41 55.68 -12.39 -3.08
N ASN O 42 55.06 -11.47 -2.37
CA ASN O 42 55.46 -10.07 -2.43
C ASN O 42 56.80 -9.90 -1.76
N PRO O 43 57.84 -9.42 -2.47
CA PRO O 43 59.17 -9.32 -1.85
C PRO O 43 59.22 -8.36 -0.66
N ALA O 44 58.24 -7.46 -0.53
CA ALA O 44 58.17 -6.62 0.66
C ALA O 44 57.83 -7.43 1.91
N ASN O 45 57.05 -8.50 1.75
CA ASN O 45 56.66 -9.36 2.86
C ASN O 45 57.71 -10.41 3.18
N GLN O 46 58.70 -10.60 2.31
CA GLN O 46 59.66 -11.68 2.48
C GLN O 46 60.67 -11.37 3.58
N ILE O 47 61.20 -12.43 4.18
CA ILE O 47 62.17 -12.33 5.28
C ILE O 47 63.40 -13.15 4.90
N PRO O 48 64.58 -12.83 5.46
CA PRO O 48 65.81 -13.51 5.02
C PRO O 48 65.78 -15.01 5.27
N VAL O 49 66.42 -15.75 4.39
CA VAL O 49 66.57 -17.20 4.49
C VAL O 49 68.04 -17.55 4.35
N TYR O 50 68.53 -18.44 5.22
CA TYR O 50 69.94 -18.79 5.24
C TYR O 50 70.13 -20.29 5.07
N ILE O 51 71.13 -20.66 4.27
CA ILE O 51 71.63 -22.03 4.26
C ILE O 51 72.51 -22.23 5.48
N GLU O 52 72.15 -23.21 6.31
CA GLU O 52 72.97 -23.62 7.44
C GLU O 52 73.87 -24.75 6.96
N ASN O 53 75.17 -24.46 6.86
CA ASN O 53 76.11 -25.48 6.42
C ASN O 53 76.48 -26.39 7.59
N GLU O 54 77.24 -27.45 7.27
CA GLU O 54 77.60 -28.43 8.28
C GLU O 54 78.42 -27.81 9.40
N ASP O 55 79.31 -26.88 9.06
CA ASP O 55 80.05 -26.15 10.08
C ASP O 55 79.18 -25.10 10.76
N GLY O 56 78.19 -24.57 10.05
CA GLY O 56 77.35 -23.51 10.59
C GLY O 56 77.67 -22.14 10.01
N SER O 57 77.89 -22.08 8.70
CA SER O 57 78.32 -20.82 8.07
C SER O 57 77.16 -19.84 7.95
N HIS O 58 75.93 -20.32 7.72
CA HIS O 58 74.74 -19.46 7.66
C HIS O 58 74.86 -18.41 6.54
N VAL O 59 74.88 -18.91 5.31
CA VAL O 59 75.01 -18.04 4.13
C VAL O 59 73.63 -17.76 3.56
N GLN O 60 73.30 -16.47 3.41
CA GLN O 60 71.96 -16.08 2.97
C GLN O 60 71.76 -16.41 1.50
N ILE O 61 70.50 -16.70 1.15
CA ILE O 61 70.14 -17.05 -0.23
C ILE O 61 68.94 -16.22 -0.67
N THR O 62 68.67 -16.28 -1.97
CA THR O 62 67.47 -15.66 -2.52
C THR O 62 66.23 -16.41 -2.06
N GLN O 63 65.11 -15.69 -1.97
CA GLN O 63 63.94 -16.20 -1.27
C GLN O 63 63.37 -17.48 -1.85
N PRO O 64 63.06 -17.56 -3.18
CA PRO O 64 62.36 -18.76 -3.66
C PRO O 64 63.19 -20.02 -3.51
N LEU O 65 62.77 -20.89 -2.61
CA LEU O 65 63.45 -22.15 -2.37
C LEU O 65 62.96 -23.21 -3.36
N ILE O 66 63.90 -23.95 -3.94
CA ILE O 66 63.60 -24.93 -4.96
C ILE O 66 63.42 -26.30 -4.30
N ILE O 67 62.32 -26.97 -4.63
CA ILE O 67 62.01 -28.28 -4.07
C ILE O 67 62.46 -29.35 -5.06
N ASN O 68 63.20 -30.34 -4.57
CA ASN O 68 63.73 -31.39 -5.41
C ASN O 68 62.62 -32.32 -5.89
N ALA O 69 62.97 -33.25 -6.77
CA ALA O 69 62.04 -34.29 -7.19
C ALA O 69 61.67 -35.24 -6.07
N ALA O 70 62.43 -35.25 -4.98
CA ALA O 70 62.09 -36.03 -3.79
C ALA O 70 61.29 -35.24 -2.77
N GLY O 71 61.03 -33.95 -3.04
CA GLY O 71 60.35 -33.11 -2.08
C GLY O 71 61.25 -32.41 -1.09
N LYS O 72 62.53 -32.24 -1.41
CA LYS O 72 63.51 -31.65 -0.51
C LYS O 72 64.05 -30.36 -1.11
N ILE O 73 64.42 -29.42 -0.23
CA ILE O 73 64.96 -28.14 -0.67
C ILE O 73 66.40 -28.34 -1.11
N VAL O 74 66.74 -27.82 -2.30
CA VAL O 74 68.07 -27.95 -2.86
C VAL O 74 68.59 -26.57 -3.24
N TYR O 75 69.92 -26.44 -3.27
CA TYR O 75 70.58 -25.24 -3.76
C TYR O 75 71.88 -25.66 -4.40
N ASN O 76 72.08 -25.25 -5.66
CA ASN O 76 73.23 -25.67 -6.46
C ASN O 76 73.28 -27.19 -6.62
N GLY O 77 72.11 -27.83 -6.67
CA GLY O 77 72.05 -29.26 -6.85
C GLY O 77 72.44 -30.07 -5.64
N GLN O 78 72.43 -29.48 -4.45
CA GLN O 78 72.81 -30.16 -3.23
C GLN O 78 71.73 -29.97 -2.17
N LEU O 79 71.48 -31.02 -1.38
CA LEU O 79 70.57 -30.90 -0.26
C LEU O 79 71.08 -29.87 0.73
N VAL O 80 70.23 -28.93 1.10
CA VAL O 80 70.60 -27.86 2.02
C VAL O 80 69.55 -27.76 3.12
N LYS O 81 69.96 -27.20 4.24
CA LYS O 81 69.07 -26.90 5.36
C LYS O 81 68.85 -25.40 5.41
N ILE O 82 67.59 -24.99 5.50
CA ILE O 82 67.20 -23.59 5.45
C ILE O 82 66.74 -23.16 6.83
N VAL O 83 67.20 -21.98 7.25
CA VAL O 83 66.88 -21.43 8.57
C VAL O 83 66.42 -19.99 8.40
N THR O 84 65.62 -19.54 9.38
CA THR O 84 65.05 -18.21 9.41
C THR O 84 65.22 -17.63 10.80
N VAL O 85 64.99 -16.33 10.91
CA VAL O 85 65.18 -15.61 12.17
C VAL O 85 63.92 -15.50 13.01
N GLN O 86 62.76 -15.86 12.47
CA GLN O 86 61.50 -15.66 13.17
C GLN O 86 60.43 -16.57 12.57
N GLY O 87 59.29 -16.63 13.27
CA GLY O 87 58.14 -17.30 12.70
C GLY O 87 57.62 -16.57 11.48
N HIS O 88 57.10 -17.34 10.52
CA HIS O 88 56.84 -16.83 9.19
C HIS O 88 55.51 -17.35 8.67
N SER O 89 55.13 -16.89 7.49
CA SER O 89 54.06 -17.48 6.71
C SER O 89 54.67 -18.12 5.47
N MET O 90 54.08 -19.22 5.04
CA MET O 90 54.67 -20.05 4.00
C MET O 90 53.70 -20.23 2.85
N ALA O 91 54.24 -20.35 1.64
CA ALA O 91 53.46 -20.57 0.43
C ALA O 91 54.23 -21.51 -0.48
N ILE O 92 53.67 -22.69 -0.72
CA ILE O 92 54.27 -23.69 -1.59
C ILE O 92 53.51 -23.71 -2.91
N TYR O 93 54.25 -23.56 -4.01
CA TYR O 93 53.72 -23.53 -5.36
C TYR O 93 54.24 -24.74 -6.15
N ASP O 94 53.41 -25.22 -7.06
CA ASP O 94 53.72 -26.37 -7.88
C ASP O 94 54.70 -26.00 -8.99
N ALA O 95 55.20 -27.04 -9.68
CA ALA O 95 56.02 -26.79 -10.86
C ALA O 95 55.21 -26.12 -11.96
N ASN O 96 53.93 -26.48 -12.08
CA ASN O 96 53.04 -25.80 -13.01
C ASN O 96 52.89 -24.32 -12.63
N GLY O 97 52.80 -24.04 -11.33
CA GLY O 97 52.57 -22.70 -10.84
C GLY O 97 51.33 -22.55 -9.99
N SER O 98 50.59 -23.63 -9.73
CA SER O 98 49.40 -23.56 -8.90
C SER O 98 49.78 -23.55 -7.42
N GLN O 99 48.93 -22.91 -6.62
CA GLN O 99 49.14 -22.80 -5.19
C GLN O 99 48.94 -24.16 -4.54
N VAL O 100 50.04 -24.84 -4.21
CA VAL O 100 49.93 -26.12 -3.52
C VAL O 100 49.43 -25.91 -2.10
N ASP O 101 50.00 -24.95 -1.39
CA ASP O 101 49.59 -24.72 -0.01
C ASP O 101 49.93 -23.30 0.42
N TYR O 102 49.14 -22.78 1.36
CA TYR O 102 49.45 -21.53 2.05
C TYR O 102 49.18 -21.72 3.53
N ILE O 103 50.14 -21.33 4.36
CA ILE O 103 50.04 -21.42 5.81
C ILE O 103 50.34 -20.04 6.38
N ALA O 104 49.42 -19.53 7.20
CA ALA O 104 49.55 -18.17 7.70
C ALA O 104 50.60 -18.03 8.80
N ASN O 105 50.88 -19.09 9.54
CA ASN O 105 51.78 -18.99 10.69
C ASN O 105 52.41 -20.35 10.96
N VAL O 106 53.74 -20.43 10.88
CA VAL O 106 54.49 -21.61 11.25
C VAL O 106 55.73 -21.18 12.01
N LEU O 107 56.13 -22.01 12.99
CA LEU O 107 57.35 -21.75 13.75
C LEU O 107 57.85 -23.07 14.32
N LYS O 108 58.94 -23.59 13.77
CA LYS O 108 59.64 -24.72 14.33
C LYS O 108 61.06 -24.30 14.65
N TYR O 109 61.47 -24.48 15.91
CA TYR O 109 62.80 -24.09 16.33
C TYR O 109 63.83 -25.13 15.86
N ASP O 110 65.03 -24.64 15.62
CA ASP O 110 66.13 -25.52 15.19
C ASP O 110 66.59 -26.36 16.36
N PRO O 111 66.56 -27.69 16.25
CA PRO O 111 66.93 -28.55 17.39
C PRO O 111 68.42 -28.86 17.52
N ASP O 112 69.29 -28.16 16.81
CA ASP O 112 70.72 -28.40 16.89
C ASP O 112 71.43 -27.20 17.51
N GLN O 113 72.74 -27.35 17.71
CA GLN O 113 73.60 -26.31 18.28
C GLN O 113 73.07 -25.84 19.64
N TYR O 114 72.74 -26.79 20.51
CA TYR O 114 72.28 -26.44 21.84
C TYR O 114 73.41 -25.96 22.74
N SER O 115 74.66 -26.34 22.45
CA SER O 115 75.77 -25.86 23.25
C SER O 115 75.91 -24.34 23.17
N ILE O 116 75.75 -23.79 21.96
CA ILE O 116 75.83 -22.34 21.79
C ILE O 116 74.70 -21.65 22.56
N GLU O 117 73.49 -22.19 22.47
CA GLU O 117 72.36 -21.60 23.18
C GLU O 117 72.58 -21.66 24.69
N ALA O 118 73.09 -22.79 25.20
CA ALA O 118 73.34 -22.90 26.63
C ALA O 118 74.43 -21.93 27.07
N ASP O 119 75.48 -21.76 26.25
CA ASP O 119 76.52 -20.80 26.58
C ASP O 119 75.97 -19.38 26.61
N LYS O 120 75.11 -19.03 25.66
CA LYS O 120 74.52 -17.70 25.62
C LYS O 120 73.41 -17.51 26.63
N LYS O 121 72.94 -18.60 27.26
CA LYS O 121 71.80 -18.56 28.16
C LYS O 121 72.18 -18.78 29.63
N PHE O 122 73.09 -19.71 29.90
CA PHE O 122 73.52 -19.98 31.27
C PHE O 122 74.80 -19.23 31.60
N PRO P 2 22.12 -21.07 -12.37
CA PRO P 2 21.49 -19.89 -11.78
C PRO P 2 22.46 -19.05 -10.96
N ILE P 3 22.55 -17.77 -11.28
CA ILE P 3 23.46 -16.85 -10.59
C ILE P 3 22.76 -16.32 -9.34
N GLN P 4 23.46 -16.39 -8.22
CA GLN P 4 22.95 -15.93 -6.93
C GLN P 4 23.88 -14.85 -6.39
N GLN P 5 23.29 -13.75 -5.91
CA GLN P 5 24.06 -12.66 -5.35
C GLN P 5 24.27 -12.87 -3.86
N LEU P 6 25.49 -12.66 -3.39
CA LEU P 6 25.83 -12.86 -1.99
C LEU P 6 26.10 -11.51 -1.33
N PRO P 7 25.31 -11.10 -0.35
CA PRO P 7 25.60 -9.85 0.36
C PRO P 7 26.92 -9.94 1.11
N MET P 8 27.64 -8.81 1.14
CA MET P 8 28.92 -8.72 1.83
C MET P 8 28.95 -7.65 2.92
N MET P 9 27.92 -6.81 3.03
CA MET P 9 27.90 -5.75 4.01
C MET P 9 27.76 -6.27 5.44
N LYS P 10 27.28 -7.49 5.62
CA LYS P 10 27.17 -8.09 6.94
C LYS P 10 27.27 -9.61 6.80
N GLY P 11 28.12 -10.22 7.61
CA GLY P 11 28.32 -11.65 7.60
C GLY P 11 27.51 -12.35 8.67
N MET P 12 27.81 -13.63 8.87
CA MET P 12 27.07 -14.43 9.83
C MET P 12 27.89 -15.67 10.19
N GLY P 13 27.85 -16.05 11.45
CA GLY P 13 28.53 -17.25 11.89
C GLY P 13 28.10 -17.67 13.27
N LYS P 14 28.86 -18.58 13.86
CA LYS P 14 28.59 -19.09 15.20
C LYS P 14 29.78 -18.81 16.11
N ASP P 15 29.48 -18.56 17.38
CA ASP P 15 30.48 -18.39 18.41
C ASP P 15 30.77 -19.73 19.05
N PHE P 16 32.00 -20.21 18.91
CA PHE P 16 32.36 -21.53 19.42
C PHE P 16 32.40 -21.59 20.94
N LYS P 17 32.32 -20.46 21.63
CA LYS P 17 32.30 -20.47 23.09
C LYS P 17 30.96 -20.94 23.63
N ASN P 18 29.85 -20.48 23.05
CA ASN P 18 28.52 -20.83 23.53
C ASN P 18 27.59 -21.34 22.44
N ALA P 19 28.10 -21.55 21.22
CA ALA P 19 27.32 -22.11 20.11
C ALA P 19 26.12 -21.24 19.73
N ASP P 20 26.24 -19.93 19.90
CA ASP P 20 25.20 -19.00 19.53
C ASP P 20 25.49 -18.38 18.16
N TYR P 21 24.46 -17.81 17.56
CA TYR P 21 24.58 -17.18 16.25
C TYR P 21 24.94 -15.71 16.41
N ILE P 22 26.00 -15.28 15.71
CA ILE P 22 26.48 -13.91 15.78
C ILE P 22 26.71 -13.40 14.37
N ASP P 23 26.80 -12.07 14.25
CA ASP P 23 27.08 -11.42 12.99
C ASP P 23 28.58 -11.22 12.82
N TYR P 24 29.04 -11.31 11.58
CA TYR P 24 30.44 -11.08 11.23
C TYR P 24 30.54 -9.72 10.57
N LEU P 25 30.92 -8.72 11.35
CA LEU P 25 31.01 -7.35 10.84
C LEU P 25 32.24 -7.19 9.94
N PRO P 26 32.12 -6.38 8.89
CA PRO P 26 33.29 -6.10 8.05
C PRO P 26 34.37 -5.36 8.84
N VAL P 27 35.62 -5.64 8.48
CA VAL P 27 36.78 -5.03 9.14
C VAL P 27 37.42 -4.06 8.16
N ASN P 28 37.58 -2.81 8.59
CA ASN P 28 38.19 -1.74 7.78
C ASN P 28 37.41 -1.49 6.48
N MET P 29 36.10 -1.73 6.52
CA MET P 29 35.22 -1.52 5.38
C MET P 29 33.99 -0.73 5.80
N LEU P 30 33.60 0.24 4.99
CA LEU P 30 32.36 0.96 5.15
C LEU P 30 31.46 0.67 3.95
N ALA P 31 30.17 0.48 4.23
CA ALA P 31 29.18 0.19 3.21
C ALA P 31 28.61 1.50 2.67
N THR P 32 28.59 1.62 1.35
CA THR P 32 28.07 2.81 0.68
C THR P 32 26.89 2.41 -0.19
N PRO P 33 25.66 2.77 0.18
CA PRO P 33 24.51 2.47 -0.68
C PRO P 33 24.52 3.30 -1.95
N LYS P 34 24.78 2.64 -3.09
CA LYS P 34 24.85 3.33 -4.38
C LYS P 34 24.72 2.28 -5.46
N GLU P 35 23.73 2.45 -6.34
CA GLU P 35 23.53 1.50 -7.44
C GLU P 35 24.70 1.67 -8.42
N ILE P 36 25.60 0.68 -8.43
CA ILE P 36 26.75 0.72 -9.33
C ILE P 36 26.39 -0.04 -10.61
N LEU P 37 26.22 -1.35 -10.47
CA LEU P 37 25.70 -2.21 -11.53
C LEU P 37 25.26 -3.54 -10.93
N ASN P 38 23.96 -3.83 -10.97
CA ASN P 38 23.39 -5.04 -10.40
C ASN P 38 23.71 -5.20 -8.91
N SER P 39 24.11 -4.13 -8.24
CA SER P 39 24.65 -4.21 -6.88
C SER P 39 23.83 -3.44 -5.87
N SER P 40 23.48 -2.18 -6.16
CA SER P 40 22.78 -1.30 -5.22
C SER P 40 23.58 -1.11 -3.93
N GLY P 41 24.86 -0.82 -4.09
CA GLY P 41 25.74 -0.55 -2.96
C GLY P 41 27.08 -1.23 -3.14
N TYR P 42 28.12 -0.65 -2.54
CA TYR P 42 29.45 -1.23 -2.58
C TYR P 42 30.08 -1.11 -1.19
N LEU P 43 31.30 -1.64 -1.06
CA LEU P 43 32.05 -1.60 0.19
C LEU P 43 33.42 -1.02 -0.11
N ARG P 44 33.79 0.02 0.64
CA ARG P 44 35.03 0.75 0.42
C ARG P 44 35.87 0.74 1.68
N SER P 45 37.17 0.57 1.52
CA SER P 45 38.06 0.53 2.68
C SER P 45 38.06 1.88 3.41
N PHE P 46 38.22 1.83 4.72
CA PHE P 46 38.36 3.04 5.49
C PHE P 46 39.63 3.77 5.08
N PRO P 47 39.62 5.10 4.99
CA PRO P 47 40.81 5.83 4.56
C PRO P 47 41.99 5.59 5.49
N GLY P 48 43.19 5.52 4.89
CA GLY P 48 44.40 5.33 5.65
C GLY P 48 44.87 6.60 6.32
N ILE P 49 45.90 6.47 7.14
CA ILE P 49 46.43 7.57 7.93
C ILE P 49 47.88 7.84 7.51
N THR P 50 48.19 9.09 7.20
CA THR P 50 49.54 9.53 6.91
C THR P 50 49.98 10.57 7.93
N LYS P 51 51.27 10.56 8.26
CA LYS P 51 51.79 11.43 9.30
C LYS P 51 51.68 12.89 8.91
N ARG P 52 51.27 13.71 9.87
CA ARG P 52 51.13 15.15 9.70
C ARG P 52 52.07 15.93 10.61
N TYR P 53 51.98 15.69 11.92
CA TYR P 53 52.75 16.42 12.92
C TYR P 53 53.37 15.45 13.91
N ASP P 54 54.24 15.98 14.76
CA ASP P 54 54.83 15.24 15.87
C ASP P 54 54.49 15.99 17.16
N MET P 55 53.93 15.28 18.13
CA MET P 55 53.40 15.90 19.34
C MET P 55 54.16 15.41 20.56
N ASN P 56 53.70 15.84 21.75
CA ASN P 56 54.34 15.50 23.01
C ASN P 56 53.93 14.13 23.53
N GLY P 57 52.87 13.54 23.00
CA GLY P 57 52.41 12.26 23.49
C GLY P 57 51.13 11.86 22.81
N VAL P 58 50.50 10.81 23.35
CA VAL P 58 49.23 10.36 22.80
C VAL P 58 48.16 11.41 23.04
N SER P 59 47.12 11.36 22.21
CA SER P 59 46.06 12.35 22.28
C SER P 59 45.15 12.07 23.48
N ARG P 60 44.70 13.16 24.12
CA ARG P 60 43.84 13.08 25.29
C ARG P 60 42.56 13.87 25.14
N GLY P 61 42.44 14.72 24.11
CA GLY P 61 41.24 15.48 23.86
C GLY P 61 41.39 16.23 22.56
N VAL P 62 40.25 16.72 22.05
CA VAL P 62 40.22 17.48 20.82
C VAL P 62 38.93 18.27 20.77
N GLU P 63 38.99 19.46 20.18
CA GLU P 63 37.79 20.28 19.96
C GLU P 63 38.07 21.29 18.87
N TYR P 64 37.03 21.64 18.13
CA TYR P 64 37.09 22.73 17.17
C TYR P 64 36.71 24.02 17.87
N ASN P 65 37.65 24.95 17.95
CA ASN P 65 37.43 26.24 18.60
C ASN P 65 36.72 27.15 17.61
N THR P 66 35.40 27.25 17.73
CA THR P 66 34.63 28.12 16.84
C THR P 66 34.91 29.60 17.08
N ALA P 67 35.59 29.96 18.16
CA ALA P 67 35.98 31.34 18.39
C ALA P 67 37.27 31.67 17.64
N GLN P 68 38.28 30.81 17.76
CA GLN P 68 39.54 31.00 17.06
C GLN P 68 39.56 30.39 15.67
N ASN P 69 38.52 29.64 15.30
CA ASN P 69 38.45 28.93 14.02
C ASN P 69 39.65 28.02 13.83
N ALA P 70 39.87 27.15 14.82
CA ALA P 70 41.01 26.25 14.81
C ALA P 70 40.69 25.04 15.68
N VAL P 71 41.47 23.98 15.50
CA VAL P 71 41.34 22.77 16.28
C VAL P 71 42.37 22.81 17.41
N TYR P 72 41.91 22.59 18.64
CA TYR P 72 42.77 22.50 19.80
C TYR P 72 42.91 21.05 20.21
N ARG P 73 44.16 20.59 20.34
CA ARG P 73 44.44 19.20 20.69
C ARG P 73 45.29 19.14 21.95
N VAL P 74 44.89 18.30 22.89
CA VAL P 74 45.70 17.98 24.06
C VAL P 74 46.47 16.70 23.72
N CYS P 75 47.79 16.76 23.77
CA CYS P 75 48.64 15.61 23.48
C CYS P 75 49.75 15.56 24.51
N GLY P 76 49.83 14.45 25.23
CA GLY P 76 50.81 14.35 26.29
C GLY P 76 50.58 15.43 27.32
N GLY P 77 51.63 16.17 27.62
CA GLY P 77 51.55 17.29 28.53
C GLY P 77 51.34 18.64 27.88
N LYS P 78 51.02 18.67 26.58
CA LYS P 78 50.92 19.92 25.85
C LYS P 78 49.51 20.13 25.30
N LEU P 79 49.17 21.40 25.11
CA LEU P 79 47.95 21.81 24.43
C LEU P 79 48.34 22.66 23.23
N TYR P 80 47.88 22.25 22.05
CA TYR P 80 48.24 22.86 20.79
C TYR P 80 47.02 23.50 20.14
N LYS P 81 47.23 24.69 19.55
CA LYS P 81 46.27 25.31 18.64
C LYS P 81 46.80 25.05 17.23
N GLY P 82 46.31 23.98 16.61
CA GLY P 82 46.85 23.56 15.33
C GLY P 82 48.16 22.83 15.48
N GLU P 83 49.26 23.46 15.08
CA GLU P 83 50.58 22.85 15.18
C GLU P 83 51.44 23.43 16.29
N SER P 84 51.10 24.60 16.81
CA SER P 84 51.91 25.29 17.79
C SER P 84 51.37 25.03 19.21
N GLU P 85 52.28 24.77 20.13
CA GLU P 85 51.92 24.59 21.53
C GLU P 85 51.42 25.90 22.12
N VAL P 86 50.26 25.87 22.77
CA VAL P 86 49.70 27.04 23.43
C VAL P 86 49.53 26.84 24.93
N GLY P 87 49.83 25.67 25.46
CA GLY P 87 49.76 25.52 26.90
C GLY P 87 50.32 24.20 27.38
N ASP P 88 50.38 24.07 28.70
CA ASP P 88 50.81 22.85 29.37
C ASP P 88 49.64 22.27 30.15
N VAL P 89 49.40 20.97 30.00
CA VAL P 89 48.30 20.28 30.67
C VAL P 89 48.88 19.11 31.45
N ALA P 90 48.53 19.01 32.73
CA ALA P 90 49.01 17.94 33.59
C ALA P 90 48.07 16.74 33.55
N GLY P 91 48.62 15.58 33.82
CA GLY P 91 47.85 14.34 33.84
C GLY P 91 48.28 13.39 32.74
N SER P 92 47.53 12.29 32.63
CA SER P 92 47.87 11.26 31.66
C SER P 92 46.68 10.69 30.88
N GLY P 93 45.44 10.93 31.28
CA GLY P 93 44.28 10.35 30.65
C GLY P 93 43.47 11.34 29.83
N ARG P 94 42.25 10.91 29.48
CA ARG P 94 41.36 11.75 28.69
C ARG P 94 40.96 12.99 29.48
N VAL P 95 40.74 14.08 28.76
CA VAL P 95 40.38 15.37 29.36
C VAL P 95 39.11 15.89 28.69
N SER P 96 38.39 16.72 29.42
CA SER P 96 37.23 17.41 28.85
C SER P 96 37.68 18.69 28.17
N MET P 97 36.97 19.08 27.12
CA MET P 97 37.39 20.20 26.30
C MET P 97 36.17 21.10 26.04
N ALA P 98 36.32 22.39 26.28
CA ALA P 98 35.28 23.38 25.99
C ALA P 98 35.96 24.68 25.64
N HIS P 99 35.18 25.64 25.14
CA HIS P 99 35.78 26.92 24.78
C HIS P 99 34.71 28.00 24.75
N GLY P 100 35.18 29.24 24.78
CA GLY P 100 34.30 30.40 24.74
C GLY P 100 34.97 31.60 24.10
N ARG P 101 34.49 32.79 24.42
CA ARG P 101 35.01 34.01 23.80
C ARG P 101 36.45 34.28 24.23
N THR P 102 36.78 34.05 25.50
CA THR P 102 38.05 34.52 26.05
C THR P 102 39.07 33.43 26.29
N SER P 103 38.67 32.16 26.36
CA SER P 103 39.60 31.12 26.76
C SER P 103 39.17 29.77 26.21
N GLN P 104 40.12 28.84 26.20
CA GLN P 104 39.88 27.43 25.91
C GLN P 104 40.02 26.67 27.23
N ALA P 105 38.92 26.06 27.68
CA ALA P 105 38.89 25.39 28.97
C ALA P 105 39.13 23.89 28.81
N VAL P 106 39.96 23.34 29.70
CA VAL P 106 40.24 21.92 29.76
C VAL P 106 39.86 21.42 31.15
N GLY P 107 39.03 20.40 31.20
CA GLY P 107 38.69 19.73 32.45
C GLY P 107 39.62 18.57 32.70
N VAL P 108 40.50 18.71 33.68
CA VAL P 108 41.54 17.73 33.93
C VAL P 108 41.94 17.80 35.40
N ASN P 109 42.19 16.62 35.99
CA ASN P 109 42.68 16.50 37.37
C ASN P 109 41.72 17.15 38.35
N GLY P 110 40.43 17.07 38.06
CA GLY P 110 39.44 17.67 38.93
C GLY P 110 39.40 19.18 38.88
N GLN P 111 40.02 19.78 37.87
CA GLN P 111 40.08 21.23 37.74
C GLN P 111 39.56 21.65 36.37
N LEU P 112 39.08 22.88 36.31
CA LEU P 112 38.64 23.53 35.07
C LEU P 112 39.69 24.59 34.75
N VAL P 113 40.73 24.19 34.02
CA VAL P 113 41.85 25.05 33.72
C VAL P 113 41.57 25.79 32.42
N GLU P 114 41.56 27.12 32.49
CA GLU P 114 41.20 27.96 31.35
C GLU P 114 42.46 28.61 30.79
N TYR P 115 42.79 28.29 29.54
CA TYR P 115 43.93 28.87 28.85
C TYR P 115 43.40 30.03 28.00
N ARG P 116 43.68 31.26 28.42
CA ARG P 116 43.19 32.42 27.72
C ARG P 116 44.07 32.73 26.51
N TYR P 117 43.46 33.34 25.49
CA TYR P 117 44.16 33.61 24.25
C TYR P 117 45.26 34.67 24.41
N ASP P 118 45.19 35.49 25.46
CA ASP P 118 46.24 36.46 25.71
C ASP P 118 47.50 35.81 26.30
N GLY P 119 47.43 34.54 26.69
CA GLY P 119 48.59 33.80 27.16
C GLY P 119 48.58 33.43 28.63
N THR P 120 47.62 33.93 29.41
CA THR P 120 47.53 33.62 30.82
C THR P 120 46.68 32.38 31.04
N VAL P 121 46.89 31.72 32.17
CA VAL P 121 46.17 30.50 32.54
C VAL P 121 45.52 30.73 33.90
N LYS P 122 44.22 30.46 33.97
CA LYS P 122 43.46 30.61 35.21
C LYS P 122 42.80 29.28 35.57
N THR P 123 42.30 29.20 36.80
CA THR P 123 41.60 28.02 37.28
C THR P 123 40.35 28.46 38.03
N VAL P 124 39.25 27.76 37.80
CA VAL P 124 37.99 28.11 38.44
C VAL P 124 38.10 27.85 39.94
N SER P 125 37.78 28.88 40.73
CA SER P 125 37.83 28.77 42.18
C SER P 125 36.79 29.71 42.76
N ASN P 126 36.50 29.51 44.04
CA ASN P 126 35.51 30.34 44.73
C ASN P 126 35.96 31.79 44.74
N TRP P 127 34.97 32.69 44.82
CA TRP P 127 35.28 34.10 45.00
C TRP P 127 36.02 34.29 46.32
N PRO P 128 36.95 35.24 46.38
CA PRO P 128 37.62 35.51 47.66
C PRO P 128 36.62 35.93 48.72
N ALA P 129 36.88 35.50 49.96
CA ALA P 129 35.95 35.79 51.05
C ALA P 129 35.79 37.28 51.30
N ASP P 130 36.75 38.10 50.83
CA ASP P 130 36.59 39.54 50.92
C ASP P 130 35.39 40.04 50.12
N SER P 131 34.99 39.30 49.09
CA SER P 131 33.79 39.64 48.35
C SER P 131 32.55 39.28 49.18
N GLY P 132 31.45 39.97 48.88
CA GLY P 132 30.19 39.67 49.53
C GLY P 132 29.39 38.64 48.75
N PHE P 133 30.10 37.78 48.04
CA PHE P 133 29.50 36.81 47.14
C PHE P 133 29.44 35.43 47.78
N THR P 134 28.55 34.60 47.24
CA THR P 134 28.32 33.28 47.80
C THR P 134 29.52 32.37 47.59
N GLN P 135 29.81 31.54 48.59
CA GLN P 135 30.83 30.51 48.50
C GLN P 135 30.17 29.15 48.39
N TYR P 136 30.70 28.31 47.51
CA TYR P 136 30.11 27.02 47.21
C TYR P 136 31.09 25.90 47.53
N GLU P 137 30.54 24.69 47.63
CA GLU P 137 31.36 23.49 47.89
C GLU P 137 31.90 22.96 46.57
N LEU P 138 32.90 23.68 46.05
CA LEU P 138 33.58 23.30 44.82
C LEU P 138 34.53 22.15 45.12
N GLY P 139 34.11 20.93 44.82
CA GLY P 139 34.94 19.77 45.02
C GLY P 139 35.80 19.47 43.81
N SER P 140 35.66 18.27 43.25
CA SER P 140 36.38 17.90 42.04
C SER P 140 35.50 18.19 40.82
N VAL P 141 36.14 18.21 39.66
CA VAL P 141 35.49 18.45 38.37
C VAL P 141 35.54 17.17 37.57
N ARG P 142 34.39 16.75 37.04
CA ARG P 142 34.31 15.56 36.20
C ARG P 142 34.15 15.89 34.73
N ASP P 143 33.15 16.69 34.36
CA ASP P 143 32.90 17.04 32.98
C ASP P 143 32.52 18.51 32.89
N ILE P 144 32.86 19.14 31.76
CA ILE P 144 32.65 20.56 31.53
C ILE P 144 31.98 20.77 30.18
N THR P 145 31.31 21.90 30.04
CA THR P 145 30.66 22.29 28.79
C THR P 145 30.47 23.81 28.83
N ARG P 146 30.09 24.36 27.68
CA ARG P 146 29.89 25.79 27.55
C ARG P 146 28.51 26.09 26.96
N LEU P 147 27.84 27.10 27.49
CA LEU P 147 26.56 27.54 26.94
C LEU P 147 26.31 28.98 27.35
N ARG P 148 25.91 29.80 26.38
CA ARG P 148 25.48 31.18 26.62
C ARG P 148 26.53 31.97 27.41
N GLY P 149 27.79 31.76 27.07
CA GLY P 149 28.86 32.49 27.72
C GLY P 149 29.18 32.05 29.13
N ARG P 150 28.78 30.84 29.51
CA ARG P 150 29.06 30.31 30.83
C ARG P 150 29.60 28.89 30.73
N TYR P 151 30.55 28.57 31.60
CA TYR P 151 31.04 27.20 31.75
C TYR P 151 30.18 26.48 32.78
N ALA P 152 29.57 25.38 32.36
CA ALA P 152 28.80 24.51 33.24
C ALA P 152 29.58 23.22 33.44
N TRP P 153 29.89 22.89 34.69
CA TRP P 153 30.66 21.70 34.99
C TRP P 153 30.02 20.93 36.13
N SER P 154 30.25 19.62 36.16
CA SER P 154 29.64 18.74 37.13
C SER P 154 30.64 18.37 38.23
N LYS P 155 30.19 18.42 39.47
CA LYS P 155 31.01 18.00 40.60
C LYS P 155 31.06 16.48 40.66
N ASP P 156 32.25 15.95 40.96
CA ASP P 156 32.50 14.51 40.85
C ASP P 156 31.70 13.74 41.89
N GLY P 157 30.68 13.01 41.44
CA GLY P 157 30.00 12.06 42.29
C GLY P 157 29.05 12.64 43.31
N THR P 158 28.58 13.87 43.13
CA THR P 158 27.71 14.49 44.11
C THR P 158 26.44 15.08 43.51
N ASP P 159 26.09 14.74 42.28
CA ASP P 159 24.83 15.08 41.63
C ASP P 159 24.66 16.57 41.35
N SER P 160 25.66 17.40 41.67
CA SER P 160 25.56 18.85 41.54
C SER P 160 26.37 19.33 40.35
N TRP P 161 25.95 20.46 39.78
CA TRP P 161 26.69 21.13 38.73
C TRP P 161 26.63 22.63 38.94
N PHE P 162 27.64 23.32 38.42
CA PHE P 162 27.81 24.75 38.62
C PHE P 162 28.02 25.45 37.29
N ILE P 163 27.71 26.75 37.30
CA ILE P 163 27.96 27.63 36.15
C ILE P 163 28.91 28.73 36.60
N THR P 164 29.55 29.36 35.62
CA THR P 164 30.48 30.44 35.90
C THR P 164 29.77 31.79 35.82
N ASP P 165 30.44 32.83 36.32
CA ASP P 165 29.88 34.16 36.27
C ASP P 165 29.95 34.70 34.84
N LEU P 166 29.06 35.65 34.55
CA LEU P 166 28.96 36.18 33.20
C LEU P 166 30.16 37.06 32.85
N GLU P 167 30.55 37.93 33.77
CA GLU P 167 31.67 38.85 33.54
C GLU P 167 32.98 38.35 34.15
N ASP P 168 32.99 37.13 34.68
CA ASP P 168 34.22 36.53 35.20
C ASP P 168 34.05 35.02 35.15
N GLU P 169 34.64 34.38 34.13
CA GLU P 169 34.50 32.94 33.98
C GLU P 169 35.46 32.15 34.86
N SER P 170 36.32 32.82 35.62
CA SER P 170 37.24 32.15 36.53
C SER P 170 36.62 31.85 37.88
N HIS P 171 35.37 32.24 38.10
CA HIS P 171 34.65 32.02 39.35
C HIS P 171 33.25 31.52 39.03
N PRO P 172 32.62 30.84 39.97
CA PRO P 172 31.19 30.54 39.82
C PRO P 172 30.36 31.80 39.89
N ASP P 173 29.04 31.63 39.71
CA ASP P 173 28.15 32.78 39.74
C ASP P 173 28.13 33.40 41.13
N ARG P 174 27.90 34.71 41.17
CA ARG P 174 27.95 35.44 42.44
C ARG P 174 26.89 34.95 43.41
N TYR P 175 25.68 34.68 42.92
CA TYR P 175 24.55 34.42 43.79
C TYR P 175 23.94 33.04 43.61
N SER P 176 23.79 32.57 42.37
CA SER P 176 23.12 31.29 42.10
C SER P 176 23.95 30.53 41.07
N ALA P 177 24.86 29.67 41.55
CA ALA P 177 25.69 28.85 40.68
C ALA P 177 25.40 27.37 40.77
N GLN P 178 24.89 26.88 41.90
CA GLN P 178 24.72 25.45 42.10
C GLN P 178 23.33 25.00 41.67
N TYR P 179 23.29 23.85 40.99
CA TYR P 179 22.05 23.21 40.59
C TYR P 179 22.21 21.70 40.72
N ARG P 180 21.09 21.01 40.83
CA ARG P 180 21.09 19.56 40.95
C ARG P 180 20.09 18.98 39.97
N ALA P 181 20.42 17.80 39.43
CA ALA P 181 19.46 17.06 38.63
C ALA P 181 18.24 16.68 39.47
N GLU P 182 18.48 16.03 40.61
CA GLU P 182 17.54 15.92 41.72
C GLU P 182 16.37 14.99 41.43
N SER P 183 16.21 14.54 40.19
CA SER P 183 15.22 13.50 39.90
C SER P 183 15.87 12.13 39.89
N GLN P 184 16.65 11.86 40.92
CA GLN P 184 17.49 10.67 40.99
C GLN P 184 18.19 10.59 42.34
N PRO P 185 18.46 9.39 42.84
CA PRO P 185 19.30 9.28 44.04
C PRO P 185 20.72 9.80 43.83
N ASP P 186 21.29 9.63 42.64
CA ASP P 186 22.64 10.08 42.35
C ASP P 186 22.93 9.90 40.87
N GLY P 187 24.03 10.49 40.41
CA GLY P 187 24.50 10.33 39.05
C GLY P 187 24.59 11.62 38.26
N ILE P 188 25.82 12.10 38.04
CA ILE P 188 26.06 13.29 37.23
C ILE P 188 27.19 13.02 36.23
N ILE P 189 27.31 11.76 35.80
CA ILE P 189 28.44 11.21 35.06
C ILE P 189 28.99 12.15 33.98
N GLY P 190 28.12 12.73 33.17
CA GLY P 190 28.55 13.60 32.10
C GLY P 190 27.66 14.82 31.99
N ILE P 191 28.15 15.81 31.24
CA ILE P 191 27.42 17.05 31.01
C ILE P 191 27.64 17.49 29.58
N GLY P 192 26.61 18.06 28.97
CA GLY P 192 26.67 18.52 27.60
C GLY P 192 25.66 19.62 27.35
N THR P 193 25.59 20.06 26.10
CA THR P 193 24.62 21.06 25.66
C THR P 193 24.03 20.61 24.34
N TRP P 194 22.72 20.37 24.32
CA TRP P 194 22.08 19.82 23.12
C TRP P 194 21.72 20.92 22.11
N ARG P 195 20.74 21.77 22.45
CA ARG P 195 20.41 22.90 21.61
C ARG P 195 20.58 24.23 22.34
N ASP P 196 19.85 24.41 23.45
CA ASP P 196 20.05 25.55 24.34
C ASP P 196 19.86 25.09 25.79
N PHE P 197 19.96 23.78 26.03
CA PHE P 197 19.78 23.18 27.34
C PHE P 197 21.12 22.69 27.86
N ILE P 198 21.26 22.68 29.18
CA ILE P 198 22.31 21.93 29.83
C ILE P 198 21.77 20.53 30.08
N VAL P 199 22.46 19.53 29.53
CA VAL P 199 22.06 18.14 29.65
C VAL P 199 22.98 17.46 30.66
N CYS P 200 22.39 16.91 31.71
CA CYS P 200 23.12 16.20 32.74
C CYS P 200 22.85 14.71 32.57
N PHE P 201 23.87 13.97 32.17
CA PHE P 201 23.77 12.53 31.96
C PHE P 201 24.22 11.84 33.23
N GLY P 202 23.28 11.30 33.99
CA GLY P 202 23.57 10.48 35.14
C GLY P 202 23.54 9.00 34.80
N SER P 203 23.34 8.19 35.83
CA SER P 203 23.00 6.79 35.66
C SER P 203 21.51 6.64 35.96
N SER P 204 20.78 6.06 35.01
CA SER P 204 19.34 5.84 35.02
C SER P 204 18.54 7.11 34.71
N THR P 205 19.18 8.25 34.49
CA THR P 205 18.47 9.47 34.12
C THR P 205 19.33 10.33 33.20
N ILE P 206 18.66 11.05 32.30
CA ILE P 206 19.27 12.12 31.53
C ILE P 206 18.34 13.33 31.64
N GLU P 207 18.85 14.43 32.18
CA GLU P 207 18.02 15.57 32.53
C GLU P 207 18.40 16.79 31.69
N TYR P 208 17.40 17.65 31.46
CA TYR P 208 17.54 18.83 30.63
C TYR P 208 17.23 20.08 31.45
N PHE P 209 18.00 21.15 31.22
CA PHE P 209 17.84 22.40 31.95
C PHE P 209 17.83 23.55 30.95
N SER P 210 16.90 24.48 31.14
CA SER P 210 16.82 25.67 30.30
C SER P 210 17.02 26.92 31.14
N LEU P 211 17.30 28.03 30.47
CA LEU P 211 17.51 29.31 31.14
C LEU P 211 16.17 29.89 31.58
N THR P 212 16.09 30.30 32.83
CA THR P 212 14.85 30.87 33.36
C THR P 212 14.63 32.31 32.89
N GLY P 213 15.70 33.08 32.72
CA GLY P 213 15.55 34.49 32.41
C GLY P 213 15.35 35.37 33.62
N ALA P 214 15.61 34.87 34.82
CA ALA P 214 15.41 35.64 36.03
C ALA P 214 16.43 36.78 36.12
N THR P 215 16.10 37.77 36.95
CA THR P 215 16.94 38.95 37.09
C THR P 215 17.30 39.21 38.54
N THR P 216 16.45 38.80 39.46
CA THR P 216 16.69 39.04 40.88
C THR P 216 17.88 38.20 41.36
N ALA P 217 18.66 38.79 42.26
CA ALA P 217 19.83 38.10 42.79
C ALA P 217 19.41 36.90 43.63
N GLY P 218 20.11 35.79 43.44
CA GLY P 218 19.82 34.56 44.15
C GLY P 218 18.79 33.68 43.48
N ALA P 219 18.05 34.19 42.50
CA ALA P 219 17.07 33.39 41.80
C ALA P 219 17.75 32.36 40.90
N ALA P 220 17.07 31.24 40.69
CA ALA P 220 17.62 30.18 39.86
C ALA P 220 17.68 30.63 38.41
N LEU P 221 18.87 30.51 37.81
CA LEU P 221 19.06 30.83 36.40
C LEU P 221 18.75 29.67 35.47
N TYR P 222 18.60 28.46 36.00
CA TYR P 222 18.27 27.30 35.20
C TYR P 222 17.14 26.52 35.87
N VAL P 223 16.30 25.93 35.04
CA VAL P 223 15.16 25.14 35.50
C VAL P 223 15.10 23.84 34.69
N ALA P 224 14.81 22.75 35.38
CA ALA P 224 14.76 21.45 34.72
C ALA P 224 13.49 21.30 33.88
N GLN P 225 13.62 20.60 32.76
CA GLN P 225 12.49 20.28 31.91
C GLN P 225 12.14 18.80 32.08
N PRO P 226 11.18 18.47 32.94
CA PRO P 226 10.82 17.05 33.14
C PRO P 226 10.23 16.40 31.92
N SER P 227 9.67 17.17 30.98
CA SER P 227 9.07 16.59 29.79
C SER P 227 10.10 16.05 28.81
N LEU P 228 11.35 16.47 28.92
CA LEU P 228 12.39 16.06 28.00
C LEU P 228 13.35 15.03 28.58
N MET P 229 13.12 14.58 29.82
CA MET P 229 14.08 13.73 30.50
C MET P 229 13.99 12.29 30.00
N VAL P 230 15.14 11.65 29.84
CA VAL P 230 15.23 10.27 29.38
C VAL P 230 15.49 9.37 30.58
N GLN P 231 14.75 8.27 30.67
CA GLN P 231 14.88 7.33 31.78
C GLN P 231 15.99 6.30 31.50
N LYS P 232 17.19 6.84 31.25
CA LYS P 232 18.34 5.99 30.99
C LYS P 232 19.60 6.81 31.27
N GLY P 233 20.69 6.11 31.56
CA GLY P 233 21.93 6.79 31.89
C GLY P 233 23.07 6.49 30.96
N ILE P 234 24.28 6.90 31.31
CA ILE P 234 25.46 6.65 30.50
C ILE P 234 26.49 5.90 31.35
N ALA P 235 27.29 5.09 30.67
CA ALA P 235 28.25 4.22 31.37
C ALA P 235 29.45 5.02 31.88
N GLY P 236 29.99 5.93 31.07
CA GLY P 236 31.15 6.69 31.46
C GLY P 236 31.02 8.14 31.03
N THR P 237 31.94 8.96 31.53
CA THR P 237 31.87 10.39 31.27
C THR P 237 32.07 10.72 29.79
N TYR P 238 32.77 9.87 29.05
CA TYR P 238 33.03 10.08 27.63
C TYR P 238 32.31 9.04 26.77
N CYS P 239 31.17 8.55 27.23
CA CYS P 239 30.37 7.57 26.51
C CYS P 239 29.16 8.21 25.85
N LYS P 240 29.34 9.41 25.31
CA LYS P 240 28.25 10.19 24.74
C LYS P 240 28.82 11.16 23.71
N THR P 241 28.05 11.43 22.66
CA THR P 241 28.44 12.41 21.66
C THR P 241 27.21 12.92 20.93
N PRO P 242 27.20 14.20 20.52
CA PRO P 242 26.13 14.67 19.63
C PRO P 242 26.27 14.06 18.25
N PHE P 243 25.36 13.16 17.88
CA PHE P 243 25.54 12.36 16.67
C PHE P 243 24.86 12.95 15.44
N ALA P 244 23.53 13.07 15.46
CA ALA P 244 22.80 13.60 14.31
C ALA P 244 22.13 14.92 14.63
N ASP P 245 21.23 14.94 15.61
CA ASP P 245 20.70 16.19 16.15
C ASP P 245 20.51 16.08 17.65
N SER P 246 20.87 14.96 18.26
CA SER P 246 20.75 14.73 19.69
C SER P 246 21.99 13.95 20.11
N TYR P 247 21.95 13.38 21.31
CA TYR P 247 23.08 12.65 21.85
C TYR P 247 22.91 11.15 21.65
N ALA P 248 23.96 10.50 21.17
CA ALA P 248 24.09 9.06 21.18
C ALA P 248 25.01 8.66 22.33
N PHE P 249 24.62 7.62 23.05
CA PHE P 249 25.33 7.23 24.25
C PHE P 249 25.29 5.72 24.44
N ILE P 250 26.05 5.25 25.42
CA ILE P 250 26.04 3.85 25.87
C ILE P 250 25.47 3.84 27.28
N SER P 251 24.48 2.98 27.51
CA SER P 251 23.74 3.02 28.76
C SER P 251 24.54 2.39 29.91
N HIS P 252 24.17 2.78 31.12
CA HIS P 252 24.78 2.31 32.35
C HIS P 252 24.22 0.94 32.74
N PRO P 253 25.01 0.12 33.43
CA PRO P 253 24.47 -1.13 33.98
C PRO P 253 23.36 -0.93 35.00
N ALA P 254 23.11 0.31 35.44
CA ALA P 254 22.04 0.59 36.38
C ALA P 254 20.65 0.35 35.80
N THR P 255 20.54 0.19 34.48
CA THR P 255 19.25 -0.02 33.83
C THR P 255 19.23 -1.33 33.03
N GLY P 256 20.14 -2.24 33.30
CA GLY P 256 20.21 -3.50 32.59
C GLY P 256 21.48 -3.59 31.76
N ALA P 257 21.50 -4.60 30.88
CA ALA P 257 22.65 -4.81 30.02
C ALA P 257 22.81 -3.63 29.07
N PRO P 258 24.00 -3.04 28.98
CA PRO P 258 24.16 -1.82 28.17
C PRO P 258 24.03 -2.08 26.68
N SER P 259 23.69 -1.01 25.97
CA SER P 259 23.70 -0.99 24.51
C SER P 259 23.88 0.46 24.07
N VAL P 260 23.68 0.72 22.78
CA VAL P 260 23.89 2.04 22.19
C VAL P 260 22.54 2.64 21.86
N TYR P 261 22.31 3.87 22.32
CA TYR P 261 21.04 4.56 22.15
C TYR P 261 21.26 5.93 21.53
N ILE P 262 20.22 6.42 20.87
CA ILE P 262 20.14 7.80 20.40
C ILE P 262 18.91 8.44 21.05
N ILE P 263 19.10 9.63 21.62
CA ILE P 263 17.99 10.31 22.30
C ILE P 263 17.02 10.85 21.26
N GLY P 264 15.74 10.59 21.47
CA GLY P 264 14.69 11.14 20.62
C GLY P 264 14.02 12.34 21.25
N SER P 265 12.82 12.14 21.78
CA SER P 265 12.08 13.17 22.51
C SER P 265 11.53 12.53 23.77
N GLY P 266 12.31 12.60 24.86
CA GLY P 266 11.95 11.95 26.09
C GLY P 266 12.22 10.47 26.12
N GLN P 267 12.69 9.88 25.02
CA GLN P 267 12.94 8.46 24.93
C GLN P 267 14.26 8.24 24.19
N ALA P 268 14.79 7.03 24.34
CA ALA P 268 16.01 6.62 23.65
C ALA P 268 15.70 5.44 22.74
N SER P 269 16.21 5.51 21.52
CA SER P 269 16.05 4.46 20.53
C SER P 269 17.32 3.64 20.42
N PRO P 270 17.22 2.31 20.52
CA PRO P 270 18.43 1.48 20.42
C PRO P 270 19.04 1.51 19.02
N ILE P 271 20.36 1.43 18.98
CA ILE P 271 21.11 1.49 17.74
C ILE P 271 21.94 0.22 17.60
N ALA P 272 22.32 -0.37 18.73
CA ALA P 272 23.15 -1.56 18.72
C ALA P 272 22.33 -2.79 18.41
N THR P 273 22.95 -3.74 17.71
CA THR P 273 22.34 -5.04 17.45
C THR P 273 22.75 -6.02 18.55
N ALA P 274 22.24 -7.25 18.46
CA ALA P 274 22.54 -8.25 19.48
C ALA P 274 24.03 -8.56 19.55
N SER P 275 24.71 -8.57 18.41
CA SER P 275 26.16 -8.79 18.42
C SER P 275 26.90 -7.64 19.08
N ILE P 276 26.46 -6.41 18.83
CA ILE P 276 27.09 -5.25 19.48
C ILE P 276 26.84 -5.31 20.98
N GLU P 277 25.63 -5.70 21.39
CA GLU P 277 25.35 -5.83 22.81
C GLU P 277 26.20 -6.91 23.46
N LYS P 278 26.43 -8.03 22.76
CA LYS P 278 27.30 -9.07 23.28
C LYS P 278 28.74 -8.57 23.41
N ILE P 279 29.22 -7.82 22.42
CA ILE P 279 30.57 -7.27 22.47
C ILE P 279 30.70 -6.34 23.66
N ILE P 280 29.71 -5.47 23.88
CA ILE P 280 29.72 -4.57 25.02
C ILE P 280 29.70 -5.36 26.32
N ARG P 281 28.85 -6.39 26.39
CA ARG P 281 28.74 -7.21 27.59
C ARG P 281 30.01 -7.99 27.89
N SER P 282 30.88 -8.19 26.89
CA SER P 282 32.15 -8.85 27.16
C SER P 282 33.08 -8.01 28.02
N TYR P 283 32.77 -6.73 28.23
CA TYR P 283 33.57 -5.85 29.07
C TYR P 283 32.94 -5.72 30.45
N THR P 284 33.80 -5.55 31.46
CA THR P 284 33.33 -5.31 32.82
C THR P 284 32.72 -3.92 32.92
N ALA P 285 32.30 -3.55 34.12
CA ALA P 285 31.83 -2.18 34.35
C ALA P 285 32.95 -1.18 34.06
N GLU P 286 34.15 -1.47 34.52
CA GLU P 286 35.35 -0.82 34.01
C GLU P 286 35.73 -1.44 32.67
N GLU P 287 36.55 -0.71 31.91
CA GLU P 287 36.86 -0.98 30.51
C GLU P 287 35.66 -0.61 29.65
N MET P 288 34.55 -0.26 30.29
CA MET P 288 33.35 0.24 29.63
C MET P 288 33.07 1.69 29.97
N ALA P 289 33.47 2.15 31.14
CA ALA P 289 33.46 3.56 31.47
C ALA P 289 34.64 4.30 30.86
N THR P 290 35.64 3.57 30.35
CA THR P 290 36.77 4.16 29.66
C THR P 290 36.57 4.24 28.15
N GLY P 291 35.42 3.78 27.64
CA GLY P 291 35.15 3.89 26.22
C GLY P 291 34.97 5.34 25.80
N VAL P 292 35.39 5.64 24.58
CA VAL P 292 35.36 7.00 24.04
C VAL P 292 34.52 7.00 22.77
N MET P 293 33.53 7.89 22.72
CA MET P 293 32.66 7.99 21.57
C MET P 293 32.93 9.29 20.82
N GLU P 294 32.81 9.23 19.49
CA GLU P 294 33.00 10.40 18.66
C GLU P 294 32.23 10.19 17.36
N THR P 295 32.20 11.23 16.53
CA THR P 295 31.47 11.22 15.27
C THR P 295 32.37 11.67 14.14
N LEU P 296 32.10 11.13 12.94
CA LEU P 296 32.80 11.50 11.73
C LEU P 296 31.79 11.72 10.61
N ARG P 297 32.19 12.54 9.64
CA ARG P 297 31.29 12.92 8.55
C ARG P 297 32.13 13.13 7.30
N PHE P 298 31.91 12.31 6.27
CA PHE P 298 32.55 12.55 4.99
C PHE P 298 31.88 11.72 3.91
N ASP P 299 31.64 12.35 2.75
CA ASP P 299 31.07 11.69 1.57
C ASP P 299 29.72 11.06 1.90
N SER P 300 28.85 11.83 2.54
CA SER P 300 27.54 11.41 3.01
C SER P 300 27.61 10.31 4.05
N HIS P 301 28.81 9.92 4.46
CA HIS P 301 29.01 8.97 5.55
C HIS P 301 28.88 9.70 6.88
N GLU P 302 27.99 9.20 7.73
CA GLU P 302 27.75 9.74 9.07
C GLU P 302 28.11 8.64 10.07
N LEU P 303 29.37 8.60 10.48
CA LEU P 303 29.89 7.51 11.29
C LEU P 303 29.86 7.87 12.77
N LEU P 304 29.54 6.88 13.60
CA LEU P 304 29.61 6.97 15.05
C LEU P 304 30.66 5.97 15.50
N ILE P 305 31.77 6.46 16.05
CA ILE P 305 32.93 5.64 16.37
C ILE P 305 32.99 5.47 17.88
N ILE P 306 33.12 4.22 18.33
CA ILE P 306 33.21 3.90 19.74
C ILE P 306 34.51 3.12 19.95
N HIS P 307 35.43 3.71 20.72
CA HIS P 307 36.69 3.08 21.07
C HIS P 307 36.55 2.39 22.42
N LEU P 308 36.86 1.11 22.44
CA LEU P 308 36.93 0.26 23.63
C LEU P 308 38.35 -0.28 23.74
N PRO P 309 38.73 -0.79 24.92
CA PRO P 309 40.11 -1.29 25.06
C PRO P 309 40.47 -2.40 24.09
N ARG P 310 39.50 -3.16 23.58
CA ARG P 310 39.79 -4.23 22.63
C ARG P 310 39.03 -4.11 21.31
N HIS P 311 38.05 -3.21 21.21
CA HIS P 311 37.27 -3.06 19.99
C HIS P 311 37.14 -1.58 19.63
N VAL P 312 37.09 -1.31 18.33
CA VAL P 312 36.68 -0.01 17.80
C VAL P 312 35.54 -0.27 16.83
N LEU P 313 34.35 0.17 17.19
CA LEU P 313 33.13 -0.14 16.46
C LEU P 313 32.57 1.12 15.82
N VAL P 314 32.31 1.05 14.52
CA VAL P 314 31.80 2.18 13.76
C VAL P 314 30.40 1.84 13.27
N TYR P 315 29.44 2.71 13.59
CA TYR P 315 28.07 2.57 13.14
C TYR P 315 27.81 3.61 12.05
N ASP P 316 27.25 3.17 10.94
CA ASP P 316 26.94 4.06 9.82
C ASP P 316 25.44 4.29 9.79
N ALA P 317 25.02 5.54 10.03
CA ALA P 317 23.61 5.89 10.00
C ALA P 317 23.08 6.10 8.58
N SER P 318 23.96 6.41 7.63
CA SER P 318 23.56 6.64 6.26
C SER P 318 23.46 5.36 5.44
N SER P 319 23.82 4.21 6.02
CA SER P 319 23.75 2.93 5.34
C SER P 319 23.04 1.90 6.20
N SER P 320 22.02 2.31 6.95
CA SER P 320 21.31 1.46 7.88
C SER P 320 19.86 1.24 7.46
N GLN P 321 19.64 1.02 6.16
CA GLN P 321 18.30 0.81 5.63
C GLN P 321 17.81 -0.63 5.80
N ASN P 322 18.70 -1.57 6.09
CA ASN P 322 18.34 -2.96 6.35
C ASN P 322 18.57 -3.35 7.81
N GLY P 323 18.57 -2.36 8.71
CA GLY P 323 18.99 -2.57 10.07
C GLY P 323 20.29 -1.84 10.32
N PRO P 324 20.70 -1.74 11.58
CA PRO P 324 21.94 -1.01 11.90
C PRO P 324 23.15 -1.61 11.19
N GLN P 325 24.01 -0.73 10.69
CA GLN P 325 25.19 -1.12 9.94
C GLN P 325 26.42 -0.85 10.80
N TRP P 326 27.13 -1.91 11.18
CA TRP P 326 28.28 -1.82 12.06
C TRP P 326 29.51 -2.42 11.38
N CYS P 327 30.67 -1.91 11.73
CA CYS P 327 31.93 -2.42 11.21
C CYS P 327 33.00 -2.25 12.29
N VAL P 328 34.11 -2.95 12.11
CA VAL P 328 35.22 -2.97 13.06
C VAL P 328 36.41 -2.26 12.43
N LEU P 329 37.02 -1.35 13.19
CA LEU P 329 38.26 -0.71 12.81
C LEU P 329 39.40 -1.29 13.63
N LYS P 330 40.52 -1.58 12.97
CA LYS P 330 41.64 -2.19 13.68
C LYS P 330 42.94 -1.84 12.97
N THR P 331 44.04 -1.97 13.71
CA THR P 331 45.38 -1.78 13.19
C THR P 331 46.12 -3.11 13.23
N GLY P 332 46.84 -3.42 12.15
CA GLY P 332 47.58 -4.65 12.09
C GLY P 332 46.79 -5.78 11.45
N LEU P 333 47.31 -6.99 11.64
CA LEU P 333 46.75 -8.18 11.01
C LEU P 333 46.15 -9.18 12.00
N TYR P 334 46.25 -8.92 13.31
CA TYR P 334 45.88 -9.88 14.33
C TYR P 334 45.01 -9.23 15.41
N ASP P 335 43.96 -8.55 14.96
CA ASP P 335 42.88 -7.99 15.79
C ASP P 335 43.41 -7.03 16.87
N ASP P 336 44.54 -6.38 16.61
CA ASP P 336 44.98 -5.29 17.47
C ASP P 336 44.04 -4.10 17.30
N VAL P 337 43.85 -3.34 18.38
CA VAL P 337 42.86 -2.27 18.37
C VAL P 337 43.29 -1.17 17.40
N TYR P 338 42.30 -0.42 16.91
CA TYR P 338 42.57 0.68 15.99
C TYR P 338 43.31 1.80 16.70
N ARG P 339 44.29 2.39 16.02
CA ARG P 339 45.14 3.39 16.63
C ARG P 339 44.62 4.81 16.47
N GLY P 340 43.76 5.06 15.47
CA GLY P 340 43.24 6.40 15.26
C GLY P 340 42.19 6.76 16.31
N VAL P 341 42.24 8.01 16.74
CA VAL P 341 41.34 8.52 17.77
C VAL P 341 41.30 10.03 17.66
N ASP P 342 40.25 10.64 18.20
CA ASP P 342 40.09 12.10 18.23
C ASP P 342 40.10 12.69 16.82
N PHE P 343 39.10 12.30 16.04
CA PHE P 343 38.96 12.80 14.67
C PHE P 343 38.33 14.19 14.70
N MET P 344 38.77 15.04 13.77
CA MET P 344 38.24 16.39 13.66
C MET P 344 38.53 16.92 12.27
N TYR P 345 37.50 17.48 11.62
CA TYR P 345 37.65 18.05 10.29
C TYR P 345 38.08 19.51 10.41
N GLU P 346 39.22 19.84 9.81
CA GLU P 346 39.70 21.21 9.76
C GLU P 346 40.21 21.51 8.36
N GLY P 347 40.03 22.75 7.93
CA GLY P 347 40.39 23.12 6.58
C GLY P 347 39.61 22.32 5.56
N ASN P 348 40.28 21.38 4.90
CA ASN P 348 39.62 20.43 4.01
C ASN P 348 40.12 19.01 4.27
N GLN P 349 40.60 18.75 5.48
CA GLN P 349 41.16 17.44 5.82
C GLN P 349 40.64 17.00 7.19
N ILE P 350 40.55 15.68 7.36
CA ILE P 350 40.19 15.08 8.64
C ILE P 350 41.48 14.69 9.34
N THR P 351 41.69 15.21 10.54
CA THR P 351 42.91 15.04 11.31
C THR P 351 42.61 14.23 12.56
N CYS P 352 43.54 13.37 12.95
CA CYS P 352 43.33 12.48 14.08
C CYS P 352 44.59 12.43 14.94
N GLY P 353 44.39 12.03 16.20
CA GLY P 353 45.49 11.71 17.09
C GLY P 353 45.86 10.25 17.04
N ASP P 354 46.70 9.84 17.98
CA ASP P 354 47.15 8.46 18.03
C ASP P 354 47.02 7.94 19.46
N LYS P 355 46.73 6.64 19.57
CA LYS P 355 46.55 5.99 20.87
C LYS P 355 47.85 5.43 21.43
N SER P 356 48.90 5.31 20.62
CA SER P 356 50.14 4.67 21.06
C SER P 356 51.40 5.45 20.74
N GLU P 357 51.35 6.45 19.86
CA GLU P 357 52.53 7.21 19.48
C GLU P 357 52.23 8.70 19.58
N ALA P 358 53.31 9.47 19.72
CA ALA P 358 53.22 10.93 19.84
C ALA P 358 53.18 11.58 18.45
N VAL P 359 52.15 11.21 17.70
CA VAL P 359 52.00 11.64 16.31
C VAL P 359 50.56 12.05 16.04
N VAL P 360 50.36 12.65 14.88
CA VAL P 360 49.06 13.08 14.40
C VAL P 360 48.96 12.69 12.92
N GLY P 361 47.77 12.27 12.49
CA GLY P 361 47.53 11.91 11.11
C GLY P 361 46.60 12.89 10.41
N GLN P 362 46.37 12.62 9.11
CA GLN P 362 45.47 13.46 8.33
C GLN P 362 44.54 12.67 7.41
N LEU P 363 44.48 11.34 7.54
CA LEU P 363 43.43 10.52 6.95
C LEU P 363 43.36 10.69 5.43
N GLN P 364 44.42 10.23 4.77
CA GLN P 364 44.49 10.25 3.32
C GLN P 364 43.48 9.28 2.71
N PHE P 365 43.00 9.60 1.51
CA PHE P 365 41.88 8.87 0.90
C PHE P 365 42.28 7.99 -0.27
N ASP P 366 43.48 8.15 -0.84
CA ASP P 366 43.92 7.30 -1.93
C ASP P 366 44.83 6.17 -1.46
N ILE P 367 44.89 5.94 -0.15
CA ILE P 367 45.65 4.84 0.43
C ILE P 367 44.75 4.15 1.46
N SER P 368 45.26 3.05 2.00
CA SER P 368 44.58 2.38 3.12
C SER P 368 45.56 1.97 4.21
N SER P 369 46.83 2.35 4.09
CA SER P 369 47.82 2.03 5.12
C SER P 369 47.79 3.08 6.22
N GLN P 370 47.98 2.63 7.46
CA GLN P 370 48.05 3.52 8.60
C GLN P 370 49.53 3.75 8.93
N TYR P 371 50.01 4.97 8.66
CA TYR P 371 51.41 5.33 8.87
C TYR P 371 52.34 4.38 8.12
N ASP P 372 52.05 4.19 6.84
CA ASP P 372 52.83 3.41 5.88
C ASP P 372 52.80 1.91 6.16
N LYS P 373 51.94 1.44 7.05
CA LYS P 373 51.86 0.03 7.40
C LYS P 373 50.64 -0.59 6.72
N GLN P 374 50.85 -1.68 5.98
CA GLN P 374 49.76 -2.31 5.26
C GLN P 374 48.73 -2.87 6.21
N GLN P 375 47.45 -2.71 5.86
CA GLN P 375 46.35 -3.05 6.73
C GLN P 375 45.53 -4.20 6.16
N GLU P 376 44.71 -4.79 7.03
CA GLU P 376 43.92 -5.97 6.71
C GLU P 376 42.44 -5.63 6.67
N HIS P 377 41.74 -6.21 5.69
CA HIS P 377 40.33 -5.95 5.45
C HIS P 377 39.59 -7.28 5.30
N LEU P 378 38.39 -7.36 5.87
CA LEU P 378 37.60 -8.58 5.89
C LEU P 378 36.20 -8.29 5.37
N LEU P 379 35.64 -9.26 4.64
CA LEU P 379 34.28 -9.12 4.11
C LEU P 379 33.64 -10.50 4.08
N PHE P 380 32.85 -10.80 5.10
CA PHE P 380 32.21 -12.10 5.23
C PHE P 380 30.85 -12.12 4.54
N THR P 381 30.42 -13.32 4.14
CA THR P 381 29.09 -13.53 3.63
C THR P 381 28.27 -14.36 4.61
N PRO P 382 26.95 -14.15 4.68
CA PRO P 382 26.13 -14.95 5.60
C PRO P 382 26.09 -16.40 5.20
N LEU P 383 25.93 -17.27 6.20
CA LEU P 383 25.74 -18.69 5.95
C LEU P 383 24.41 -18.94 5.25
N PHE P 384 24.39 -19.92 4.35
CA PHE P 384 23.15 -20.31 3.71
C PHE P 384 23.18 -21.81 3.43
N LYS P 385 21.99 -22.40 3.39
CA LYS P 385 21.83 -23.84 3.23
C LYS P 385 21.71 -24.17 1.75
N ALA P 386 22.70 -24.90 1.22
CA ALA P 386 22.78 -25.19 -0.20
C ALA P 386 23.18 -26.67 -0.41
N ASP P 387 22.45 -27.57 0.25
CA ASP P 387 22.75 -29.00 0.17
C ASP P 387 22.87 -29.47 -1.28
N ASN P 388 24.02 -30.07 -1.61
CA ASN P 388 24.29 -30.61 -2.94
C ASN P 388 24.18 -29.54 -4.02
N ALA P 389 24.75 -28.36 -3.77
CA ALA P 389 24.62 -27.25 -4.71
C ALA P 389 25.73 -27.23 -5.76
N ARG P 390 26.98 -27.48 -5.36
CA ARG P 390 28.11 -27.57 -6.29
C ARG P 390 28.29 -26.26 -7.06
N CYS P 391 28.66 -25.22 -6.31
CA CYS P 391 28.75 -23.86 -6.81
C CYS P 391 29.95 -23.66 -7.73
N PHE P 392 29.85 -22.65 -8.59
CA PHE P 392 30.90 -22.26 -9.53
C PHE P 392 30.95 -20.75 -9.65
N ASP P 393 32.04 -20.26 -10.25
CA ASP P 393 32.16 -18.88 -10.72
C ASP P 393 31.92 -17.87 -9.60
N LEU P 394 32.83 -17.86 -8.63
CA LEU P 394 32.81 -16.85 -7.57
C LEU P 394 33.37 -15.55 -8.16
N GLU P 395 32.48 -14.60 -8.44
CA GLU P 395 32.83 -13.32 -9.03
C GLU P 395 32.62 -12.20 -8.04
N VAL P 396 33.50 -11.22 -8.06
CA VAL P 396 33.34 -9.99 -7.31
C VAL P 396 33.77 -8.83 -8.20
N GLU P 397 33.16 -7.67 -8.00
CA GLU P 397 33.48 -6.46 -8.74
C GLU P 397 34.38 -5.59 -7.88
N SER P 398 35.56 -5.26 -8.39
CA SER P 398 36.53 -4.45 -7.68
C SER P 398 36.97 -3.28 -8.53
N SER P 399 37.15 -2.13 -7.90
CA SER P 399 37.61 -0.92 -8.57
C SER P 399 39.14 -0.88 -8.47
N THR P 400 39.80 -1.19 -9.57
CA THR P 400 41.25 -1.31 -9.61
C THR P 400 41.89 -0.08 -10.25
N GLY P 401 43.22 -0.02 -10.16
CA GLY P 401 43.97 1.04 -10.82
C GLY P 401 44.85 1.85 -9.91
N VAL P 402 44.35 2.18 -8.72
CA VAL P 402 45.10 2.98 -7.74
C VAL P 402 45.73 1.98 -6.79
N ALA P 403 46.93 1.53 -7.12
CA ALA P 403 47.64 0.56 -6.31
C ALA P 403 49.14 0.70 -6.56
N GLN P 404 49.93 0.31 -5.57
CA GLN P 404 51.37 0.28 -5.71
C GLN P 404 51.90 -1.13 -5.98
N TYR P 405 51.12 -2.16 -5.65
CA TYR P 405 51.48 -3.54 -5.91
C TYR P 405 50.23 -4.28 -6.37
N ALA P 406 50.44 -5.40 -7.08
CA ALA P 406 49.34 -6.27 -7.48
C ALA P 406 48.90 -7.09 -6.27
N ASP P 407 48.33 -6.38 -5.31
CA ASP P 407 47.92 -7.01 -4.05
C ASP P 407 46.78 -7.99 -4.27
N ARG P 408 46.71 -8.98 -3.41
CA ARG P 408 45.87 -10.16 -3.65
C ARG P 408 44.79 -10.27 -2.59
N LEU P 409 44.02 -11.35 -2.73
CA LEU P 409 42.84 -11.66 -1.95
C LEU P 409 42.95 -13.09 -1.46
N PHE P 410 42.74 -13.29 -0.16
CA PHE P 410 42.68 -14.61 0.43
C PHE P 410 41.21 -15.02 0.49
N LEU P 411 40.83 -15.97 -0.36
CA LEU P 411 39.47 -16.46 -0.45
C LEU P 411 39.40 -17.84 0.18
N SER P 412 38.57 -17.98 1.21
CA SER P 412 38.37 -19.25 1.89
C SER P 412 36.89 -19.46 2.10
N ALA P 413 36.53 -20.67 2.51
CA ALA P 413 35.14 -21.04 2.74
C ALA P 413 35.03 -21.81 4.06
N THR P 414 33.92 -21.57 4.77
CA THR P 414 33.59 -22.31 5.97
C THR P 414 32.35 -23.15 5.73
N THR P 415 32.31 -24.34 6.31
CA THR P 415 31.15 -25.22 6.20
C THR P 415 30.49 -25.49 7.54
N ASP P 416 31.05 -24.99 8.64
CA ASP P 416 30.46 -25.14 9.96
C ASP P 416 30.15 -23.81 10.63
N GLY P 417 30.53 -22.69 10.01
CA GLY P 417 30.27 -21.38 10.56
C GLY P 417 31.35 -20.82 11.46
N ILE P 418 32.36 -21.61 11.80
CA ILE P 418 33.40 -21.18 12.73
C ILE P 418 34.76 -21.28 12.06
N ASN P 419 35.14 -22.49 11.64
CA ASN P 419 36.46 -22.74 11.07
C ASN P 419 36.41 -22.57 9.56
N TYR P 420 37.35 -21.81 9.03
CA TYR P 420 37.51 -21.65 7.59
C TYR P 420 38.60 -22.57 7.08
N GLY P 421 38.53 -22.88 5.80
CA GLY P 421 39.38 -23.89 5.18
C GLY P 421 40.50 -23.28 4.36
N ARG P 422 40.73 -23.89 3.20
CA ARG P 422 41.84 -23.49 2.33
C ARG P 422 41.67 -22.06 1.83
N GLU P 423 42.76 -21.30 1.85
CA GLU P 423 42.79 -19.94 1.33
C GLU P 423 43.50 -19.92 -0.02
N GLN P 424 42.83 -19.36 -1.02
CA GLN P 424 43.40 -19.16 -2.33
C GLN P 424 43.70 -17.68 -2.54
N MET P 425 44.87 -17.38 -3.11
CA MET P 425 45.28 -16.01 -3.35
C MET P 425 44.96 -15.64 -4.80
N ILE P 426 44.07 -14.67 -4.96
CA ILE P 426 43.64 -14.20 -6.28
C ILE P 426 43.90 -12.70 -6.35
N GLU P 427 44.54 -12.25 -7.43
CA GLU P 427 44.82 -10.82 -7.57
C GLU P 427 43.51 -10.03 -7.65
N GLN P 428 43.40 -9.02 -6.79
CA GLN P 428 42.21 -8.17 -6.76
C GLN P 428 42.49 -6.73 -7.19
N ASN P 429 43.75 -6.35 -7.37
CA ASN P 429 44.10 -5.01 -7.81
C ASN P 429 45.39 -5.07 -8.61
N GLU P 430 45.59 -4.05 -9.44
CA GLU P 430 46.78 -3.95 -10.26
C GLU P 430 47.07 -2.47 -10.48
N PRO P 431 48.33 -2.05 -10.37
CA PRO P 431 48.65 -0.63 -10.60
C PRO P 431 48.39 -0.23 -12.05
N PHE P 432 47.59 0.83 -12.21
CA PHE P 432 47.30 1.44 -13.51
C PHE P 432 46.56 0.50 -14.44
N VAL P 433 45.81 -0.44 -13.88
CA VAL P 433 44.92 -1.33 -14.63
C VAL P 433 43.51 -1.13 -14.09
N TYR P 434 42.58 -0.77 -14.97
CA TYR P 434 41.22 -0.43 -14.58
C TYR P 434 40.19 -1.43 -15.09
N ASP P 435 40.64 -2.65 -15.44
CA ASP P 435 39.73 -3.68 -15.94
C ASP P 435 40.38 -5.02 -15.60
N LYS P 436 39.92 -5.66 -14.52
CA LYS P 436 40.64 -6.80 -13.98
C LYS P 436 39.82 -8.08 -13.88
N ARG P 437 38.54 -8.01 -13.51
CA ARG P 437 37.69 -9.18 -13.36
C ARG P 437 38.23 -10.16 -12.31
N VAL P 438 38.23 -9.75 -11.04
CA VAL P 438 38.55 -10.68 -9.96
C VAL P 438 37.53 -11.81 -9.94
N LEU P 439 38.03 -13.05 -9.89
CA LEU P 439 37.16 -14.21 -10.10
C LEU P 439 37.89 -15.48 -9.72
N TRP P 440 37.12 -16.47 -9.24
CA TRP P 440 37.61 -17.82 -9.02
C TRP P 440 36.61 -18.79 -9.65
N LYS P 441 37.09 -19.62 -10.58
CA LYS P 441 36.19 -20.42 -11.40
C LYS P 441 35.54 -21.54 -10.61
N ARG P 442 36.34 -22.46 -10.09
CA ARG P 442 35.83 -23.72 -9.53
C ARG P 442 35.85 -23.65 -8.00
N VAL P 443 34.72 -23.26 -7.42
CA VAL P 443 34.49 -23.45 -6.00
C VAL P 443 33.96 -24.86 -5.80
N GLY P 444 34.16 -25.40 -4.60
CA GLY P 444 33.83 -26.78 -4.35
C GLY P 444 32.33 -27.03 -4.29
N ARG P 445 31.99 -28.25 -3.88
CA ARG P 445 30.62 -28.66 -3.68
C ARG P 445 30.18 -28.37 -2.24
N ILE P 446 28.93 -27.97 -2.10
CA ILE P 446 28.35 -27.60 -0.80
C ILE P 446 27.62 -28.81 -0.24
N ARG P 447 28.04 -29.25 0.95
CA ARG P 447 27.41 -30.39 1.59
C ARG P 447 26.13 -29.99 2.32
N ARG P 448 26.27 -29.16 3.37
CA ARG P 448 25.11 -28.58 4.05
C ARG P 448 25.11 -27.06 4.00
N LEU P 449 26.17 -26.42 4.46
CA LEU P 449 26.24 -24.97 4.58
C LEU P 449 27.56 -24.47 4.00
N ILE P 450 27.64 -23.17 3.76
CA ILE P 450 28.82 -22.57 3.16
C ILE P 450 28.82 -21.08 3.44
N GLY P 451 30.02 -20.51 3.56
CA GLY P 451 30.21 -19.08 3.74
C GLY P 451 31.64 -18.70 3.45
N PHE P 452 31.88 -17.45 3.02
CA PHE P 452 33.18 -17.03 2.52
C PHE P 452 33.72 -15.87 3.34
N LYS P 453 35.06 -15.74 3.36
CA LYS P 453 35.75 -14.81 4.25
C LYS P 453 36.29 -13.58 3.53
N LEU P 454 36.96 -13.75 2.39
CA LEU P 454 37.35 -12.65 1.50
C LEU P 454 38.25 -11.63 2.23
N ARG P 455 39.46 -12.09 2.57
CA ARG P 455 40.43 -11.29 3.29
C ARG P 455 41.43 -10.64 2.33
N VAL P 456 41.72 -9.36 2.55
CA VAL P 456 42.66 -8.59 1.73
C VAL P 456 43.68 -7.94 2.66
N ILE P 457 44.90 -7.75 2.16
CA ILE P 457 45.95 -7.02 2.88
C ILE P 457 46.57 -6.03 1.90
N THR P 458 46.42 -4.74 2.17
CA THR P 458 46.73 -3.72 1.18
C THR P 458 47.31 -2.48 1.84
N LYS P 459 48.08 -1.73 1.06
CA LYS P 459 48.40 -0.34 1.33
C LYS P 459 47.57 0.61 0.49
N SER P 460 46.70 0.10 -0.37
CA SER P 460 45.90 0.84 -1.32
C SER P 460 44.41 0.70 -1.00
N PRO P 461 43.58 1.61 -1.49
CA PRO P 461 42.14 1.49 -1.22
C PRO P 461 41.55 0.23 -1.83
N VAL P 462 40.57 -0.32 -1.12
CA VAL P 462 39.87 -1.54 -1.54
C VAL P 462 38.40 -1.19 -1.75
N THR P 463 37.89 -1.49 -2.94
CA THR P 463 36.49 -1.24 -3.29
C THR P 463 35.93 -2.53 -3.86
N LEU P 464 34.98 -3.14 -3.17
CA LEU P 464 34.42 -4.42 -3.56
C LEU P 464 32.90 -4.36 -3.57
N SER P 465 32.29 -4.96 -4.59
CA SER P 465 30.84 -5.00 -4.70
C SER P 465 30.46 -6.16 -5.61
N GLY P 466 29.17 -6.49 -5.57
CA GLY P 466 28.58 -7.45 -6.50
C GLY P 466 29.12 -8.86 -6.41
N CYS P 467 29.23 -9.39 -5.20
CA CYS P 467 29.63 -10.79 -5.03
C CYS P 467 28.53 -11.70 -5.56
N GLN P 468 28.92 -12.67 -6.39
CA GLN P 468 27.94 -13.55 -7.01
C GLN P 468 28.58 -14.92 -7.25
N ILE P 469 27.73 -15.94 -7.29
CA ILE P 469 28.14 -17.31 -7.54
C ILE P 469 27.19 -17.93 -8.55
N ARG P 470 27.65 -19.00 -9.18
CA ARG P 470 26.80 -19.83 -10.05
C ARG P 470 26.59 -21.16 -9.34
N LEU P 471 25.32 -21.50 -9.10
CA LEU P 471 24.97 -22.67 -8.30
C LEU P 471 24.58 -23.89 -9.12
N GLU P 472 24.38 -23.73 -10.43
CA GLU P 472 23.98 -24.83 -11.30
C GLU P 472 22.71 -25.53 -10.79
N THR Q 5 50.11 14.35 -17.26
CA THR Q 5 51.37 14.81 -16.66
C THR Q 5 52.53 14.53 -17.61
N ALA Q 6 52.46 15.11 -18.79
CA ALA Q 6 53.47 14.87 -19.83
C ALA Q 6 53.28 15.89 -20.94
N ASN Q 7 54.34 16.11 -21.72
CA ASN Q 7 54.35 17.18 -22.71
C ASN Q 7 54.97 16.73 -24.03
N VAL Q 8 54.78 15.46 -24.38
CA VAL Q 8 55.19 14.96 -25.70
C VAL Q 8 54.50 13.63 -25.93
N VAL Q 9 54.07 13.40 -27.17
CA VAL Q 9 53.40 12.18 -27.57
C VAL Q 9 54.45 11.12 -27.90
N VAL Q 10 54.15 9.87 -27.54
CA VAL Q 10 55.04 8.76 -27.88
C VAL Q 10 54.93 8.50 -29.37
N SER Q 11 55.98 8.83 -30.11
CA SER Q 11 56.02 8.67 -31.56
C SER Q 11 57.02 7.58 -31.93
N ASN Q 12 57.21 7.38 -33.22
CA ASN Q 12 58.20 6.44 -33.72
C ASN Q 12 59.38 7.21 -34.27
N PRO Q 13 60.52 7.24 -33.59
CA PRO Q 13 61.62 8.12 -34.02
C PRO Q 13 62.38 7.60 -35.23
N ARG Q 14 62.42 6.28 -35.41
CA ARG Q 14 63.20 5.70 -36.49
C ARG Q 14 62.57 6.00 -37.83
N PRO Q 15 63.28 6.63 -38.77
CA PRO Q 15 62.68 6.99 -40.05
C PRO Q 15 62.35 5.77 -40.89
N ILE Q 16 61.29 5.90 -41.69
CA ILE Q 16 60.88 4.88 -42.64
C ILE Q 16 60.57 5.55 -43.97
N PHE Q 17 61.07 4.98 -45.05
CA PHE Q 17 60.97 5.56 -46.39
C PHE Q 17 60.08 4.67 -47.25
N THR Q 18 58.95 5.22 -47.67
CA THR Q 18 58.00 4.53 -48.53
C THR Q 18 57.91 5.26 -49.87
N GLU Q 19 57.26 4.61 -50.83
CA GLU Q 19 57.11 5.20 -52.15
C GLU Q 19 56.14 6.37 -52.11
N SER Q 20 56.42 7.38 -52.93
CA SER Q 20 55.64 8.62 -52.93
C SER Q 20 54.30 8.49 -53.62
N ARG Q 21 54.12 7.47 -54.47
CA ARG Q 21 52.89 7.32 -55.23
C ARG Q 21 52.07 6.10 -54.83
N SER Q 22 52.67 5.12 -54.17
CA SER Q 22 51.95 3.92 -53.74
C SER Q 22 52.35 3.60 -52.30
N PHE Q 23 51.45 2.92 -51.59
CA PHE Q 23 51.70 2.55 -50.19
C PHE Q 23 52.52 1.27 -50.16
N LYS Q 24 53.83 1.44 -50.35
CA LYS Q 24 54.78 0.35 -50.17
C LYS Q 24 56.14 0.97 -49.89
N ALA Q 25 56.97 0.20 -49.19
CA ALA Q 25 58.29 0.70 -48.82
C ALA Q 25 59.21 0.76 -50.02
N VAL Q 26 60.25 1.58 -49.91
CA VAL Q 26 61.29 1.62 -50.92
C VAL Q 26 62.25 0.48 -50.59
N ALA Q 27 61.94 -0.72 -51.07
CA ALA Q 27 62.71 -1.89 -50.73
C ALA Q 27 63.98 -1.95 -51.56
N ASN Q 28 65.12 -2.10 -50.88
CA ASN Q 28 66.43 -2.16 -51.53
C ASN Q 28 66.69 -0.90 -52.36
N GLY Q 29 66.22 0.24 -51.86
CA GLY Q 29 66.47 1.52 -52.49
C GLY Q 29 67.75 2.15 -51.99
N LYS Q 30 68.00 3.38 -52.45
CA LYS Q 30 69.21 4.11 -52.10
C LYS Q 30 68.86 5.53 -51.69
N ILE Q 31 69.67 6.07 -50.78
CA ILE Q 31 69.56 7.45 -50.34
C ILE Q 31 70.91 8.12 -50.53
N TYR Q 32 70.92 9.22 -51.26
CA TYR Q 32 72.13 10.00 -51.51
C TYR Q 32 72.04 11.31 -50.74
N ILE Q 33 73.07 11.57 -49.94
CA ILE Q 33 73.16 12.77 -49.10
C ILE Q 33 74.27 13.65 -49.64
N GLY Q 34 73.95 14.90 -49.91
CA GLY Q 34 74.91 15.81 -50.51
C GLY Q 34 74.80 17.25 -50.05
N GLN Q 35 75.41 18.17 -50.78
CA GLN Q 35 75.39 19.57 -50.40
C GLN Q 35 74.00 20.17 -50.61
N ILE Q 36 73.75 21.29 -49.93
CA ILE Q 36 72.45 21.94 -49.99
C ILE Q 36 72.19 22.50 -51.37
N ASP Q 37 70.98 22.27 -51.89
CA ASP Q 37 70.53 22.79 -53.18
C ASP Q 37 71.38 22.27 -54.34
N THR Q 38 71.83 21.02 -54.24
CA THR Q 38 72.58 20.40 -55.33
C THR Q 38 71.97 19.04 -55.69
N ASP Q 39 72.65 18.29 -56.55
CA ASP Q 39 72.23 16.93 -56.87
C ASP Q 39 73.14 15.98 -56.11
N PRO Q 40 72.65 15.30 -55.06
CA PRO Q 40 73.54 14.50 -54.22
C PRO Q 40 74.00 13.19 -54.83
N VAL Q 41 73.44 12.78 -55.98
CA VAL Q 41 73.89 11.54 -56.61
C VAL Q 41 75.33 11.67 -57.08
N ASN Q 42 75.71 12.85 -57.54
CA ASN Q 42 77.08 13.09 -57.98
C ASN Q 42 78.03 12.96 -56.80
N PRO Q 43 79.06 12.10 -56.87
CA PRO Q 43 79.98 11.97 -55.73
C PRO Q 43 80.72 13.24 -55.38
N ALA Q 44 80.86 14.18 -56.32
CA ALA Q 44 81.46 15.46 -55.99
C ALA Q 44 80.60 16.23 -55.00
N ASN Q 45 79.27 16.15 -55.15
CA ASN Q 45 78.36 16.85 -54.26
C ASN Q 45 78.08 16.09 -52.97
N GLN Q 46 78.55 14.86 -52.83
CA GLN Q 46 78.27 14.09 -51.63
C GLN Q 46 79.08 14.61 -50.44
N ILE Q 47 78.56 14.37 -49.25
CA ILE Q 47 79.20 14.80 -48.01
C ILE Q 47 79.34 13.58 -47.10
N PRO Q 48 80.30 13.61 -46.17
CA PRO Q 48 80.49 12.46 -45.28
C PRO Q 48 79.24 12.16 -44.46
N VAL Q 49 78.97 10.87 -44.29
CA VAL Q 49 77.83 10.39 -43.50
C VAL Q 49 78.37 9.39 -42.47
N TYR Q 50 77.86 9.51 -41.24
CA TYR Q 50 78.29 8.66 -40.15
C TYR Q 50 77.09 7.91 -39.59
N ILE Q 51 77.36 6.76 -38.98
CA ILE Q 51 76.37 6.04 -38.19
C ILE Q 51 76.67 6.32 -36.72
N GLU Q 52 75.64 6.68 -35.98
CA GLU Q 52 75.74 6.97 -34.56
C GLU Q 52 75.16 5.79 -33.76
N ASN Q 53 75.98 5.23 -32.87
CA ASN Q 53 75.60 4.03 -32.14
C ASN Q 53 74.81 4.39 -30.89
N GLU Q 54 74.47 3.36 -30.11
CA GLU Q 54 73.70 3.58 -28.88
C GLU Q 54 74.50 4.40 -27.88
N ASP Q 55 75.80 4.12 -27.74
CA ASP Q 55 76.64 4.90 -26.84
C ASP Q 55 76.77 6.35 -27.32
N GLY Q 56 76.95 6.54 -28.63
CA GLY Q 56 77.10 7.86 -29.18
C GLY Q 56 78.31 7.99 -30.08
N SER Q 57 79.00 6.88 -30.32
CA SER Q 57 80.15 6.87 -31.21
C SER Q 57 79.72 6.99 -32.66
N HIS Q 58 80.60 7.54 -33.48
CA HIS Q 58 80.33 7.79 -34.90
C HIS Q 58 81.28 6.97 -35.75
N VAL Q 59 80.73 6.31 -36.77
CA VAL Q 59 81.51 5.52 -37.72
C VAL Q 59 81.17 6.02 -39.11
N GLN Q 60 82.14 6.59 -39.81
CA GLN Q 60 81.90 7.06 -41.17
C GLN Q 60 81.68 5.89 -42.12
N ILE Q 61 80.70 6.02 -43.01
CA ILE Q 61 80.34 4.95 -43.94
C ILE Q 61 80.28 5.53 -45.35
N THR Q 62 80.22 4.62 -46.32
CA THR Q 62 80.08 5.01 -47.71
C THR Q 62 78.73 5.68 -47.94
N GLN Q 63 78.70 6.61 -48.90
CA GLN Q 63 77.53 7.48 -49.04
C GLN Q 63 76.24 6.74 -49.35
N PRO Q 64 76.15 5.84 -50.35
CA PRO Q 64 74.85 5.23 -50.65
C PRO Q 64 74.28 4.47 -49.46
N LEU Q 65 73.19 4.98 -48.90
CA LEU Q 65 72.56 4.36 -47.76
C LEU Q 65 71.59 3.27 -48.23
N ILE Q 66 71.76 2.08 -47.70
CA ILE Q 66 70.96 0.93 -48.13
C ILE Q 66 69.65 0.93 -47.37
N ILE Q 67 68.54 0.93 -48.09
CA ILE Q 67 67.22 0.73 -47.52
C ILE Q 67 66.87 -0.74 -47.63
N ASN Q 68 66.22 -1.28 -46.61
CA ASN Q 68 65.89 -2.69 -46.60
C ASN Q 68 64.42 -2.89 -46.98
N ALA Q 69 63.95 -4.14 -46.89
CA ALA Q 69 62.56 -4.44 -47.24
C ALA Q 69 61.57 -3.77 -46.32
N ALA Q 70 61.98 -3.36 -45.13
CA ALA Q 70 61.14 -2.64 -44.19
C ALA Q 70 61.12 -1.14 -44.44
N GLY Q 71 61.88 -0.66 -45.42
CA GLY Q 71 61.98 0.77 -45.65
C GLY Q 71 62.82 1.51 -44.64
N LYS Q 72 63.89 0.89 -44.14
CA LYS Q 72 64.73 1.47 -43.11
C LYS Q 72 66.19 1.38 -43.50
N ILE Q 73 67.00 2.25 -42.93
CA ILE Q 73 68.43 2.29 -43.22
C ILE Q 73 69.13 1.18 -42.43
N VAL Q 74 69.92 0.37 -43.14
CA VAL Q 74 70.68 -0.72 -42.54
C VAL Q 74 72.08 -0.72 -43.13
N TYR Q 75 73.10 -0.81 -42.27
CA TYR Q 75 74.46 -0.88 -42.79
C TYR Q 75 75.01 -2.30 -42.80
N ASN Q 76 75.18 -2.90 -41.62
CA ASN Q 76 75.58 -4.30 -41.53
C ASN Q 76 74.38 -5.18 -41.18
N GLY Q 77 73.39 -5.17 -42.05
CA GLY Q 77 72.17 -5.91 -41.78
C GLY Q 77 71.47 -5.52 -40.49
N GLN Q 78 71.78 -4.35 -39.95
CA GLN Q 78 71.20 -3.87 -38.71
C GLN Q 78 70.78 -2.41 -38.87
N LEU Q 79 69.69 -2.04 -38.21
CA LEU Q 79 69.20 -0.67 -38.28
C LEU Q 79 70.24 0.29 -37.69
N VAL Q 80 70.54 1.35 -38.43
CA VAL Q 80 71.52 2.34 -38.01
C VAL Q 80 70.91 3.73 -38.15
N LYS Q 81 71.42 4.66 -37.33
CA LYS Q 81 71.03 6.06 -37.40
C LYS Q 81 72.13 6.85 -38.10
N ILE Q 82 71.74 7.58 -39.15
CA ILE Q 82 72.69 8.31 -39.99
C ILE Q 82 72.71 9.77 -39.56
N VAL Q 83 73.92 10.31 -39.41
CA VAL Q 83 74.12 11.69 -39.01
C VAL Q 83 75.12 12.34 -39.95
N THR Q 84 75.01 13.67 -40.05
CA THR Q 84 75.94 14.50 -40.79
C THR Q 84 76.26 15.73 -39.96
N VAL Q 85 77.34 16.42 -40.34
CA VAL Q 85 77.75 17.63 -39.62
C VAL Q 85 77.07 18.87 -40.18
N GLN Q 86 77.04 19.00 -41.50
CA GLN Q 86 76.48 20.17 -42.16
C GLN Q 86 75.11 19.85 -42.74
N GLY Q 87 74.33 20.91 -42.98
CA GLY Q 87 73.07 20.74 -43.67
C GLY Q 87 73.27 20.15 -45.05
N HIS Q 88 72.30 19.34 -45.47
CA HIS Q 88 72.49 18.51 -46.65
C HIS Q 88 71.22 18.49 -47.48
N SER Q 89 71.31 17.89 -48.66
CA SER Q 89 70.18 17.55 -49.49
C SER Q 89 70.09 16.03 -49.60
N MET Q 90 68.86 15.52 -49.70
CA MET Q 90 68.62 14.08 -49.67
C MET Q 90 67.80 13.67 -50.87
N ALA Q 91 68.30 12.71 -51.64
CA ALA Q 91 67.59 12.15 -52.77
C ALA Q 91 67.39 10.66 -52.56
N ILE Q 92 66.14 10.21 -52.60
CA ILE Q 92 65.79 8.81 -52.42
C ILE Q 92 65.39 8.24 -53.78
N TYR Q 93 66.09 7.20 -54.20
CA TYR Q 93 65.78 6.44 -55.41
C TYR Q 93 65.37 5.02 -55.03
N ASP Q 94 64.50 4.42 -55.85
CA ASP Q 94 64.04 3.07 -55.60
C ASP Q 94 65.06 2.06 -56.13
N ALA Q 95 64.75 0.77 -55.95
CA ALA Q 95 65.65 -0.28 -56.39
C ALA Q 95 65.81 -0.31 -57.91
N ASN Q 96 64.83 0.18 -58.65
CA ASN Q 96 64.90 0.22 -60.11
C ASN Q 96 65.60 1.46 -60.63
N GLY Q 97 66.09 2.33 -59.76
CA GLY Q 97 66.80 3.52 -60.16
C GLY Q 97 65.95 4.76 -60.36
N SER Q 98 64.63 4.62 -60.35
CA SER Q 98 63.76 5.78 -60.47
C SER Q 98 63.79 6.60 -59.18
N GLN Q 99 63.85 7.93 -59.33
CA GLN Q 99 63.89 8.79 -58.17
C GLN Q 99 62.54 8.78 -57.46
N VAL Q 100 62.57 8.52 -56.16
CA VAL Q 100 61.35 8.49 -55.35
C VAL Q 100 61.06 9.86 -54.74
N ASP Q 101 62.09 10.50 -54.20
CA ASP Q 101 61.90 11.79 -53.54
C ASP Q 101 63.18 12.60 -53.61
N TYR Q 102 63.04 13.92 -53.47
CA TYR Q 102 64.19 14.80 -53.43
C TYR Q 102 63.87 16.00 -52.54
N ILE Q 103 64.78 16.29 -51.60
CA ILE Q 103 64.70 17.46 -50.75
C ILE Q 103 66.03 18.21 -50.87
N ALA Q 104 65.97 19.47 -51.27
CA ALA Q 104 67.18 20.26 -51.47
C ALA Q 104 67.70 20.88 -50.19
N ASN Q 105 66.88 20.97 -49.15
CA ASN Q 105 67.31 21.54 -47.87
C ASN Q 105 66.41 20.95 -46.79
N VAL Q 106 66.94 19.96 -46.07
CA VAL Q 106 66.12 19.23 -45.11
C VAL Q 106 65.71 20.11 -43.94
N LEU Q 107 66.61 21.00 -43.50
CA LEU Q 107 66.33 21.92 -42.41
C LEU Q 107 66.18 23.37 -42.89
N LYS Q 108 66.32 23.61 -44.19
CA LYS Q 108 66.26 24.94 -44.79
C LYS Q 108 67.31 25.89 -44.22
N TYR Q 109 68.39 25.34 -43.67
CA TYR Q 109 69.54 26.11 -43.23
C TYR Q 109 70.68 25.15 -42.96
N ASP Q 110 71.89 25.70 -42.88
CA ASP Q 110 73.08 24.89 -42.65
C ASP Q 110 73.52 25.06 -41.20
N PRO Q 111 73.30 24.08 -40.33
CA PRO Q 111 73.74 24.23 -38.93
C PRO Q 111 75.24 24.39 -38.79
N ASP Q 112 76.03 23.85 -39.71
CA ASP Q 112 77.48 23.96 -39.60
C ASP Q 112 77.94 25.40 -39.75
N GLN Q 113 77.49 26.08 -40.80
CA GLN Q 113 77.90 27.47 -41.02
C GLN Q 113 77.15 28.42 -40.10
N TYR Q 114 75.87 28.15 -39.84
CA TYR Q 114 75.13 28.99 -38.90
C TYR Q 114 75.66 28.87 -37.49
N SER Q 115 76.30 27.75 -37.14
CA SER Q 115 76.96 27.65 -35.84
C SER Q 115 78.08 28.68 -35.73
N ILE Q 116 78.90 28.79 -36.76
CA ILE Q 116 79.96 29.80 -36.78
C ILE Q 116 79.35 31.20 -36.74
N GLU Q 117 78.30 31.42 -37.52
CA GLU Q 117 77.67 32.74 -37.55
C GLU Q 117 77.11 33.13 -36.19
N ALA Q 118 76.42 32.21 -35.51
CA ALA Q 118 75.79 32.49 -34.24
C ALA Q 118 76.79 32.55 -33.09
N ASP Q 119 77.92 31.86 -33.22
CA ASP Q 119 78.95 31.95 -32.19
C ASP Q 119 79.51 33.36 -32.06
N LYS Q 120 79.49 34.14 -33.15
CA LYS Q 120 79.93 35.52 -33.14
C LYS Q 120 78.81 36.54 -33.03
N LYS Q 121 77.63 36.26 -33.59
CA LYS Q 121 76.55 37.24 -33.57
C LYS Q 121 75.65 37.12 -32.35
N PHE Q 122 75.81 36.09 -31.54
CA PHE Q 122 75.01 35.95 -30.33
C PHE Q 122 75.90 35.96 -29.08
N THR R 5 53.22 33.24 -37.68
CA THR R 5 54.17 32.17 -38.01
C THR R 5 53.49 30.80 -38.04
N ALA R 6 53.76 30.05 -39.09
CA ALA R 6 53.20 28.69 -39.25
C ALA R 6 54.22 27.67 -38.75
N ASN R 7 54.36 27.63 -37.43
CA ASN R 7 55.34 26.78 -36.77
C ASN R 7 54.82 25.39 -36.44
N VAL R 8 53.56 25.12 -36.72
CA VAL R 8 52.95 23.81 -36.47
C VAL R 8 52.76 23.13 -37.81
N VAL R 9 53.29 21.91 -37.95
CA VAL R 9 53.26 21.16 -39.19
C VAL R 9 52.14 20.12 -39.10
N VAL R 10 51.37 20.01 -40.18
CA VAL R 10 50.30 19.01 -40.25
C VAL R 10 50.98 17.65 -40.46
N SER R 11 51.13 16.90 -39.38
CA SER R 11 51.76 15.60 -39.39
C SER R 11 50.72 14.53 -39.06
N ASN R 12 51.18 13.28 -39.00
CA ASN R 12 50.28 12.16 -38.77
C ASN R 12 50.23 11.84 -37.28
N PRO R 13 49.08 12.00 -36.63
CA PRO R 13 48.92 11.50 -35.26
C PRO R 13 48.75 9.99 -35.28
N ARG R 14 48.66 9.41 -34.08
CA ARG R 14 48.57 7.96 -33.96
C ARG R 14 49.78 7.31 -34.63
N PRO R 15 50.97 7.42 -34.03
CA PRO R 15 52.19 6.95 -34.71
C PRO R 15 52.13 5.47 -35.04
N ILE R 16 52.83 5.11 -36.11
CA ILE R 16 52.81 3.78 -36.68
C ILE R 16 54.12 3.08 -36.36
N PHE R 17 54.05 1.85 -35.88
CA PHE R 17 55.22 1.05 -35.56
C PHE R 17 55.28 -0.14 -36.51
N THR R 18 56.41 -0.26 -37.21
CA THR R 18 56.56 -1.20 -38.31
C THR R 18 57.65 -2.22 -37.97
N GLU R 19 57.51 -3.42 -38.53
CA GLU R 19 58.54 -4.44 -38.36
C GLU R 19 59.84 -4.01 -39.02
N SER R 20 60.95 -4.43 -38.44
CA SER R 20 62.27 -3.97 -38.85
C SER R 20 62.85 -4.73 -40.04
N ARG R 21 62.22 -5.83 -40.47
CA ARG R 21 62.72 -6.60 -41.59
C ARG R 21 61.72 -6.71 -42.73
N SER R 22 60.52 -6.17 -42.59
CA SER R 22 59.51 -6.22 -43.65
C SER R 22 58.57 -5.05 -43.48
N PHE R 23 57.80 -4.78 -44.54
CA PHE R 23 56.80 -3.72 -44.52
C PHE R 23 55.52 -4.29 -43.91
N LYS R 24 55.54 -4.43 -42.59
CA LYS R 24 54.43 -4.98 -41.84
C LYS R 24 54.39 -4.34 -40.47
N ALA R 25 53.18 -4.12 -39.97
CA ALA R 25 53.01 -3.58 -38.64
C ALA R 25 53.34 -4.61 -37.57
N VAL R 26 53.72 -4.13 -36.40
CA VAL R 26 54.03 -5.02 -35.27
C VAL R 26 52.71 -5.26 -34.55
N ALA R 27 51.95 -6.22 -35.07
CA ALA R 27 50.64 -6.54 -34.52
C ALA R 27 50.82 -7.30 -33.21
N ASN R 28 50.07 -6.88 -32.19
CA ASN R 28 50.18 -7.45 -30.83
C ASN R 28 51.58 -7.29 -30.26
N GLY R 29 52.29 -6.23 -30.69
CA GLY R 29 53.60 -5.96 -30.16
C GLY R 29 53.55 -5.13 -28.89
N LYS R 30 54.64 -5.19 -28.13
CA LYS R 30 54.75 -4.52 -26.84
C LYS R 30 55.77 -3.39 -26.91
N ILE R 31 55.47 -2.30 -26.23
CA ILE R 31 56.36 -1.14 -26.19
C ILE R 31 56.60 -0.77 -24.73
N TYR R 32 57.88 -0.58 -24.39
CA TYR R 32 58.30 -0.16 -23.06
C TYR R 32 59.00 1.18 -23.15
N ILE R 33 58.57 2.13 -22.32
CA ILE R 33 59.16 3.47 -22.25
C ILE R 33 59.81 3.62 -20.88
N GLY R 34 61.07 4.03 -20.86
CA GLY R 34 61.79 4.20 -19.61
C GLY R 34 62.77 5.35 -19.62
N GLN R 35 63.68 5.37 -18.66
CA GLN R 35 64.70 6.40 -18.59
C GLN R 35 65.64 6.30 -19.80
N ILE R 36 66.33 7.40 -20.09
CA ILE R 36 67.24 7.42 -21.23
C ILE R 36 68.43 6.51 -20.95
N ASP R 37 68.92 5.86 -22.01
CA ASP R 37 70.12 5.02 -21.96
C ASP R 37 70.00 3.94 -20.88
N THR R 38 68.92 3.17 -20.97
CA THR R 38 68.68 2.06 -20.06
C THR R 38 67.72 1.09 -20.74
N ASP R 39 67.51 -0.06 -20.10
CA ASP R 39 66.61 -1.07 -20.63
C ASP R 39 65.22 -0.84 -20.07
N PRO R 40 64.24 -0.41 -20.88
CA PRO R 40 62.90 -0.15 -20.35
C PRO R 40 62.10 -1.41 -20.05
N VAL R 41 62.61 -2.59 -20.38
CA VAL R 41 61.88 -3.82 -20.09
C VAL R 41 61.86 -4.08 -18.59
N ASN R 42 62.96 -3.82 -17.91
CA ASN R 42 63.03 -3.99 -16.46
C ASN R 42 62.19 -2.91 -15.79
N PRO R 43 61.19 -3.27 -14.97
CA PRO R 43 60.26 -2.26 -14.45
C PRO R 43 60.88 -1.25 -13.51
N ALA R 44 62.12 -1.45 -13.06
CA ALA R 44 62.79 -0.45 -12.24
C ALA R 44 63.23 0.76 -13.05
N ASN R 45 63.38 0.60 -14.37
CA ASN R 45 63.77 1.69 -15.25
C ASN R 45 62.59 2.33 -15.97
N GLN R 46 61.38 1.83 -15.76
CA GLN R 46 60.21 2.34 -16.47
C GLN R 46 59.76 3.68 -15.89
N ILE R 47 59.12 4.47 -16.74
CA ILE R 47 58.63 5.79 -16.36
C ILE R 47 57.14 5.85 -16.69
N PRO R 48 56.39 6.72 -16.03
CA PRO R 48 54.94 6.80 -16.28
C PRO R 48 54.61 7.14 -17.73
N VAL R 49 53.53 6.54 -18.23
CA VAL R 49 52.95 6.87 -19.52
C VAL R 49 51.46 7.13 -19.30
N TYR R 50 50.93 8.16 -19.96
CA TYR R 50 49.58 8.62 -19.69
C TYR R 50 48.74 8.59 -20.97
N ILE R 51 47.52 8.08 -20.84
CA ILE R 51 46.50 8.30 -21.86
C ILE R 51 45.97 9.72 -21.71
N GLU R 52 45.96 10.46 -22.82
CA GLU R 52 45.39 11.81 -22.86
C GLU R 52 43.99 11.71 -23.45
N ASN R 53 43.00 12.17 -22.70
CA ASN R 53 41.60 12.02 -23.06
C ASN R 53 41.07 13.31 -23.67
N GLU R 54 39.83 13.22 -24.19
CA GLU R 54 39.21 14.39 -24.81
C GLU R 54 38.99 15.51 -23.81
N ASP R 55 38.53 15.16 -22.60
CA ASP R 55 38.29 16.16 -21.57
C ASP R 55 39.57 16.81 -21.05
N GLY R 56 40.73 16.25 -21.38
CA GLY R 56 42.00 16.82 -20.98
C GLY R 56 42.69 16.10 -19.84
N SER R 57 42.01 15.16 -19.18
CA SER R 57 42.62 14.42 -18.08
C SER R 57 43.70 13.49 -18.61
N HIS R 58 44.75 13.33 -17.81
CA HIS R 58 45.84 12.41 -18.12
C HIS R 58 45.78 11.25 -17.13
N VAL R 59 45.60 10.05 -17.65
CA VAL R 59 45.40 8.86 -16.83
C VAL R 59 46.59 7.93 -17.04
N GLN R 60 47.37 7.70 -15.99
CA GLN R 60 48.52 6.82 -16.11
C GLN R 60 48.06 5.39 -16.40
N ILE R 61 48.76 4.75 -17.33
CA ILE R 61 48.35 3.45 -17.83
C ILE R 61 49.48 2.45 -17.61
N THR R 62 49.13 1.16 -17.67
CA THR R 62 50.13 0.12 -17.49
C THR R 62 51.20 0.24 -18.59
N GLN R 63 52.45 -0.05 -18.20
CA GLN R 63 53.59 0.36 -19.02
C GLN R 63 53.63 -0.31 -20.38
N PRO R 64 53.54 -1.65 -20.50
CA PRO R 64 53.65 -2.26 -21.83
C PRO R 64 52.49 -1.83 -22.71
N LEU R 65 52.80 -1.00 -23.72
CA LEU R 65 51.79 -0.54 -24.65
C LEU R 65 51.61 -1.56 -25.76
N ILE R 66 50.36 -1.80 -26.14
CA ILE R 66 50.00 -2.83 -27.11
C ILE R 66 49.80 -2.18 -28.46
N ILE R 67 50.38 -2.78 -29.50
CA ILE R 67 50.28 -2.29 -30.87
C ILE R 67 49.27 -3.15 -31.62
N ASN R 68 48.39 -2.50 -32.37
CA ASN R 68 47.33 -3.19 -33.09
C ASN R 68 47.81 -3.57 -34.50
N ALA R 69 46.87 -4.04 -35.33
CA ALA R 69 47.22 -4.50 -36.68
C ALA R 69 47.64 -3.37 -37.59
N ALA R 70 47.25 -2.13 -37.29
CA ALA R 70 47.65 -0.98 -38.09
C ALA R 70 48.98 -0.38 -37.66
N GLY R 71 49.59 -0.91 -36.61
CA GLY R 71 50.84 -0.37 -36.11
C GLY R 71 50.69 0.75 -35.11
N LYS R 72 49.51 0.92 -34.53
CA LYS R 72 49.21 2.03 -33.65
C LYS R 72 48.91 1.54 -32.25
N ILE R 73 49.22 2.37 -31.25
CA ILE R 73 49.04 2.01 -29.85
C ILE R 73 47.55 2.00 -29.51
N VAL R 74 47.09 0.94 -28.88
CA VAL R 74 45.70 0.80 -28.46
C VAL R 74 45.67 0.49 -26.97
N TYR R 75 44.53 0.77 -26.34
CA TYR R 75 44.33 0.49 -24.93
C TYR R 75 43.43 -0.73 -24.71
N ASN R 76 42.22 -0.70 -25.26
CA ASN R 76 41.30 -1.83 -25.18
C ASN R 76 40.75 -2.15 -26.56
N GLY R 77 41.63 -2.13 -27.57
CA GLY R 77 41.22 -2.15 -28.95
C GLY R 77 40.89 -0.80 -29.51
N GLN R 78 41.07 0.27 -28.74
CA GLN R 78 40.73 1.62 -29.14
C GLN R 78 41.99 2.47 -29.30
N LEU R 79 42.04 3.25 -30.36
CA LEU R 79 43.18 4.13 -30.60
C LEU R 79 43.22 5.22 -29.54
N VAL R 80 44.39 5.39 -28.91
CA VAL R 80 44.56 6.36 -27.83
C VAL R 80 45.81 7.19 -28.08
N LYS R 81 45.89 8.31 -27.37
CA LYS R 81 47.05 9.19 -27.41
C LYS R 81 47.85 8.99 -26.13
N ILE R 82 49.13 8.66 -26.28
CA ILE R 82 50.00 8.32 -25.15
C ILE R 82 51.07 9.39 -25.04
N VAL R 83 51.27 9.90 -23.81
CA VAL R 83 52.21 10.98 -23.55
C VAL R 83 53.14 10.58 -22.41
N THR R 84 54.39 10.98 -22.52
CA THR R 84 55.40 10.77 -21.48
C THR R 84 56.31 11.99 -21.46
N VAL R 85 57.46 11.88 -20.81
CA VAL R 85 58.42 12.97 -20.81
C VAL R 85 59.26 12.92 -22.08
N GLN R 86 59.89 14.05 -22.41
CA GLN R 86 60.61 14.16 -23.67
C GLN R 86 61.81 13.22 -23.71
N GLY R 87 62.52 13.09 -22.60
CA GLY R 87 63.67 12.21 -22.56
C GLY R 87 63.32 10.83 -22.07
N HIS R 88 63.28 9.86 -22.99
CA HIS R 88 62.97 8.49 -22.62
C HIS R 88 63.60 7.54 -23.62
N SER R 89 63.79 6.30 -23.19
CA SER R 89 64.22 5.22 -24.06
C SER R 89 63.03 4.32 -24.37
N MET R 90 63.07 3.69 -25.53
CA MET R 90 61.96 2.89 -26.01
C MET R 90 62.47 1.52 -26.46
N ALA R 91 61.72 0.48 -26.10
CA ALA R 91 61.97 -0.88 -26.58
C ALA R 91 60.69 -1.43 -27.18
N ILE R 92 60.77 -1.87 -28.43
CA ILE R 92 59.63 -2.43 -29.15
C ILE R 92 59.93 -3.91 -29.40
N TYR R 93 59.04 -4.77 -28.90
CA TYR R 93 59.14 -6.21 -29.03
C TYR R 93 57.95 -6.73 -29.82
N ASP R 94 58.19 -7.79 -30.59
CA ASP R 94 57.12 -8.44 -31.34
C ASP R 94 56.28 -9.32 -30.42
N ALA R 95 55.17 -9.82 -30.96
CA ALA R 95 54.26 -10.67 -30.18
C ALA R 95 54.91 -11.98 -29.75
N ASN R 96 55.92 -12.46 -30.49
CA ASN R 96 56.60 -13.69 -30.12
C ASN R 96 57.73 -13.46 -29.12
N GLY R 97 57.99 -12.22 -28.73
CA GLY R 97 59.00 -11.90 -27.76
C GLY R 97 60.34 -11.45 -28.31
N SER R 98 60.44 -11.27 -29.62
CA SER R 98 61.70 -10.86 -30.24
C SER R 98 61.78 -9.34 -30.32
N GLN R 99 62.98 -8.82 -30.09
CA GLN R 99 63.20 -7.38 -30.14
C GLN R 99 62.98 -6.86 -31.56
N VAL R 100 62.05 -5.92 -31.72
CA VAL R 100 61.86 -5.25 -32.99
C VAL R 100 62.76 -4.03 -33.10
N ASP R 101 62.84 -3.23 -32.05
CA ASP R 101 63.66 -2.02 -32.08
C ASP R 101 64.02 -1.59 -30.67
N TYR R 102 65.11 -0.83 -30.58
CA TYR R 102 65.53 -0.21 -29.33
C TYR R 102 66.11 1.17 -29.63
N ILE R 103 65.75 2.14 -28.81
CA ILE R 103 66.26 3.52 -28.93
C ILE R 103 66.58 4.02 -27.53
N ALA R 104 67.85 4.33 -27.28
CA ALA R 104 68.28 4.74 -25.95
C ALA R 104 67.84 6.16 -25.61
N ASN R 105 67.58 6.99 -26.60
CA ASN R 105 67.15 8.38 -26.35
C ASN R 105 66.41 8.86 -27.60
N VAL R 106 65.11 9.10 -27.47
CA VAL R 106 64.31 9.52 -28.61
C VAL R 106 64.69 10.93 -29.04
N LEU R 107 65.09 11.79 -28.10
CA LEU R 107 65.41 13.17 -28.41
C LEU R 107 66.60 13.29 -29.36
N LYS R 108 67.43 12.26 -29.47
CA LYS R 108 68.56 12.27 -30.37
C LYS R 108 68.17 11.91 -31.81
N TYR R 109 66.91 11.58 -32.06
CA TYR R 109 66.44 11.30 -33.41
C TYR R 109 65.75 12.50 -34.05
N ASP R 110 65.70 13.64 -33.37
CA ASP R 110 65.16 14.84 -33.96
C ASP R 110 66.04 15.25 -35.14
N PRO R 111 65.45 15.74 -36.25
CA PRO R 111 66.28 16.07 -37.42
C PRO R 111 67.37 17.09 -37.14
N ASP R 112 67.08 18.05 -36.27
CA ASP R 112 68.02 19.15 -35.96
C ASP R 112 68.57 18.97 -34.56
N GLN R 113 69.82 18.57 -34.47
CA GLN R 113 70.46 18.41 -33.17
C GLN R 113 71.22 19.64 -32.72
N TYR R 114 71.37 20.66 -33.58
CA TYR R 114 72.03 21.89 -33.19
C TYR R 114 71.16 22.76 -32.29
N SER R 115 69.84 22.57 -32.35
CA SER R 115 68.93 23.39 -31.57
C SER R 115 69.15 23.21 -30.07
N ILE R 116 69.42 21.99 -29.64
CA ILE R 116 69.58 21.72 -28.21
C ILE R 116 70.76 22.51 -27.65
N GLU R 117 71.91 22.40 -28.31
CA GLU R 117 73.10 23.11 -27.85
C GLU R 117 72.93 24.62 -28.00
N ALA R 118 72.25 25.06 -29.07
CA ALA R 118 72.03 26.49 -29.26
C ALA R 118 71.18 27.08 -28.14
N ASP R 119 70.18 26.32 -27.70
CA ASP R 119 69.28 26.81 -26.62
C ASP R 119 70.03 26.75 -25.30
N LYS R 120 70.91 25.76 -25.15
CA LYS R 120 71.66 25.60 -23.91
C LYS R 120 72.94 26.42 -23.89
N LYS R 121 73.19 27.21 -24.94
CA LYS R 121 74.42 27.99 -25.02
C LYS R 121 74.14 29.48 -24.91
N PHE R 122 73.16 29.98 -25.65
CA PHE R 122 72.84 31.40 -25.64
C PHE R 122 71.61 31.70 -24.79
N THR S 5 80.83 17.81 -35.09
CA THR S 5 79.73 17.28 -34.28
C THR S 5 78.49 17.03 -35.14
N ALA S 6 77.66 16.08 -34.72
CA ALA S 6 76.47 15.72 -35.48
C ALA S 6 75.39 16.76 -35.26
N ASN S 7 74.98 17.43 -36.34
CA ASN S 7 73.94 18.43 -36.28
C ASN S 7 72.65 18.02 -36.97
N VAL S 8 72.70 17.11 -37.94
CA VAL S 8 71.54 16.70 -38.71
C VAL S 8 71.41 15.18 -38.64
N VAL S 9 70.18 14.71 -38.49
CA VAL S 9 69.86 13.29 -38.51
C VAL S 9 69.00 13.00 -39.73
N VAL S 10 69.40 12.01 -40.52
CA VAL S 10 68.67 11.67 -41.74
C VAL S 10 67.30 11.10 -41.37
N SER S 11 66.25 11.73 -41.86
CA SER S 11 64.88 11.37 -41.50
C SER S 11 63.98 11.57 -42.70
N ASN S 12 62.74 11.09 -42.57
CA ASN S 12 61.75 11.20 -43.63
C ASN S 12 60.85 12.40 -43.36
N PRO S 13 60.78 13.37 -44.27
CA PRO S 13 59.96 14.56 -44.00
C PRO S 13 58.48 14.39 -44.32
N ARG S 14 58.08 13.34 -45.02
CA ARG S 14 56.71 13.20 -45.49
C ARG S 14 55.90 12.38 -44.49
N PRO S 15 54.86 12.94 -43.89
CA PRO S 15 53.97 12.14 -43.04
C PRO S 15 53.16 11.14 -43.86
N ILE S 16 52.79 10.04 -43.21
CA ILE S 16 52.05 8.96 -43.83
C ILE S 16 50.76 8.73 -43.05
N PHE S 17 49.64 8.75 -43.76
CA PHE S 17 48.32 8.59 -43.15
C PHE S 17 47.75 7.24 -43.57
N THR S 18 47.55 6.36 -42.60
CA THR S 18 47.04 5.01 -42.85
C THR S 18 45.72 4.79 -42.12
N GLU S 19 45.16 3.61 -42.31
CA GLU S 19 43.89 3.24 -41.71
C GLU S 19 44.07 2.98 -40.21
N SER S 20 42.96 3.03 -39.48
CA SER S 20 42.98 2.86 -38.04
C SER S 20 43.15 1.41 -37.62
N ARG S 21 42.57 0.47 -38.38
CA ARG S 21 42.56 -0.93 -37.98
C ARG S 21 43.46 -1.83 -38.82
N SER S 22 43.89 -1.38 -40.00
CA SER S 22 44.70 -2.20 -40.89
C SER S 22 45.86 -1.37 -41.41
N PHE S 23 46.90 -2.06 -41.87
CA PHE S 23 48.11 -1.42 -42.39
C PHE S 23 47.90 -1.09 -43.88
N LYS S 24 46.96 -0.18 -44.11
CA LYS S 24 46.69 0.34 -45.44
C LYS S 24 46.56 1.86 -45.35
N ALA S 25 47.03 2.55 -46.39
CA ALA S 25 46.92 4.00 -46.43
C ALA S 25 45.47 4.42 -46.66
N VAL S 26 45.18 5.66 -46.29
CA VAL S 26 43.85 6.24 -46.54
C VAL S 26 43.93 6.83 -47.94
N ALA S 27 43.70 5.98 -48.94
CA ALA S 27 43.85 6.37 -50.33
C ALA S 27 42.72 7.29 -50.75
N ASN S 28 43.07 8.44 -51.31
CA ASN S 28 42.11 9.45 -51.76
C ASN S 28 41.20 9.89 -50.62
N GLY S 29 41.77 10.01 -49.42
CA GLY S 29 41.04 10.50 -48.28
C GLY S 29 41.12 12.00 -48.14
N LYS S 30 40.46 12.51 -47.09
CA LYS S 30 40.40 13.94 -46.83
C LYS S 30 40.80 14.22 -45.39
N ILE S 31 41.42 15.37 -45.17
CA ILE S 31 41.81 15.82 -43.84
C ILE S 31 41.20 17.19 -43.58
N TYR S 32 40.49 17.32 -42.46
CA TYR S 32 40.00 18.61 -41.99
C TYR S 32 40.65 18.91 -40.65
N ILE S 33 41.32 20.06 -40.55
CA ILE S 33 41.91 20.48 -39.29
C ILE S 33 41.30 21.82 -38.89
N GLY S 34 41.04 21.96 -37.59
CA GLY S 34 40.38 23.14 -37.08
C GLY S 34 40.67 23.42 -35.62
N GLN S 35 39.79 24.15 -34.95
CA GLN S 35 39.97 24.43 -33.54
C GLN S 35 39.97 23.14 -32.73
N ILE S 36 40.76 23.14 -31.66
CA ILE S 36 40.90 21.92 -30.86
C ILE S 36 39.57 21.58 -30.20
N ASP S 37 39.31 20.28 -30.06
CA ASP S 37 38.11 19.77 -29.39
C ASP S 37 36.82 20.17 -30.11
N THR S 38 36.86 20.31 -31.43
CA THR S 38 35.69 20.70 -32.21
C THR S 38 35.51 19.76 -33.38
N ASP S 39 34.51 20.06 -34.21
CA ASP S 39 34.28 19.33 -35.45
C ASP S 39 34.93 20.10 -36.58
N PRO S 40 36.04 19.62 -37.16
CA PRO S 40 36.77 20.43 -38.14
C PRO S 40 36.10 20.50 -39.51
N VAL S 41 35.07 19.71 -39.77
CA VAL S 41 34.39 19.79 -41.06
C VAL S 41 33.55 21.05 -41.15
N ASN S 42 33.16 21.63 -40.02
CA ASN S 42 32.45 22.90 -40.04
C ASN S 42 33.42 24.00 -40.42
N PRO S 43 33.17 24.75 -41.51
CA PRO S 43 34.13 25.77 -41.95
C PRO S 43 34.36 26.87 -40.93
N ALA S 44 33.41 27.12 -40.02
CA ALA S 44 33.64 28.10 -38.97
C ALA S 44 34.72 27.64 -38.00
N ASN S 45 34.84 26.33 -37.79
CA ASN S 45 35.88 25.79 -36.92
C ASN S 45 37.23 25.63 -37.61
N GLN S 46 37.26 25.73 -38.94
CA GLN S 46 38.50 25.50 -39.67
C GLN S 46 39.48 26.64 -39.44
N ILE S 47 40.77 26.31 -39.58
CA ILE S 47 41.85 27.27 -39.39
C ILE S 47 42.74 27.24 -40.62
N PRO S 48 43.44 28.34 -40.91
CA PRO S 48 44.21 28.43 -42.15
C PRO S 48 45.29 27.35 -42.25
N VAL S 49 45.49 26.85 -43.46
CA VAL S 49 46.51 25.85 -43.76
C VAL S 49 47.37 26.35 -44.90
N TYR S 50 48.68 26.20 -44.76
CA TYR S 50 49.63 26.72 -45.75
C TYR S 50 50.51 25.61 -46.28
N ILE S 51 50.92 25.74 -47.53
CA ILE S 51 51.96 24.93 -48.12
C ILE S 51 53.29 25.63 -47.87
N GLU S 52 54.22 24.93 -47.23
CA GLU S 52 55.58 25.42 -47.04
C GLU S 52 56.42 24.92 -48.21
N ASN S 53 56.85 25.83 -49.07
CA ASN S 53 57.62 25.46 -50.24
C ASN S 53 59.09 25.26 -49.85
N GLU S 54 59.88 24.81 -50.83
CA GLU S 54 61.27 24.48 -50.57
C GLU S 54 62.09 25.67 -50.09
N ASP S 55 61.62 26.89 -50.36
CA ASP S 55 62.29 28.09 -49.87
C ASP S 55 61.56 28.78 -48.72
N GLY S 56 60.27 28.53 -48.55
CA GLY S 56 59.53 29.16 -47.47
C GLY S 56 58.43 30.09 -47.96
N SER S 57 57.82 29.76 -49.10
CA SER S 57 56.80 30.63 -49.67
C SER S 57 55.57 30.73 -48.78
N HIS S 58 55.12 29.60 -48.21
CA HIS S 58 53.99 29.57 -47.28
C HIS S 58 52.72 30.13 -47.93
N VAL S 59 52.25 29.42 -48.95
CA VAL S 59 51.06 29.84 -49.71
C VAL S 59 49.83 29.13 -49.15
N GLN S 60 48.79 29.91 -48.83
CA GLN S 60 47.61 29.33 -48.20
C GLN S 60 46.80 28.52 -49.20
N ILE S 61 46.16 27.46 -48.72
CA ILE S 61 45.35 26.59 -49.57
C ILE S 61 44.00 26.34 -48.90
N THR S 62 43.08 25.81 -49.70
CA THR S 62 41.76 25.45 -49.19
C THR S 62 41.86 24.30 -48.20
N GLN S 63 40.94 24.29 -47.23
CA GLN S 63 41.10 23.44 -46.05
C GLN S 63 41.18 21.95 -46.36
N PRO S 64 40.25 21.34 -47.13
CA PRO S 64 40.30 19.87 -47.27
C PRO S 64 41.57 19.40 -47.95
N LEU S 65 42.43 18.73 -47.17
CA LEU S 65 43.67 18.20 -47.70
C LEU S 65 43.44 16.82 -48.30
N ILE S 66 44.03 16.59 -49.47
CA ILE S 66 43.84 15.36 -50.21
C ILE S 66 45.00 14.41 -49.90
N ILE S 67 44.67 13.16 -49.59
CA ILE S 67 45.66 12.15 -49.25
C ILE S 67 45.90 11.29 -50.49
N ASN S 68 47.17 11.13 -50.86
CA ASN S 68 47.55 10.36 -52.03
C ASN S 68 47.27 8.86 -51.80
N ALA S 69 47.42 8.09 -52.87
CA ALA S 69 47.33 6.63 -52.77
C ALA S 69 48.45 6.03 -51.93
N ALA S 70 49.52 6.79 -51.69
CA ALA S 70 50.59 6.36 -50.80
C ALA S 70 50.37 6.80 -49.35
N GLY S 71 49.31 7.56 -49.07
CA GLY S 71 49.08 8.08 -47.75
C GLY S 71 49.71 9.43 -47.49
N LYS S 72 50.05 10.18 -48.53
CA LYS S 72 50.70 11.48 -48.39
C LYS S 72 49.79 12.59 -48.90
N ILE S 73 50.01 13.80 -48.38
CA ILE S 73 49.21 14.95 -48.76
C ILE S 73 49.76 15.52 -50.07
N VAL S 74 48.85 15.76 -51.03
CA VAL S 74 49.23 16.23 -52.35
C VAL S 74 48.44 17.49 -52.69
N TYR S 75 49.02 18.33 -53.53
CA TYR S 75 48.34 19.50 -54.07
C TYR S 75 48.80 19.67 -55.50
N ASN S 76 47.84 19.67 -56.44
CA ASN S 76 48.13 19.73 -57.87
C ASN S 76 49.03 18.57 -58.31
N GLY S 77 48.82 17.41 -57.69
CA GLY S 77 49.58 16.23 -58.05
C GLY S 77 50.99 16.18 -57.54
N GLN S 78 51.38 17.08 -56.64
CA GLN S 78 52.73 17.14 -56.11
C GLN S 78 52.70 16.98 -54.61
N LEU S 79 53.68 16.25 -54.08
CA LEU S 79 53.83 16.12 -52.63
C LEU S 79 54.12 17.50 -52.03
N VAL S 80 53.35 17.87 -51.01
CA VAL S 80 53.48 19.17 -50.38
C VAL S 80 53.57 18.99 -48.87
N LYS S 81 54.18 19.97 -48.21
CA LYS S 81 54.25 20.03 -46.76
C LYS S 81 53.27 21.08 -46.26
N ILE S 82 52.42 20.69 -45.32
CA ILE S 82 51.33 21.53 -44.84
C ILE S 82 51.66 21.98 -43.43
N VAL S 83 51.50 23.28 -43.17
CA VAL S 83 51.79 23.89 -41.89
C VAL S 83 50.58 24.69 -41.40
N THR S 84 50.51 24.84 -40.08
CA THR S 84 49.43 25.55 -39.42
C THR S 84 50.02 26.50 -38.39
N VAL S 85 49.17 27.40 -37.88
CA VAL S 85 49.62 28.42 -36.94
C VAL S 85 49.48 28.00 -35.49
N GLN S 86 48.68 26.99 -35.19
CA GLN S 86 48.40 26.63 -33.80
C GLN S 86 48.06 25.15 -33.71
N GLY S 87 48.03 24.65 -32.49
CA GLY S 87 47.50 23.32 -32.25
C GLY S 87 46.03 23.23 -32.66
N HIS S 88 45.63 22.05 -33.12
CA HIS S 88 44.36 21.93 -33.82
C HIS S 88 43.71 20.60 -33.49
N SER S 89 42.53 20.39 -34.04
CA SER S 89 41.87 19.10 -34.03
C SER S 89 41.79 18.58 -35.47
N MET S 90 41.90 17.27 -35.62
CA MET S 90 42.02 16.64 -36.93
C MET S 90 40.87 15.67 -37.15
N ALA S 91 40.46 15.56 -38.41
CA ALA S 91 39.42 14.61 -38.83
C ALA S 91 39.83 14.05 -40.18
N ILE S 92 40.13 12.77 -40.22
CA ILE S 92 40.53 12.08 -41.44
C ILE S 92 39.36 11.22 -41.91
N TYR S 93 38.95 11.42 -43.16
CA TYR S 93 37.84 10.71 -43.78
C TYR S 93 38.36 9.88 -44.95
N ASP S 94 37.70 8.75 -45.18
CA ASP S 94 38.08 7.82 -46.24
C ASP S 94 37.65 8.37 -47.61
N ALA S 95 38.01 7.64 -48.65
CA ALA S 95 37.52 7.96 -49.99
C ALA S 95 36.02 7.73 -50.10
N ASN S 96 35.52 6.69 -49.42
CA ASN S 96 34.08 6.46 -49.37
C ASN S 96 33.35 7.60 -48.69
N GLY S 97 33.92 8.13 -47.60
CA GLY S 97 33.32 9.20 -46.85
C GLY S 97 33.11 8.86 -45.39
N SER S 98 33.63 7.70 -44.99
CA SER S 98 33.52 7.24 -43.61
C SER S 98 34.61 7.87 -42.75
N GLN S 99 34.29 8.10 -41.48
CA GLN S 99 35.22 8.73 -40.54
C GLN S 99 36.34 7.74 -40.22
N VAL S 100 37.51 7.96 -40.83
CA VAL S 100 38.66 7.12 -40.52
C VAL S 100 39.16 7.41 -39.12
N ASP S 101 39.28 8.69 -38.75
CA ASP S 101 39.80 9.03 -37.43
C ASP S 101 39.38 10.45 -37.06
N TYR S 102 39.22 10.67 -35.76
CA TYR S 102 39.06 12.00 -35.20
C TYR S 102 40.00 12.16 -34.01
N ILE S 103 40.77 13.24 -33.99
CA ILE S 103 41.68 13.54 -32.90
C ILE S 103 41.33 14.93 -32.38
N ALA S 104 41.09 15.02 -31.07
CA ALA S 104 40.63 16.26 -30.46
C ALA S 104 41.71 17.32 -30.33
N ASN S 105 42.98 16.92 -30.24
CA ASN S 105 44.06 17.87 -29.99
C ASN S 105 45.37 17.28 -30.50
N VAL S 106 45.99 17.97 -31.46
CA VAL S 106 47.31 17.60 -31.95
C VAL S 106 48.14 18.87 -32.11
N LEU S 107 49.43 18.74 -31.78
CA LEU S 107 50.36 19.86 -31.96
C LEU S 107 51.75 19.26 -32.12
N LYS S 108 52.28 19.29 -33.34
CA LYS S 108 53.65 18.91 -33.61
C LYS S 108 54.37 20.10 -34.22
N TYR S 109 55.46 20.52 -33.58
CA TYR S 109 56.20 21.68 -34.03
C TYR S 109 57.03 21.34 -35.27
N ASP S 110 57.22 22.33 -36.12
CA ASP S 110 58.05 22.14 -37.30
C ASP S 110 59.51 22.09 -36.89
N PRO S 111 60.24 21.00 -37.19
CA PRO S 111 61.63 20.91 -36.74
C PRO S 111 62.62 21.56 -37.68
N ASP S 112 62.13 22.41 -38.56
CA ASP S 112 62.94 23.04 -39.60
C ASP S 112 63.00 24.55 -39.40
N GLN S 113 63.89 25.19 -40.16
CA GLN S 113 64.09 26.65 -40.13
C GLN S 113 64.38 27.16 -38.73
N TYR S 114 65.34 26.52 -38.07
CA TYR S 114 65.72 26.95 -36.73
C TYR S 114 66.53 28.23 -36.72
N SER S 115 67.21 28.57 -37.82
CA SER S 115 67.99 29.80 -37.85
C SER S 115 67.09 31.02 -37.71
N ILE S 116 65.93 31.01 -38.36
CA ILE S 116 64.99 32.13 -38.24
C ILE S 116 64.49 32.26 -36.81
N GLU S 117 64.16 31.12 -36.18
CA GLU S 117 63.70 31.15 -34.80
C GLU S 117 64.78 31.67 -33.86
N ALA S 118 66.03 31.26 -34.08
CA ALA S 118 67.13 31.74 -33.26
C ALA S 118 67.35 33.25 -33.45
N ASP S 119 67.22 33.72 -34.69
CA ASP S 119 67.35 35.16 -34.95
C ASP S 119 66.25 35.93 -34.25
N LYS S 120 65.01 35.42 -34.30
CA LYS S 120 63.90 36.09 -33.62
C LYS S 120 63.93 35.90 -32.11
N LYS S 121 64.75 34.98 -31.60
CA LYS S 121 64.76 34.64 -30.18
C LYS S 121 66.01 35.13 -29.45
N PHE S 122 67.16 35.14 -30.10
CA PHE S 122 68.39 35.59 -29.46
C PHE S 122 68.76 37.00 -29.90
N PRO T 2 16.26 -7.19 -27.95
CA PRO T 2 15.66 -6.54 -26.77
C PRO T 2 16.07 -5.08 -26.65
N ILE T 3 15.09 -4.18 -26.65
CA ILE T 3 15.35 -2.75 -26.52
C ILE T 3 15.46 -2.38 -25.05
N GLN T 4 16.55 -1.71 -24.70
CA GLN T 4 16.80 -1.26 -23.34
C GLN T 4 16.97 0.25 -23.33
N GLN T 5 16.30 0.92 -22.40
CA GLN T 5 16.35 2.37 -22.28
C GLN T 5 17.52 2.76 -21.37
N LEU T 6 18.28 3.76 -21.79
CA LEU T 6 19.45 4.21 -21.04
C LEU T 6 19.21 5.59 -20.48
N PRO T 7 19.19 5.76 -19.16
CA PRO T 7 19.05 7.10 -18.59
C PRO T 7 20.27 7.96 -18.88
N MET T 8 20.03 9.25 -19.12
CA MET T 8 21.09 10.22 -19.31
C MET T 8 21.05 11.37 -18.32
N MET T 9 20.03 11.44 -17.46
CA MET T 9 19.95 12.54 -16.51
C MET T 9 21.08 12.50 -15.50
N LYS T 10 21.63 11.31 -15.22
CA LYS T 10 22.78 11.19 -14.34
C LYS T 10 23.66 10.05 -14.83
N GLY T 11 24.96 10.32 -14.95
CA GLY T 11 25.92 9.34 -15.38
C GLY T 11 26.59 8.65 -14.20
N MET T 12 27.64 7.89 -14.51
CA MET T 12 28.32 7.13 -13.48
C MET T 12 29.69 6.70 -14.00
N GLY T 13 30.68 6.73 -13.12
CA GLY T 13 32.02 6.32 -13.50
C GLY T 13 32.92 6.20 -12.30
N LYS T 14 34.23 6.15 -12.58
CA LYS T 14 35.24 6.00 -11.55
C LYS T 14 36.23 7.15 -11.60
N ASP T 15 36.65 7.59 -10.43
CA ASP T 15 37.73 8.57 -10.30
C ASP T 15 39.05 7.83 -10.32
N PHE T 16 39.92 8.18 -11.28
CA PHE T 16 41.20 7.49 -11.43
C PHE T 16 42.22 7.89 -10.38
N LYS T 17 41.93 8.89 -9.55
CA LYS T 17 42.88 9.30 -8.53
C LYS T 17 42.84 8.38 -7.31
N ASN T 18 41.65 7.91 -6.92
CA ASN T 18 41.51 7.03 -5.77
C ASN T 18 40.67 5.79 -6.05
N ALA T 19 40.30 5.56 -7.31
CA ALA T 19 39.56 4.37 -7.72
C ALA T 19 38.22 4.24 -7.01
N ASP T 20 37.55 5.38 -6.78
CA ASP T 20 36.24 5.39 -6.15
C ASP T 20 35.16 5.62 -7.20
N TYR T 21 33.93 5.27 -6.84
CA TYR T 21 32.79 5.44 -7.73
C TYR T 21 32.18 6.83 -7.55
N ILE T 22 32.01 7.55 -8.66
CA ILE T 22 31.49 8.91 -8.64
C ILE T 22 30.43 9.05 -9.72
N ASP T 23 29.58 10.06 -9.56
CA ASP T 23 28.56 10.36 -10.54
C ASP T 23 29.09 11.33 -11.60
N TYR T 24 28.60 11.16 -12.82
CA TYR T 24 28.95 12.03 -13.94
C TYR T 24 27.76 12.94 -14.20
N LEU T 25 27.86 14.19 -13.76
CA LEU T 25 26.75 15.12 -13.89
C LEU T 25 26.66 15.65 -15.33
N PRO T 26 25.46 15.88 -15.84
CA PRO T 26 25.34 16.51 -17.16
C PRO T 26 25.90 17.93 -17.13
N VAL T 27 26.52 18.31 -18.25
CA VAL T 27 27.17 19.61 -18.39
C VAL T 27 26.30 20.48 -19.30
N ASN T 28 25.89 21.64 -18.79
CA ASN T 28 25.08 22.60 -19.54
C ASN T 28 23.74 22.01 -19.99
N MET T 29 23.23 21.03 -19.24
CA MET T 29 21.95 20.41 -19.53
C MET T 29 21.13 20.32 -18.25
N LEU T 30 19.83 20.58 -18.36
CA LEU T 30 18.88 20.48 -17.26
C LEU T 30 17.85 19.41 -17.58
N ALA T 31 17.48 18.64 -16.55
CA ALA T 31 16.52 17.55 -16.70
C ALA T 31 15.10 18.07 -16.43
N THR T 32 14.22 17.86 -17.40
CA THR T 32 12.82 18.26 -17.27
C THR T 32 11.95 17.02 -17.20
N PRO T 33 11.34 16.71 -16.06
CA PRO T 33 10.43 15.56 -15.98
C PRO T 33 9.14 15.85 -16.75
N LYS T 34 8.94 15.11 -17.84
CA LYS T 34 7.78 15.30 -18.70
C LYS T 34 7.59 14.10 -19.61
N GLU T 35 6.41 13.52 -19.61
CA GLU T 35 6.12 12.36 -20.46
C GLU T 35 6.04 12.81 -21.91
N ILE T 36 7.11 12.57 -22.67
CA ILE T 36 7.14 12.96 -24.07
C ILE T 36 6.68 11.80 -24.92
N LEU T 37 7.49 10.73 -24.96
CA LEU T 37 7.11 9.46 -25.58
C LEU T 37 8.06 8.37 -25.13
N ASN T 38 7.55 7.38 -24.39
CA ASN T 38 8.34 6.29 -23.83
C ASN T 38 9.51 6.77 -22.98
N SER T 39 9.53 8.03 -22.57
CA SER T 39 10.69 8.63 -21.93
C SER T 39 10.42 9.12 -20.52
N SER T 40 9.31 9.82 -20.30
CA SER T 40 8.98 10.41 -18.99
C SER T 40 10.07 11.37 -18.51
N GLY T 41 10.46 12.28 -19.39
CA GLY T 41 11.45 13.29 -19.09
C GLY T 41 12.40 13.48 -20.26
N TYR T 42 12.98 14.68 -20.34
CA TYR T 42 13.97 14.98 -21.36
C TYR T 42 15.07 15.83 -20.76
N LEU T 43 16.08 16.14 -21.57
CA LEU T 43 17.20 16.97 -21.15
C LEU T 43 17.36 18.11 -22.15
N ARG T 44 17.37 19.34 -21.63
CA ARG T 44 17.39 20.53 -22.46
C ARG T 44 18.60 21.38 -22.09
N SER T 45 19.25 21.93 -23.10
CA SER T 45 20.44 22.76 -22.87
C SER T 45 20.08 23.99 -22.06
N PHE T 46 21.01 24.42 -21.22
CA PHE T 46 20.83 25.66 -20.49
C PHE T 46 20.77 26.83 -21.46
N PRO T 47 19.90 27.81 -21.23
CA PRO T 47 19.79 28.93 -22.18
C PRO T 47 21.11 29.69 -22.32
N GLY T 48 21.38 30.16 -23.54
CA GLY T 48 22.58 30.90 -23.82
C GLY T 48 22.47 32.34 -23.37
N ILE T 49 23.58 33.07 -23.49
CA ILE T 49 23.70 34.44 -23.02
C ILE T 49 24.02 35.33 -24.20
N THR T 50 23.21 36.37 -24.40
CA THR T 50 23.46 37.39 -25.40
C THR T 50 23.64 38.74 -24.70
N LYS T 51 24.48 39.59 -25.29
CA LYS T 51 24.83 40.85 -24.65
C LYS T 51 23.64 41.80 -24.62
N ARG T 52 23.48 42.49 -23.50
CA ARG T 52 22.43 43.47 -23.29
C ARG T 52 22.98 44.87 -23.11
N TYR T 53 23.89 45.07 -22.15
CA TYR T 53 24.43 46.38 -21.80
C TYR T 53 25.95 46.27 -21.67
N ASP T 54 26.57 47.42 -21.39
CA ASP T 54 28.00 47.51 -21.14
C ASP T 54 28.22 48.23 -19.82
N MET T 55 28.90 47.57 -18.89
CA MET T 55 29.09 48.06 -17.54
C MET T 55 30.53 48.50 -17.29
N ASN T 56 30.80 48.94 -16.06
CA ASN T 56 32.13 49.40 -15.68
C ASN T 56 33.08 48.23 -15.42
N GLY T 57 32.57 47.11 -14.94
CA GLY T 57 33.42 45.99 -14.61
C GLY T 57 32.62 44.75 -14.36
N VAL T 58 33.27 43.77 -13.73
CA VAL T 58 32.58 42.52 -13.40
C VAL T 58 31.56 42.76 -12.31
N SER T 59 30.54 41.90 -12.29
CA SER T 59 29.43 42.08 -11.36
C SER T 59 29.83 41.67 -9.95
N ARG T 60 29.43 42.48 -8.99
CA ARG T 60 29.75 42.26 -7.58
C ARG T 60 28.51 42.10 -6.71
N GLY T 61 27.33 42.38 -7.24
CA GLY T 61 26.10 42.21 -6.49
C GLY T 61 24.92 42.55 -7.37
N VAL T 62 23.74 42.12 -6.92
CA VAL T 62 22.50 42.37 -7.64
C VAL T 62 21.35 42.22 -6.66
N GLU T 63 20.30 42.99 -6.89
CA GLU T 63 19.10 42.91 -6.06
C GLU T 63 17.92 43.49 -6.83
N TYR T 64 16.74 42.96 -6.56
CA TYR T 64 15.51 43.55 -7.06
C TYR T 64 14.98 44.53 -6.02
N ASN T 65 14.93 45.81 -6.39
CA ASN T 65 14.44 46.86 -5.50
C ASN T 65 12.92 46.88 -5.58
N THR T 66 12.27 46.23 -4.61
CA THR T 66 10.81 46.21 -4.59
C THR T 66 10.21 47.58 -4.34
N ALA T 67 10.99 48.51 -3.76
CA ALA T 67 10.50 49.87 -3.59
C ALA T 67 10.46 50.61 -4.92
N GLN T 68 11.53 50.51 -5.71
CA GLN T 68 11.62 51.17 -7.00
C GLN T 68 11.12 50.31 -8.15
N ASN T 69 10.82 49.03 -7.90
CA ASN T 69 10.44 48.09 -8.94
C ASN T 69 11.48 48.04 -10.05
N ALA T 70 12.74 47.86 -9.66
CA ALA T 70 13.85 47.84 -10.59
C ALA T 70 14.96 46.97 -10.02
N VAL T 71 15.88 46.59 -10.90
CA VAL T 71 17.05 45.78 -10.53
C VAL T 71 18.24 46.70 -10.35
N TYR T 72 18.90 46.59 -9.21
CA TYR T 72 20.11 47.36 -8.92
C TYR T 72 21.31 46.43 -9.00
N ARG T 73 22.32 46.84 -9.76
CA ARG T 73 23.52 46.04 -9.95
C ARG T 73 24.76 46.85 -9.63
N VAL T 74 25.71 46.22 -8.95
CA VAL T 74 27.04 46.80 -8.75
C VAL T 74 27.98 46.14 -9.74
N CYS T 75 28.59 46.95 -10.60
CA CYS T 75 29.55 46.46 -11.59
C CYS T 75 30.78 47.36 -11.53
N GLY T 76 31.94 46.75 -11.29
CA GLY T 76 33.15 47.54 -11.14
C GLY T 76 32.99 48.54 -10.01
N GLY T 77 33.25 49.80 -10.31
CA GLY T 77 33.07 50.87 -9.35
C GLY T 77 31.74 51.60 -9.45
N LYS T 78 30.76 51.07 -10.17
CA LYS T 78 29.51 51.77 -10.41
C LYS T 78 28.34 50.96 -9.87
N LEU T 79 27.29 51.69 -9.47
CA LEU T 79 26.01 51.12 -9.08
C LEU T 79 24.96 51.65 -10.04
N TYR T 80 24.23 50.73 -10.68
CA TYR T 80 23.25 51.02 -11.72
C TYR T 80 21.87 50.63 -11.24
N LYS T 81 20.89 51.48 -11.56
CA LYS T 81 19.48 51.14 -11.47
C LYS T 81 19.00 50.86 -12.89
N GLY T 82 18.94 49.58 -13.25
CA GLY T 82 18.65 49.22 -14.62
C GLY T 82 19.86 49.39 -15.52
N GLU T 83 19.81 50.38 -16.41
CA GLU T 83 20.91 50.65 -17.32
C GLU T 83 21.72 51.87 -16.95
N SER T 84 21.16 52.80 -16.18
CA SER T 84 21.81 54.06 -15.86
C SER T 84 22.54 53.97 -14.54
N GLU T 85 23.74 54.54 -14.49
CA GLU T 85 24.51 54.60 -13.25
C GLU T 85 23.82 55.52 -12.25
N VAL T 86 23.70 55.06 -11.01
CA VAL T 86 23.11 55.86 -9.94
C VAL T 86 24.07 56.07 -8.78
N GLY T 87 25.25 55.46 -8.80
CA GLY T 87 26.19 55.71 -7.72
C GLY T 87 27.56 55.18 -8.02
N ASP T 88 28.50 55.52 -7.14
CA ASP T 88 29.87 55.02 -7.17
C ASP T 88 30.11 54.14 -5.95
N VAL T 89 30.69 52.96 -6.18
CA VAL T 89 30.95 51.99 -5.12
C VAL T 89 32.43 51.64 -5.15
N ALA T 90 33.09 51.76 -4.00
CA ALA T 90 34.50 51.42 -3.89
C ALA T 90 34.68 49.94 -3.59
N GLY T 91 35.88 49.45 -3.85
CA GLY T 91 36.23 48.06 -3.61
C GLY T 91 36.37 47.27 -4.90
N SER T 92 36.57 45.97 -4.73
CA SER T 92 36.74 45.08 -5.89
C SER T 92 36.00 43.76 -5.81
N GLY T 93 35.48 43.35 -4.65
CA GLY T 93 34.88 42.05 -4.49
C GLY T 93 33.38 42.10 -4.30
N ARG T 94 32.82 40.95 -3.91
CA ARG T 94 31.39 40.83 -3.71
C ARG T 94 30.91 41.76 -2.60
N VAL T 95 29.71 42.31 -2.78
CA VAL T 95 29.13 43.26 -1.85
C VAL T 95 27.76 42.76 -1.41
N SER T 96 27.32 43.23 -0.25
CA SER T 96 25.98 42.92 0.23
C SER T 96 24.99 43.95 -0.26
N MET T 97 23.73 43.54 -0.40
CA MET T 97 22.70 44.43 -0.91
C MET T 97 21.47 44.38 -0.01
N ALA T 98 20.86 45.55 0.19
CA ALA T 98 19.58 45.66 0.85
C ALA T 98 18.90 46.92 0.33
N HIS T 99 17.61 47.07 0.64
CA HIS T 99 16.91 48.27 0.21
C HIS T 99 15.71 48.49 1.12
N GLY T 100 15.19 49.71 1.08
CA GLY T 100 14.08 50.10 1.91
C GLY T 100 13.28 51.20 1.25
N ARG T 101 12.61 52.00 2.07
CA ARG T 101 11.70 53.02 1.56
C ARG T 101 12.43 54.11 0.78
N THR T 102 13.58 54.56 1.28
CA THR T 102 14.22 55.76 0.75
C THR T 102 15.67 55.56 0.32
N SER T 103 16.18 54.33 0.32
CA SER T 103 17.58 54.15 -0.02
C SER T 103 17.82 52.73 -0.53
N GLN T 104 18.94 52.58 -1.24
CA GLN T 104 19.50 51.29 -1.62
C GLN T 104 20.84 51.16 -0.88
N ALA T 105 20.92 50.22 0.04
CA ALA T 105 22.10 50.06 0.88
C ALA T 105 23.01 48.98 0.30
N VAL T 106 24.31 49.30 0.26
CA VAL T 106 25.35 48.37 -0.17
C VAL T 106 26.31 48.20 1.00
N GLY T 107 26.55 46.94 1.36
CA GLY T 107 27.55 46.62 2.35
C GLY T 107 28.87 46.31 1.70
N VAL T 108 29.84 47.21 1.85
CA VAL T 108 31.12 47.11 1.14
C VAL T 108 32.19 47.81 1.96
N ASN T 109 33.37 47.20 1.99
CA ASN T 109 34.57 47.77 2.63
C ASN T 109 34.34 48.04 4.12
N GLY T 110 33.55 47.18 4.77
CA GLY T 110 33.24 47.39 6.17
C GLY T 110 32.32 48.56 6.43
N GLN T 111 31.60 49.02 5.41
CA GLN T 111 30.69 50.16 5.55
C GLN T 111 29.32 49.78 5.00
N LEU T 112 28.29 50.42 5.56
CA LEU T 112 26.92 50.30 5.07
C LEU T 112 26.60 51.61 4.36
N VAL T 113 26.88 51.66 3.07
CA VAL T 113 26.74 52.89 2.28
C VAL T 113 25.35 52.90 1.67
N GLU T 114 24.57 53.93 1.99
CA GLU T 114 23.18 54.02 1.57
C GLU T 114 23.06 55.08 0.49
N TYR T 115 22.68 54.66 -0.71
CA TYR T 115 22.46 55.57 -1.83
C TYR T 115 20.97 55.90 -1.87
N ARG T 116 20.63 57.14 -1.53
CA ARG T 116 19.24 57.53 -1.48
C ARG T 116 18.73 57.94 -2.86
N TYR T 117 17.43 57.74 -3.08
CA TYR T 117 16.83 58.01 -4.38
C TYR T 117 16.84 59.48 -4.75
N ASP T 118 17.10 60.38 -3.80
CA ASP T 118 17.21 61.80 -4.08
C ASP T 118 18.61 62.19 -4.56
N GLY T 119 19.54 61.25 -4.64
CA GLY T 119 20.87 61.51 -5.17
C GLY T 119 21.96 61.66 -4.15
N THR T 120 21.63 61.76 -2.87
CA THR T 120 22.64 61.90 -1.83
C THR T 120 22.99 60.53 -1.23
N VAL T 121 24.22 60.43 -0.76
CA VAL T 121 24.78 59.17 -0.26
C VAL T 121 25.18 59.36 1.20
N LYS T 122 24.75 58.43 2.05
CA LYS T 122 25.07 58.46 3.47
C LYS T 122 25.79 57.19 3.88
N THR T 123 26.32 57.21 5.11
CA THR T 123 27.00 56.05 5.67
C THR T 123 26.59 55.92 7.13
N VAL T 124 26.38 54.68 7.58
CA VAL T 124 25.95 54.44 8.95
C VAL T 124 27.10 54.73 9.90
N SER T 125 26.82 55.56 10.90
CA SER T 125 27.80 55.90 11.92
C SER T 125 27.06 56.21 13.21
N ASN T 126 27.81 56.26 14.31
CA ASN T 126 27.22 56.55 15.61
C ASN T 126 26.58 57.93 15.61
N TRP T 127 25.60 58.10 16.49
CA TRP T 127 25.00 59.41 16.69
C TRP T 127 26.07 60.38 17.19
N PRO T 128 25.98 61.65 16.81
CA PRO T 128 26.92 62.65 17.35
C PRO T 128 26.84 62.71 18.87
N ALA T 129 28.00 62.89 19.51
CA ALA T 129 28.05 62.89 20.97
C ALA T 129 27.20 63.99 21.58
N ASP T 130 26.88 65.03 20.81
CA ASP T 130 25.99 66.08 21.31
C ASP T 130 24.58 65.54 21.58
N SER T 131 24.21 64.43 20.96
CA SER T 131 22.94 63.78 21.25
C SER T 131 23.03 63.07 22.60
N GLY T 132 21.87 62.85 23.20
CA GLY T 132 21.79 62.11 24.45
C GLY T 132 21.57 60.64 24.21
N PHE T 133 21.94 60.17 23.02
CA PHE T 133 21.67 58.81 22.58
C PHE T 133 22.89 57.93 22.80
N THR T 134 22.64 56.62 22.84
CA THR T 134 23.69 55.65 23.14
C THR T 134 24.71 55.57 22.01
N GLN T 135 25.96 55.31 22.38
CA GLN T 135 27.04 55.07 21.45
C GLN T 135 27.45 53.61 21.52
N TYR T 136 27.76 53.02 20.36
CA TYR T 136 28.08 51.61 20.26
C TYR T 136 29.43 51.43 19.60
N GLU T 137 29.98 50.22 19.78
CA GLU T 137 31.27 49.86 19.18
C GLU T 137 31.05 49.38 17.75
N LEU T 138 30.76 50.35 16.88
CA LEU T 138 30.54 50.08 15.45
C LEU T 138 31.89 49.82 14.80
N GLY T 139 32.21 48.55 14.60
CA GLY T 139 33.45 48.18 13.93
C GLY T 139 33.29 48.09 12.44
N SER T 140 33.59 46.93 11.86
CA SER T 140 33.40 46.71 10.44
C SER T 140 32.03 46.09 10.18
N VAL T 141 31.63 46.10 8.91
CA VAL T 141 30.36 45.54 8.47
C VAL T 141 30.64 44.30 7.64
N ARG T 142 30.03 43.18 8.00
CA ARG T 142 30.17 41.94 7.25
C ARG T 142 29.01 41.69 6.30
N ASP T 143 27.78 41.72 6.79
CA ASP T 143 26.61 41.48 5.96
C ASP T 143 25.46 42.34 6.44
N ILE T 144 24.57 42.70 5.51
CA ILE T 144 23.47 43.61 5.78
C ILE T 144 22.17 42.98 5.27
N THR T 145 21.06 43.44 5.83
CA THR T 145 19.72 43.02 5.44
C THR T 145 18.73 44.07 5.91
N ARG T 146 17.49 43.95 5.44
CA ARG T 146 16.44 44.88 5.80
C ARG T 146 15.23 44.12 6.35
N LEU T 147 14.63 44.67 7.41
CA LEU T 147 13.41 44.13 7.97
C LEU T 147 12.64 45.21 8.70
N ARG T 148 11.34 45.31 8.41
CA ARG T 148 10.41 46.17 9.15
C ARG T 148 10.91 47.60 9.24
N GLY T 149 11.47 48.09 8.13
CA GLY T 149 11.90 49.47 8.07
C GLY T 149 13.26 49.75 8.69
N ARG T 150 14.02 48.72 9.03
CA ARG T 150 15.33 48.90 9.62
C ARG T 150 16.38 48.10 8.86
N TYR T 151 17.60 48.59 8.87
CA TYR T 151 18.75 47.84 8.39
C TYR T 151 19.40 47.11 9.55
N ALA T 152 19.57 45.80 9.39
CA ALA T 152 20.26 44.97 10.36
C ALA T 152 21.55 44.47 9.72
N TRP T 153 22.68 44.74 10.37
CA TRP T 153 23.98 44.36 9.85
C TRP T 153 24.82 43.72 10.94
N SER T 154 25.74 42.87 10.52
CA SER T 154 26.57 42.09 11.44
C SER T 154 27.97 42.68 11.52
N LYS T 155 28.45 42.88 12.74
CA LYS T 155 29.82 43.34 12.95
C LYS T 155 30.80 42.22 12.63
N ASP T 156 31.90 42.59 11.97
CA ASP T 156 32.82 41.59 11.42
C ASP T 156 33.57 40.88 12.54
N GLY T 157 33.29 39.58 12.70
CA GLY T 157 34.08 38.74 13.56
C GLY T 157 33.84 38.88 15.05
N THR T 158 32.81 39.62 15.46
CA THR T 158 32.59 39.89 16.88
C THR T 158 31.23 39.44 17.39
N ASP T 159 30.51 38.61 16.64
CA ASP T 159 29.29 37.93 17.08
C ASP T 159 28.10 38.87 17.28
N SER T 160 28.28 40.18 17.10
CA SER T 160 27.23 41.15 17.35
C SER T 160 26.59 41.62 16.06
N TRP T 161 25.35 42.11 16.17
CA TRP T 161 24.67 42.73 15.06
C TRP T 161 23.87 43.92 15.57
N PHE T 162 23.59 44.85 14.65
CA PHE T 162 22.96 46.12 14.99
C PHE T 162 21.82 46.40 14.03
N ILE T 163 20.87 47.20 14.51
CA ILE T 163 19.76 47.69 13.71
C ILE T 163 19.86 49.20 13.64
N THR T 164 19.22 49.77 12.62
CA THR T 164 19.20 51.21 12.45
C THR T 164 17.96 51.80 13.10
N ASP T 165 17.92 53.13 13.17
CA ASP T 165 16.79 53.83 13.74
C ASP T 165 15.65 53.92 12.74
N LEU T 166 14.43 54.04 13.28
CA LEU T 166 13.25 54.07 12.40
C LEU T 166 13.17 55.37 11.62
N GLU T 167 13.37 56.51 12.29
CA GLU T 167 13.26 57.81 11.64
C GLU T 167 14.60 58.32 11.12
N ASP T 168 15.67 57.54 11.27
CA ASP T 168 16.97 57.91 10.70
C ASP T 168 17.74 56.61 10.47
N GLU T 169 17.76 56.14 9.23
CA GLU T 169 18.43 54.89 8.89
C GLU T 169 19.95 55.05 8.78
N SER T 170 20.47 56.27 8.89
CA SER T 170 21.91 56.51 8.81
C SER T 170 22.61 56.35 10.16
N HIS T 171 21.87 56.01 11.21
CA HIS T 171 22.41 55.83 12.53
C HIS T 171 21.84 54.56 13.13
N PRO T 172 22.53 53.95 14.09
CA PRO T 172 21.92 52.86 14.85
C PRO T 172 20.79 53.38 15.73
N ASP T 173 20.09 52.45 16.37
CA ASP T 173 18.99 52.84 17.23
C ASP T 173 19.49 53.66 18.42
N ARG T 174 18.67 54.62 18.84
CA ARG T 174 19.06 55.53 19.90
C ARG T 174 19.34 54.80 21.21
N TYR T 175 18.51 53.81 21.54
CA TYR T 175 18.54 53.16 22.84
C TYR T 175 19.02 51.72 22.77
N SER T 176 18.37 50.88 21.94
CA SER T 176 18.68 49.45 21.87
C SER T 176 18.96 49.08 20.42
N ALA T 177 20.23 49.08 20.04
CA ALA T 177 20.65 48.70 18.71
C ALA T 177 21.46 47.41 18.64
N GLN T 178 22.22 47.10 19.70
CA GLN T 178 23.12 45.97 19.68
C GLN T 178 22.43 44.70 20.17
N TYR T 179 22.65 43.60 19.46
CA TYR T 179 22.16 42.29 19.85
C TYR T 179 23.25 41.27 19.56
N ARG T 180 23.19 40.14 20.26
CA ARG T 180 24.17 39.08 20.10
C ARG T 180 23.45 37.75 19.97
N ALA T 181 23.96 36.89 19.10
CA ALA T 181 23.42 35.54 18.98
C ALA T 181 23.56 34.79 20.31
N GLU T 182 24.79 34.73 20.83
CA GLU T 182 25.09 34.42 22.23
C GLU T 182 24.85 32.96 22.59
N SER T 183 24.22 32.19 21.71
CA SER T 183 24.14 30.75 21.93
C SER T 183 25.25 30.03 21.16
N GLN T 184 26.46 30.55 21.31
CA GLN T 184 27.62 30.12 20.53
C GLN T 184 28.87 30.82 21.04
N PRO T 185 30.02 30.15 21.04
CA PRO T 185 31.26 30.85 21.38
C PRO T 185 31.60 31.97 20.42
N ASP T 186 31.25 31.86 19.13
CA ASP T 186 31.51 32.90 18.16
C ASP T 186 30.85 32.52 16.84
N GLY T 187 30.79 33.49 15.93
CA GLY T 187 30.30 33.28 14.58
C GLY T 187 29.07 34.09 14.20
N ILE T 188 29.27 35.09 13.34
CA ILE T 188 28.17 35.92 12.83
C ILE T 188 28.25 36.02 11.31
N ILE T 189 28.80 34.98 10.68
CA ILE T 189 29.22 34.95 9.28
C ILE T 189 28.28 35.67 8.32
N GLY T 190 26.96 35.43 8.46
CA GLY T 190 26.00 36.02 7.56
C GLY T 190 24.73 36.43 8.28
N ILE T 191 23.93 37.24 7.59
CA ILE T 191 22.67 37.74 8.14
C ILE T 191 21.62 37.75 7.03
N GLY T 192 20.37 37.49 7.40
CA GLY T 192 19.29 37.48 6.45
C GLY T 192 17.96 37.67 7.14
N THR T 193 16.88 37.60 6.36
CA THR T 193 15.52 37.69 6.88
C THR T 193 14.67 36.61 6.22
N TRP T 194 14.14 35.69 7.03
CA TRP T 194 13.40 34.55 6.47
C TRP T 194 11.94 34.90 6.19
N ARG T 195 11.14 35.11 7.24
CA ARG T 195 9.76 35.54 7.08
C ARG T 195 9.50 36.88 7.76
N ASP T 196 9.69 36.94 9.08
CA ASP T 196 9.66 38.17 9.86
C ASP T 196 10.72 38.13 10.94
N PHE T 197 11.78 37.35 10.69
CA PHE T 197 12.85 37.12 11.64
C PHE T 197 14.16 37.65 11.05
N ILE T 198 15.03 38.11 11.94
CA ILE T 198 16.43 38.31 11.61
C ILE T 198 17.14 36.98 11.85
N VAL T 199 17.70 36.40 10.79
CA VAL T 199 18.39 35.13 10.87
C VAL T 199 19.88 35.41 10.86
N CYS T 200 20.56 34.96 11.91
CA CYS T 200 22.00 35.13 12.07
C CYS T 200 22.66 33.79 11.82
N PHE T 201 23.34 33.69 10.68
CA PHE T 201 24.02 32.45 10.29
C PHE T 201 25.46 32.54 10.76
N GLY T 202 25.76 31.87 11.87
CA GLY T 202 27.11 31.74 12.36
C GLY T 202 27.77 30.48 11.84
N SER T 203 28.85 30.10 12.52
CA SER T 203 29.42 28.76 12.34
C SER T 203 28.96 27.89 13.50
N SER T 204 28.45 26.70 13.16
CA SER T 204 27.92 25.70 14.08
C SER T 204 26.55 26.07 14.65
N THR T 205 25.94 27.18 14.22
CA THR T 205 24.59 27.52 14.66
C THR T 205 23.98 28.52 13.70
N ILE T 206 22.65 28.49 13.62
CA ILE T 206 21.85 29.49 12.91
C ILE T 206 20.73 29.92 13.84
N GLU T 207 20.70 31.20 14.19
CA GLU T 207 19.76 31.70 15.19
C GLU T 207 18.71 32.60 14.56
N TYR T 208 17.55 32.68 15.23
CA TYR T 208 16.40 33.43 14.76
C TYR T 208 16.01 34.47 15.80
N PHE T 209 15.69 35.68 15.35
CA PHE T 209 15.30 36.78 16.22
C PHE T 209 14.00 37.39 15.71
N SER T 210 13.07 37.65 16.63
CA SER T 210 11.79 38.25 16.28
C SER T 210 11.58 39.53 17.08
N LEU T 211 10.72 40.40 16.55
CA LEU T 211 10.43 41.66 17.22
C LEU T 211 9.64 41.43 18.49
N THR T 212 10.08 42.07 19.58
CA THR T 212 9.42 41.92 20.87
C THR T 212 8.13 42.71 20.96
N GLY T 213 8.08 43.88 20.32
CA GLY T 213 6.97 44.79 20.50
C GLY T 213 7.10 45.72 21.69
N ALA T 214 8.24 45.74 22.35
CA ALA T 214 8.44 46.58 23.52
C ALA T 214 8.38 48.06 23.14
N THR T 215 7.96 48.88 24.10
CA THR T 215 7.83 50.32 23.89
C THR T 215 8.71 51.16 24.79
N THR T 216 9.15 50.64 25.93
CA THR T 216 9.99 51.43 26.83
C THR T 216 11.37 51.65 26.22
N ALA T 217 11.96 52.80 26.54
CA ALA T 217 13.29 53.13 26.04
C ALA T 217 14.33 52.22 26.67
N GLY T 218 15.25 51.73 25.85
CA GLY T 218 16.31 50.86 26.28
C GLY T 218 15.98 49.38 26.27
N ALA T 219 14.69 49.02 26.17
CA ALA T 219 14.30 47.63 26.12
C ALA T 219 14.69 47.01 24.79
N ALA T 220 14.93 45.71 24.82
CA ALA T 220 15.34 44.99 23.61
C ALA T 220 14.18 44.92 22.62
N LEU T 221 14.44 45.32 21.38
CA LEU T 221 13.45 45.26 20.32
C LEU T 221 13.42 43.91 19.61
N TYR T 222 14.42 43.06 19.84
CA TYR T 222 14.48 41.74 19.23
C TYR T 222 14.83 40.71 20.30
N VAL T 223 14.22 39.54 20.18
CA VAL T 223 14.46 38.42 21.10
C VAL T 223 14.70 37.17 20.28
N ALA T 224 15.64 36.34 20.74
CA ALA T 224 16.00 35.12 20.04
C ALA T 224 14.92 34.06 20.25
N GLN T 225 14.68 33.26 19.20
CA GLN T 225 13.75 32.15 19.26
C GLN T 225 14.55 30.84 19.30
N PRO T 226 14.84 30.30 20.48
CA PRO T 226 15.65 29.07 20.54
C PRO T 226 14.97 27.86 19.92
N SER T 227 13.65 27.87 19.80
CA SER T 227 12.94 26.73 19.22
C SER T 227 13.19 26.59 17.72
N LEU T 228 13.53 27.68 17.03
CA LEU T 228 13.77 27.67 15.60
C LEU T 228 15.24 27.52 15.25
N MET T 229 16.11 27.35 16.24
CA MET T 229 17.55 27.32 16.01
C MET T 229 17.97 26.09 15.22
N VAL T 230 19.00 26.24 14.41
CA VAL T 230 19.58 25.16 13.62
C VAL T 230 21.02 24.95 14.09
N GLN T 231 21.36 23.71 14.41
CA GLN T 231 22.70 23.37 14.91
C GLN T 231 23.66 23.11 13.76
N LYS T 232 23.85 24.13 12.94
CA LYS T 232 24.76 24.04 11.81
C LYS T 232 25.07 25.46 11.34
N GLY T 233 26.25 25.63 10.74
CA GLY T 233 26.72 26.92 10.30
C GLY T 233 26.79 27.04 8.79
N ILE T 234 27.31 28.18 8.35
CA ILE T 234 27.51 28.44 6.93
C ILE T 234 28.99 28.70 6.67
N ALA T 235 29.43 28.35 5.45
CA ALA T 235 30.85 28.41 5.14
C ALA T 235 31.34 29.83 4.97
N GLY T 236 30.58 30.66 4.27
CA GLY T 236 30.98 32.04 4.01
C GLY T 236 29.78 32.96 4.04
N THR T 237 30.06 34.26 3.94
CA THR T 237 29.00 35.26 4.05
C THR T 237 28.01 35.17 2.89
N TYR T 238 28.45 34.63 1.74
CA TYR T 238 27.60 34.50 0.57
C TYR T 238 27.33 33.04 0.22
N CYS T 239 27.46 32.14 1.20
CA CYS T 239 27.16 30.72 1.02
C CYS T 239 25.75 30.37 1.44
N LYS T 240 24.80 31.30 1.28
CA LYS T 240 23.43 31.12 1.69
C LYS T 240 22.53 31.86 0.73
N THR T 241 21.30 31.35 0.55
CA THR T 241 20.32 32.03 -0.28
C THR T 241 18.93 31.50 0.05
N PRO T 242 17.90 32.34 -0.01
CA PRO T 242 16.53 31.84 0.15
C PRO T 242 16.10 31.03 -1.06
N PHE T 243 15.94 29.71 -0.89
CA PHE T 243 15.74 28.83 -2.03
C PHE T 243 14.27 28.57 -2.35
N ALA T 244 13.53 27.94 -1.43
CA ALA T 244 12.14 27.61 -1.69
C ALA T 244 11.18 28.34 -0.76
N ASP T 245 11.30 28.12 0.55
CA ASP T 245 10.61 28.94 1.54
C ASP T 245 11.49 29.17 2.76
N SER T 246 12.73 28.70 2.73
CA SER T 246 13.70 28.87 3.80
C SER T 246 15.05 29.12 3.15
N TYR T 247 16.11 28.99 3.91
CA TYR T 247 17.46 29.23 3.41
C TYR T 247 18.16 27.91 3.08
N ALA T 248 18.77 27.88 1.90
CA ALA T 248 19.72 26.84 1.53
C ALA T 248 21.13 27.39 1.71
N PHE T 249 22.02 26.56 2.24
CA PHE T 249 23.36 27.01 2.57
C PHE T 249 24.36 25.87 2.42
N ILE T 250 25.64 26.23 2.49
CA ILE T 250 26.74 25.30 2.55
C ILE T 250 27.35 25.37 3.95
N SER T 251 27.52 24.22 4.58
CA SER T 251 27.89 24.20 5.99
C SER T 251 29.37 24.50 6.17
N HIS T 252 29.71 24.87 7.41
CA HIS T 252 31.05 25.23 7.82
C HIS T 252 31.86 23.99 8.18
N PRO T 253 33.19 24.03 8.04
CA PRO T 253 34.02 22.93 8.53
C PRO T 253 33.96 22.73 10.03
N ALA T 254 33.40 23.69 10.78
CA ALA T 254 33.25 23.55 12.22
C ALA T 254 32.30 22.43 12.61
N THR T 255 31.50 21.92 11.67
CA THR T 255 30.55 20.84 11.94
C THR T 255 30.82 19.61 11.10
N GLY T 256 32.05 19.43 10.63
CA GLY T 256 32.40 18.30 9.80
C GLY T 256 32.63 18.71 8.35
N ALA T 257 32.71 17.70 7.50
CA ALA T 257 32.89 17.95 6.07
C ALA T 257 31.67 18.67 5.52
N PRO T 258 31.86 19.77 4.78
CA PRO T 258 30.72 20.57 4.34
C PRO T 258 29.87 19.86 3.29
N SER T 259 28.61 20.27 3.23
CA SER T 259 27.69 19.84 2.19
C SER T 259 26.61 20.92 2.06
N VAL T 260 25.57 20.62 1.28
CA VAL T 260 24.50 21.58 0.98
C VAL T 260 23.26 21.18 1.76
N TYR T 261 22.67 22.14 2.46
CA TYR T 261 21.51 21.91 3.32
C TYR T 261 20.43 22.92 3.00
N ILE T 262 19.19 22.53 3.30
CA ILE T 262 18.05 23.43 3.31
C ILE T 262 17.44 23.41 4.71
N ILE T 263 17.16 24.59 5.26
CA ILE T 263 16.64 24.68 6.61
C ILE T 263 15.18 24.25 6.63
N GLY T 264 14.85 23.35 7.55
CA GLY T 264 13.48 22.93 7.77
C GLY T 264 12.84 23.67 8.93
N SER T 265 12.52 22.95 10.00
CA SER T 265 11.99 23.54 11.22
C SER T 265 12.91 23.12 12.36
N GLY T 266 13.92 23.95 12.63
CA GLY T 266 14.91 23.64 13.63
C GLY T 266 16.00 22.68 13.18
N GLN T 267 15.89 22.13 11.99
CA GLN T 267 16.85 21.18 11.46
C GLN T 267 17.21 21.56 10.04
N ALA T 268 18.30 20.98 9.55
CA ALA T 268 18.75 21.13 8.17
C ALA T 268 18.72 19.79 7.47
N SER T 269 18.18 19.79 6.25
CA SER T 269 18.08 18.58 5.44
C SER T 269 19.14 18.61 4.35
N PRO T 270 19.92 17.55 4.20
CA PRO T 270 20.99 17.56 3.19
C PRO T 270 20.43 17.50 1.77
N ILE T 271 21.05 18.26 0.89
CA ILE T 271 20.68 18.30 -0.51
C ILE T 271 21.77 17.75 -1.42
N ALA T 272 23.03 17.89 -1.06
CA ALA T 272 24.13 17.40 -1.89
C ALA T 272 24.24 15.88 -1.80
N THR T 273 24.79 15.29 -2.86
CA THR T 273 25.09 13.87 -2.89
C THR T 273 26.57 13.66 -2.56
N ALA T 274 27.01 12.40 -2.59
CA ALA T 274 28.40 12.09 -2.25
C ALA T 274 29.37 12.74 -3.24
N SER T 275 29.01 12.79 -4.52
CA SER T 275 29.87 13.42 -5.51
C SER T 275 29.98 14.93 -5.28
N ILE T 276 28.85 15.57 -4.96
CA ILE T 276 28.88 17.00 -4.67
C ILE T 276 29.69 17.28 -3.41
N GLU T 277 29.55 16.41 -2.41
CA GLU T 277 30.36 16.55 -1.19
C GLU T 277 31.84 16.38 -1.49
N LYS T 278 32.19 15.46 -2.38
CA LYS T 278 33.59 15.32 -2.77
C LYS T 278 34.10 16.56 -3.50
N ILE T 279 33.28 17.13 -4.39
CA ILE T 279 33.66 18.35 -5.09
C ILE T 279 33.90 19.47 -4.10
N ILE T 280 33.00 19.62 -3.12
CA ILE T 280 33.18 20.65 -2.10
C ILE T 280 34.45 20.39 -1.29
N ARG T 281 34.69 19.12 -0.92
CA ARG T 281 35.86 18.76 -0.14
C ARG T 281 37.16 18.99 -0.90
N SER T 282 37.11 19.05 -2.24
CA SER T 282 38.30 19.35 -3.01
C SER T 282 38.78 20.78 -2.80
N TYR T 283 37.97 21.64 -2.20
CA TYR T 283 38.34 23.02 -1.93
C TYR T 283 38.78 23.18 -0.48
N THR T 284 39.77 24.05 -0.27
CA THR T 284 40.21 24.37 1.08
C THR T 284 39.13 25.17 1.80
N ALA T 285 39.41 25.55 3.05
CA ALA T 285 38.50 26.43 3.78
C ALA T 285 38.35 27.76 3.04
N GLU T 286 39.46 28.33 2.59
CA GLU T 286 39.42 29.35 1.57
C GLU T 286 39.19 28.70 0.20
N GLU T 287 38.62 29.48 -0.71
CA GLU T 287 38.00 29.07 -1.96
C GLU T 287 36.64 28.44 -1.70
N MET T 288 36.26 28.20 -0.46
CA MET T 288 34.93 27.75 -0.09
C MET T 288 34.11 28.84 0.59
N ALA T 289 34.76 29.76 1.29
CA ALA T 289 34.10 30.96 1.79
C ALA T 289 33.89 31.99 0.69
N THR T 290 34.56 31.84 -0.44
CA THR T 290 34.38 32.72 -1.59
C THR T 290 33.29 32.24 -2.54
N GLY T 291 32.65 31.11 -2.24
CA GLY T 291 31.57 30.63 -3.08
C GLY T 291 30.34 31.51 -2.96
N VAL T 292 29.52 31.49 -4.01
CA VAL T 292 28.32 32.32 -4.08
C VAL T 292 27.13 31.41 -4.35
N MET T 293 25.97 31.75 -3.79
CA MET T 293 24.77 30.95 -3.99
C MET T 293 23.63 31.85 -4.44
N GLU T 294 22.92 31.40 -5.47
CA GLU T 294 21.81 32.15 -6.06
C GLU T 294 20.68 31.20 -6.40
N THR T 295 19.54 31.79 -6.76
CA THR T 295 18.34 31.04 -7.11
C THR T 295 17.79 31.54 -8.44
N LEU T 296 17.37 30.59 -9.29
CA LEU T 296 16.72 30.90 -10.56
C LEU T 296 15.40 30.17 -10.63
N ARG T 297 14.51 30.70 -11.47
CA ARG T 297 13.15 30.18 -11.58
C ARG T 297 12.66 30.45 -12.99
N PHE T 298 12.42 29.38 -13.76
CA PHE T 298 11.83 29.56 -15.09
C PHE T 298 11.34 28.22 -15.62
N ASP T 299 10.14 28.23 -16.22
CA ASP T 299 9.54 27.05 -16.85
C ASP T 299 9.45 25.89 -15.86
N SER T 300 8.98 26.17 -14.66
CA SER T 300 8.85 25.24 -13.53
C SER T 300 10.21 24.77 -13.01
N HIS T 301 11.31 25.20 -13.63
CA HIS T 301 12.63 24.92 -13.09
C HIS T 301 12.89 25.81 -11.90
N GLU T 302 13.29 25.20 -10.79
CA GLU T 302 13.65 25.87 -9.54
C GLU T 302 15.12 25.54 -9.28
N LEU T 303 16.01 26.37 -9.80
CA LEU T 303 17.44 26.08 -9.80
C LEU T 303 18.14 26.75 -8.63
N LEU T 304 19.00 26.01 -7.95
CA LEU T 304 19.89 26.53 -6.93
C LEU T 304 21.30 26.49 -7.50
N ILE T 305 21.89 27.65 -7.75
CA ILE T 305 23.19 27.77 -8.41
C ILE T 305 24.24 28.08 -7.36
N ILE T 306 25.36 27.36 -7.43
CA ILE T 306 26.49 27.56 -6.53
C ILE T 306 27.73 27.78 -7.39
N HIS T 307 28.34 28.95 -7.25
CA HIS T 307 29.57 29.29 -7.94
C HIS T 307 30.75 29.08 -7.02
N LEU T 308 31.72 28.31 -7.50
CA LEU T 308 33.00 28.04 -6.86
C LEU T 308 34.11 28.45 -7.82
N PRO T 309 35.34 28.61 -7.33
CA PRO T 309 36.43 29.03 -8.23
C PRO T 309 36.66 28.10 -9.40
N ARG T 310 36.26 26.82 -9.29
CA ARG T 310 36.48 25.88 -10.38
C ARG T 310 35.21 25.14 -10.83
N HIS T 311 34.11 25.23 -10.09
CA HIS T 311 32.88 24.54 -10.47
C HIS T 311 31.69 25.48 -10.29
N VAL T 312 30.73 25.38 -11.20
CA VAL T 312 29.41 25.98 -11.04
C VAL T 312 28.41 24.84 -11.06
N LEU T 313 27.77 24.60 -9.92
CA LEU T 313 26.90 23.45 -9.72
C LEU T 313 25.46 23.92 -9.54
N VAL T 314 24.56 23.34 -10.33
CA VAL T 314 23.14 23.71 -10.31
C VAL T 314 22.34 22.51 -9.83
N TYR T 315 21.53 22.73 -8.79
CA TYR T 315 20.63 21.73 -8.25
C TYR T 315 19.20 22.06 -8.67
N ASP T 316 18.50 21.08 -9.23
CA ASP T 316 17.12 21.27 -9.65
C ASP T 316 16.19 20.65 -8.62
N ALA T 317 15.37 21.48 -8.00
CA ALA T 317 14.42 20.99 -7.00
C ALA T 317 13.20 20.33 -7.64
N SER T 318 12.85 20.74 -8.86
CA SER T 318 11.65 20.24 -9.52
C SER T 318 11.88 18.95 -10.29
N SER T 319 13.11 18.46 -10.33
CA SER T 319 13.44 17.22 -11.04
C SER T 319 14.24 16.29 -10.14
N SER T 320 13.90 16.26 -8.86
CA SER T 320 14.62 15.48 -7.86
C SER T 320 13.77 14.36 -7.28
N GLN T 321 13.02 13.67 -8.14
CA GLN T 321 12.17 12.57 -7.71
C GLN T 321 12.90 11.25 -7.59
N ASN T 322 14.13 11.15 -8.10
CA ASN T 322 14.95 9.95 -7.97
C ASN T 322 16.20 10.22 -7.14
N GLY T 323 16.13 11.20 -6.24
CA GLY T 323 17.29 11.69 -5.55
C GLY T 323 17.63 13.08 -6.05
N PRO T 324 18.58 13.75 -5.39
CA PRO T 324 18.95 15.10 -5.82
C PRO T 324 19.47 15.12 -7.24
N GLN T 325 19.05 16.13 -8.00
CA GLN T 325 19.41 16.28 -9.40
C GLN T 325 20.38 17.45 -9.54
N TRP T 326 21.60 17.15 -9.99
CA TRP T 326 22.67 18.13 -10.08
C TRP T 326 23.23 18.16 -11.49
N CYS T 327 23.75 19.31 -11.88
CA CYS T 327 24.40 19.48 -13.16
C CYS T 327 25.50 20.52 -13.03
N VAL T 328 26.33 20.62 -14.07
CA VAL T 328 27.47 21.53 -14.09
C VAL T 328 27.28 22.54 -15.20
N LEU T 329 27.55 23.81 -14.91
CA LEU T 329 27.58 24.87 -15.90
C LEU T 329 29.02 25.29 -16.13
N LYS T 330 29.36 25.56 -17.39
CA LYS T 330 30.73 25.91 -17.73
C LYS T 330 30.75 26.71 -19.02
N THR T 331 31.88 27.38 -19.26
CA THR T 331 32.12 28.14 -20.46
C THR T 331 33.29 27.54 -21.22
N GLY T 332 33.18 27.47 -22.53
CA GLY T 332 34.24 26.89 -23.34
C GLY T 332 34.12 25.38 -23.47
N LEU T 333 35.25 24.76 -23.83
CA LEU T 333 35.29 23.34 -24.11
C LEU T 333 36.20 22.55 -23.18
N TYR T 334 36.83 23.19 -22.20
CA TYR T 334 37.84 22.56 -21.35
C TYR T 334 37.60 22.89 -19.88
N ASP T 335 36.36 22.68 -19.44
CA ASP T 335 35.94 22.81 -18.03
C ASP T 335 36.39 24.13 -17.41
N ASP T 336 36.30 25.20 -18.19
CA ASP T 336 36.45 26.55 -17.65
C ASP T 336 35.16 26.94 -16.95
N VAL T 337 35.29 27.69 -15.84
CA VAL T 337 34.13 27.96 -14.99
C VAL T 337 33.10 28.78 -15.77
N TYR T 338 31.85 28.66 -15.35
CA TYR T 338 30.75 29.35 -16.02
C TYR T 338 30.82 30.84 -15.76
N ARG T 339 30.75 31.63 -16.82
CA ARG T 339 30.95 33.07 -16.71
C ARG T 339 29.71 33.81 -16.21
N GLY T 340 28.54 33.19 -16.27
CA GLY T 340 27.33 33.86 -15.82
C GLY T 340 27.22 33.87 -14.30
N VAL T 341 26.72 34.99 -13.78
CA VAL T 341 26.58 35.18 -12.34
C VAL T 341 25.58 36.32 -12.12
N ASP T 342 24.99 36.36 -10.93
CA ASP T 342 24.07 37.42 -10.53
C ASP T 342 22.84 37.47 -11.45
N PHE T 343 22.13 36.35 -11.50
CA PHE T 343 20.90 36.27 -12.27
C PHE T 343 19.77 37.00 -11.54
N MET T 344 18.90 37.63 -12.32
CA MET T 344 17.76 38.34 -11.75
C MET T 344 16.70 38.49 -12.83
N TYR T 345 15.45 38.19 -12.49
CA TYR T 345 14.35 38.32 -13.44
C TYR T 345 13.77 39.73 -13.34
N GLU T 346 13.75 40.44 -14.46
CA GLU T 346 13.11 41.75 -14.53
C GLU T 346 12.31 41.84 -15.82
N GLY T 347 11.16 42.52 -15.75
CA GLY T 347 10.28 42.60 -16.88
C GLY T 347 9.78 41.24 -17.30
N ASN T 348 10.29 40.73 -18.42
CA ASN T 348 10.03 39.36 -18.84
C ASN T 348 11.31 38.67 -19.29
N GLN T 349 12.44 39.09 -18.72
CA GLN T 349 13.75 38.56 -19.11
C GLN T 349 14.60 38.32 -17.88
N ILE T 350 15.42 37.26 -17.94
CA ILE T 350 16.41 36.98 -16.91
C ILE T 350 17.73 37.60 -17.34
N THR T 351 18.32 38.41 -16.47
CA THR T 351 19.53 39.17 -16.77
C THR T 351 20.63 38.74 -15.82
N CYS T 352 21.85 38.63 -16.35
CA CYS T 352 22.99 38.18 -15.57
C CYS T 352 24.16 39.14 -15.73
N GLY T 353 25.06 39.10 -14.76
CA GLY T 353 26.34 39.76 -14.85
C GLY T 353 27.38 38.86 -15.48
N ASP T 354 28.63 39.32 -15.43
CA ASP T 354 29.74 38.56 -15.97
C ASP T 354 30.88 38.50 -14.96
N LYS T 355 31.60 37.39 -14.99
CA LYS T 355 32.71 37.16 -14.07
C LYS T 355 34.05 37.62 -14.62
N SER T 356 34.18 37.78 -15.94
CA SER T 356 35.44 38.12 -16.56
C SER T 356 35.40 39.37 -17.44
N GLU T 357 34.22 39.81 -17.86
CA GLU T 357 34.11 40.98 -18.72
C GLU T 357 33.13 41.97 -18.12
N ALA T 358 33.20 43.21 -18.61
CA ALA T 358 32.38 44.30 -18.09
C ALA T 358 31.10 44.43 -18.92
N VAL T 359 30.29 43.37 -18.90
CA VAL T 359 29.08 43.29 -19.71
C VAL T 359 27.95 42.69 -18.88
N VAL T 360 26.77 42.69 -19.48
CA VAL T 360 25.54 42.14 -18.89
C VAL T 360 24.85 41.33 -19.97
N GLY T 361 24.23 40.21 -19.59
CA GLY T 361 23.49 39.37 -20.50
C GLY T 361 21.99 39.42 -20.26
N GLN T 362 21.25 38.69 -21.10
CA GLN T 362 19.81 38.60 -20.93
C GLN T 362 19.25 37.19 -21.16
N LEU T 363 20.10 36.17 -21.28
CA LEU T 363 19.70 34.76 -21.19
C LEU T 363 18.63 34.41 -22.23
N GLN T 364 19.04 34.46 -23.48
CA GLN T 364 18.16 34.08 -24.59
C GLN T 364 17.86 32.59 -24.56
N PHE T 365 16.65 32.22 -24.98
CA PHE T 365 16.15 30.86 -24.83
C PHE T 365 16.16 30.03 -26.12
N ASP T 366 16.31 30.66 -27.30
CA ASP T 366 16.36 29.92 -28.54
C ASP T 366 17.77 29.70 -29.04
N ILE T 367 18.77 29.95 -28.20
CA ILE T 367 20.17 29.70 -28.50
C ILE T 367 20.78 28.93 -27.33
N SER T 368 22.05 28.54 -27.49
CA SER T 368 22.79 27.96 -26.39
C SER T 368 24.20 28.52 -26.30
N SER T 369 24.54 29.53 -27.11
CA SER T 369 25.85 30.14 -27.09
C SER T 369 25.89 31.27 -26.07
N GLN T 370 27.08 31.47 -25.49
CA GLN T 370 27.30 32.54 -24.52
C GLN T 370 28.09 33.64 -25.22
N TYR T 371 27.42 34.77 -25.49
CA TYR T 371 28.02 35.90 -26.20
C TYR T 371 28.57 35.49 -27.56
N ASP T 372 27.72 34.84 -28.35
CA ASP T 372 27.97 34.45 -29.73
C ASP T 372 29.05 33.39 -29.88
N LYS T 373 29.41 32.69 -28.81
CA LYS T 373 30.45 31.68 -28.84
C LYS T 373 29.85 30.31 -28.53
N GLN T 374 30.16 29.32 -29.37
CA GLN T 374 29.57 28.00 -29.23
C GLN T 374 29.99 27.33 -27.93
N GLN T 375 29.07 26.55 -27.35
CA GLN T 375 29.27 25.92 -26.06
C GLN T 375 29.13 24.42 -26.17
N GLU T 376 29.60 23.74 -25.13
CA GLU T 376 29.71 22.28 -25.09
C GLU T 376 28.74 21.71 -24.06
N HIS T 377 28.10 20.60 -24.43
CA HIS T 377 27.11 19.93 -23.60
C HIS T 377 27.46 18.45 -23.51
N LEU T 378 27.31 17.87 -22.32
CA LEU T 378 27.68 16.49 -22.07
C LEU T 378 26.51 15.74 -21.47
N LEU T 379 26.40 14.45 -21.80
CA LEU T 379 25.31 13.61 -21.30
C LEU T 379 25.82 12.19 -21.18
N PHE T 380 26.06 11.74 -19.95
CA PHE T 380 26.64 10.43 -19.68
C PHE T 380 25.57 9.44 -19.26
N THR T 381 25.84 8.16 -19.52
CA THR T 381 24.99 7.07 -19.06
C THR T 381 25.69 6.29 -17.96
N PRO T 382 24.94 5.69 -17.04
CA PRO T 382 25.57 4.87 -15.99
C PRO T 382 26.21 3.62 -16.57
N LEU T 383 27.24 3.13 -15.87
CA LEU T 383 27.88 1.89 -16.24
C LEU T 383 26.98 0.70 -15.91
N PHE T 384 27.07 -0.34 -16.74
CA PHE T 384 26.31 -1.55 -16.48
C PHE T 384 27.07 -2.75 -17.02
N LYS T 385 26.76 -3.92 -16.47
CA LYS T 385 27.42 -5.18 -16.81
C LYS T 385 26.59 -5.91 -17.85
N ALA T 386 27.15 -6.06 -19.05
CA ALA T 386 26.47 -6.66 -20.19
C ALA T 386 27.39 -7.64 -20.91
N ASP T 387 28.01 -8.54 -20.15
CA ASP T 387 29.01 -9.46 -20.69
C ASP T 387 28.49 -10.17 -21.93
N ASN T 388 29.23 -10.01 -23.04
CA ASN T 388 28.91 -10.66 -24.31
C ASN T 388 27.53 -10.25 -24.81
N ALA T 389 27.33 -8.95 -24.98
CA ALA T 389 26.02 -8.42 -25.38
C ALA T 389 25.90 -8.13 -26.86
N ARG T 390 26.90 -7.46 -27.45
CA ARG T 390 26.88 -7.10 -28.87
C ARG T 390 25.64 -6.23 -29.19
N CYS T 391 25.69 -5.02 -28.64
CA CYS T 391 24.59 -4.07 -28.75
C CYS T 391 24.50 -3.47 -30.14
N PHE T 392 23.29 -2.99 -30.48
CA PHE T 392 23.01 -2.38 -31.78
C PHE T 392 22.05 -1.22 -31.59
N ASP T 393 21.92 -0.42 -32.66
CA ASP T 393 20.87 0.59 -32.80
C ASP T 393 20.81 1.54 -31.60
N LEU T 394 21.88 2.32 -31.45
CA LEU T 394 21.91 3.36 -30.43
C LEU T 394 21.09 4.54 -30.93
N GLU T 395 19.90 4.75 -30.36
CA GLU T 395 19.00 5.81 -30.75
C GLU T 395 18.88 6.85 -29.64
N VAL T 396 18.58 8.07 -30.05
CA VAL T 396 18.22 9.15 -29.13
C VAL T 396 17.22 10.04 -29.84
N GLU T 397 16.28 10.59 -29.07
CA GLU T 397 15.28 11.50 -29.61
C GLU T 397 15.74 12.94 -29.40
N SER T 398 15.85 13.68 -30.50
CA SER T 398 16.29 15.07 -30.45
C SER T 398 15.27 15.96 -31.13
N SER T 399 14.99 17.10 -30.50
CA SER T 399 14.05 18.08 -31.04
C SER T 399 14.86 19.04 -31.92
N THR T 400 14.72 18.88 -33.24
CA THR T 400 15.50 19.62 -34.22
C THR T 400 14.67 20.74 -34.83
N GLY T 401 15.34 21.55 -35.66
CA GLY T 401 14.66 22.60 -36.40
C GLY T 401 15.20 23.99 -36.17
N VAL T 402 15.55 24.29 -34.92
CA VAL T 402 16.05 25.61 -34.55
C VAL T 402 17.57 25.48 -34.47
N ALA T 403 18.24 25.74 -35.60
CA ALA T 403 19.68 25.64 -35.68
C ALA T 403 20.17 26.49 -36.83
N GLN T 404 21.42 26.94 -36.74
CA GLN T 404 22.07 27.65 -37.83
C GLN T 404 23.01 26.77 -38.63
N TYR T 405 23.41 25.62 -38.09
CA TYR T 405 24.28 24.68 -38.77
C TYR T 405 23.81 23.26 -38.45
N ALA T 406 24.17 22.32 -39.32
CA ALA T 406 23.90 20.90 -39.09
C ALA T 406 24.91 20.39 -38.05
N ASP T 407 24.73 20.85 -36.82
CA ASP T 407 25.66 20.52 -35.74
C ASP T 407 25.63 19.04 -35.45
N ARG T 408 26.77 18.53 -34.97
CA ARG T 408 26.96 17.10 -34.82
C ARG T 408 27.16 16.71 -33.37
N LEU T 409 27.23 15.41 -33.17
CA LEU T 409 27.32 14.75 -31.87
C LEU T 409 28.54 13.85 -31.88
N PHE T 410 29.36 13.96 -30.84
CA PHE T 410 30.48 13.06 -30.62
C PHE T 410 30.00 11.93 -29.72
N LEU T 411 29.90 10.73 -30.28
CA LEU T 411 29.43 9.56 -29.54
C LEU T 411 30.61 8.62 -29.32
N SER T 412 30.92 8.35 -28.05
CA SER T 412 32.00 7.47 -27.66
C SER T 412 31.51 6.54 -26.56
N ALA T 413 32.31 5.52 -26.29
CA ALA T 413 31.98 4.53 -25.28
C ALA T 413 33.20 4.25 -24.41
N THR T 414 32.95 3.99 -23.14
CA THR T 414 33.98 3.59 -22.19
C THR T 414 33.70 2.18 -21.70
N THR T 415 34.76 1.39 -21.55
CA THR T 415 34.64 0.02 -21.06
C THR T 415 35.29 -0.17 -19.69
N ASP T 416 35.88 0.88 -19.12
CA ASP T 416 36.44 0.81 -17.78
C ASP T 416 35.90 1.87 -16.83
N GLY T 417 35.20 2.87 -17.33
CA GLY T 417 34.61 3.91 -16.51
C GLY T 417 35.39 5.20 -16.45
N ILE T 418 36.62 5.23 -17.00
CA ILE T 418 37.48 6.40 -16.95
C ILE T 418 37.85 6.88 -18.35
N ASN T 419 38.36 5.99 -19.17
CA ASN T 419 38.83 6.34 -20.51
C ASN T 419 37.78 6.01 -21.55
N TYR T 420 37.57 6.94 -22.49
CA TYR T 420 36.62 6.77 -23.57
C TYR T 420 37.36 6.49 -24.87
N GLY T 421 36.71 5.71 -25.74
CA GLY T 421 37.32 5.30 -26.99
C GLY T 421 37.13 6.30 -28.11
N ARG T 422 37.01 5.78 -29.33
CA ARG T 422 36.85 6.64 -30.49
C ARG T 422 35.51 7.36 -30.45
N GLU T 423 35.50 8.56 -31.04
CA GLU T 423 34.30 9.39 -31.12
C GLU T 423 33.78 9.39 -32.55
N GLN T 424 32.49 9.09 -32.71
CA GLN T 424 31.83 9.11 -34.00
C GLN T 424 30.94 10.34 -34.10
N MET T 425 30.95 10.97 -35.27
CA MET T 425 30.22 12.20 -35.51
C MET T 425 28.87 11.87 -36.15
N ILE T 426 27.79 12.22 -35.46
CA ILE T 426 26.43 11.97 -35.96
C ILE T 426 25.66 13.28 -35.93
N GLU T 427 25.07 13.65 -37.07
CA GLU T 427 24.30 14.88 -37.13
C GLU T 427 23.07 14.78 -36.23
N GLN T 428 23.00 15.61 -35.19
CA GLN T 428 21.90 15.60 -34.26
C GLN T 428 20.91 16.73 -34.46
N ASN T 429 21.22 17.69 -35.32
CA ASN T 429 20.31 18.80 -35.59
C ASN T 429 20.52 19.28 -37.02
N GLU T 430 19.49 19.93 -37.56
CA GLU T 430 19.51 20.47 -38.90
C GLU T 430 18.60 21.67 -38.95
N PRO T 431 19.02 22.77 -39.58
CA PRO T 431 18.15 23.95 -39.67
C PRO T 431 16.88 23.65 -40.45
N PHE T 432 15.74 23.98 -39.84
CA PHE T 432 14.42 23.89 -40.47
C PHE T 432 14.07 22.46 -40.85
N VAL T 433 14.59 21.49 -40.11
CA VAL T 433 14.23 20.09 -40.26
C VAL T 433 13.72 19.59 -38.91
N TYR T 434 12.52 19.02 -38.89
CA TYR T 434 11.88 18.61 -37.66
C TYR T 434 11.69 17.10 -37.59
N ASP T 435 12.38 16.33 -38.43
CA ASP T 435 12.39 14.87 -38.39
C ASP T 435 13.80 14.42 -38.75
N LYS T 436 14.56 14.01 -37.74
CA LYS T 436 15.99 13.76 -37.92
C LYS T 436 16.39 12.31 -37.69
N ARG T 437 15.92 11.69 -36.60
CA ARG T 437 16.28 10.32 -36.23
C ARG T 437 17.79 10.18 -36.03
N VAL T 438 18.28 10.86 -34.99
CA VAL T 438 19.66 10.68 -34.55
C VAL T 438 19.85 9.23 -34.11
N LEU T 439 20.88 8.58 -34.67
CA LEU T 439 21.00 7.14 -34.51
C LEU T 439 22.38 6.68 -34.98
N TRP T 440 22.91 5.66 -34.31
CA TRP T 440 24.10 4.94 -34.76
C TRP T 440 23.76 3.45 -34.80
N LYS T 441 23.99 2.82 -35.96
CA LYS T 441 23.50 1.47 -36.16
C LYS T 441 24.30 0.44 -35.37
N ARG T 442 25.59 0.33 -35.65
CA ARG T 442 26.41 -0.80 -35.19
C ARG T 442 27.36 -0.34 -34.10
N VAL T 443 26.97 -0.58 -32.85
CA VAL T 443 27.88 -0.45 -31.72
C VAL T 443 28.54 -1.81 -31.49
N GLY T 444 29.73 -1.80 -30.90
CA GLY T 444 30.51 -3.00 -30.79
C GLY T 444 29.97 -3.96 -29.73
N ARG T 445 30.68 -5.06 -29.57
CA ARG T 445 30.36 -6.04 -28.53
C ARG T 445 30.83 -5.52 -27.18
N ILE T 446 30.07 -5.81 -26.14
CA ILE T 446 30.38 -5.42 -24.78
C ILE T 446 31.08 -6.58 -24.10
N ARG T 447 32.33 -6.37 -23.68
CA ARG T 447 33.08 -7.42 -23.02
C ARG T 447 32.65 -7.59 -21.57
N ARG T 448 32.87 -6.56 -20.74
CA ARG T 448 32.36 -6.57 -19.38
C ARG T 448 31.41 -5.41 -19.11
N LEU T 449 31.83 -4.18 -19.35
CA LEU T 449 31.06 -2.98 -19.02
C LEU T 449 31.09 -2.01 -20.19
N ILE T 450 30.14 -1.08 -20.19
CA ILE T 450 30.05 -0.09 -21.25
C ILE T 450 29.31 1.13 -20.71
N GLY T 451 29.62 2.29 -21.30
CA GLY T 451 28.96 3.54 -20.96
C GLY T 451 29.28 4.59 -22.01
N PHE T 452 28.36 5.52 -22.24
CA PHE T 452 28.48 6.46 -23.34
C PHE T 452 28.58 7.89 -22.82
N LYS T 453 29.08 8.78 -23.68
CA LYS T 453 29.43 10.15 -23.29
C LYS T 453 28.56 11.22 -23.95
N LEU T 454 28.26 11.09 -25.24
CA LEU T 454 27.23 11.89 -25.92
C LEU T 454 27.53 13.40 -25.80
N ARG T 455 28.61 13.81 -26.44
CA ARG T 455 29.07 15.19 -26.40
C ARG T 455 28.56 15.98 -27.60
N VAL T 456 28.09 17.20 -27.34
CA VAL T 456 27.56 18.11 -28.36
C VAL T 456 28.28 19.45 -28.23
N ILE T 457 28.48 20.13 -29.35
CA ILE T 457 29.03 21.48 -29.38
C ILE T 457 28.18 22.31 -30.32
N THR T 458 27.48 23.31 -29.79
CA THR T 458 26.45 24.01 -30.55
C THR T 458 26.37 25.47 -30.17
N LYS T 459 25.76 26.25 -31.05
CA LYS T 459 25.24 27.57 -30.73
C LYS T 459 23.72 27.58 -30.63
N SER T 460 23.09 26.42 -30.74
CA SER T 460 21.65 26.24 -30.76
C SER T 460 21.20 25.37 -29.60
N PRO T 461 19.94 25.44 -29.21
CA PRO T 461 19.47 24.62 -28.09
C PRO T 461 19.56 23.12 -28.38
N VAL T 462 19.87 22.36 -27.34
CA VAL T 462 19.99 20.91 -27.41
C VAL T 462 18.87 20.31 -26.57
N THR T 463 18.06 19.47 -27.20
CA THR T 463 16.95 18.78 -26.52
C THR T 463 17.10 17.30 -26.83
N LEU T 464 17.45 16.50 -25.82
CA LEU T 464 17.73 15.08 -26.01
C LEU T 464 16.93 14.26 -25.01
N SER T 465 16.39 13.13 -25.48
CA SER T 465 15.62 12.23 -24.63
C SER T 465 15.56 10.87 -25.32
N GLY T 466 15.06 9.88 -24.56
CA GLY T 466 14.79 8.57 -25.10
C GLY T 466 15.99 7.81 -25.63
N CYS T 467 17.07 7.79 -24.87
CA CYS T 467 18.23 6.99 -25.24
C CYS T 467 17.89 5.51 -25.11
N GLN T 468 18.22 4.73 -26.13
CA GLN T 468 17.85 3.33 -26.17
C GLN T 468 18.84 2.56 -27.04
N ILE T 469 19.01 1.28 -26.71
CA ILE T 469 19.90 0.39 -27.46
C ILE T 469 19.16 -0.92 -27.69
N ARG T 470 19.65 -1.70 -28.65
CA ARG T 470 19.20 -3.06 -28.87
C ARG T 470 20.33 -4.01 -28.51
N LEU T 471 20.07 -4.92 -27.57
CA LEU T 471 21.11 -5.78 -27.02
C LEU T 471 21.19 -7.14 -27.70
N GLU T 472 20.26 -7.46 -28.59
CA GLU T 472 20.25 -8.75 -29.29
C GLU T 472 20.31 -9.93 -28.32
N THR U 5 -5.21 -39.83 37.53
CA THR U 5 -6.09 -40.08 38.66
C THR U 5 -6.16 -41.58 38.94
N ALA U 6 -5.00 -42.19 39.15
CA ALA U 6 -4.90 -43.64 39.36
C ALA U 6 -3.51 -43.96 39.89
N ASN U 7 -3.39 -45.14 40.51
CA ASN U 7 -2.17 -45.51 41.20
C ASN U 7 -1.75 -46.94 40.91
N VAL U 8 -2.12 -47.48 39.76
CA VAL U 8 -1.68 -48.82 39.35
C VAL U 8 -1.90 -48.94 37.85
N VAL U 9 -0.96 -49.60 37.17
CA VAL U 9 -1.03 -49.81 35.73
C VAL U 9 -1.87 -51.04 35.45
N VAL U 10 -2.68 -50.98 34.39
CA VAL U 10 -3.45 -52.13 33.96
C VAL U 10 -2.49 -53.18 33.39
N SER U 11 -2.45 -54.35 34.04
CA SER U 11 -1.55 -55.42 33.66
C SER U 11 -2.36 -56.69 33.42
N ASN U 12 -1.67 -57.77 33.06
CA ASN U 12 -2.32 -59.06 32.86
C ASN U 12 -2.07 -59.91 34.09
N PRO U 13 -3.09 -60.14 34.93
CA PRO U 13 -2.85 -60.87 36.18
C PRO U 13 -2.67 -62.37 35.99
N ARG U 14 -3.22 -62.90 34.92
CA ARG U 14 -3.20 -64.35 34.70
C ARG U 14 -1.79 -64.80 34.31
N PRO U 15 -1.18 -65.73 35.04
CA PRO U 15 0.19 -66.13 34.74
C PRO U 15 0.30 -66.85 33.41
N ILE U 16 1.45 -66.67 32.77
CA ILE U 16 1.79 -67.34 31.52
C ILE U 16 3.18 -67.94 31.67
N PHE U 17 3.34 -69.19 31.23
CA PHE U 17 4.58 -69.93 31.38
C PHE U 17 5.16 -70.21 30.01
N THR U 18 6.36 -69.68 29.76
CA THR U 18 7.07 -69.87 28.50
C THR U 18 8.43 -70.51 28.79
N GLU U 19 9.05 -71.03 27.74
CA GLU U 19 10.34 -71.68 27.89
C GLU U 19 11.42 -70.68 28.24
N SER U 20 12.41 -71.15 29.01
CA SER U 20 13.44 -70.26 29.55
C SER U 20 14.45 -69.84 28.50
N ARG U 21 14.64 -70.62 27.45
CA ARG U 21 15.67 -70.36 26.46
C ARG U 21 15.13 -69.95 25.09
N SER U 22 13.86 -70.20 24.80
CA SER U 22 13.27 -69.82 23.52
C SER U 22 11.92 -69.18 23.77
N PHE U 23 11.52 -68.30 22.84
CA PHE U 23 10.25 -67.58 22.96
C PHE U 23 9.13 -68.47 22.43
N LYS U 24 8.68 -69.37 23.30
CA LYS U 24 7.50 -70.19 23.01
C LYS U 24 6.94 -70.68 24.33
N ALA U 25 5.68 -71.04 24.32
CA ALA U 25 5.01 -71.46 25.55
C ALA U 25 5.45 -72.87 25.94
N VAL U 26 5.27 -73.19 27.22
CA VAL U 26 5.51 -74.55 27.71
C VAL U 26 4.21 -75.30 27.49
N ALA U 27 4.04 -75.81 26.26
CA ALA U 27 2.82 -76.48 25.88
C ALA U 27 2.80 -77.90 26.41
N ASN U 28 1.69 -78.27 27.06
CA ASN U 28 1.51 -79.60 27.63
C ASN U 28 2.61 -79.90 28.66
N GLY U 29 3.01 -78.87 29.41
CA GLY U 29 3.99 -79.02 30.46
C GLY U 29 3.34 -79.25 31.82
N LYS U 30 4.18 -79.51 32.81
CA LYS U 30 3.75 -79.79 34.16
C LYS U 30 4.35 -78.80 35.15
N ILE U 31 3.59 -78.50 36.19
CA ILE U 31 4.06 -77.67 37.30
C ILE U 31 3.90 -78.47 38.59
N TYR U 32 4.99 -78.60 39.33
CA TYR U 32 5.01 -79.32 40.60
C TYR U 32 5.20 -78.32 41.72
N ILE U 33 4.26 -78.31 42.66
CA ILE U 33 4.26 -77.39 43.80
C ILE U 33 4.54 -78.22 45.05
N GLY U 34 5.55 -77.83 45.80
CA GLY U 34 5.96 -78.59 46.98
C GLY U 34 6.48 -77.77 48.12
N GLN U 35 7.19 -78.41 49.05
CA GLN U 35 7.71 -77.71 50.22
C GLN U 35 8.86 -76.78 49.84
N ILE U 36 9.08 -75.79 50.70
CA ILE U 36 10.09 -74.77 50.44
C ILE U 36 11.48 -75.41 50.46
N ASP U 37 12.31 -75.04 49.47
CA ASP U 37 13.70 -75.46 49.36
C ASP U 37 13.86 -76.96 49.17
N THR U 38 12.87 -77.63 48.61
CA THR U 38 12.93 -79.06 48.34
C THR U 38 12.72 -79.30 46.84
N ASP U 39 12.59 -80.58 46.48
CA ASP U 39 12.30 -80.96 45.11
C ASP U 39 10.84 -81.33 45.01
N PRO U 40 9.99 -80.50 44.40
CA PRO U 40 8.54 -80.75 44.44
C PRO U 40 8.07 -81.89 43.54
N VAL U 41 8.95 -82.45 42.69
CA VAL U 41 8.53 -83.56 41.85
C VAL U 41 8.23 -84.78 42.70
N ASN U 42 8.97 -84.98 43.78
CA ASN U 42 8.73 -86.10 44.69
C ASN U 42 7.36 -85.92 45.35
N PRO U 43 6.45 -86.89 45.24
CA PRO U 43 5.13 -86.73 45.87
C PRO U 43 5.18 -86.56 47.38
N ALA U 44 6.23 -87.06 48.04
CA ALA U 44 6.38 -86.82 49.46
C ALA U 44 6.60 -85.34 49.76
N ASN U 45 7.23 -84.61 48.84
CA ASN U 45 7.48 -83.19 49.01
C ASN U 45 6.34 -82.32 48.52
N GLN U 46 5.30 -82.88 47.92
CA GLN U 46 4.21 -82.09 47.39
C GLN U 46 3.29 -81.58 48.51
N ILE U 47 2.59 -80.50 48.22
CA ILE U 47 1.63 -79.91 49.16
C ILE U 47 0.30 -79.75 48.44
N PRO U 48 -0.80 -79.70 49.20
CA PRO U 48 -2.12 -79.57 48.56
C PRO U 48 -2.24 -78.29 47.74
N VAL U 49 -2.91 -78.40 46.60
CA VAL U 49 -3.16 -77.28 45.70
C VAL U 49 -4.65 -77.20 45.43
N TYR U 50 -5.18 -75.97 45.42
CA TYR U 50 -6.59 -75.75 45.21
C TYR U 50 -6.79 -74.79 44.04
N ILE U 51 -7.96 -74.87 43.42
CA ILE U 51 -8.38 -73.91 42.42
C ILE U 51 -9.37 -72.95 43.08
N GLU U 52 -9.17 -71.66 42.83
CA GLU U 52 -10.01 -70.59 43.37
C GLU U 52 -10.93 -70.12 42.25
N ASN U 53 -12.22 -70.16 42.50
CA ASN U 53 -13.21 -69.84 41.48
C ASN U 53 -13.50 -68.34 41.49
N GLU U 54 -14.37 -67.92 40.56
CA GLU U 54 -14.73 -66.50 40.48
C GLU U 54 -15.44 -66.04 41.74
N ASP U 55 -16.33 -66.87 42.28
CA ASP U 55 -16.98 -66.54 43.54
C ASP U 55 -15.98 -66.48 44.69
N GLY U 56 -15.05 -67.43 44.73
CA GLY U 56 -14.06 -67.46 45.79
C GLY U 56 -13.95 -68.82 46.46
N SER U 57 -14.71 -69.79 45.96
CA SER U 57 -14.66 -71.14 46.50
C SER U 57 -13.38 -71.84 46.07
N HIS U 58 -13.01 -72.87 46.82
CA HIS U 58 -11.79 -73.63 46.61
C HIS U 58 -12.11 -75.08 46.31
N VAL U 59 -11.40 -75.65 45.33
CA VAL U 59 -11.54 -77.06 44.98
C VAL U 59 -10.14 -77.66 44.92
N GLN U 60 -9.84 -78.58 45.83
CA GLN U 60 -8.53 -79.22 45.83
C GLN U 60 -8.39 -80.13 44.62
N ILE U 61 -7.22 -80.09 43.98
CA ILE U 61 -6.97 -80.85 42.77
C ILE U 61 -5.62 -81.56 42.90
N THR U 62 -5.39 -82.49 41.97
CA THR U 62 -4.15 -83.25 41.96
C THR U 62 -2.97 -82.34 41.65
N GLN U 63 -1.81 -82.71 42.18
CA GLN U 63 -0.65 -81.81 42.15
C GLN U 63 -0.19 -81.46 40.75
N PRO U 64 0.02 -82.41 39.81
CA PRO U 64 0.53 -82.00 38.48
C PRO U 64 -0.40 -81.03 37.79
N LEU U 65 0.08 -79.80 37.61
CA LEU U 65 -0.72 -78.76 36.98
C LEU U 65 -0.50 -78.79 35.47
N ILE U 66 -1.59 -78.91 34.72
CA ILE U 66 -1.52 -79.00 33.27
C ILE U 66 -1.41 -77.60 32.68
N ILE U 67 -0.43 -77.42 31.79
CA ILE U 67 -0.26 -76.19 31.04
C ILE U 67 -0.72 -76.45 29.62
N ASN U 68 -1.63 -75.62 29.12
CA ASN U 68 -2.20 -75.82 27.80
C ASN U 68 -1.27 -75.24 26.75
N ALA U 69 -1.71 -75.24 25.49
CA ALA U 69 -0.89 -74.72 24.40
C ALA U 69 -0.66 -73.22 24.50
N ALA U 70 -1.51 -72.50 25.23
CA ALA U 70 -1.35 -71.07 25.42
C ALA U 70 -0.38 -70.71 26.52
N GLY U 71 0.06 -71.68 27.33
CA GLY U 71 0.92 -71.40 28.45
C GLY U 71 0.21 -71.10 29.75
N LYS U 72 -1.08 -71.43 29.84
CA LYS U 72 -1.87 -71.17 31.03
C LYS U 72 -2.20 -72.46 31.75
N ILE U 73 -2.59 -72.34 33.02
CA ILE U 73 -2.99 -73.48 33.82
C ILE U 73 -4.47 -73.76 33.55
N VAL U 74 -4.78 -75.01 33.21
CA VAL U 74 -6.14 -75.44 32.92
C VAL U 74 -6.41 -76.75 33.64
N TYR U 75 -7.55 -76.83 34.33
CA TYR U 75 -7.91 -78.09 34.97
C TYR U 75 -8.94 -78.87 34.18
N ASN U 76 -10.14 -78.33 34.04
CA ASN U 76 -11.19 -78.94 33.21
C ASN U 76 -11.32 -78.22 31.88
N GLY U 77 -10.22 -78.20 31.11
CA GLY U 77 -10.21 -77.48 29.85
C GLY U 77 -10.53 -76.01 29.98
N GLN U 78 -10.40 -75.44 31.18
CA GLN U 78 -10.71 -74.04 31.43
C GLN U 78 -9.60 -73.43 32.29
N LEU U 79 -9.33 -72.15 32.07
CA LEU U 79 -8.31 -71.45 32.84
C LEU U 79 -8.70 -71.42 34.31
N VAL U 80 -7.75 -71.77 35.18
CA VAL U 80 -7.99 -71.83 36.61
C VAL U 80 -6.89 -71.06 37.34
N LYS U 81 -7.22 -70.57 38.52
CA LYS U 81 -6.26 -69.91 39.41
C LYS U 81 -5.90 -70.87 40.53
N ILE U 82 -4.60 -71.12 40.69
CA ILE U 82 -4.11 -72.12 41.64
C ILE U 82 -3.59 -71.41 42.89
N VAL U 83 -4.03 -71.89 44.05
CA VAL U 83 -3.65 -71.32 45.33
C VAL U 83 -3.19 -72.43 46.26
N THR U 84 -2.35 -72.05 47.22
CA THR U 84 -1.89 -72.91 48.31
C THR U 84 -2.09 -72.17 49.62
N VAL U 85 -1.76 -72.83 50.72
CA VAL U 85 -1.85 -72.24 52.05
C VAL U 85 -0.48 -71.82 52.57
N GLN U 86 0.51 -72.69 52.45
CA GLN U 86 1.85 -72.42 52.93
C GLN U 86 2.76 -72.05 51.76
N GLY U 87 3.87 -71.40 52.09
CA GLY U 87 4.88 -71.12 51.09
C GLY U 87 5.40 -72.39 50.46
N HIS U 88 5.71 -72.32 49.17
CA HIS U 88 5.99 -73.51 48.39
C HIS U 88 7.17 -73.28 47.46
N SER U 89 7.61 -74.36 46.84
CA SER U 89 8.58 -74.34 45.76
C SER U 89 7.91 -74.83 44.48
N MET U 90 8.33 -74.30 43.34
CA MET U 90 7.66 -74.56 42.07
C MET U 90 8.68 -75.03 41.05
N ALA U 91 8.39 -76.17 40.41
CA ALA U 91 9.21 -76.68 39.33
C ALA U 91 8.37 -76.82 38.07
N ILE U 92 8.82 -76.22 36.98
CA ILE U 92 8.12 -76.26 35.70
C ILE U 92 8.93 -77.13 34.75
N TYR U 93 8.28 -78.17 34.23
CA TYR U 93 8.83 -79.08 33.22
C TYR U 93 8.03 -78.96 31.94
N ASP U 94 8.67 -79.20 30.80
CA ASP U 94 7.95 -79.16 29.55
C ASP U 94 7.37 -80.53 29.22
N ALA U 95 6.75 -80.63 28.04
CA ALA U 95 6.09 -81.87 27.65
C ALA U 95 7.06 -83.03 27.48
N ASN U 96 8.33 -82.75 27.21
CA ASN U 96 9.33 -83.79 27.03
C ASN U 96 10.00 -84.21 28.32
N GLY U 97 9.57 -83.66 29.45
CA GLY U 97 10.11 -84.04 30.75
C GLY U 97 11.32 -83.27 31.19
N SER U 98 11.87 -82.40 30.35
CA SER U 98 13.02 -81.60 30.75
C SER U 98 12.58 -80.46 31.66
N GLN U 99 13.41 -80.14 32.64
CA GLN U 99 13.09 -79.05 33.56
C GLN U 99 13.21 -77.71 32.84
N VAL U 100 12.17 -76.90 32.92
CA VAL U 100 12.17 -75.57 32.34
C VAL U 100 12.56 -74.51 33.36
N ASP U 101 12.03 -74.60 34.58
CA ASP U 101 12.34 -73.62 35.60
C ASP U 101 12.21 -74.26 36.98
N TYR U 102 12.86 -73.63 37.96
CA TYR U 102 12.74 -74.07 39.35
C TYR U 102 12.95 -72.88 40.28
N ILE U 103 11.98 -72.65 41.16
CA ILE U 103 12.07 -71.63 42.20
C ILE U 103 11.91 -72.34 43.54
N ALA U 104 12.87 -72.17 44.44
CA ALA U 104 12.85 -72.85 45.72
C ALA U 104 12.01 -72.13 46.77
N ASN U 105 11.71 -70.85 46.56
CA ASN U 105 10.89 -70.08 47.50
C ASN U 105 10.24 -68.96 46.72
N VAL U 106 8.95 -69.11 46.41
CA VAL U 106 8.27 -68.15 45.54
C VAL U 106 8.14 -66.79 46.19
N LEU U 107 7.90 -66.75 47.50
CA LEU U 107 7.79 -65.51 48.24
C LEU U 107 8.94 -65.30 49.21
N LYS U 108 9.91 -66.21 49.24
CA LYS U 108 11.09 -66.16 50.13
C LYS U 108 10.71 -66.18 51.60
N TYR U 109 9.50 -66.66 51.92
CA TYR U 109 9.07 -66.88 53.29
C TYR U 109 7.82 -67.73 53.25
N ASP U 110 7.47 -68.30 54.41
CA ASP U 110 6.29 -69.15 54.51
C ASP U 110 5.17 -68.36 55.19
N PRO U 111 4.16 -67.90 54.46
CA PRO U 111 3.07 -67.16 55.09
C PRO U 111 2.31 -67.97 56.14
N ASP U 112 2.27 -69.30 56.00
CA ASP U 112 1.52 -70.12 56.95
C ASP U 112 2.14 -70.02 58.35
N GLN U 113 3.45 -70.28 58.45
CA GLN U 113 4.11 -70.25 59.76
C GLN U 113 4.34 -68.81 60.23
N TYR U 114 4.69 -67.92 59.30
CA TYR U 114 4.86 -66.52 59.67
C TYR U 114 3.55 -65.89 60.12
N SER U 115 2.41 -66.44 59.72
CA SER U 115 1.14 -65.94 60.22
C SER U 115 1.02 -66.18 61.73
N ILE U 116 1.36 -67.40 62.17
CA ILE U 116 1.36 -67.68 63.60
C ILE U 116 2.41 -66.83 64.30
N GLU U 117 3.59 -66.71 63.69
CA GLU U 117 4.66 -65.91 64.30
C GLU U 117 4.23 -64.47 64.50
N ALA U 118 3.61 -63.86 63.49
CA ALA U 118 3.17 -62.48 63.58
C ALA U 118 1.97 -62.33 64.51
N ASP U 119 1.10 -63.34 64.58
CA ASP U 119 0.04 -63.31 65.58
C ASP U 119 0.62 -63.28 66.98
N LYS U 120 1.71 -64.03 67.20
CA LYS U 120 2.34 -64.03 68.52
C LYS U 120 3.05 -62.71 68.80
N LYS U 121 3.77 -62.17 67.82
CA LYS U 121 4.69 -61.06 68.08
C LYS U 121 4.14 -59.69 67.70
N PHE U 122 3.04 -59.61 66.96
CA PHE U 122 2.49 -58.30 66.59
C PHE U 122 1.15 -58.06 67.27
N THR V 5 16.98 -50.13 50.40
CA THR V 5 16.27 -51.34 50.05
C THR V 5 15.89 -51.34 48.57
N ALA V 6 16.19 -52.45 47.88
CA ALA V 6 15.85 -52.62 46.48
C ALA V 6 14.48 -53.28 46.40
N ASN V 7 13.45 -52.48 46.66
CA ASN V 7 12.07 -52.95 46.70
C ASN V 7 11.36 -52.84 45.37
N VAL V 8 12.02 -52.33 44.34
CA VAL V 8 11.46 -52.20 43.00
C VAL V 8 12.13 -53.22 42.10
N VAL V 9 11.32 -54.02 41.41
CA VAL V 9 11.82 -55.09 40.54
C VAL V 9 11.73 -54.62 39.10
N VAL V 10 12.75 -54.94 38.31
CA VAL V 10 12.75 -54.58 36.90
C VAL V 10 11.88 -55.58 36.16
N SER V 11 10.61 -55.25 36.01
CA SER V 11 9.64 -56.08 35.31
C SER V 11 9.44 -55.53 33.90
N ASN V 12 8.49 -56.12 33.18
CA ASN V 12 8.23 -55.72 31.81
C ASN V 12 7.07 -54.75 31.77
N PRO V 13 7.28 -53.50 31.37
CA PRO V 13 6.16 -52.59 31.12
C PRO V 13 5.46 -52.98 29.81
N ARG V 14 4.39 -52.27 29.51
CA ARG V 14 3.57 -52.60 28.34
C ARG V 14 3.08 -54.04 28.45
N PRO V 15 2.15 -54.32 29.36
CA PRO V 15 1.73 -55.71 29.60
C PRO V 15 1.19 -56.38 28.35
N ILE V 16 1.37 -57.69 28.28
CA ILE V 16 1.07 -58.49 27.10
C ILE V 16 -0.19 -59.31 27.36
N PHE V 17 -1.11 -59.29 26.40
CA PHE V 17 -2.35 -60.05 26.47
C PHE V 17 -2.32 -61.13 25.40
N THR V 18 -2.48 -62.38 25.83
CA THR V 18 -2.31 -63.55 24.98
C THR V 18 -3.62 -64.31 24.88
N GLU V 19 -3.81 -65.01 23.76
CA GLU V 19 -5.01 -65.84 23.58
C GLU V 19 -5.01 -66.99 24.58
N SER V 20 -6.22 -67.39 25.00
CA SER V 20 -6.36 -68.37 26.07
C SER V 20 -6.17 -69.80 25.60
N ARG V 21 -6.24 -70.07 24.30
CA ARG V 21 -6.11 -71.42 23.79
C ARG V 21 -4.89 -71.63 22.90
N SER V 22 -4.12 -70.57 22.64
CA SER V 22 -2.93 -70.70 21.80
C SER V 22 -1.94 -69.61 22.19
N PHE V 23 -0.69 -69.82 21.78
CA PHE V 23 0.38 -68.87 22.06
C PHE V 23 0.36 -67.80 20.97
N LYS V 24 -0.63 -66.92 21.06
CA LYS V 24 -0.80 -65.84 20.11
C LYS V 24 -1.39 -64.63 20.84
N ALA V 25 -0.95 -63.45 20.43
CA ALA V 25 -1.49 -62.23 21.00
C ALA V 25 -2.94 -62.02 20.58
N VAL V 26 -3.68 -61.28 21.39
CA VAL V 26 -5.08 -60.96 21.09
C VAL V 26 -5.05 -59.70 20.24
N ALA V 27 -4.84 -59.89 18.94
CA ALA V 27 -4.75 -58.78 18.02
C ALA V 27 -6.14 -58.20 17.78
N ASN V 28 -6.26 -56.87 17.89
CA ASN V 28 -7.54 -56.16 17.78
C ASN V 28 -8.53 -56.63 18.84
N GLY V 29 -8.03 -57.05 20.00
CA GLY V 29 -8.89 -57.44 21.08
C GLY V 29 -9.33 -56.27 21.93
N LYS V 30 -10.45 -56.47 22.62
CA LYS V 30 -11.08 -55.43 23.43
C LYS V 30 -10.96 -55.77 24.91
N ILE V 31 -10.71 -54.75 25.73
CA ILE V 31 -10.58 -54.93 27.17
C ILE V 31 -11.50 -53.96 27.88
N TYR V 32 -12.27 -54.46 28.84
CA TYR V 32 -13.15 -53.67 29.68
C TYR V 32 -12.68 -53.76 31.13
N ILE V 33 -12.59 -52.61 31.79
CA ILE V 33 -12.21 -52.51 33.19
C ILE V 33 -13.39 -51.93 33.96
N GLY V 34 -13.80 -52.60 35.03
CA GLY V 34 -14.93 -52.16 35.82
C GLY V 34 -14.78 -52.42 37.31
N GLN V 35 -15.90 -52.33 38.04
CA GLN V 35 -15.87 -52.60 39.47
C GLN V 35 -15.58 -54.07 39.74
N ILE V 36 -15.11 -54.36 40.95
CA ILE V 36 -14.78 -55.73 41.31
C ILE V 36 -16.04 -56.58 41.33
N ASP V 37 -15.91 -57.82 40.84
CA ASP V 37 -16.98 -58.81 40.86
C ASP V 37 -18.24 -58.29 40.14
N THR V 38 -18.05 -57.94 38.87
CA THR V 38 -19.15 -57.50 38.02
C THR V 38 -18.72 -57.71 36.57
N ASP V 39 -19.65 -57.46 35.64
CA ASP V 39 -19.36 -57.58 34.22
C ASP V 39 -18.95 -56.22 33.69
N PRO V 40 -17.67 -56.00 33.36
CA PRO V 40 -17.25 -54.67 32.91
C PRO V 40 -17.71 -54.31 31.50
N VAL V 41 -18.34 -55.23 30.78
CA VAL V 41 -18.86 -54.91 29.45
C VAL V 41 -20.01 -53.92 29.56
N ASN V 42 -20.84 -54.05 30.59
CA ASN V 42 -21.92 -53.12 30.84
C ASN V 42 -21.34 -51.75 31.20
N PRO V 43 -21.69 -50.68 30.47
CA PRO V 43 -21.11 -49.36 30.78
C PRO V 43 -21.50 -48.83 32.14
N ALA V 44 -22.55 -49.37 32.78
CA ALA V 44 -22.90 -48.93 34.12
C ALA V 44 -21.89 -49.41 35.15
N ASN V 45 -21.21 -50.51 34.88
CA ASN V 45 -20.21 -51.07 35.79
C ASN V 45 -18.79 -50.62 35.48
N GLN V 46 -18.61 -49.82 34.44
CA GLN V 46 -17.26 -49.43 34.01
C GLN V 46 -16.71 -48.33 34.90
N ILE V 47 -15.39 -48.30 35.02
CA ILE V 47 -14.69 -47.32 35.85
C ILE V 47 -13.70 -46.59 34.96
N PRO V 48 -13.30 -45.37 35.34
CA PRO V 48 -12.38 -44.59 34.49
C PRO V 48 -11.03 -45.29 34.30
N VAL V 49 -10.48 -45.13 33.11
CA VAL V 49 -9.13 -45.55 32.78
C VAL V 49 -8.42 -44.37 32.15
N TYR V 50 -7.15 -44.17 32.52
CA TYR V 50 -6.43 -42.96 32.16
C TYR V 50 -5.16 -43.30 31.40
N ILE V 51 -4.89 -42.55 30.33
CA ILE V 51 -3.58 -42.55 29.69
C ILE V 51 -2.65 -41.67 30.51
N GLU V 52 -1.49 -42.20 30.87
CA GLU V 52 -0.44 -41.43 31.53
C GLU V 52 0.58 -40.99 30.50
N ASN V 53 0.89 -39.69 30.51
CA ASN V 53 1.77 -39.09 29.52
C ASN V 53 3.13 -38.77 30.13
N GLU V 54 4.06 -38.36 29.27
CA GLU V 54 5.41 -38.02 29.73
C GLU V 54 5.38 -36.81 30.66
N ASP V 55 4.54 -35.82 30.36
CA ASP V 55 4.46 -34.64 31.19
C ASP V 55 3.79 -34.91 32.54
N GLY V 56 3.20 -36.08 32.72
CA GLY V 56 2.61 -36.48 33.98
C GLY V 56 1.11 -36.38 34.06
N SER V 57 0.46 -35.82 33.04
CA SER V 57 -0.99 -35.69 33.07
C SER V 57 -1.67 -37.04 32.88
N HIS V 58 -2.87 -37.16 33.41
CA HIS V 58 -3.70 -38.35 33.25
C HIS V 58 -4.96 -37.95 32.49
N VAL V 59 -5.15 -38.56 31.31
CA VAL V 59 -6.26 -38.21 30.44
C VAL V 59 -7.19 -39.42 30.35
N GLN V 60 -8.43 -39.24 30.81
CA GLN V 60 -9.38 -40.35 30.76
C GLN V 60 -9.70 -40.72 29.32
N ILE V 61 -9.78 -42.02 29.05
CA ILE V 61 -9.93 -42.51 27.69
C ILE V 61 -11.15 -43.44 27.63
N THR V 62 -11.60 -43.69 26.42
CA THR V 62 -12.74 -44.59 26.20
C THR V 62 -12.45 -45.96 26.79
N GLN V 63 -13.46 -46.56 27.39
CA GLN V 63 -13.24 -47.75 28.22
C GLN V 63 -12.69 -48.94 27.44
N PRO V 64 -13.26 -49.35 26.29
CA PRO V 64 -12.72 -50.55 25.64
C PRO V 64 -11.33 -50.30 25.07
N LEU V 65 -10.33 -50.83 25.75
CA LEU V 65 -8.95 -50.70 25.30
C LEU V 65 -8.69 -51.69 24.18
N ILE V 66 -7.86 -51.27 23.23
CA ILE V 66 -7.58 -52.04 22.01
C ILE V 66 -6.20 -52.65 22.13
N ILE V 67 -6.09 -53.93 21.80
CA ILE V 67 -4.84 -54.68 21.85
C ILE V 67 -4.32 -54.85 20.43
N ASN V 68 -3.01 -54.64 20.22
CA ASN V 68 -2.45 -54.70 18.88
C ASN V 68 -1.94 -56.12 18.61
N ALA V 69 -1.20 -56.28 17.51
CA ALA V 69 -0.62 -57.57 17.15
C ALA V 69 0.45 -58.03 18.13
N ALA V 70 1.03 -57.12 18.91
CA ALA V 70 2.03 -57.47 19.90
C ALA V 70 1.44 -57.86 21.25
N GLY V 71 0.12 -57.73 21.42
CA GLY V 71 -0.50 -58.02 22.68
C GLY V 71 -0.50 -56.89 23.69
N LYS V 72 -0.37 -55.65 23.24
CA LYS V 72 -0.22 -54.51 24.14
C LYS V 72 -1.34 -53.50 23.89
N ILE V 73 -1.62 -52.71 24.92
CA ILE V 73 -2.69 -51.71 24.83
C ILE V 73 -2.20 -50.53 24.00
N VAL V 74 -2.99 -50.16 22.98
CA VAL V 74 -2.67 -49.04 22.11
C VAL V 74 -3.84 -48.07 22.10
N TYR V 75 -3.53 -46.82 21.76
CA TYR V 75 -4.54 -45.77 21.68
C TYR V 75 -4.90 -45.43 20.24
N ASN V 76 -3.91 -45.05 19.44
CA ASN V 76 -4.09 -44.76 18.02
C ASN V 76 -3.04 -45.50 17.21
N GLY V 77 -2.78 -46.75 17.58
CA GLY V 77 -1.64 -47.47 17.09
C GLY V 77 -0.37 -47.23 17.87
N GLN V 78 -0.44 -46.49 18.97
CA GLN V 78 0.72 -46.11 19.76
C GLN V 78 0.66 -46.77 21.13
N LEU V 79 1.79 -47.32 21.57
CA LEU V 79 1.87 -47.92 22.90
C LEU V 79 1.70 -46.85 23.97
N VAL V 80 0.79 -47.10 24.91
CA VAL V 80 0.47 -46.13 25.95
C VAL V 80 0.46 -46.83 27.31
N LYS V 81 0.56 -46.03 28.36
CA LYS V 81 0.46 -46.50 29.74
C LYS V 81 -0.94 -46.19 30.24
N ILE V 82 -1.66 -47.22 30.68
CA ILE V 82 -3.05 -47.11 31.12
C ILE V 82 -3.10 -47.42 32.60
N VAL V 83 -3.74 -46.53 33.36
CA VAL V 83 -3.81 -46.63 34.81
C VAL V 83 -5.26 -46.53 35.26
N THR V 84 -5.59 -47.28 36.30
CA THR V 84 -6.92 -47.27 36.91
C THR V 84 -6.73 -47.49 38.42
N VAL V 85 -7.82 -47.76 39.13
CA VAL V 85 -7.73 -48.04 40.55
C VAL V 85 -7.29 -49.49 40.77
N GLN V 86 -6.80 -49.77 41.98
CA GLN V 86 -6.25 -51.09 42.27
C GLN V 86 -7.32 -52.16 42.22
N GLY V 87 -8.52 -51.86 42.70
CA GLY V 87 -9.60 -52.82 42.68
C GLY V 87 -10.48 -52.70 41.45
N HIS V 88 -10.35 -53.64 40.52
CA HIS V 88 -11.18 -53.62 39.33
C HIS V 88 -11.28 -55.04 38.78
N SER V 89 -12.35 -55.27 38.01
CA SER V 89 -12.51 -56.49 37.25
C SER V 89 -12.19 -56.21 35.78
N MET V 90 -11.74 -57.25 35.08
CA MET V 90 -11.32 -57.11 33.70
C MET V 90 -11.96 -58.18 32.83
N ALA V 91 -12.36 -57.78 31.63
CA ALA V 91 -12.90 -58.69 30.64
C ALA V 91 -12.15 -58.48 29.33
N ILE V 92 -11.58 -59.55 28.79
CA ILE V 92 -10.84 -59.51 27.53
C ILE V 92 -11.63 -60.32 26.51
N TYR V 93 -11.97 -59.68 25.40
CA TYR V 93 -12.67 -60.29 24.28
C TYR V 93 -11.80 -60.23 23.04
N ASP V 94 -11.97 -61.22 22.16
CA ASP V 94 -11.26 -61.24 20.90
C ASP V 94 -11.97 -60.33 19.89
N ALA V 95 -11.33 -60.17 18.73
CA ALA V 95 -11.90 -59.31 17.68
C ALA V 95 -13.18 -59.88 17.10
N ASN V 96 -13.43 -61.18 17.25
CA ASN V 96 -14.66 -61.79 16.76
C ASN V 96 -15.79 -61.75 17.79
N GLY V 97 -15.56 -61.14 18.95
CA GLY V 97 -16.57 -61.06 20.00
C GLY V 97 -16.53 -62.18 21.01
N SER V 98 -15.70 -63.19 20.80
CA SER V 98 -15.59 -64.29 21.75
C SER V 98 -14.83 -63.86 22.99
N GLN V 99 -15.25 -64.39 24.13
CA GLN V 99 -14.61 -64.06 25.40
C GLN V 99 -13.27 -64.76 25.51
N VAL V 100 -12.22 -63.97 25.74
CA VAL V 100 -10.88 -64.53 25.96
C VAL V 100 -10.65 -64.79 27.45
N ASP V 101 -10.97 -63.83 28.30
CA ASP V 101 -10.71 -63.99 29.72
C ASP V 101 -11.62 -63.10 30.55
N TYR V 102 -11.83 -63.50 31.79
CA TYR V 102 -12.53 -62.67 32.77
C TYR V 102 -11.87 -62.84 34.12
N ILE V 103 -11.62 -61.72 34.80
CA ILE V 103 -11.05 -61.72 36.15
C ILE V 103 -11.93 -60.81 37.00
N ALA V 104 -12.53 -61.36 38.04
CA ALA V 104 -13.46 -60.60 38.88
C ALA V 104 -12.75 -59.65 39.83
N ASN V 105 -11.47 -59.90 40.12
CA ASN V 105 -10.72 -59.01 41.01
C ASN V 105 -9.24 -59.24 40.72
N VAL V 106 -8.58 -58.22 40.15
CA VAL V 106 -7.17 -58.35 39.82
C VAL V 106 -6.31 -58.47 41.08
N LEU V 107 -6.70 -57.78 42.14
CA LEU V 107 -5.92 -57.79 43.38
C LEU V 107 -5.82 -59.18 43.98
N LYS V 108 -6.73 -60.08 43.64
CA LYS V 108 -6.71 -61.44 44.15
C LYS V 108 -5.75 -62.35 43.37
N TYR V 109 -5.11 -61.83 42.32
CA TYR V 109 -4.12 -62.59 41.58
C TYR V 109 -2.70 -62.24 42.00
N ASP V 110 -2.53 -61.38 43.00
CA ASP V 110 -1.20 -61.08 43.51
C ASP V 110 -0.59 -62.35 44.13
N PRO V 111 0.72 -62.56 43.96
CA PRO V 111 1.32 -63.80 44.48
C PRO V 111 1.13 -64.01 45.97
N ASP V 112 1.21 -62.92 46.74
CA ASP V 112 1.10 -62.98 48.21
C ASP V 112 -0.21 -62.38 48.68
N GLN V 113 -1.12 -63.24 49.11
CA GLN V 113 -2.41 -62.77 49.60
C GLN V 113 -2.44 -62.55 51.10
N TYR V 114 -1.38 -62.93 51.83
CA TYR V 114 -1.32 -62.71 53.26
C TYR V 114 -1.05 -61.25 53.61
N SER V 115 -0.46 -60.51 52.67
CA SER V 115 -0.08 -59.13 52.94
C SER V 115 -1.29 -58.25 53.24
N ILE V 116 -2.39 -58.44 52.51
CA ILE V 116 -3.57 -57.60 52.71
C ILE V 116 -4.13 -57.80 54.10
N GLU V 117 -4.27 -59.06 54.53
CA GLU V 117 -4.80 -59.33 55.86
C GLU V 117 -3.84 -58.84 56.95
N ALA V 118 -2.55 -59.03 56.75
CA ALA V 118 -1.57 -58.56 57.73
C ALA V 118 -1.61 -57.04 57.87
N ASP V 119 -1.76 -56.34 56.74
CA ASP V 119 -1.85 -54.89 56.78
C ASP V 119 -3.14 -54.42 57.45
N LYS V 120 -4.26 -55.11 57.19
CA LYS V 120 -5.55 -54.72 57.74
C LYS V 120 -5.74 -55.17 59.18
N LYS V 121 -4.85 -56.01 59.71
CA LYS V 121 -5.06 -56.54 61.05
C LYS V 121 -4.10 -55.92 62.06
N PHE V 122 -2.85 -55.71 61.68
CA PHE V 122 -1.89 -55.06 62.57
C PHE V 122 -1.79 -53.57 62.29
N THR W 5 -6.62 -70.85 54.86
CA THR W 5 -6.87 -69.76 53.93
C THR W 5 -5.78 -69.69 52.87
N ALA W 6 -6.15 -69.19 51.69
CA ALA W 6 -5.20 -69.09 50.58
C ALA W 6 -4.23 -67.94 50.82
N ASN W 7 -2.94 -68.25 50.90
CA ASN W 7 -1.92 -67.24 51.12
C ASN W 7 -1.00 -67.01 49.92
N VAL W 8 -0.84 -68.01 49.05
CA VAL W 8 0.05 -67.92 47.90
C VAL W 8 -0.73 -68.25 46.64
N VAL W 9 -0.54 -67.45 45.60
CA VAL W 9 -1.12 -67.68 44.28
C VAL W 9 -0.01 -68.13 43.35
N VAL W 10 -0.24 -69.23 42.63
CA VAL W 10 0.76 -69.77 41.72
C VAL W 10 0.88 -68.84 40.53
N SER W 11 2.09 -68.30 40.31
CA SER W 11 2.32 -67.30 39.28
C SER W 11 3.69 -67.56 38.65
N ASN W 12 4.02 -66.73 37.67
CA ASN W 12 5.30 -66.82 36.96
C ASN W 12 6.19 -65.67 37.35
N PRO W 13 7.38 -65.93 37.91
CA PRO W 13 8.23 -64.84 38.38
C PRO W 13 9.13 -64.21 37.31
N ARG W 14 9.20 -64.77 36.11
CA ARG W 14 10.11 -64.27 35.09
C ARG W 14 9.40 -63.31 34.16
N PRO W 15 9.78 -62.05 34.11
CA PRO W 15 9.22 -61.13 33.11
C PRO W 15 9.68 -61.49 31.71
N ILE W 16 8.86 -61.12 30.73
CA ILE W 16 9.12 -61.40 29.32
C ILE W 16 9.10 -60.08 28.56
N PHE W 17 10.17 -59.82 27.82
CA PHE W 17 10.33 -58.59 27.06
C PHE W 17 10.19 -58.90 25.58
N THR W 18 9.07 -58.49 24.98
CA THR W 18 8.76 -58.74 23.59
C THR W 18 8.88 -57.44 22.78
N GLU W 19 8.58 -57.56 21.49
CA GLU W 19 8.65 -56.44 20.57
C GLU W 19 7.43 -55.53 20.71
N SER W 20 7.56 -54.31 20.18
CA SER W 20 6.51 -53.31 20.33
C SER W 20 5.35 -53.57 19.38
N ARG W 21 5.62 -54.05 18.17
CA ARG W 21 4.59 -54.19 17.14
C ARG W 21 4.22 -55.63 16.82
N SER W 22 5.04 -56.60 17.19
CA SER W 22 4.81 -57.99 16.84
C SER W 22 5.03 -58.87 18.07
N PHE W 23 4.43 -60.06 18.03
CA PHE W 23 4.56 -61.04 19.12
C PHE W 23 5.87 -61.80 18.96
N LYS W 24 6.96 -61.07 19.11
CA LYS W 24 8.30 -61.63 19.06
C LYS W 24 9.09 -61.09 20.26
N ALA W 25 9.99 -61.92 20.77
CA ALA W 25 10.84 -61.49 21.87
C ALA W 25 11.93 -60.56 21.34
N VAL W 26 12.49 -59.76 22.24
CA VAL W 26 13.65 -58.92 21.92
C VAL W 26 14.87 -59.77 22.20
N ALA W 27 15.22 -60.60 21.22
CA ALA W 27 16.32 -61.54 21.39
C ALA W 27 17.65 -60.80 21.36
N ASN W 28 18.48 -61.04 22.38
CA ASN W 28 19.80 -60.42 22.49
C ASN W 28 19.70 -58.89 22.51
N GLY W 29 18.67 -58.38 23.16
CA GLY W 29 18.49 -56.95 23.33
C GLY W 29 19.13 -56.44 24.59
N LYS W 30 19.05 -55.12 24.77
CA LYS W 30 19.64 -54.45 25.91
C LYS W 30 18.58 -53.63 26.64
N ILE W 31 18.74 -53.50 27.95
CA ILE W 31 17.84 -52.70 28.79
C ILE W 31 18.67 -51.73 29.60
N TYR W 32 18.33 -50.44 29.50
CA TYR W 32 18.92 -49.39 30.33
C TYR W 32 17.82 -48.80 31.20
N ILE W 33 18.06 -48.73 32.51
CA ILE W 33 17.12 -48.08 33.41
C ILE W 33 17.86 -46.99 34.18
N GLY W 34 17.19 -45.86 34.34
CA GLY W 34 17.78 -44.72 35.02
C GLY W 34 16.76 -43.82 35.68
N GLN W 35 17.11 -42.55 35.89
CA GLN W 35 16.19 -41.63 36.52
C GLN W 35 14.94 -41.45 35.65
N ILE W 36 13.81 -41.21 36.33
CA ILE W 36 12.55 -41.08 35.61
C ILE W 36 12.60 -39.87 34.68
N ASP W 37 12.04 -40.05 33.48
CA ASP W 37 11.89 -38.98 32.49
C ASP W 37 13.23 -38.52 31.91
N THR W 38 14.21 -39.42 31.81
CA THR W 38 15.52 -39.07 31.28
C THR W 38 15.96 -40.11 30.25
N ASP W 39 17.16 -39.91 29.71
CA ASP W 39 17.83 -40.85 28.83
C ASP W 39 18.62 -41.86 29.63
N PRO W 40 18.15 -43.11 29.74
CA PRO W 40 18.85 -44.09 30.58
C PRO W 40 20.17 -44.58 29.99
N VAL W 41 20.47 -44.25 28.73
CA VAL W 41 21.74 -44.67 28.14
C VAL W 41 22.90 -43.80 28.62
N ASN W 42 22.64 -42.56 29.01
CA ASN W 42 23.67 -41.73 29.62
C ASN W 42 23.99 -42.28 31.00
N PRO W 43 25.23 -42.68 31.27
CA PRO W 43 25.55 -43.28 32.57
C PRO W 43 25.32 -42.35 33.75
N ALA W 44 25.29 -41.03 33.53
CA ALA W 44 24.97 -40.11 34.62
C ALA W 44 23.51 -40.25 35.05
N ASN W 45 22.62 -40.63 34.13
CA ASN W 45 21.22 -40.84 34.46
C ASN W 45 20.93 -42.22 35.01
N GLN W 46 21.89 -43.15 34.94
CA GLN W 46 21.65 -44.53 35.34
C GLN W 46 21.58 -44.67 36.85
N ILE W 47 20.86 -45.69 37.30
CA ILE W 47 20.70 -45.98 38.72
C ILE W 47 21.11 -47.43 38.97
N PRO W 48 21.54 -47.75 40.19
CA PRO W 48 22.07 -49.09 40.45
C PRO W 48 21.05 -50.19 40.22
N VAL W 49 21.54 -51.32 39.71
CA VAL W 49 20.72 -52.50 39.46
C VAL W 49 21.37 -53.69 40.16
N TYR W 50 20.56 -54.50 40.84
CA TYR W 50 21.07 -55.63 41.60
C TYR W 50 20.40 -56.93 41.17
N ILE W 51 21.17 -58.01 41.18
CA ILE W 51 20.62 -59.35 41.06
C ILE W 51 20.14 -59.78 42.45
N GLU W 52 18.87 -60.17 42.52
CA GLU W 52 18.29 -60.76 43.72
C GLU W 52 18.40 -62.27 43.62
N ASN W 53 19.23 -62.87 44.46
CA ASN W 53 19.45 -64.30 44.41
C ASN W 53 18.34 -65.04 45.15
N GLU W 54 18.45 -66.36 45.20
CA GLU W 54 17.39 -67.19 45.77
C GLU W 54 17.19 -66.88 47.25
N ASP W 55 18.28 -66.65 47.99
CA ASP W 55 18.19 -66.29 49.39
C ASP W 55 18.20 -64.79 49.62
N GLY W 56 18.34 -63.98 48.58
CA GLY W 56 18.32 -62.54 48.72
C GLY W 56 19.69 -61.91 48.93
N SER W 57 20.63 -62.17 48.02
CA SER W 57 22.01 -61.69 48.24
C SER W 57 22.18 -60.25 47.72
N HIS W 58 21.44 -59.85 46.67
CA HIS W 58 21.46 -58.47 46.19
C HIS W 58 22.87 -58.04 45.76
N VAL W 59 23.35 -58.68 44.70
CA VAL W 59 24.68 -58.39 44.16
C VAL W 59 24.55 -57.44 42.98
N GLN W 60 25.20 -56.28 43.07
CA GLN W 60 25.05 -55.26 42.04
C GLN W 60 25.72 -55.69 40.74
N ILE W 61 25.16 -55.24 39.61
CA ILE W 61 25.67 -55.59 38.30
C ILE W 61 25.74 -54.33 37.43
N THR W 62 26.43 -54.47 36.30
CA THR W 62 26.54 -53.38 35.34
C THR W 62 25.19 -53.08 34.70
N GLN W 63 24.99 -51.83 34.30
CA GLN W 63 23.67 -51.36 33.93
C GLN W 63 23.05 -52.11 32.74
N PRO W 64 23.71 -52.27 31.59
CA PRO W 64 23.01 -52.86 30.43
C PRO W 64 22.59 -54.29 30.70
N LEU W 65 21.28 -54.51 30.82
CA LEU W 65 20.74 -55.84 31.07
C LEU W 65 20.60 -56.57 29.75
N ILE W 66 21.07 -57.82 29.71
CA ILE W 66 21.04 -58.63 28.50
C ILE W 66 19.74 -59.42 28.48
N ILE W 67 19.03 -59.37 27.36
CA ILE W 67 17.78 -60.08 27.18
C ILE W 67 18.05 -61.37 26.41
N ASN W 68 17.57 -62.49 26.97
CA ASN W 68 17.78 -63.80 26.37
C ASN W 68 16.91 -63.93 25.10
N ALA W 69 17.19 -64.97 24.31
CA ALA W 69 16.39 -65.25 23.12
C ALA W 69 14.94 -65.59 23.46
N ALA W 70 14.65 -65.92 24.71
CA ALA W 70 13.27 -66.11 25.16
C ALA W 70 12.61 -64.83 25.64
N GLY W 71 13.35 -63.72 25.69
CA GLY W 71 12.84 -62.48 26.22
C GLY W 71 13.08 -62.26 27.69
N LYS W 72 13.96 -63.03 28.31
CA LYS W 72 14.23 -62.96 29.74
C LYS W 72 15.60 -62.34 29.98
N ILE W 73 15.76 -61.72 31.15
CA ILE W 73 17.03 -61.12 31.52
C ILE W 73 17.96 -62.20 32.04
N VAL W 74 19.18 -62.25 31.52
CA VAL W 74 20.16 -63.26 31.88
C VAL W 74 21.44 -62.58 32.32
N TYR W 75 22.19 -63.28 33.18
CA TYR W 75 23.53 -62.84 33.59
C TYR W 75 24.37 -64.09 33.78
N ASN W 76 25.51 -64.15 33.07
CA ASN W 76 26.37 -65.34 33.06
C ASN W 76 25.60 -66.57 32.58
N GLY W 77 24.72 -66.36 31.60
CA GLY W 77 23.94 -67.46 31.04
C GLY W 77 22.98 -68.11 32.01
N GLN W 78 22.41 -67.33 32.93
CA GLN W 78 21.45 -67.84 33.90
C GLN W 78 20.33 -66.83 34.08
N LEU W 79 19.10 -67.33 34.18
CA LEU W 79 17.97 -66.45 34.48
C LEU W 79 18.19 -65.78 35.83
N VAL W 80 18.02 -64.46 35.86
CA VAL W 80 18.21 -63.68 37.07
C VAL W 80 17.03 -62.74 37.26
N LYS W 81 16.84 -62.32 38.51
CA LYS W 81 15.84 -61.34 38.87
C LYS W 81 16.54 -60.02 39.20
N ILE W 82 16.08 -58.94 38.58
CA ILE W 82 16.74 -57.64 38.66
C ILE W 82 15.89 -56.72 39.52
N VAL W 83 16.52 -56.06 40.49
CA VAL W 83 15.83 -55.18 41.43
C VAL W 83 16.52 -53.83 41.44
N THR W 84 15.71 -52.81 41.76
CA THR W 84 16.16 -51.43 41.81
C THR W 84 15.61 -50.77 43.06
N VAL W 85 16.13 -49.58 43.37
CA VAL W 85 15.77 -48.90 44.62
C VAL W 85 14.62 -47.92 44.44
N GLN W 86 14.34 -47.47 43.22
CA GLN W 86 13.35 -46.42 43.01
C GLN W 86 12.71 -46.58 41.64
N GLY W 87 11.59 -45.87 41.45
CA GLY W 87 11.00 -45.80 40.13
C GLY W 87 11.96 -45.18 39.13
N HIS W 88 11.86 -45.65 37.89
CA HIS W 88 12.92 -45.41 36.92
C HIS W 88 12.31 -45.13 35.55
N SER W 89 13.17 -44.79 34.61
CA SER W 89 12.84 -44.76 33.19
C SER W 89 13.58 -45.89 32.50
N MET W 90 12.94 -46.48 31.50
CA MET W 90 13.44 -47.67 30.84
C MET W 90 13.64 -47.42 29.36
N ALA W 91 14.65 -48.07 28.80
CA ALA W 91 14.96 -47.99 27.37
C ALA W 91 15.40 -49.37 26.92
N ILE W 92 14.59 -50.03 26.09
CA ILE W 92 14.89 -51.34 25.54
C ILE W 92 15.32 -51.18 24.10
N TYR W 93 16.49 -51.73 23.79
CA TYR W 93 17.08 -51.67 22.46
C TYR W 93 17.19 -53.07 21.88
N ASP W 94 17.07 -53.17 20.57
CA ASP W 94 17.11 -54.44 19.85
C ASP W 94 18.55 -54.94 19.75
N ALA W 95 18.69 -56.16 19.24
CA ALA W 95 20.03 -56.70 18.97
C ALA W 95 20.72 -55.88 17.88
N ASN W 96 19.96 -55.40 16.89
CA ASN W 96 20.51 -54.52 15.87
C ASN W 96 20.97 -53.20 16.48
N GLY W 97 20.31 -52.75 17.54
CA GLY W 97 20.60 -51.47 18.15
C GLY W 97 19.51 -50.44 18.01
N SER W 98 18.38 -50.80 17.40
CA SER W 98 17.28 -49.87 17.26
C SER W 98 16.48 -49.78 18.55
N GLN W 99 15.89 -48.61 18.78
CA GLN W 99 15.11 -48.36 19.99
C GLN W 99 13.82 -49.16 19.93
N VAL W 100 13.76 -50.26 20.66
CA VAL W 100 12.53 -51.03 20.75
C VAL W 100 11.48 -50.26 21.53
N ASP W 101 11.86 -49.69 22.66
CA ASP W 101 10.89 -48.99 23.51
C ASP W 101 11.59 -48.01 24.42
N TYR W 102 10.89 -46.93 24.75
CA TYR W 102 11.29 -46.04 25.83
C TYR W 102 10.06 -45.76 26.70
N ILE W 103 10.22 -45.88 28.01
CA ILE W 103 9.17 -45.58 28.98
C ILE W 103 9.74 -44.56 29.96
N ALA W 104 8.99 -43.47 30.17
CA ALA W 104 9.48 -42.37 31.00
C ALA W 104 9.40 -42.69 32.48
N ASN W 105 8.42 -43.48 32.91
CA ASN W 105 8.21 -43.72 34.33
C ASN W 105 7.61 -45.11 34.52
N VAL W 106 8.33 -45.97 35.23
CA VAL W 106 7.86 -47.31 35.59
C VAL W 106 8.20 -47.59 37.04
N LEU W 107 7.25 -48.21 37.75
CA LEU W 107 7.48 -48.59 39.14
C LEU W 107 6.56 -49.76 39.46
N LYS W 108 7.13 -50.96 39.53
CA LYS W 108 6.40 -52.14 39.98
C LYS W 108 7.11 -52.70 41.20
N TYR W 109 6.39 -52.75 42.33
CA TYR W 109 6.98 -53.16 43.58
C TYR W 109 7.22 -54.67 43.63
N ASP W 110 8.23 -55.06 44.38
CA ASP W 110 8.58 -56.47 44.51
C ASP W 110 7.55 -57.17 45.38
N PRO W 111 6.92 -58.24 44.90
CA PRO W 111 5.86 -58.88 45.70
C PRO W 111 6.37 -59.96 46.64
N ASP W 112 7.68 -60.01 46.86
CA ASP W 112 8.29 -61.04 47.68
C ASP W 112 8.93 -60.43 48.93
N GLN W 113 9.34 -61.33 49.84
CA GLN W 113 10.00 -60.97 51.09
C GLN W 113 9.14 -60.03 51.93
N TYR W 114 7.87 -60.39 52.10
CA TYR W 114 6.98 -59.58 52.91
C TYR W 114 7.26 -59.71 54.41
N SER W 115 7.92 -60.79 54.83
CA SER W 115 8.23 -60.94 56.25
C SER W 115 9.16 -59.84 56.74
N ILE W 116 10.18 -59.52 55.94
CA ILE W 116 11.10 -58.45 56.32
C ILE W 116 10.38 -57.10 56.38
N GLU W 117 9.52 -56.84 55.41
CA GLU W 117 8.77 -55.58 55.41
C GLU W 117 7.85 -55.49 56.61
N ALA W 118 7.17 -56.59 56.95
CA ALA W 118 6.30 -56.59 58.12
C ALA W 118 7.09 -56.39 59.40
N ASP W 119 8.28 -57.01 59.49
CA ASP W 119 9.12 -56.81 60.66
C ASP W 119 9.57 -55.36 60.80
N LYS W 120 9.94 -54.73 59.68
CA LYS W 120 10.34 -53.33 59.69
C LYS W 120 9.16 -52.37 59.80
N LYS W 121 7.93 -52.85 59.63
CA LYS W 121 6.74 -52.01 59.61
C LYS W 121 5.91 -52.07 60.86
N PHE W 122 5.77 -53.24 61.48
CA PHE W 122 4.98 -53.37 62.70
C PHE W 122 5.88 -53.53 63.92
N PRO X 2 7.43 -32.09 -1.51
CA PRO X 2 7.12 -30.75 -1.01
C PRO X 2 7.61 -30.53 0.42
N ILE X 3 8.58 -29.62 0.58
CA ILE X 3 9.13 -29.30 1.89
C ILE X 3 8.28 -28.22 2.53
N GLN X 4 7.87 -28.45 3.77
CA GLN X 4 7.05 -27.52 4.53
C GLN X 4 7.76 -27.15 5.83
N GLN X 5 7.87 -25.86 6.09
CA GLN X 5 8.50 -25.38 7.31
C GLN X 5 7.50 -25.37 8.46
N LEU X 6 7.93 -25.84 9.63
CA LEU X 6 7.07 -25.92 10.80
C LEU X 6 7.50 -24.91 11.84
N PRO X 7 6.67 -23.93 12.17
CA PRO X 7 7.04 -22.97 13.23
C PRO X 7 7.10 -23.66 14.59
N MET X 8 8.16 -23.35 15.34
CA MET X 8 8.34 -23.89 16.68
C MET X 8 8.22 -22.85 17.78
N MET X 9 8.13 -21.57 17.44
CA MET X 9 8.07 -20.51 18.43
C MET X 9 6.76 -20.51 19.22
N LYS X 10 5.74 -21.23 18.76
CA LYS X 10 4.49 -21.34 19.49
C LYS X 10 3.73 -22.55 18.97
N GLY X 11 3.24 -23.39 19.89
CA GLY X 11 2.49 -24.57 19.55
C GLY X 11 0.99 -24.39 19.77
N MET X 12 0.27 -25.48 19.56
CA MET X 12 -1.19 -25.45 19.71
C MET X 12 -1.66 -26.84 20.10
N GLY X 13 -2.75 -26.88 20.86
CA GLY X 13 -3.33 -28.15 21.25
C GLY X 13 -4.67 -27.94 21.92
N LYS X 14 -5.15 -28.99 22.56
CA LYS X 14 -6.45 -28.95 23.24
C LYS X 14 -6.26 -29.25 24.72
N ASP X 15 -7.07 -28.57 25.53
CA ASP X 15 -7.15 -28.83 26.96
C ASP X 15 -8.21 -29.90 27.19
N PHE X 16 -7.79 -31.05 27.71
CA PHE X 16 -8.70 -32.17 27.91
C PHE X 16 -9.71 -31.93 29.02
N LYS X 17 -9.57 -30.86 29.80
CA LYS X 17 -10.53 -30.57 30.84
C LYS X 17 -11.84 -30.01 30.27
N ASN X 18 -11.74 -29.09 29.30
CA ASN X 18 -12.92 -28.47 28.73
C ASN X 18 -12.94 -28.53 27.20
N ALA X 19 -12.00 -29.24 26.58
CA ALA X 19 -11.96 -29.43 25.12
C ALA X 19 -11.82 -28.10 24.37
N ASP X 20 -11.07 -27.17 24.93
CA ASP X 20 -10.83 -25.88 24.29
C ASP X 20 -9.45 -25.86 23.64
N TYR X 21 -9.27 -24.94 22.70
CA TYR X 21 -8.01 -24.77 22.00
C TYR X 21 -7.11 -23.83 22.77
N ILE X 22 -5.88 -24.27 23.05
CA ILE X 22 -4.91 -23.49 23.80
C ILE X 22 -3.57 -23.53 23.07
N ASP X 23 -2.73 -22.56 23.39
CA ASP X 23 -1.38 -22.49 22.83
C ASP X 23 -0.42 -23.25 23.73
N TYR X 24 0.54 -23.92 23.10
CA TYR X 24 1.60 -24.64 23.80
C TYR X 24 2.84 -23.76 23.79
N LEU X 25 3.13 -23.14 24.93
CA LEU X 25 4.27 -22.23 25.02
C LEU X 25 5.57 -23.02 25.13
N PRO X 26 6.65 -22.54 24.51
CA PRO X 26 7.95 -23.20 24.69
C PRO X 26 8.41 -23.10 26.14
N VAL X 27 9.12 -24.13 26.58
CA VAL X 27 9.59 -24.23 27.95
C VAL X 27 11.10 -24.05 27.95
N ASN X 28 11.58 -23.05 28.71
CA ASN X 28 13.00 -22.78 28.89
C ASN X 28 13.69 -22.43 27.58
N MET X 29 12.94 -21.89 26.62
CA MET X 29 13.50 -21.40 25.36
C MET X 29 12.91 -20.05 25.02
N LEU X 30 13.74 -19.17 24.47
CA LEU X 30 13.35 -17.85 24.04
C LEU X 30 13.52 -17.73 22.53
N ALA X 31 12.57 -17.06 21.88
CA ALA X 31 12.59 -16.87 20.44
C ALA X 31 13.40 -15.64 20.09
N THR X 32 14.38 -15.80 19.20
CA THR X 32 15.22 -14.70 18.75
C THR X 32 14.96 -14.46 17.26
N PRO X 33 14.35 -13.35 16.87
CA PRO X 33 14.16 -13.06 15.45
C PRO X 33 15.48 -12.69 14.79
N LYS X 34 15.90 -13.52 13.83
CA LYS X 34 17.14 -13.31 13.12
C LYS X 34 17.18 -14.20 11.89
N GLU X 35 17.49 -13.63 10.73
CA GLU X 35 17.57 -14.42 9.49
C GLU X 35 18.80 -15.30 9.56
N ILE X 36 18.61 -16.57 9.89
CA ILE X 36 19.74 -17.48 10.06
C ILE X 36 20.04 -18.15 8.72
N LEU X 37 19.12 -19.01 8.29
CA LEU X 37 19.13 -19.61 6.95
C LEU X 37 17.76 -20.23 6.70
N ASN X 38 17.01 -19.68 5.75
CA ASN X 38 15.66 -20.12 5.43
C ASN X 38 14.72 -20.10 6.64
N SER X 39 15.11 -19.42 7.72
CA SER X 39 14.41 -19.54 8.99
C SER X 39 13.81 -18.24 9.48
N SER X 40 14.57 -17.14 9.46
CA SER X 40 14.14 -15.84 9.99
C SER X 40 13.80 -15.93 11.48
N GLY X 41 14.71 -16.51 12.25
CA GLY X 41 14.56 -16.62 13.68
C GLY X 41 14.91 -18.00 14.19
N TYR X 42 15.36 -18.06 15.45
CA TYR X 42 15.71 -19.33 16.08
C TYR X 42 15.17 -19.34 17.50
N LEU X 43 15.40 -20.44 18.20
CA LEU X 43 14.98 -20.61 19.58
C LEU X 43 16.18 -21.06 20.40
N ARG X 44 16.54 -20.27 21.40
CA ARG X 44 17.73 -20.51 22.21
C ARG X 44 17.32 -20.75 23.65
N SER X 45 17.93 -21.73 24.29
CA SER X 45 17.58 -22.08 25.66
C SER X 45 17.90 -20.92 26.60
N PHE X 46 17.11 -20.80 27.66
CA PHE X 46 17.38 -19.79 28.68
C PHE X 46 18.71 -20.07 29.35
N PRO X 47 19.50 -19.03 29.67
CA PRO X 47 20.80 -19.26 30.30
C PRO X 47 20.65 -19.98 31.63
N GLY X 48 21.62 -20.86 31.92
CA GLY X 48 21.63 -21.60 33.17
C GLY X 48 22.16 -20.78 34.33
N ILE X 49 21.99 -21.31 35.53
CA ILE X 49 22.36 -20.63 36.76
C ILE X 49 23.51 -21.40 37.41
N THR X 50 24.57 -20.68 37.75
CA THR X 50 25.69 -21.23 38.50
C THR X 50 25.84 -20.47 39.82
N LYS X 51 26.26 -21.17 40.85
CA LYS X 51 26.32 -20.61 42.19
C LYS X 51 27.37 -19.51 42.28
N ARG X 52 27.01 -18.42 42.95
CA ARG X 52 27.89 -17.27 43.17
C ARG X 52 28.19 -17.06 44.63
N TYR X 53 27.16 -16.92 45.48
CA TYR X 53 27.35 -16.64 46.90
C TYR X 53 26.51 -17.59 47.75
N ASP X 54 26.50 -17.34 49.07
CA ASP X 54 25.66 -18.09 50.00
C ASP X 54 25.04 -17.08 50.96
N MET X 55 23.71 -17.01 50.95
CA MET X 55 22.99 -16.00 51.71
C MET X 55 22.40 -16.60 52.98
N ASN X 56 21.63 -15.80 53.71
CA ASN X 56 21.00 -16.21 54.96
C ASN X 56 19.64 -16.88 54.73
N GLY X 57 19.13 -16.84 53.51
CA GLY X 57 17.82 -17.40 53.24
C GLY X 57 17.40 -17.10 51.82
N VAL X 58 16.14 -17.40 51.53
CA VAL X 58 15.60 -17.12 50.21
C VAL X 58 15.50 -15.61 50.00
N SER X 59 15.43 -15.22 48.73
CA SER X 59 15.43 -13.80 48.39
C SER X 59 14.06 -13.18 48.62
N ARG X 60 14.05 -11.96 49.14
CA ARG X 60 12.82 -11.22 49.41
C ARG X 60 12.75 -9.90 48.68
N GLY X 61 13.86 -9.43 48.12
CA GLY X 61 13.86 -8.19 47.36
C GLY X 61 15.23 -7.95 46.78
N VAL X 62 15.28 -7.03 45.81
CA VAL X 62 16.53 -6.64 45.16
C VAL X 62 16.33 -5.25 44.58
N GLU X 63 17.41 -4.47 44.55
CA GLU X 63 17.39 -3.16 43.94
C GLU X 63 18.81 -2.76 43.59
N TYR X 64 18.95 -1.98 42.52
CA TYR X 64 20.22 -1.39 42.15
C TYR X 64 20.31 -0.01 42.78
N ASN X 65 21.24 0.17 43.72
CA ASN X 65 21.43 1.43 44.41
C ASN X 65 22.23 2.36 43.51
N THR X 66 21.54 3.24 42.79
CA THR X 66 22.22 4.19 41.91
C THR X 66 23.05 5.22 42.68
N ALA X 67 22.86 5.32 44.00
CA ALA X 67 23.70 6.20 44.81
C ALA X 67 25.01 5.53 45.17
N GLN X 68 24.95 4.28 45.64
CA GLN X 68 26.14 3.53 45.99
C GLN X 68 26.74 2.77 44.82
N ASN X 69 26.04 2.72 43.68
CA ASN X 69 26.47 1.96 42.50
C ASN X 69 26.70 0.50 42.85
N ALA X 70 25.69 -0.10 43.47
CA ALA X 70 25.77 -1.48 43.91
C ALA X 70 24.37 -2.08 43.97
N VAL X 71 24.31 -3.40 44.05
CA VAL X 71 23.05 -4.13 44.15
C VAL X 71 22.83 -4.50 45.60
N TYR X 72 21.66 -4.12 46.13
CA TYR X 72 21.26 -4.45 47.48
C TYR X 72 20.24 -5.56 47.43
N ARG X 73 20.50 -6.64 48.17
CA ARG X 73 19.64 -7.81 48.19
C ARG X 73 19.19 -8.10 49.61
N VAL X 74 17.90 -8.34 49.78
CA VAL X 74 17.35 -8.84 51.04
C VAL X 74 17.24 -10.35 50.90
N CYS X 75 17.92 -11.09 51.77
CA CYS X 75 17.90 -12.54 51.74
C CYS X 75 17.80 -13.05 53.17
N GLY X 76 16.77 -13.87 53.42
CA GLY X 76 16.54 -14.33 54.78
C GLY X 76 16.30 -13.15 55.70
N GLY X 77 17.01 -13.14 56.82
CA GLY X 77 16.96 -12.04 57.74
C GLY X 77 18.01 -10.97 57.52
N LYS X 78 18.75 -11.03 56.42
CA LYS X 78 19.89 -10.15 56.21
C LYS X 78 19.67 -9.26 54.98
N LEU X 79 20.31 -8.09 55.03
CA LEU X 79 20.37 -7.16 53.91
C LEU X 79 21.83 -7.00 53.53
N TYR X 80 22.15 -7.27 52.27
CA TYR X 80 23.50 -7.28 51.74
C TYR X 80 23.67 -6.17 50.72
N LYS X 81 24.82 -5.50 50.76
CA LYS X 81 25.29 -4.66 49.67
C LYS X 81 26.32 -5.48 48.90
N GLY X 82 25.91 -6.05 47.78
CA GLY X 82 26.78 -6.95 47.05
C GLY X 82 26.90 -8.29 47.73
N GLU X 83 28.07 -8.57 48.32
CA GLU X 83 28.31 -9.82 49.00
C GLU X 83 28.32 -9.70 50.52
N SER X 84 28.56 -8.51 51.06
CA SER X 84 28.69 -8.31 52.49
C SER X 84 27.37 -7.88 53.11
N GLU X 85 27.07 -8.43 54.29
CA GLU X 85 25.87 -8.05 55.02
C GLU X 85 25.99 -6.61 55.52
N VAL X 86 24.95 -5.82 55.30
CA VAL X 86 24.92 -4.45 55.77
C VAL X 86 23.76 -4.20 56.73
N GLY X 87 22.90 -5.17 56.97
CA GLY X 87 21.86 -4.97 57.95
C GLY X 87 21.09 -6.23 58.25
N ASP X 88 20.20 -6.12 59.23
CA ASP X 88 19.28 -7.18 59.60
C ASP X 88 17.86 -6.75 59.28
N VAL X 89 17.09 -7.62 58.63
CA VAL X 89 15.72 -7.34 58.23
C VAL X 89 14.83 -8.42 58.81
N ALA X 90 13.77 -8.01 59.49
CA ALA X 90 12.81 -8.93 60.07
C ALA X 90 11.74 -9.32 59.05
N GLY X 91 11.05 -10.41 59.31
CA GLY X 91 9.98 -10.88 58.46
C GLY X 91 10.38 -12.13 57.68
N SER X 92 9.48 -12.56 56.80
CA SER X 92 9.72 -13.76 56.01
C SER X 92 9.32 -13.65 54.54
N GLY X 93 8.55 -12.65 54.12
CA GLY X 93 8.04 -12.56 52.77
C GLY X 93 8.69 -11.48 51.95
N ARG X 94 8.04 -11.14 50.84
CA ARG X 94 8.55 -10.10 49.96
C ARG X 94 8.53 -8.75 50.64
N VAL X 95 9.50 -7.90 50.29
CA VAL X 95 9.64 -6.57 50.88
C VAL X 95 9.76 -5.56 49.75
N SER X 96 9.45 -4.31 50.09
CA SER X 96 9.65 -3.21 49.16
C SER X 96 11.02 -2.59 49.37
N MET X 97 11.57 -1.99 48.32
CA MET X 97 12.91 -1.43 48.41
C MET X 97 12.99 -0.11 47.64
N ALA X 98 13.64 0.87 48.25
CA ALA X 98 13.92 2.15 47.62
C ALA X 98 15.25 2.65 48.16
N HIS X 99 15.74 3.74 47.58
CA HIS X 99 17.02 4.29 48.04
C HIS X 99 17.09 5.76 47.66
N GLY X 100 18.00 6.46 48.32
CA GLY X 100 18.20 7.88 48.09
C GLY X 100 19.63 8.27 48.40
N ARG X 101 19.81 9.53 48.76
CA ARG X 101 21.15 10.06 49.00
C ARG X 101 21.80 9.44 50.23
N THR X 102 21.03 9.25 51.31
CA THR X 102 21.62 8.92 52.60
C THR X 102 21.32 7.51 53.09
N SER X 103 20.38 6.80 52.49
CA SER X 103 19.97 5.52 53.06
C SER X 103 19.39 4.60 51.99
N GLN X 104 19.34 3.32 52.33
CA GLN X 104 18.61 2.31 51.57
C GLN X 104 17.41 1.90 52.41
N ALA X 105 16.21 2.20 51.91
CA ALA X 105 14.98 1.98 52.66
C ALA X 105 14.33 0.68 52.24
N VAL X 106 13.87 -0.09 53.23
CA VAL X 106 13.13 -1.32 53.02
C VAL X 106 11.77 -1.17 53.67
N GLY X 107 10.72 -1.45 52.90
CA GLY X 107 9.37 -1.52 53.43
C GLY X 107 9.04 -2.94 53.82
N VAL X 108 8.89 -3.18 55.12
CA VAL X 108 8.71 -4.53 55.65
C VAL X 108 7.96 -4.44 56.98
N ASN X 109 7.00 -5.35 57.18
CA ASN X 109 6.24 -5.46 58.42
C ASN X 109 5.50 -4.17 58.73
N GLY X 110 5.08 -3.46 57.69
CA GLY X 110 4.39 -2.20 57.89
C GLY X 110 5.29 -1.07 58.35
N GLN X 111 6.60 -1.21 58.17
CA GLN X 111 7.56 -0.20 58.60
C GLN X 111 8.44 0.18 57.43
N LEU X 112 8.79 1.46 57.36
CA LEU X 112 9.75 1.98 56.39
C LEU X 112 11.08 2.11 57.13
N VAL X 113 11.90 1.05 57.07
CA VAL X 113 13.15 0.97 57.82
C VAL X 113 14.27 1.42 56.90
N GLU X 114 14.96 2.50 57.28
CA GLU X 114 16.01 3.08 56.47
C GLU X 114 17.37 2.69 57.05
N TYR X 115 18.17 1.99 56.27
CA TYR X 115 19.52 1.61 56.65
C TYR X 115 20.45 2.66 56.04
N ARG X 116 20.93 3.57 56.87
CA ARG X 116 21.82 4.63 56.40
C ARG X 116 23.22 4.06 56.14
N TYR X 117 23.94 4.69 55.23
CA TYR X 117 25.24 4.19 54.79
C TYR X 117 26.31 4.30 55.86
N ASP X 118 26.04 5.02 56.95
CA ASP X 118 26.99 5.14 58.05
C ASP X 118 26.81 4.06 59.11
N GLY X 119 25.91 3.11 58.89
CA GLY X 119 25.67 2.04 59.84
C GLY X 119 24.49 2.25 60.76
N THR X 120 23.85 3.42 60.70
CA THR X 120 22.71 3.72 61.56
C THR X 120 21.41 3.29 60.87
N VAL X 121 20.50 2.73 61.64
CA VAL X 121 19.21 2.26 61.13
C VAL X 121 18.12 3.07 61.81
N LYS X 122 17.26 3.70 61.01
CA LYS X 122 16.16 4.50 61.50
C LYS X 122 14.84 3.95 60.96
N THR X 123 13.74 4.45 61.53
CA THR X 123 12.40 4.09 61.09
C THR X 123 11.56 5.34 60.98
N VAL X 124 10.70 5.38 59.97
CA VAL X 124 9.85 6.54 59.73
C VAL X 124 8.74 6.55 60.76
N SER X 125 8.76 7.56 61.64
CA SER X 125 7.73 7.75 62.65
C SER X 125 7.32 9.22 62.66
N ASN X 126 6.25 9.50 63.39
CA ASN X 126 5.75 10.86 63.49
C ASN X 126 6.77 11.76 64.18
N TRP X 127 6.67 13.06 63.90
CA TRP X 127 7.47 14.03 64.62
C TRP X 127 7.09 14.00 66.11
N PRO X 128 8.06 14.21 67.00
CA PRO X 128 7.72 14.30 68.43
C PRO X 128 6.78 15.46 68.68
N ALA X 129 5.86 15.26 69.63
CA ALA X 129 4.86 16.28 69.93
C ALA X 129 5.48 17.56 70.46
N ASP X 130 6.73 17.51 70.92
CA ASP X 130 7.43 18.72 71.31
C ASP X 130 7.63 19.67 70.13
N SER X 131 7.67 19.14 68.92
CA SER X 131 7.71 19.98 67.73
C SER X 131 6.34 20.63 67.48
N GLY X 132 6.36 21.74 66.76
CA GLY X 132 5.13 22.40 66.38
C GLY X 132 4.60 21.88 65.06
N PHE X 133 5.10 20.73 64.65
CA PHE X 133 4.81 20.17 63.34
C PHE X 133 3.58 19.26 63.40
N THR X 134 3.03 18.98 62.22
CA THR X 134 1.79 18.22 62.12
C THR X 134 2.01 16.76 62.48
N GLN X 135 1.00 16.17 63.12
CA GLN X 135 0.96 14.74 63.42
C GLN X 135 -0.06 14.08 62.51
N TYR X 136 0.31 12.91 61.97
CA TYR X 136 -0.51 12.20 61.01
C TYR X 136 -0.88 10.82 61.54
N GLU X 137 -1.92 10.25 60.94
CA GLU X 137 -2.36 8.90 61.27
C GLU X 137 -1.51 7.90 60.48
N LEU X 138 -0.25 7.80 60.89
CA LEU X 138 0.72 6.90 60.26
C LEU X 138 0.41 5.47 60.71
N GLY X 139 -0.33 4.73 59.88
CA GLY X 139 -0.66 3.36 60.20
C GLY X 139 0.40 2.38 59.73
N SER X 140 -0.01 1.38 58.97
CA SER X 140 0.93 0.43 58.41
C SER X 140 1.42 0.91 57.04
N VAL X 141 2.50 0.30 56.57
CA VAL X 141 3.12 0.64 55.29
C VAL X 141 2.94 -0.54 54.36
N ARG X 142 2.45 -0.26 53.15
CA ARG X 142 2.26 -1.29 52.14
C ARG X 142 3.35 -1.29 51.07
N ASP X 143 3.59 -0.14 50.45
CA ASP X 143 4.59 -0.02 49.39
C ASP X 143 5.30 1.32 49.53
N ILE X 144 6.57 1.33 49.11
CA ILE X 144 7.42 2.51 49.22
C ILE X 144 8.09 2.79 47.89
N THR X 145 8.49 4.04 47.71
CA THR X 145 9.22 4.48 46.52
C THR X 145 9.97 5.76 46.87
N ARG X 146 10.81 6.22 45.95
CA ARG X 146 11.60 7.42 46.15
C ARG X 146 11.46 8.35 44.95
N LEU X 147 11.31 9.64 45.22
CA LEU X 147 11.25 10.64 44.16
C LEU X 147 11.75 11.97 44.69
N ARG X 148 12.69 12.57 43.95
CA ARG X 148 13.18 13.93 44.20
C ARG X 148 13.54 14.14 45.67
N GLY X 149 14.26 13.17 46.23
CA GLY X 149 14.74 13.29 47.59
C GLY X 149 13.75 13.00 48.68
N ARG X 150 12.59 12.40 48.35
CA ARG X 150 11.60 12.08 49.35
C ARG X 150 11.16 10.63 49.19
N TYR X 151 10.96 9.95 50.32
CA TYR X 151 10.31 8.65 50.32
C TYR X 151 8.81 8.83 50.33
N ALA X 152 8.13 8.18 49.41
CA ALA X 152 6.67 8.18 49.34
C ALA X 152 6.18 6.77 49.58
N TRP X 153 5.31 6.60 50.57
CA TRP X 153 4.80 5.29 50.92
C TRP X 153 3.28 5.34 51.07
N SER X 154 2.66 4.18 50.84
CA SER X 154 1.21 4.06 50.88
C SER X 154 0.77 3.39 52.18
N LYS X 155 -0.24 3.98 52.83
CA LYS X 155 -0.78 3.42 54.06
C LYS X 155 -1.66 2.22 53.73
N ASP X 156 -1.49 1.13 54.47
CA ASP X 156 -2.12 -0.14 54.15
C ASP X 156 -3.64 -0.08 54.19
N GLY X 157 -4.27 -0.21 53.03
CA GLY X 157 -5.70 -0.37 52.96
C GLY X 157 -6.53 0.86 53.29
N THR X 158 -5.94 2.05 53.22
CA THR X 158 -6.64 3.26 53.61
C THR X 158 -6.55 4.38 52.58
N ASP X 159 -6.15 4.09 51.34
CA ASP X 159 -6.22 4.99 50.20
C ASP X 159 -5.27 6.19 50.30
N SER X 160 -4.51 6.33 51.38
CA SER X 160 -3.66 7.50 51.60
C SER X 160 -2.20 7.15 51.38
N TRP X 161 -1.41 8.19 51.09
CA TRP X 161 0.03 8.03 50.98
C TRP X 161 0.72 9.26 51.53
N PHE X 162 1.98 9.10 51.91
CA PHE X 162 2.73 10.14 52.60
C PHE X 162 4.12 10.28 51.99
N ILE X 163 4.68 11.48 52.11
CA ILE X 163 6.04 11.76 51.72
C ILE X 163 6.84 12.14 52.95
N THR X 164 8.15 11.94 52.88
CA THR X 164 9.04 12.29 53.97
C THR X 164 9.50 13.74 53.84
N ASP X 165 10.12 14.24 54.90
CA ASP X 165 10.63 15.61 54.90
C ASP X 165 11.89 15.69 54.04
N LEU X 166 12.16 16.91 53.55
CA LEU X 166 13.31 17.11 52.68
C LEU X 166 14.63 17.02 53.47
N GLU X 167 14.68 17.66 54.63
CA GLU X 167 15.88 17.67 55.45
C GLU X 167 15.87 16.61 56.54
N ASP X 168 14.83 15.76 56.58
CA ASP X 168 14.79 14.65 57.54
C ASP X 168 13.93 13.55 56.92
N GLU X 169 14.59 12.55 56.33
CA GLU X 169 13.86 11.47 55.68
C GLU X 169 13.24 10.49 56.68
N SER X 170 13.59 10.59 57.96
CA SER X 170 13.06 9.69 58.97
C SER X 170 11.71 10.12 59.52
N HIS X 171 11.17 11.24 59.04
CA HIS X 171 9.89 11.78 59.48
C HIS X 171 9.08 12.17 58.26
N PRO X 172 7.75 12.21 58.38
CA PRO X 172 6.93 12.77 57.30
C PRO X 172 7.16 14.27 57.16
N ASP X 173 6.50 14.89 56.19
CA ASP X 173 6.70 16.32 55.97
C ASP X 173 6.18 17.12 57.16
N ARG X 174 6.78 18.29 57.36
CA ARG X 174 6.44 19.13 58.52
C ARG X 174 4.98 19.56 58.48
N TYR X 175 4.48 19.96 57.32
CA TYR X 175 3.16 20.56 57.21
C TYR X 175 2.23 19.83 56.26
N SER X 176 2.72 19.36 55.11
CA SER X 176 1.88 18.72 54.11
C SER X 176 2.55 17.41 53.67
N ALA X 177 2.14 16.31 54.29
CA ALA X 177 2.64 14.99 53.93
C ALA X 177 1.57 14.06 53.40
N GLN X 178 0.33 14.17 53.87
CA GLN X 178 -0.73 13.24 53.51
C GLN X 178 -1.35 13.63 52.17
N TYR X 179 -1.55 12.65 51.31
CA TYR X 179 -2.24 12.84 50.04
C TYR X 179 -3.14 11.63 49.80
N ARG X 180 -4.16 11.84 48.98
CA ARG X 180 -5.17 10.82 48.74
C ARG X 180 -5.40 10.71 47.24
N ALA X 181 -5.69 9.48 46.79
CA ALA X 181 -6.05 9.29 45.39
C ALA X 181 -7.36 10.02 45.06
N GLU X 182 -8.42 9.68 45.76
CA GLU X 182 -9.72 10.34 45.83
C GLU X 182 -10.56 10.15 44.56
N SER X 183 -10.04 9.54 43.51
CA SER X 183 -10.86 9.25 42.33
C SER X 183 -11.44 7.85 42.39
N GLN X 184 -11.65 7.33 43.59
CA GLN X 184 -11.92 5.91 43.81
C GLN X 184 -12.42 5.69 45.23
N PRO X 185 -13.36 4.77 45.43
CA PRO X 185 -13.78 4.45 46.81
C PRO X 185 -12.65 3.93 47.69
N ASP X 186 -11.70 3.17 47.13
CA ASP X 186 -10.59 2.65 47.90
C ASP X 186 -9.58 2.03 46.94
N GLY X 187 -8.39 1.74 47.48
CA GLY X 187 -7.35 1.05 46.73
C GLY X 187 -6.06 1.85 46.58
N ILE X 188 -5.03 1.45 47.32
CA ILE X 188 -3.70 2.05 47.21
C ILE X 188 -2.65 0.95 47.06
N ILE X 189 -3.04 -0.16 46.45
CA ILE X 189 -2.32 -1.43 46.43
C ILE X 189 -0.80 -1.28 46.24
N GLY X 190 -0.39 -0.42 45.32
CA GLY X 190 1.02 -0.23 45.05
C GLY X 190 1.36 1.23 44.79
N ILE X 191 2.64 1.53 44.84
CA ILE X 191 3.14 2.88 44.60
C ILE X 191 4.44 2.79 43.82
N GLY X 192 4.65 3.74 42.91
CA GLY X 192 5.85 3.78 42.10
C GLY X 192 6.14 5.17 41.57
N THR X 193 7.15 5.29 40.72
CA THR X 193 7.48 6.57 40.08
C THR X 193 7.78 6.30 38.62
N TRP X 194 7.00 6.91 37.72
CA TRP X 194 7.15 6.64 36.29
C TRP X 194 8.26 7.50 35.66
N ARG X 195 8.04 8.81 35.55
CA ARG X 195 9.07 9.71 35.08
C ARG X 195 9.42 10.77 36.11
N ASP X 196 8.44 11.59 36.51
CA ASP X 196 8.59 12.55 37.59
C ASP X 196 7.28 12.60 38.39
N PHE X 197 6.50 11.54 38.32
CA PHE X 197 5.21 11.44 38.95
C PHE X 197 5.23 10.35 40.01
N ILE X 198 4.50 10.57 41.09
CA ILE X 198 4.16 9.52 42.02
C ILE X 198 2.93 8.80 41.45
N VAL X 199 3.07 7.51 41.16
CA VAL X 199 2.01 6.72 40.59
C VAL X 199 1.42 5.85 41.69
N CYS X 200 0.12 6.00 41.91
CA CYS X 200 -0.62 5.23 42.91
C CYS X 200 -1.47 4.22 42.17
N PHE X 201 -1.11 2.94 42.31
CA PHE X 201 -1.82 1.85 41.65
C PHE X 201 -2.83 1.29 42.64
N GLY X 202 -4.09 1.61 42.45
CA GLY X 202 -5.17 1.05 43.24
C GLY X 202 -5.80 -0.12 42.55
N SER X 203 -7.03 -0.43 42.96
CA SER X 203 -7.90 -1.35 42.23
C SER X 203 -8.93 -0.51 41.49
N SER X 204 -9.01 -0.71 40.17
CA SER X 204 -9.86 -0.02 39.21
C SER X 204 -9.33 1.36 38.85
N THR X 205 -8.21 1.82 39.41
CA THR X 205 -7.64 3.11 39.06
C THR X 205 -6.11 3.05 39.15
N ILE X 206 -5.46 3.87 38.33
CA ILE X 206 -4.05 4.19 38.46
C ILE X 206 -3.93 5.70 38.33
N GLU X 207 -3.39 6.35 39.36
CA GLU X 207 -3.37 7.81 39.44
C GLU X 207 -1.94 8.33 39.40
N TYR X 208 -1.79 9.55 38.90
CA TYR X 208 -0.49 10.20 38.75
C TYR X 208 -0.50 11.52 39.51
N PHE X 209 0.61 11.79 40.21
CA PHE X 209 0.75 13.02 40.99
C PHE X 209 2.06 13.70 40.62
N SER X 210 2.00 15.00 40.34
CA SER X 210 3.18 15.79 40.01
C SER X 210 3.39 16.87 41.06
N LEU X 211 4.65 17.31 41.19
CA LEU X 211 4.99 18.31 42.18
C LEU X 211 4.38 19.66 41.81
N THR X 212 3.76 20.32 42.79
CA THR X 212 3.13 21.62 42.55
C THR X 212 4.16 22.75 42.47
N GLY X 213 5.24 22.67 43.24
CA GLY X 213 6.16 23.77 43.36
C GLY X 213 5.76 24.84 44.36
N ALA X 214 4.73 24.58 45.17
CA ALA X 214 4.27 25.56 46.14
C ALA X 214 5.33 25.79 47.21
N THR X 215 5.33 27.00 47.77
CA THR X 215 6.31 27.40 48.77
C THR X 215 5.72 27.69 50.14
N THR X 216 4.47 28.13 50.22
CA THR X 216 3.87 28.43 51.51
C THR X 216 3.66 27.16 52.33
N ALA X 217 3.78 27.29 53.64
CA ALA X 217 3.64 26.16 54.54
C ALA X 217 2.20 25.65 54.55
N GLY X 218 2.05 24.33 54.57
CA GLY X 218 0.75 23.70 54.59
C GLY X 218 0.12 23.45 53.25
N ALA X 219 0.63 24.08 52.19
CA ALA X 219 0.09 23.85 50.86
C ALA X 219 0.51 22.48 50.34
N ALA X 220 -0.33 21.92 49.46
CA ALA X 220 -0.06 20.60 48.91
C ALA X 220 1.15 20.65 48.00
N LEU X 221 2.09 19.73 48.23
CA LEU X 221 3.29 19.63 47.40
C LEU X 221 3.08 18.74 46.18
N TYR X 222 1.97 18.01 46.11
CA TYR X 222 1.66 17.16 44.97
C TYR X 222 0.22 17.38 44.55
N VAL X 223 -0.02 17.30 43.24
CA VAL X 223 -1.33 17.48 42.66
C VAL X 223 -1.58 16.35 41.66
N ALA X 224 -2.79 15.81 41.68
CA ALA X 224 -3.14 14.71 40.77
C ALA X 224 -3.27 15.22 39.35
N GLN X 225 -2.87 14.37 38.39
CA GLN X 225 -3.00 14.64 36.96
C GLN X 225 -4.11 13.75 36.41
N PRO X 226 -5.37 14.21 36.42
CA PRO X 226 -6.46 13.34 35.97
C PRO X 226 -6.41 12.99 34.50
N SER X 227 -5.68 13.75 33.69
CA SER X 227 -5.59 13.45 32.26
C SER X 227 -4.74 12.20 31.99
N LEU X 228 -3.88 11.82 32.93
CA LEU X 228 -2.99 10.68 32.76
C LEU X 228 -3.49 9.43 33.46
N MET X 229 -4.65 9.47 34.10
CA MET X 229 -5.09 8.38 34.95
C MET X 229 -5.64 7.23 34.12
N VAL X 230 -5.35 6.00 34.55
CA VAL X 230 -5.78 4.79 33.87
C VAL X 230 -6.92 4.17 34.65
N GLN X 231 -7.96 3.74 33.92
CA GLN X 231 -9.15 3.15 34.53
C GLN X 231 -8.99 1.64 34.67
N LYS X 232 -7.97 1.25 35.44
CA LYS X 232 -7.69 -0.16 35.68
C LYS X 232 -6.75 -0.26 36.87
N GLY X 233 -6.87 -1.34 37.62
CA GLY X 233 -6.08 -1.54 38.81
C GLY X 233 -5.03 -2.63 38.67
N ILE X 234 -4.41 -2.97 39.80
CA ILE X 234 -3.41 -4.03 39.86
C ILE X 234 -3.85 -5.06 40.89
N ALA X 235 -3.46 -6.31 40.64
CA ALA X 235 -3.94 -7.41 41.46
C ALA X 235 -3.27 -7.42 42.83
N GLY X 236 -1.95 -7.23 42.87
CA GLY X 236 -1.21 -7.24 44.11
C GLY X 236 -0.18 -6.13 44.13
N THR X 237 0.46 -5.98 45.29
CA THR X 237 1.41 -4.88 45.47
C THR X 237 2.64 -5.03 44.59
N TYR X 238 3.07 -6.27 44.33
CA TYR X 238 4.24 -6.53 43.50
C TYR X 238 3.86 -7.08 42.13
N CYS X 239 2.69 -6.68 41.63
CA CYS X 239 2.19 -7.10 40.32
C CYS X 239 2.41 -6.02 39.27
N LYS X 240 3.53 -5.31 39.36
CA LYS X 240 3.79 -4.16 38.50
C LYS X 240 5.30 -3.94 38.39
N THR X 241 5.75 -3.57 37.19
CA THR X 241 7.15 -3.21 36.96
C THR X 241 7.24 -2.21 35.83
N PRO X 242 8.20 -1.28 35.89
CA PRO X 242 8.49 -0.45 34.71
C PRO X 242 9.12 -1.28 33.61
N PHE X 243 8.40 -1.51 32.51
CA PHE X 243 8.84 -2.47 31.51
C PHE X 243 9.65 -1.84 30.38
N ALA X 244 9.04 -0.93 29.61
CA ALA X 244 9.74 -0.30 28.50
C ALA X 244 9.94 1.19 28.73
N ASP X 245 8.85 1.96 28.87
CA ASP X 245 8.93 3.32 29.34
C ASP X 245 7.76 3.66 30.26
N SER X 246 6.93 2.68 30.58
CA SER X 246 5.79 2.86 31.47
C SER X 246 5.70 1.60 32.32
N TYR X 247 4.56 1.40 32.99
CA TYR X 247 4.40 0.27 33.88
C TYR X 247 3.59 -0.83 33.21
N ALA X 248 4.12 -2.05 33.26
CA ALA X 248 3.38 -3.26 32.97
C ALA X 248 2.84 -3.84 34.27
N PHE X 249 1.62 -4.34 34.23
CA PHE X 249 0.96 -4.81 35.45
C PHE X 249 -0.05 -5.89 35.12
N ILE X 250 -0.56 -6.53 36.17
CA ILE X 250 -1.64 -7.50 36.09
C ILE X 250 -2.86 -6.88 36.77
N SER X 251 -3.99 -6.88 36.07
CA SER X 251 -5.17 -6.18 36.57
C SER X 251 -5.83 -6.97 37.69
N HIS X 252 -6.64 -6.27 38.46
CA HIS X 252 -7.44 -6.69 39.61
C HIS X 252 -8.76 -7.30 39.16
N PRO X 253 -9.31 -8.23 39.93
CA PRO X 253 -10.65 -8.75 39.63
C PRO X 253 -11.75 -7.70 39.71
N ALA X 254 -11.46 -6.52 40.26
CA ALA X 254 -12.44 -5.44 40.35
C ALA X 254 -12.84 -4.91 38.98
N THR X 255 -12.11 -5.25 37.91
CA THR X 255 -12.41 -4.80 36.57
C THR X 255 -12.66 -5.96 35.61
N GLY X 256 -12.87 -7.15 36.14
CA GLY X 256 -13.11 -8.33 35.33
C GLY X 256 -12.01 -9.35 35.48
N ALA X 257 -11.98 -10.29 34.53
CA ALA X 257 -10.96 -11.32 34.53
C ALA X 257 -9.59 -10.68 34.28
N PRO X 258 -8.59 -10.96 35.10
CA PRO X 258 -7.30 -10.28 34.97
C PRO X 258 -6.54 -10.69 33.72
N SER X 259 -5.68 -9.79 33.28
CA SER X 259 -4.71 -10.05 32.22
C SER X 259 -3.50 -9.16 32.45
N VAL X 260 -2.64 -9.06 31.44
CA VAL X 260 -1.38 -8.31 31.54
C VAL X 260 -1.48 -7.10 30.63
N TYR X 261 -1.18 -5.92 31.17
CA TYR X 261 -1.30 -4.67 30.45
C TYR X 261 0.00 -3.88 30.55
N ILE X 262 0.21 -3.01 29.56
CA ILE X 262 1.22 -1.96 29.64
C ILE X 262 0.53 -0.62 29.51
N ILE X 263 0.87 0.32 30.40
CA ILE X 263 0.23 1.62 30.40
C ILE X 263 0.71 2.43 29.19
N GLY X 264 -0.25 3.01 28.47
CA GLY X 264 0.08 3.89 27.36
C GLY X 264 0.02 5.35 27.77
N SER X 265 -1.02 6.05 27.34
CA SER X 265 -1.24 7.45 27.72
C SER X 265 -2.70 7.56 28.16
N GLY X 266 -2.95 7.33 29.45
CA GLY X 266 -4.29 7.30 29.97
C GLY X 266 -5.03 6.00 29.72
N GLN X 267 -4.40 5.04 29.07
CA GLN X 267 -5.02 3.77 28.73
C GLN X 267 -4.02 2.66 28.94
N ALA X 268 -4.53 1.43 29.02
CA ALA X 268 -3.71 0.24 29.18
C ALA X 268 -3.93 -0.68 27.97
N SER X 269 -2.82 -1.09 27.35
CA SER X 269 -2.85 -1.99 26.21
C SER X 269 -2.62 -3.42 26.68
N PRO X 270 -3.52 -4.35 26.34
CA PRO X 270 -3.35 -5.73 26.78
C PRO X 270 -2.15 -6.40 26.13
N ILE X 271 -1.51 -7.28 26.89
CA ILE X 271 -0.37 -8.03 26.41
C ILE X 271 -0.57 -9.54 26.50
N ALA X 272 -1.35 -10.03 27.45
CA ALA X 272 -1.58 -11.46 27.60
C ALA X 272 -2.50 -11.98 26.50
N THR X 273 -2.24 -13.19 26.04
CA THR X 273 -3.09 -13.86 25.08
C THR X 273 -4.17 -14.65 25.82
N ALA X 274 -5.03 -15.34 25.06
CA ALA X 274 -6.13 -16.08 25.68
C ALA X 274 -5.63 -17.17 26.60
N SER X 275 -4.55 -17.87 26.22
CA SER X 275 -4.00 -18.91 27.07
C SER X 275 -3.36 -18.34 28.33
N ILE X 276 -2.69 -17.19 28.22
CA ILE X 276 -2.12 -16.54 29.39
C ILE X 276 -3.23 -16.09 30.33
N GLU X 277 -4.33 -15.58 29.78
CA GLU X 277 -5.48 -15.20 30.60
C GLU X 277 -6.09 -16.42 31.28
N LYS X 278 -6.16 -17.55 30.59
CA LYS X 278 -6.65 -18.78 31.23
C LYS X 278 -5.73 -19.21 32.36
N ILE X 279 -4.41 -19.12 32.15
CA ILE X 279 -3.47 -19.48 33.20
C ILE X 279 -3.66 -18.59 34.42
N ILE X 280 -3.83 -17.28 34.18
CA ILE X 280 -4.06 -16.35 35.28
C ILE X 280 -5.37 -16.68 36.00
N ARG X 281 -6.42 -16.97 35.23
CA ARG X 281 -7.72 -17.30 35.80
C ARG X 281 -7.71 -18.60 36.58
N SER X 282 -6.73 -19.47 36.33
CA SER X 282 -6.61 -20.70 37.11
C SER X 282 -6.25 -20.43 38.57
N TYR X 283 -5.83 -19.22 38.90
CA TYR X 283 -5.48 -18.84 40.26
C TYR X 283 -6.62 -18.05 40.90
N THR X 284 -6.81 -18.25 42.20
CA THR X 284 -7.78 -17.48 42.95
C THR X 284 -7.31 -16.04 43.08
N ALA X 285 -8.12 -15.21 43.75
CA ALA X 285 -7.70 -13.84 44.04
C ALA X 285 -6.44 -13.84 44.88
N GLU X 286 -6.40 -14.66 45.92
CA GLU X 286 -5.13 -15.03 46.53
C GLU X 286 -4.41 -16.04 45.65
N GLU X 287 -3.09 -16.07 45.78
CA GLU X 287 -2.12 -16.71 44.88
C GLU X 287 -1.94 -15.87 43.62
N MET X 288 -2.73 -14.82 43.42
CA MET X 288 -2.52 -13.85 42.36
C MET X 288 -1.95 -12.54 42.86
N ALA X 289 -2.32 -12.13 44.08
CA ALA X 289 -1.69 -10.99 44.72
C ALA X 289 -0.29 -11.31 45.24
N THR X 290 0.08 -12.58 45.27
CA THR X 290 1.42 -13.01 45.66
C THR X 290 2.37 -13.14 44.47
N GLY X 291 1.88 -12.89 43.25
CA GLY X 291 2.76 -12.94 42.10
C GLY X 291 3.73 -11.78 42.08
N VAL X 292 4.88 -12.01 41.46
CA VAL X 292 5.97 -11.03 41.43
C VAL X 292 6.36 -10.78 39.98
N MET X 293 6.44 -9.52 39.59
CA MET X 293 6.81 -9.16 38.24
C MET X 293 8.21 -8.56 38.23
N GLU X 294 8.96 -8.85 37.16
CA GLU X 294 10.34 -8.39 37.01
C GLU X 294 10.62 -8.12 35.54
N THR X 295 11.73 -7.45 35.27
CA THR X 295 12.15 -7.11 33.92
C THR X 295 13.61 -7.51 33.73
N LEU X 296 13.91 -8.11 32.58
CA LEU X 296 15.27 -8.48 32.20
C LEU X 296 15.61 -7.91 30.84
N ARG X 297 16.90 -7.73 30.61
CA ARG X 297 17.39 -7.11 29.37
C ARG X 297 18.75 -7.72 29.06
N PHE X 298 18.86 -8.44 27.94
CA PHE X 298 20.15 -8.93 27.50
C PHE X 298 20.06 -9.41 26.05
N ASP X 299 21.05 -9.03 25.24
CA ASP X 299 21.16 -9.44 23.84
C ASP X 299 19.92 -9.06 23.05
N SER X 300 19.53 -7.78 23.16
CA SER X 300 18.33 -7.23 22.56
C SER X 300 17.05 -7.92 23.05
N HIS X 301 17.17 -8.79 24.05
CA HIS X 301 16.03 -9.44 24.66
C HIS X 301 15.47 -8.55 25.76
N GLU X 302 14.18 -8.23 25.66
CA GLU X 302 13.45 -7.40 26.62
C GLU X 302 12.38 -8.28 27.26
N LEU X 303 12.75 -8.97 28.33
CA LEU X 303 11.89 -9.96 28.95
C LEU X 303 11.09 -9.36 30.10
N LEU X 304 9.83 -9.75 30.18
CA LEU X 304 8.96 -9.41 31.30
C LEU X 304 8.57 -10.72 31.98
N ILE X 305 9.01 -10.90 33.22
CA ILE X 305 8.88 -12.17 33.94
C ILE X 305 7.80 -12.02 34.99
N ILE X 306 6.92 -13.02 35.08
CA ILE X 306 5.86 -13.05 36.07
C ILE X 306 5.96 -14.36 36.81
N HIS X 307 6.18 -14.30 38.11
CA HIS X 307 6.27 -15.47 38.98
C HIS X 307 4.93 -15.65 39.68
N LEU X 308 4.32 -16.80 39.47
CA LEU X 308 3.13 -17.27 40.15
C LEU X 308 3.47 -18.51 40.95
N PRO X 309 2.61 -18.92 41.88
CA PRO X 309 2.92 -20.12 42.69
C PRO X 309 3.11 -21.38 41.87
N ARG X 310 2.56 -21.45 40.65
CA ARG X 310 2.72 -22.64 39.82
C ARG X 310 3.21 -22.36 38.42
N HIS X 311 3.33 -21.10 38.00
CA HIS X 311 3.77 -20.76 36.65
C HIS X 311 4.73 -19.59 36.69
N VAL X 312 5.82 -19.68 35.94
CA VAL X 312 6.69 -18.54 35.65
C VAL X 312 6.57 -18.26 34.16
N LEU X 313 5.99 -17.13 33.81
CA LEU X 313 5.68 -16.77 32.44
C LEU X 313 6.54 -15.59 31.99
N VAL X 314 7.20 -15.73 30.84
CA VAL X 314 8.09 -14.71 30.32
C VAL X 314 7.55 -14.22 28.99
N TYR X 315 7.40 -12.91 28.87
CA TYR X 315 6.95 -12.25 27.65
C TYR X 315 8.12 -11.52 27.01
N ASP X 316 8.34 -11.76 25.73
CA ASP X 316 9.43 -11.11 25.00
C ASP X 316 8.86 -10.00 24.13
N ALA X 317 9.23 -8.76 24.44
CA ALA X 317 8.77 -7.61 23.66
C ALA X 317 9.49 -7.48 22.33
N SER X 318 10.72 -7.98 22.24
CA SER X 318 11.53 -7.85 21.03
C SER X 318 11.28 -8.96 20.02
N SER X 319 10.38 -9.89 20.31
CA SER X 319 10.05 -10.99 19.41
C SER X 319 8.55 -11.17 19.32
N SER X 320 7.81 -10.06 19.33
CA SER X 320 6.35 -10.08 19.34
C SER X 320 5.79 -9.47 18.05
N GLN X 321 6.38 -9.82 16.91
CA GLN X 321 5.94 -9.32 15.62
C GLN X 321 4.78 -10.10 15.03
N ASN X 322 4.44 -11.26 15.59
CA ASN X 322 3.30 -12.05 15.16
C ASN X 322 2.27 -12.21 16.27
N GLY X 323 2.19 -11.22 17.15
CA GLY X 323 1.41 -11.34 18.36
C GLY X 323 2.34 -11.50 19.56
N PRO X 324 1.78 -11.45 20.77
CA PRO X 324 2.62 -11.58 21.96
C PRO X 324 3.36 -12.92 21.99
N GLN X 325 4.61 -12.87 22.44
CA GLN X 325 5.47 -14.04 22.50
C GLN X 325 5.70 -14.39 23.97
N TRP X 326 5.18 -15.56 24.38
CA TRP X 326 5.24 -16.00 25.75
C TRP X 326 5.91 -17.37 25.84
N CYS X 327 6.62 -17.58 26.94
CA CYS X 327 7.27 -18.86 27.21
C CYS X 327 7.18 -19.16 28.70
N VAL X 328 7.51 -20.40 29.05
CA VAL X 328 7.41 -20.89 30.42
C VAL X 328 8.81 -21.18 30.93
N LEU X 329 9.12 -20.70 32.14
CA LEU X 329 10.35 -21.03 32.82
C LEU X 329 10.04 -22.02 33.95
N LYS X 330 10.91 -23.02 34.11
CA LYS X 330 10.67 -24.03 35.12
C LYS X 330 12.00 -24.69 35.52
N THR X 331 11.98 -25.33 36.67
CA THR X 331 13.10 -26.11 37.18
C THR X 331 12.68 -27.57 37.27
N GLY X 332 13.57 -28.47 36.86
CA GLY X 332 13.27 -29.88 36.90
C GLY X 332 12.66 -30.40 35.62
N LEU X 333 12.05 -31.57 35.73
CA LEU X 333 11.48 -32.28 34.59
C LEU X 333 9.97 -32.43 34.67
N TYR X 334 9.34 -31.95 35.73
CA TYR X 334 7.90 -32.20 35.97
C TYR X 334 7.20 -30.92 36.38
N ASP X 335 7.40 -29.86 35.59
CA ASP X 335 6.69 -28.58 35.69
C ASP X 335 6.77 -27.96 37.09
N ASP X 336 7.85 -28.25 37.81
CA ASP X 336 8.13 -27.54 39.06
C ASP X 336 8.49 -26.10 38.74
N VAL X 337 8.04 -25.18 39.60
CA VAL X 337 8.17 -23.77 39.30
C VAL X 337 9.65 -23.37 39.21
N TYR X 338 9.92 -22.34 38.40
CA TYR X 338 11.29 -21.88 38.21
C TYR X 338 11.84 -21.30 39.50
N ARG X 339 13.09 -21.65 39.82
CA ARG X 339 13.69 -21.25 41.08
C ARG X 339 14.35 -19.88 41.03
N GLY X 340 14.73 -19.41 39.85
CA GLY X 340 15.34 -18.08 39.76
C GLY X 340 14.33 -16.99 40.04
N VAL X 341 14.81 -15.93 40.70
CA VAL X 341 13.97 -14.80 41.07
C VAL X 341 14.89 -13.63 41.40
N ASP X 342 14.35 -12.41 41.31
CA ASP X 342 15.08 -11.19 41.66
C ASP X 342 16.34 -11.02 40.81
N PHE X 343 16.13 -10.93 39.51
CA PHE X 343 17.23 -10.70 38.58
C PHE X 343 17.68 -9.25 38.62
N MET X 344 18.99 -9.07 38.45
CA MET X 344 19.58 -7.73 38.48
C MET X 344 20.92 -7.77 37.76
N TYR X 345 21.14 -6.83 36.85
CA TYR X 345 22.41 -6.74 36.15
C TYR X 345 23.37 -5.86 36.94
N GLU X 346 24.54 -6.41 37.27
CA GLU X 346 25.59 -5.65 37.93
C GLU X 346 26.93 -5.99 37.30
N GLY X 347 27.80 -5.00 37.20
CA GLY X 347 29.08 -5.20 36.53
C GLY X 347 28.87 -5.59 35.08
N ASN X 348 29.14 -6.86 34.77
CA ASN X 348 28.85 -7.42 33.46
C ASN X 348 28.10 -8.74 33.55
N GLN X 349 27.42 -8.99 34.67
CA GLN X 349 26.75 -10.25 34.90
C GLN X 349 25.33 -10.01 35.43
N ILE X 350 24.43 -10.90 35.07
CA ILE X 350 23.07 -10.91 35.62
C ILE X 350 23.05 -11.87 36.81
N THR X 351 22.58 -11.38 37.94
CA THR X 351 22.60 -12.10 39.20
C THR X 351 21.17 -12.28 39.70
N CYS X 352 20.87 -13.45 40.25
CA CYS X 352 19.52 -13.76 40.70
C CYS X 352 19.57 -14.34 42.11
N GLY X 353 18.40 -14.30 42.77
CA GLY X 353 18.20 -14.97 44.03
C GLY X 353 17.65 -16.38 43.83
N ASP X 354 17.14 -16.94 44.92
CA ASP X 354 16.56 -18.27 44.89
C ASP X 354 15.26 -18.28 45.67
N LYS X 355 14.34 -19.15 45.25
CA LYS X 355 13.05 -19.32 45.91
C LYS X 355 13.03 -20.45 46.92
N SER X 356 14.02 -21.34 46.89
CA SER X 356 14.00 -22.52 47.74
C SER X 356 15.27 -22.68 48.58
N GLU X 357 16.40 -22.20 48.09
CA GLU X 357 17.68 -22.33 48.79
C GLU X 357 18.23 -20.95 49.15
N ALA X 358 19.17 -20.95 50.09
CA ALA X 358 19.80 -19.73 50.56
C ALA X 358 21.08 -19.45 49.78
N VAL X 359 20.92 -19.24 48.47
CA VAL X 359 22.03 -19.08 47.56
C VAL X 359 21.72 -17.96 46.58
N VAL X 360 22.71 -17.62 45.77
CA VAL X 360 22.62 -16.61 44.72
C VAL X 360 23.29 -17.17 43.48
N GLY X 361 22.73 -16.87 42.31
CA GLY X 361 23.29 -17.30 41.04
C GLY X 361 23.80 -16.13 40.21
N GLN X 362 24.45 -16.46 39.10
CA GLN X 362 24.97 -15.43 38.21
C GLN X 362 24.69 -15.68 36.73
N LEU X 363 23.82 -16.65 36.40
CA LEU X 363 23.20 -16.75 35.06
C LEU X 363 24.26 -16.89 33.96
N GLN X 364 24.96 -18.01 33.99
CA GLN X 364 25.95 -18.32 32.97
C GLN X 364 25.27 -18.58 31.62
N PHE X 365 26.00 -18.29 30.53
CA PHE X 365 25.42 -18.30 29.20
C PHE X 365 25.84 -19.48 28.34
N ASP X 366 26.92 -20.17 28.66
CA ASP X 366 27.35 -21.33 27.88
C ASP X 366 26.86 -22.64 28.47
N ILE X 367 25.92 -22.59 29.42
CA ILE X 367 25.29 -23.76 30.00
C ILE X 367 23.79 -23.54 29.99
N SER X 368 23.05 -24.59 30.34
CA SER X 368 21.62 -24.49 30.54
C SER X 368 21.18 -25.15 31.85
N SER X 369 22.12 -25.64 32.64
CA SER X 369 21.80 -26.26 33.91
C SER X 369 21.65 -25.20 35.00
N GLN X 370 20.78 -25.48 35.96
CA GLN X 370 20.57 -24.62 37.12
C GLN X 370 21.22 -25.29 38.32
N TYR X 371 22.33 -24.73 38.78
CA TYR X 371 23.11 -25.27 39.89
C TYR X 371 23.51 -26.72 39.61
N ASP X 372 24.11 -26.93 38.43
CA ASP X 372 24.64 -28.22 37.99
C ASP X 372 23.57 -29.29 37.83
N LYS X 373 22.33 -28.90 37.61
CA LYS X 373 21.22 -29.83 37.42
C LYS X 373 20.70 -29.72 35.99
N GLN X 374 20.65 -30.84 35.29
CA GLN X 374 20.19 -30.85 33.91
C GLN X 374 18.72 -30.45 33.83
N GLN X 375 18.39 -29.64 32.82
CA GLN X 375 17.08 -29.04 32.68
C GLN X 375 16.40 -29.51 31.40
N GLU X 376 15.08 -29.31 31.37
CA GLU X 376 14.21 -29.78 30.31
C GLU X 376 13.74 -28.60 29.47
N HIS X 377 13.84 -28.74 28.15
CA HIS X 377 13.45 -27.71 27.20
C HIS X 377 12.45 -28.31 26.21
N LEU X 378 11.34 -27.61 26.00
CA LEU X 378 10.23 -28.10 25.19
C LEU X 378 9.93 -27.11 24.07
N LEU X 379 9.66 -27.65 22.89
CA LEU X 379 9.18 -26.89 21.75
C LEU X 379 7.89 -27.52 21.26
N PHE X 380 7.13 -26.79 20.46
CA PHE X 380 5.87 -27.34 19.97
C PHE X 380 5.57 -26.76 18.59
N THR X 381 4.93 -27.57 17.76
CA THR X 381 4.41 -27.12 16.48
C THR X 381 2.89 -27.12 16.52
N PRO X 382 2.25 -26.17 15.84
CA PRO X 382 0.78 -26.14 15.82
C PRO X 382 0.22 -27.33 15.06
N LEU X 383 -0.99 -27.71 15.42
CA LEU X 383 -1.69 -28.78 14.70
C LEU X 383 -2.04 -28.31 13.30
N PHE X 384 -1.94 -29.22 12.33
CA PHE X 384 -2.37 -28.92 10.97
C PHE X 384 -3.07 -30.14 10.38
N LYS X 385 -3.96 -29.88 9.44
CA LYS X 385 -4.75 -30.93 8.79
C LYS X 385 -4.02 -31.40 7.54
N ALA X 386 -3.59 -32.65 7.54
CA ALA X 386 -2.80 -33.23 6.46
C ALA X 386 -3.32 -34.63 6.12
N ASP X 387 -4.63 -34.75 5.93
CA ASP X 387 -5.26 -36.03 5.65
C ASP X 387 -4.52 -36.80 4.56
N ASN X 388 -4.02 -37.99 4.91
CA ASN X 388 -3.31 -38.87 3.99
C ASN X 388 -2.06 -38.21 3.42
N ALA X 389 -1.16 -37.79 4.31
CA ALA X 389 0.01 -37.04 3.86
C ALA X 389 1.25 -37.92 3.71
N ARG X 390 1.53 -38.79 4.68
CA ARG X 390 2.70 -39.68 4.66
C ARG X 390 3.99 -38.86 4.56
N CYS X 391 4.26 -38.14 5.65
CA CYS X 391 5.39 -37.21 5.71
C CYS X 391 6.71 -37.95 5.93
N PHE X 392 7.79 -37.30 5.52
CA PHE X 392 9.15 -37.82 5.65
C PHE X 392 10.09 -36.69 6.03
N ASP X 393 11.32 -37.07 6.39
CA ASP X 393 12.45 -36.15 6.52
C ASP X 393 12.15 -34.99 7.47
N LEU X 394 11.96 -35.34 8.74
CA LEU X 394 11.78 -34.33 9.79
C LEU X 394 13.15 -33.79 10.16
N GLU X 395 13.46 -32.59 9.69
CA GLU X 395 14.75 -31.95 9.90
C GLU X 395 14.62 -30.79 10.87
N VAL X 396 15.71 -30.50 11.58
CA VAL X 396 15.84 -29.29 12.38
C VAL X 396 17.30 -28.87 12.36
N GLU X 397 17.52 -27.56 12.45
CA GLU X 397 18.86 -26.99 12.45
C GLU X 397 19.25 -26.68 13.90
N SER X 398 20.36 -27.25 14.34
CA SER X 398 20.88 -27.00 15.68
C SER X 398 22.34 -26.58 15.57
N SER X 399 22.74 -25.66 16.44
CA SER X 399 24.12 -25.23 16.54
C SER X 399 24.80 -26.03 17.65
N THR X 400 25.60 -27.01 17.27
CA THR X 400 26.23 -27.93 18.19
C THR X 400 27.67 -27.53 18.48
N GLY X 401 28.29 -28.26 19.39
CA GLY X 401 29.70 -28.06 19.68
C GLY X 401 30.02 -27.75 21.13
N VAL X 402 29.17 -26.94 21.77
CA VAL X 402 29.38 -26.55 23.16
C VAL X 402 28.53 -27.50 24.00
N ALA X 403 29.13 -28.61 24.38
CA ALA X 403 28.44 -29.62 25.17
C ALA X 403 29.49 -30.46 25.90
N GLN X 404 29.05 -31.13 26.97
CA GLN X 404 29.88 -32.07 27.70
C GLN X 404 29.42 -33.51 27.51
N TYR X 405 28.30 -33.73 26.83
CA TYR X 405 27.81 -35.07 26.51
C TYR X 405 27.06 -35.00 25.19
N ALA X 406 27.03 -36.12 24.48
CA ALA X 406 26.24 -36.21 23.25
C ALA X 406 24.76 -36.28 23.60
N ASP X 407 24.22 -35.17 24.09
CA ASP X 407 22.85 -35.15 24.58
C ASP X 407 21.87 -35.42 23.45
N ARG X 408 20.73 -36.01 23.83
CA ARG X 408 19.76 -36.48 22.85
C ARG X 408 18.47 -35.67 22.95
N LEU X 409 17.52 -36.04 22.09
CA LEU X 409 16.28 -35.32 21.89
C LEU X 409 15.16 -36.33 21.76
N PHE X 410 14.08 -36.12 22.50
CA PHE X 410 12.91 -36.98 22.46
C PHE X 410 11.91 -36.38 21.48
N LEU X 411 11.60 -37.11 20.42
CA LEU X 411 10.71 -36.64 19.36
C LEU X 411 9.47 -37.53 19.34
N SER X 412 8.31 -36.92 19.53
CA SER X 412 7.04 -37.63 19.51
C SER X 412 6.05 -36.83 18.68
N ALA X 413 4.93 -37.48 18.36
CA ALA X 413 3.88 -36.86 17.56
C ALA X 413 2.53 -37.11 18.22
N THR X 414 1.66 -36.11 18.15
CA THR X 414 0.28 -36.23 18.62
C THR X 414 -0.66 -36.16 17.44
N THR X 415 -1.73 -36.95 17.50
CA THR X 415 -2.74 -36.96 16.45
C THR X 415 -4.09 -36.45 16.92
N ASP X 416 -4.25 -36.18 18.21
CA ASP X 416 -5.48 -35.62 18.75
C ASP X 416 -5.29 -34.28 19.43
N GLY X 417 -4.05 -33.82 19.59
CA GLY X 417 -3.78 -32.54 20.23
C GLY X 417 -3.54 -32.62 21.73
N ILE X 418 -3.73 -33.77 22.35
CA ILE X 418 -3.59 -33.91 23.79
C ILE X 418 -2.54 -34.96 24.11
N ASN X 419 -2.75 -36.19 23.65
CA ASN X 419 -1.88 -37.31 23.97
C ASN X 419 -0.79 -37.44 22.90
N TYR X 420 0.45 -37.58 23.34
CA TYR X 420 1.58 -37.83 22.46
C TYR X 420 1.94 -39.31 22.46
N GLY X 421 2.50 -39.77 21.37
CA GLY X 421 2.77 -41.18 21.16
C GLY X 421 4.21 -41.55 21.45
N ARG X 422 4.79 -42.37 20.58
CA ARG X 422 6.13 -42.89 20.77
C ARG X 422 7.17 -41.78 20.72
N GLU X 423 8.14 -41.86 21.62
CA GLU X 423 9.26 -40.93 21.64
C GLU X 423 10.51 -41.61 21.10
N GLN X 424 11.13 -40.99 20.11
CA GLN X 424 12.39 -41.46 19.53
C GLN X 424 13.52 -40.55 19.98
N MET X 425 14.66 -41.15 20.33
CA MET X 425 15.79 -40.39 20.84
C MET X 425 16.81 -40.20 19.72
N ILE X 426 17.04 -38.95 19.35
CA ILE X 426 17.97 -38.57 18.29
C ILE X 426 19.00 -37.63 18.88
N GLU X 427 20.28 -37.89 18.61
CA GLU X 427 21.34 -37.04 19.12
C GLU X 427 21.24 -35.64 18.50
N GLN X 428 21.08 -34.62 19.35
CA GLN X 428 20.95 -33.24 18.89
C GLN X 428 22.18 -32.39 19.13
N ASN X 429 23.14 -32.88 19.92
CA ASN X 429 24.36 -32.13 20.17
C ASN X 429 25.51 -33.11 20.37
N GLU X 430 26.73 -32.61 20.14
CA GLU X 430 27.93 -33.40 20.29
C GLU X 430 29.05 -32.46 20.71
N PRO X 431 29.83 -32.81 21.72
CA PRO X 431 30.94 -31.95 22.14
C PRO X 431 31.97 -31.79 21.03
N PHE X 432 32.32 -30.53 20.75
CA PHE X 432 33.36 -30.16 19.79
C PHE X 432 33.04 -30.63 18.38
N VAL X 433 31.76 -30.81 18.06
CA VAL X 433 31.30 -31.11 16.71
C VAL X 433 30.33 -30.01 16.30
N TYR X 434 30.65 -29.34 15.19
CA TYR X 434 29.88 -28.19 14.74
C TYR X 434 29.15 -28.47 13.42
N ASP X 435 28.91 -29.75 13.11
CA ASP X 435 28.21 -30.13 11.88
C ASP X 435 27.53 -31.48 12.17
N LYS X 436 26.25 -31.44 12.50
CA LYS X 436 25.62 -32.66 13.00
C LYS X 436 24.42 -33.13 12.19
N ARG X 437 23.57 -32.22 11.71
CA ARG X 437 22.38 -32.56 10.93
C ARG X 437 21.43 -33.46 11.72
N VAL X 438 20.86 -32.87 12.78
CA VAL X 438 19.81 -33.55 13.54
C VAL X 438 18.63 -33.82 12.64
N LEU X 439 18.20 -35.07 12.58
CA LEU X 439 17.27 -35.49 11.54
C LEU X 439 16.63 -36.82 11.90
N TRP X 440 15.38 -36.99 11.46
CA TRP X 440 14.67 -38.26 11.50
C TRP X 440 14.05 -38.53 10.15
N LYS X 441 14.35 -39.70 9.57
CA LYS X 441 13.99 -39.96 8.18
C LYS X 441 12.50 -40.30 8.02
N ARG X 442 12.05 -41.39 8.63
CA ARG X 442 10.74 -41.96 8.34
C ARG X 442 9.77 -41.60 9.45
N VAL X 443 9.09 -40.48 9.26
CA VAL X 443 7.93 -40.15 10.08
C VAL X 443 6.71 -40.84 9.49
N GLY X 444 5.73 -41.14 10.33
CA GLY X 444 4.61 -41.94 9.89
C GLY X 444 3.66 -41.19 8.97
N ARG X 445 2.58 -41.88 8.61
CA ARG X 445 1.53 -41.32 7.80
C ARG X 445 0.54 -40.55 8.68
N ILE X 446 0.06 -39.42 8.17
CA ILE X 446 -0.86 -38.56 8.90
C ILE X 446 -2.28 -38.93 8.50
N ARG X 447 -3.10 -39.30 9.48
CA ARG X 447 -4.48 -39.67 9.20
C ARG X 447 -5.37 -38.42 9.10
N ARG X 448 -5.52 -37.68 10.19
CA ARG X 448 -6.22 -36.40 10.15
C ARG X 448 -5.34 -35.23 10.59
N LEU X 449 -4.74 -35.32 11.77
CA LEU X 449 -3.98 -34.21 12.35
C LEU X 449 -2.65 -34.73 12.88
N ILE X 450 -1.70 -33.82 13.07
CA ILE X 450 -0.39 -34.21 13.58
C ILE X 450 0.27 -33.00 14.23
N GLY X 451 1.08 -33.26 15.24
CA GLY X 451 1.88 -32.22 15.88
C GLY X 451 2.99 -32.86 16.68
N PHE X 452 4.12 -32.16 16.78
CA PHE X 452 5.34 -32.73 17.33
C PHE X 452 5.76 -32.02 18.61
N LYS X 453 6.52 -32.73 19.45
CA LYS X 453 6.85 -32.26 20.79
C LYS X 453 8.32 -31.89 20.98
N LEU X 454 9.28 -32.67 20.48
CA LEU X 454 10.67 -32.21 20.37
C LEU X 454 11.23 -31.77 21.74
N ARG X 455 11.36 -32.73 22.64
CA ARG X 455 11.78 -32.47 24.01
C ARG X 455 13.26 -32.79 24.20
N VAL X 456 13.99 -31.87 24.84
CA VAL X 456 15.43 -32.02 25.08
C VAL X 456 15.69 -31.92 26.58
N ILE X 457 16.68 -32.65 27.07
CA ILE X 457 17.14 -32.57 28.45
C ILE X 457 18.65 -32.44 28.43
N THR X 458 19.16 -31.31 28.93
CA THR X 458 20.57 -30.98 28.73
C THR X 458 21.12 -30.22 29.93
N LYS X 459 22.45 -30.24 30.05
CA LYS X 459 23.20 -29.29 30.85
C LYS X 459 23.89 -28.24 30.00
N SER X 460 23.65 -28.25 28.69
CA SER X 460 24.28 -27.39 27.71
C SER X 460 23.23 -26.55 26.99
N PRO X 461 23.61 -25.46 26.36
CA PRO X 461 22.63 -24.63 25.65
C PRO X 461 22.00 -25.37 24.49
N VAL X 462 20.75 -25.02 24.22
CA VAL X 462 19.97 -25.59 23.13
C VAL X 462 19.61 -24.48 22.15
N THR X 463 19.96 -24.66 20.88
CA THR X 463 19.68 -23.66 19.85
C THR X 463 19.09 -24.41 18.66
N LEU X 464 17.81 -24.18 18.39
CA LEU X 464 17.09 -24.90 17.35
C LEU X 464 16.38 -23.92 16.42
N SER X 465 16.41 -24.22 15.12
CA SER X 465 15.75 -23.38 14.13
C SER X 465 15.46 -24.22 12.89
N GLY X 466 14.59 -23.69 12.04
CA GLY X 466 14.35 -24.28 10.74
C GLY X 466 13.75 -25.67 10.73
N CYS X 467 12.74 -25.91 11.55
CA CYS X 467 12.05 -27.19 11.50
C CYS X 467 11.33 -27.33 10.17
N GLN X 468 11.44 -28.52 9.57
CA GLN X 468 10.88 -28.74 8.25
C GLN X 468 10.57 -30.22 8.07
N ILE X 469 9.62 -30.51 7.19
CA ILE X 469 9.23 -31.87 6.87
C ILE X 469 9.06 -31.98 5.36
N ARG X 470 9.08 -33.21 4.87
CA ARG X 470 8.76 -33.53 3.48
C ARG X 470 7.42 -34.25 3.46
N LEU X 471 6.46 -33.70 2.73
CA LEU X 471 5.08 -34.18 2.76
C LEU X 471 4.73 -35.09 1.59
N GLU X 472 5.56 -35.14 0.56
CA GLU X 472 5.30 -35.98 -0.62
C GLU X 472 3.94 -35.68 -1.24
#